data_7L6O
#
_entry.id   7L6O
#
_cell.length_a   1.00
_cell.length_b   1.00
_cell.length_c   1.00
_cell.angle_alpha   90.00
_cell.angle_beta   90.00
_cell.angle_gamma   90.00
#
_symmetry.space_group_name_H-M   'P 1'
#
loop_
_entity.id
_entity.type
_entity.pdbx_description
1 polymer 'CH848.3.D0949.10.17chim.6R.DS.SOSIP.664 - gp120'
2 polymer 'CH848.3.D0949.10.17chim.6R.DS.SOSIP.664 - gp41'
3 branched beta-D-mannopyranose-(1-4)-2-acetamido-2-deoxy-beta-D-glucopyranose-(1-4)-2-acetamido-2-deoxy-beta-D-glucopyranose
4 branched 2-acetamido-2-deoxy-beta-D-glucopyranose-(1-4)-2-acetamido-2-deoxy-beta-D-glucopyranose
5 branched alpha-D-mannopyranose-(1-3)-[alpha-D-mannopyranose-(1-6)]beta-D-mannopyranose-(1-4)-2-acetamido-2-deoxy-beta-D-glucopyranose-(1-4)-2-acetamido-2-deoxy-beta-D-glucopyranose
6 non-polymer 2-acetamido-2-deoxy-beta-D-glucopyranose
#
loop_
_entity_poly.entity_id
_entity_poly.type
_entity_poly.pdbx_seq_one_letter_code
_entity_poly.pdbx_strand_id
1 'polypeptide(L)'
;AENLWVTVYYGVPVWKEAKTTLFCASDARAYEKEVHNVWATHACVPTDPSPQELVLGNVTENFNMWKNDMVDQMHEDIIS
LWDQSLKPCVKLTPLCVTLICSNATVKNGTVEEMKNCSFNTTTEIRDKEKKEYALFYKPDIVPLSETNNTSEYRLINCNT
SACTQACPKVTFEPIPIHYCAPAGYAILKCNDETFNGTGPCSNVSTVQCTHGIRPVVSTQLLLNGSLAEKEIVIRSENLT
NNAKIIIVHLHTPVEIVCTRPNNNTRKSVRIGPGQTFYATGDIIGDIKQAHCNISEEKWNDTLQKVGIELQKHFPNKTIK
YNQSAGGDMEITTHSFNCGGEFFYCNTSNLFNGTYNGTYISTNSSANSTSTITLQCRIKQIINMWQGVGRCMYAPPIAGN
ITCRSNITGLLLTRDGGTNSNETETFRPAGGDMRDNWRSELYKYKVVKIEPLGVAPTRCKRRVVGR
;
a,c,e
2 'polypeptide(L)'
;FLGFLGAAGSTMGAASMTLTVQARNLLSGIVQQQSNLLRAPEAQQHLLKLTVWGIKQLQARVLAVERYLRDQQLLGIWGC
SGKLICCTNVPWNSSWSNRNLSEIWDNMTWLQWDKEISNYTQIIYGLLEESQNQQEKNEQDLLALD
;
b,d,f
#
loop_
_chem_comp.id
_chem_comp.type
_chem_comp.name
_chem_comp.formula
BMA D-saccharide, beta linking beta-D-mannopyranose 'C6 H12 O6'
MAN D-saccharide, alpha linking alpha-D-mannopyranose 'C6 H12 O6'
NAG D-saccharide, beta linking 2-acetamido-2-deoxy-beta-D-glucopyranose 'C8 H15 N O6'
#
# COMPACT_ATOMS: atom_id res chain seq x y z
N ALA A 1 36.43 38.34 31.10
CA ALA A 1 37.01 38.40 29.76
C ALA A 1 36.04 39.07 28.77
N GLU A 2 35.02 38.34 28.29
CA GLU A 2 34.05 38.82 27.31
C GLU A 2 32.67 38.19 27.55
N ASN A 3 31.63 38.87 27.08
CA ASN A 3 30.24 38.41 27.10
C ASN A 3 30.05 37.21 26.17
N LEU A 4 29.16 36.28 26.52
CA LEU A 4 28.93 35.04 25.75
C LEU A 4 27.47 34.92 25.33
N TRP A 5 27.24 34.40 24.14
CA TRP A 5 25.97 34.50 23.44
C TRP A 5 25.59 33.19 22.78
N VAL A 6 24.29 32.91 22.72
CA VAL A 6 23.76 31.68 22.11
C VAL A 6 24.06 31.68 20.62
N THR A 7 24.86 30.73 20.16
CA THR A 7 25.11 30.53 18.72
C THR A 7 24.71 29.13 18.30
N VAL A 8 24.24 29.01 17.07
CA VAL A 8 23.45 27.89 16.58
C VAL A 8 24.22 27.21 15.47
N TYR A 9 24.24 25.88 15.45
CA TYR A 9 24.92 25.07 14.45
C TYR A 9 23.97 23.99 13.97
N TYR A 10 23.96 23.73 12.67
CA TYR A 10 23.19 22.64 12.08
C TYR A 10 24.13 21.65 11.41
N GLY A 11 23.79 20.36 11.44
CA GLY A 11 24.70 19.29 11.05
C GLY A 11 25.79 18.99 12.08
N VAL A 12 25.56 19.29 13.36
CA VAL A 12 26.44 18.93 14.46
C VAL A 12 26.58 17.40 14.56
N PRO A 13 27.77 16.82 14.82
CA PRO A 13 27.89 15.39 15.04
C PRO A 13 27.41 14.99 16.43
N VAL A 14 26.17 14.53 16.55
CA VAL A 14 25.63 13.98 17.78
C VAL A 14 24.47 13.04 17.47
N TRP A 15 24.21 12.07 18.35
CA TRP A 15 23.17 11.07 18.14
C TRP A 15 22.52 10.62 19.43
N LYS A 16 21.31 10.07 19.30
CA LYS A 16 20.55 9.38 20.34
C LYS A 16 20.26 7.97 19.90
N GLU A 17 20.22 7.05 20.84
CA GLU A 17 19.93 5.65 20.56
C GLU A 17 18.43 5.44 20.38
N ALA A 18 17.98 4.89 19.25
CA ALA A 18 16.54 4.76 18.97
C ALA A 18 16.23 3.68 17.92
N LYS A 19 15.02 3.11 18.01
CA LYS A 19 14.49 2.12 17.05
C LYS A 19 14.06 2.75 15.72
N THR A 20 14.11 1.98 14.65
CA THR A 20 13.64 2.39 13.32
C THR A 20 13.38 1.20 12.42
N THR A 21 12.62 1.38 11.35
CA THR A 21 12.73 0.53 10.16
C THR A 21 14.19 0.50 9.69
N LEU A 22 14.66 -0.63 9.16
CA LEU A 22 15.89 -0.72 8.38
C LEU A 22 15.58 -1.20 6.97
N PHE A 23 16.28 -0.70 5.96
CA PHE A 23 16.16 -1.20 4.60
C PHE A 23 16.90 -2.53 4.45
N CYS A 24 16.32 -3.46 3.73
CA CYS A 24 16.88 -4.78 3.44
C CYS A 24 17.56 -4.76 2.06
N ALA A 25 18.84 -4.44 2.00
CA ALA A 25 19.62 -4.48 0.77
C ALA A 25 20.20 -5.88 0.50
N SER A 26 20.56 -6.16 -0.75
CA SER A 26 21.02 -7.46 -1.23
C SER A 26 22.17 -7.32 -2.19
N ASP A 27 22.98 -8.38 -2.31
CA ASP A 27 23.75 -8.66 -3.52
C ASP A 27 22.79 -8.60 -4.72
N ALA A 28 23.12 -7.85 -5.77
CA ALA A 28 22.19 -7.60 -6.87
C ALA A 28 21.87 -8.85 -7.72
N ARG A 29 22.76 -9.85 -7.73
CA ARG A 29 22.79 -10.89 -8.77
C ARG A 29 21.66 -11.93 -8.66
N ALA A 30 21.05 -12.12 -7.50
CA ALA A 30 20.00 -13.13 -7.31
C ALA A 30 18.74 -12.84 -8.14
N TYR A 31 18.22 -11.62 -8.06
CA TYR A 31 16.93 -11.23 -8.64
C TYR A 31 16.95 -11.04 -10.17
N GLU A 32 18.04 -11.47 -10.82
CA GLU A 32 18.05 -11.75 -12.26
C GLU A 32 17.26 -13.02 -12.62
N LYS A 33 17.16 -14.01 -11.71
CA LYS A 33 16.54 -15.32 -11.93
C LYS A 33 15.79 -15.90 -10.73
N GLU A 34 16.24 -15.62 -9.51
CA GLU A 34 15.79 -16.26 -8.27
C GLU A 34 14.52 -15.60 -7.71
N VAL A 35 13.49 -15.47 -8.54
CA VAL A 35 12.21 -14.82 -8.24
C VAL A 35 11.58 -15.44 -7.00
N HIS A 36 11.28 -14.61 -5.99
CA HIS A 36 10.74 -15.03 -4.69
C HIS A 36 11.52 -16.17 -4.00
N ASN A 37 12.78 -15.95 -3.62
CA ASN A 37 13.42 -16.87 -2.66
C ASN A 37 12.73 -16.81 -1.29
N VAL A 38 12.51 -17.99 -0.68
CA VAL A 38 11.81 -18.19 0.60
C VAL A 38 12.36 -17.29 1.71
N TRP A 39 13.69 -17.18 1.75
CA TRP A 39 14.41 -16.13 2.45
C TRP A 39 14.91 -15.13 1.43
N ALA A 40 14.74 -13.84 1.71
CA ALA A 40 15.13 -12.76 0.82
C ALA A 40 14.49 -12.84 -0.58
N THR A 41 13.16 -12.77 -0.67
CA THR A 41 12.50 -12.42 -1.94
C THR A 41 12.99 -11.04 -2.43
N HIS A 42 12.73 -10.73 -3.69
CA HIS A 42 13.01 -9.42 -4.29
C HIS A 42 12.14 -8.28 -3.70
N ALA A 43 11.44 -8.51 -2.60
CA ALA A 43 11.06 -7.44 -1.68
C ALA A 43 12.30 -6.73 -1.10
N CYS A 44 13.41 -7.44 -0.87
CA CYS A 44 14.71 -6.84 -0.56
C CYS A 44 15.39 -6.29 -1.82
N VAL A 45 16.17 -5.24 -1.67
CA VAL A 45 16.52 -4.32 -2.75
C VAL A 45 17.89 -4.66 -3.34
N PRO A 46 18.06 -4.76 -4.66
CA PRO A 46 19.36 -5.07 -5.29
C PRO A 46 20.33 -3.86 -5.30
N THR A 47 20.50 -3.17 -4.19
CA THR A 47 21.37 -1.99 -4.03
C THR A 47 22.86 -2.34 -4.02
N ASP A 48 23.23 -3.53 -3.55
CA ASP A 48 24.61 -4.03 -3.40
C ASP A 48 25.58 -2.96 -2.84
N PRO A 49 25.32 -2.44 -1.63
CA PRO A 49 26.05 -1.32 -1.06
C PRO A 49 27.48 -1.70 -0.72
N SER A 50 28.43 -0.92 -1.24
CA SER A 50 29.84 -0.99 -0.86
C SER A 50 30.01 -0.77 0.66
N PRO A 51 30.83 -1.55 1.37
CA PRO A 51 31.05 -1.40 2.82
C PRO A 51 31.97 -0.21 3.10
N GLN A 52 31.38 0.98 3.14
CA GLN A 52 32.04 2.27 3.36
C GLN A 52 32.37 2.50 4.86
N GLU A 53 33.13 1.59 5.46
CA GLU A 53 33.44 1.66 6.87
C GLU A 53 34.37 2.83 7.20
N LEU A 54 33.98 3.63 8.18
CA LEU A 54 34.75 4.77 8.67
C LEU A 54 35.03 4.58 10.16
N VAL A 55 36.30 4.61 10.55
CA VAL A 55 36.71 4.62 11.95
C VAL A 55 36.40 5.99 12.54
N LEU A 56 35.75 6.05 13.70
CA LEU A 56 35.49 7.33 14.35
C LEU A 56 36.67 7.76 15.23
N GLY A 57 37.10 6.87 16.12
CA GLY A 57 38.17 7.12 17.08
C GLY A 57 37.79 8.14 18.16
N ASN A 58 38.51 8.13 19.28
CA ASN A 58 38.26 8.97 20.46
C ASN A 58 36.85 8.86 21.09
N VAL A 59 36.01 7.95 20.63
CA VAL A 59 34.64 7.71 21.10
C VAL A 59 34.50 6.29 21.63
N THR A 60 33.81 6.13 22.76
CA THR A 60 33.53 4.84 23.39
C THR A 60 32.09 4.81 23.89
N GLU A 61 31.29 3.80 23.55
CA GLU A 61 29.91 3.72 24.03
C GLU A 61 29.34 2.31 24.19
N ASN A 62 28.22 2.22 24.90
CA ASN A 62 27.72 0.96 25.44
C ASN A 62 26.90 0.17 24.42
N PHE A 63 27.47 -0.85 23.79
CA PHE A 63 26.72 -1.80 22.97
C PHE A 63 26.03 -2.83 23.88
N ASN A 64 24.94 -3.45 23.42
CA ASN A 64 24.26 -4.54 24.13
C ASN A 64 23.58 -5.47 23.11
N MET A 65 24.02 -6.73 23.01
CA MET A 65 23.47 -7.69 22.07
C MET A 65 22.12 -8.28 22.48
N TRP A 66 21.79 -8.29 23.77
CA TRP A 66 20.62 -8.99 24.29
C TRP A 66 19.35 -8.15 24.16
N LYS A 67 19.44 -6.86 24.48
CA LYS A 67 18.35 -5.87 24.34
C LYS A 67 18.17 -5.35 22.91
N ASN A 68 18.98 -5.81 21.96
CA ASN A 68 19.03 -5.31 20.60
C ASN A 68 17.69 -5.49 19.87
N ASP A 69 17.25 -4.50 19.10
CA ASP A 69 16.03 -4.58 18.28
C ASP A 69 16.25 -5.15 16.87
N MET A 70 17.46 -5.08 16.29
CA MET A 70 17.70 -5.54 14.90
C MET A 70 17.39 -7.03 14.75
N VAL A 71 17.56 -7.78 15.83
CA VAL A 71 17.17 -9.18 15.96
C VAL A 71 15.67 -9.34 15.81
N ASP A 72 14.85 -8.56 16.54
CA ASP A 72 13.40 -8.60 16.36
C ASP A 72 12.99 -8.15 14.96
N GLN A 73 13.61 -7.11 14.41
CA GLN A 73 13.37 -6.69 13.03
C GLN A 73 13.63 -7.84 12.05
N MET A 74 14.71 -8.60 12.22
CA MET A 74 14.99 -9.75 11.38
C MET A 74 13.96 -10.86 11.58
N HIS A 75 13.59 -11.17 12.82
CA HIS A 75 12.56 -12.17 13.11
C HIS A 75 11.22 -11.83 12.45
N GLU A 76 10.75 -10.59 12.53
CA GLU A 76 9.52 -10.20 11.83
C GLU A 76 9.67 -10.16 10.31
N ASP A 77 10.85 -9.87 9.77
CA ASP A 77 11.09 -9.91 8.34
C ASP A 77 11.09 -11.34 7.79
N ILE A 78 11.90 -12.24 8.35
CA ILE A 78 12.04 -13.60 7.83
C ILE A 78 10.70 -14.32 7.83
N ILE A 79 9.90 -14.19 8.89
CA ILE A 79 8.53 -14.70 8.92
C ILE A 79 7.69 -14.10 7.80
N SER A 80 7.77 -12.80 7.55
CA SER A 80 6.98 -12.15 6.51
C SER A 80 7.33 -12.70 5.12
N LEU A 81 8.61 -12.81 4.78
CA LEU A 81 9.07 -13.33 3.50
C LEU A 81 8.70 -14.80 3.31
N TRP A 82 8.75 -15.62 4.36
CA TRP A 82 8.27 -17.00 4.33
C TRP A 82 6.79 -17.03 3.96
N ASP A 83 5.92 -16.33 4.71
CA ASP A 83 4.50 -16.28 4.40
C ASP A 83 4.20 -15.73 3.01
N GLN A 84 4.82 -14.62 2.60
CA GLN A 84 4.67 -14.03 1.27
C GLN A 84 4.99 -15.06 0.17
N SER A 85 6.01 -15.88 0.38
CA SER A 85 6.43 -16.88 -0.61
C SER A 85 5.52 -18.09 -0.71
N LEU A 86 4.82 -18.47 0.37
CA LEU A 86 3.90 -19.61 0.34
C LEU A 86 2.49 -19.24 -0.12
N LYS A 87 1.99 -18.05 0.20
CA LYS A 87 0.59 -17.67 -0.08
C LYS A 87 0.11 -17.90 -1.52
N PRO A 88 0.92 -17.74 -2.58
CA PRO A 88 0.51 -18.03 -3.95
C PRO A 88 0.44 -19.52 -4.31
N CYS A 89 1.02 -20.42 -3.52
CA CYS A 89 1.29 -21.80 -3.93
C CYS A 89 0.13 -22.77 -3.66
N VAL A 90 0.21 -23.94 -4.31
CA VAL A 90 -0.75 -25.04 -4.28
C VAL A 90 -1.07 -25.47 -2.84
N LYS A 91 -2.35 -25.66 -2.52
CA LYS A 91 -2.79 -26.10 -1.17
C LYS A 91 -3.15 -27.56 -1.19
N LEU A 92 -2.57 -28.36 -0.29
CA LEU A 92 -2.81 -29.80 -0.24
C LEU A 92 -4.14 -30.22 0.41
N THR A 93 -5.07 -29.29 0.58
CA THR A 93 -6.43 -29.51 1.10
C THR A 93 -7.16 -30.70 0.45
N PRO A 94 -7.14 -30.92 -0.89
CA PRO A 94 -7.83 -32.06 -1.50
C PRO A 94 -7.07 -33.38 -1.39
N LEU A 95 -5.82 -33.40 -0.96
CA LEU A 95 -5.02 -34.61 -0.73
C LEU A 95 -5.31 -35.28 0.63
N CYS A 96 -5.91 -34.57 1.58
CA CYS A 96 -6.22 -35.12 2.89
C CYS A 96 -7.34 -36.17 2.80
N VAL A 97 -6.99 -37.40 2.50
CA VAL A 97 -7.91 -38.53 2.25
C VAL A 97 -7.42 -39.78 2.95
N THR A 98 -8.25 -40.81 3.05
CA THR A 98 -7.83 -42.12 3.54
C THR A 98 -6.66 -42.68 2.73
N LEU A 99 -5.49 -42.92 3.33
CA LEU A 99 -4.33 -43.52 2.66
C LEU A 99 -4.19 -44.98 3.12
N ILE A 100 -4.12 -45.93 2.20
CA ILE A 100 -3.81 -47.33 2.53
C ILE A 100 -2.31 -47.53 2.34
N CYS A 101 -1.54 -47.76 3.40
CA CYS A 101 -0.06 -47.80 3.30
C CYS A 101 0.51 -49.17 3.66
N SER A 102 1.21 -49.78 2.72
CA SER A 102 1.97 -51.03 2.89
C SER A 102 3.49 -50.73 2.89
N ASN A 103 4.35 -51.75 2.84
CA ASN A 103 5.80 -51.55 2.92
C ASN A 103 6.43 -51.01 1.63
N ALA A 104 7.55 -50.30 1.75
CA ALA A 104 8.36 -49.85 0.62
C ALA A 104 9.41 -50.91 0.23
N THR A 105 9.02 -51.95 -0.51
CA THR A 105 9.97 -52.97 -0.99
C THR A 105 10.85 -52.43 -2.11
N VAL A 106 12.17 -52.50 -1.95
CA VAL A 106 13.15 -52.13 -2.98
C VAL A 106 14.22 -53.22 -3.07
N LYS A 107 14.40 -53.79 -4.26
CA LYS A 107 15.56 -54.63 -4.66
C LYS A 107 16.05 -55.59 -3.58
N ASN A 108 15.22 -56.59 -3.28
CA ASN A 108 15.49 -57.67 -2.31
C ASN A 108 15.59 -57.20 -0.84
N GLY A 109 15.08 -56.02 -0.51
CA GLY A 109 14.97 -55.49 0.85
C GLY A 109 13.76 -54.57 1.04
N THR A 110 13.72 -53.91 2.19
CA THR A 110 12.69 -52.94 2.58
C THR A 110 13.32 -51.69 3.17
N VAL A 111 12.87 -50.51 2.74
CA VAL A 111 13.35 -49.23 3.26
C VAL A 111 12.89 -49.03 4.71
N GLU A 112 13.74 -48.45 5.56
CA GLU A 112 13.53 -48.43 7.01
C GLU A 112 12.36 -47.53 7.43
N GLU A 113 12.31 -46.27 6.99
CA GLU A 113 11.33 -45.29 7.48
C GLU A 113 10.42 -44.69 6.39
N MET A 114 10.34 -45.29 5.22
CA MET A 114 9.37 -44.90 4.18
C MET A 114 8.28 -45.94 4.03
N LYS A 115 7.02 -45.51 3.93
CA LYS A 115 5.89 -46.39 3.61
C LYS A 115 5.31 -46.03 2.26
N ASN A 116 4.67 -47.00 1.65
CA ASN A 116 4.16 -46.95 0.29
C ASN A 116 2.65 -46.80 0.30
N CYS A 117 2.14 -45.58 0.13
CA CYS A 117 0.73 -45.27 0.31
C CYS A 117 -0.04 -45.16 -0.99
N SER A 118 -1.17 -45.86 -1.08
CA SER A 118 -2.17 -45.77 -2.15
C SER A 118 -3.32 -44.86 -1.71
N PHE A 119 -3.82 -43.99 -2.59
CA PHE A 119 -4.85 -43.02 -2.24
C PHE A 119 -5.64 -42.54 -3.47
N ASN A 120 -6.74 -41.82 -3.24
CA ASN A 120 -7.67 -41.45 -4.30
C ASN A 120 -7.64 -39.95 -4.58
N THR A 121 -7.69 -39.60 -5.85
CA THR A 121 -7.61 -38.24 -6.35
C THR A 121 -8.66 -38.06 -7.43
N THR A 122 -9.02 -36.82 -7.76
CA THR A 122 -9.76 -36.54 -8.98
C THR A 122 -8.77 -36.41 -10.12
N THR A 123 -9.18 -36.78 -11.33
CA THR A 123 -8.53 -36.24 -12.54
C THR A 123 -8.82 -34.73 -12.64
N GLU A 124 -8.52 -34.12 -13.78
CA GLU A 124 -9.03 -32.79 -14.13
C GLU A 124 -10.57 -32.70 -14.24
N ILE A 125 -11.31 -33.81 -14.10
CA ILE A 125 -12.76 -33.89 -14.13
C ILE A 125 -13.30 -34.17 -12.73
N ARG A 126 -14.11 -33.26 -12.17
CA ARG A 126 -14.53 -33.31 -10.75
C ARG A 126 -15.20 -34.63 -10.37
N ASP A 127 -16.01 -35.19 -11.25
CA ASP A 127 -16.75 -36.42 -11.04
C ASP A 127 -15.98 -37.71 -11.41
N LYS A 128 -14.74 -37.63 -11.92
CA LYS A 128 -13.90 -38.81 -12.24
C LYS A 128 -12.69 -38.91 -11.32
N GLU A 129 -12.84 -39.67 -10.24
CA GLU A 129 -11.73 -40.06 -9.37
C GLU A 129 -10.93 -41.25 -9.91
N LYS A 130 -9.66 -41.31 -9.53
CA LYS A 130 -8.68 -42.38 -9.84
C LYS A 130 -7.87 -42.73 -8.60
N LYS A 131 -7.23 -43.90 -8.61
CA LYS A 131 -6.29 -44.36 -7.59
C LYS A 131 -4.86 -44.10 -8.04
N GLU A 132 -3.99 -43.67 -7.14
CA GLU A 132 -2.54 -43.63 -7.38
C GLU A 132 -1.72 -43.73 -6.08
N TYR A 133 -0.40 -43.84 -6.17
CA TYR A 133 0.47 -44.11 -5.01
C TYR A 133 1.65 -43.17 -4.90
N ALA A 134 2.14 -42.93 -3.69
CA ALA A 134 3.33 -42.14 -3.43
C ALA A 134 4.05 -42.64 -2.16
N LEU A 135 5.39 -42.61 -2.12
CA LEU A 135 6.10 -42.96 -0.90
C LEU A 135 6.09 -41.77 0.08
N PHE A 136 5.82 -42.00 1.36
CA PHE A 136 5.91 -40.98 2.42
C PHE A 136 6.79 -41.46 3.57
N TYR A 137 7.62 -40.58 4.13
CA TYR A 137 8.41 -40.90 5.32
C TYR A 137 7.48 -41.05 6.53
N LYS A 138 7.74 -42.00 7.42
CA LYS A 138 6.90 -42.27 8.59
C LYS A 138 6.60 -41.03 9.45
N PRO A 139 7.48 -40.03 9.64
CA PRO A 139 7.14 -38.85 10.41
C PRO A 139 6.03 -37.98 9.81
N ASP A 140 5.78 -38.05 8.50
CA ASP A 140 4.71 -37.31 7.82
C ASP A 140 3.34 -38.01 7.89
N ILE A 141 3.28 -39.23 8.42
CA ILE A 141 2.12 -40.13 8.38
C ILE A 141 1.70 -40.51 9.79
N VAL A 142 0.41 -40.78 10.02
CA VAL A 142 -0.09 -41.22 11.33
C VAL A 142 -1.23 -42.21 11.14
N PRO A 143 -1.43 -43.23 11.99
CA PRO A 143 -2.54 -44.16 11.86
C PRO A 143 -3.85 -43.41 11.84
N LEU A 144 -4.79 -43.85 11.02
CA LEU A 144 -6.08 -43.18 10.90
C LEU A 144 -6.82 -43.23 12.25
N SER A 145 -7.60 -42.18 12.56
CA SER A 145 -7.99 -41.84 13.95
C SER A 145 -8.65 -42.99 14.74
N GLU A 146 -9.36 -43.92 14.09
CA GLU A 146 -9.77 -45.19 14.67
C GLU A 146 -8.97 -46.38 14.09
N THR A 147 -8.39 -47.21 14.96
CA THR A 147 -7.51 -48.34 14.61
C THR A 147 -8.26 -49.59 14.12
N ASN A 148 -9.22 -49.43 13.20
CA ASN A 148 -9.95 -50.55 12.62
C ASN A 148 -9.08 -51.49 11.76
N ASN A 149 -8.00 -50.97 11.17
CA ASN A 149 -7.13 -51.65 10.23
C ASN A 149 -5.73 -51.05 10.28
N THR A 150 -4.74 -51.88 10.60
CA THR A 150 -3.33 -51.51 10.77
C THR A 150 -2.65 -51.06 9.46
N SER A 151 -3.37 -50.98 8.35
CA SER A 151 -2.92 -50.41 7.08
C SER A 151 -3.61 -49.10 6.68
N GLU A 152 -4.55 -48.56 7.46
CA GLU A 152 -5.18 -47.26 7.19
C GLU A 152 -4.48 -46.13 7.93
N TYR A 153 -4.08 -45.11 7.17
CA TYR A 153 -3.26 -44.00 7.64
C TYR A 153 -3.72 -42.68 7.03
N ARG A 154 -3.32 -41.55 7.61
CA ARG A 154 -3.56 -40.21 7.07
C ARG A 154 -2.30 -39.36 7.05
N LEU A 155 -2.30 -38.33 6.23
CA LEU A 155 -1.28 -37.29 6.23
C LEU A 155 -1.36 -36.54 7.56
N ILE A 156 -0.21 -36.23 8.17
CA ILE A 156 -0.17 -35.77 9.58
C ILE A 156 -0.92 -34.46 9.82
N ASN A 157 -0.92 -33.53 8.88
CA ASN A 157 -1.41 -32.17 9.13
C ASN A 157 -2.93 -32.06 9.38
N CYS A 158 -3.76 -33.01 8.93
CA CYS A 158 -5.17 -32.75 8.68
C CYS A 158 -6.00 -32.27 9.86
N ASN A 159 -5.67 -32.65 11.09
CA ASN A 159 -6.37 -32.19 12.27
C ASN A 159 -5.85 -30.87 12.86
N THR A 160 -5.07 -30.08 12.11
CA THR A 160 -4.43 -28.86 12.61
C THR A 160 -4.28 -27.73 11.57
N SER A 161 -3.93 -27.99 10.31
CA SER A 161 -3.91 -26.99 9.21
C SER A 161 -3.75 -27.64 7.83
N ALA A 162 -3.99 -26.89 6.75
CA ALA A 162 -3.77 -27.33 5.38
C ALA A 162 -2.45 -26.79 4.85
N CYS A 163 -1.50 -27.67 4.54
CA CYS A 163 -0.16 -27.25 4.20
C CYS A 163 -0.12 -26.81 2.73
N THR A 164 0.47 -25.67 2.45
CA THR A 164 0.82 -25.24 1.09
C THR A 164 2.08 -25.94 0.62
N GLN A 165 2.15 -26.43 -0.60
CA GLN A 165 3.41 -26.90 -1.17
C GLN A 165 4.33 -25.69 -1.40
N ALA A 166 5.64 -25.81 -1.14
CA ALA A 166 6.58 -24.77 -1.54
C ALA A 166 6.84 -24.84 -3.05
N CYS A 167 6.45 -23.81 -3.80
CA CYS A 167 6.55 -23.81 -5.27
C CYS A 167 7.99 -24.11 -5.75
N PRO A 168 8.21 -24.86 -6.83
CA PRO A 168 9.56 -25.15 -7.31
C PRO A 168 10.41 -23.92 -7.68
N LYS A 169 9.81 -22.84 -8.16
CA LYS A 169 10.50 -21.57 -8.48
C LYS A 169 10.94 -20.75 -7.25
N VAL A 170 10.46 -21.11 -6.06
CA VAL A 170 10.63 -20.38 -4.80
C VAL A 170 11.67 -21.12 -3.96
N THR A 171 12.95 -20.78 -4.09
CA THR A 171 14.06 -21.58 -3.51
C THR A 171 14.40 -21.23 -2.06
N PHE A 172 15.06 -22.15 -1.36
CA PHE A 172 15.47 -22.05 0.04
C PHE A 172 16.85 -21.41 0.26
N GLU A 173 17.45 -20.78 -0.75
CA GLU A 173 18.85 -20.37 -0.71
C GLU A 173 19.16 -19.38 0.43
N PRO A 174 20.26 -19.54 1.18
CA PRO A 174 20.67 -18.67 2.28
C PRO A 174 21.42 -17.42 1.79
N ILE A 175 20.89 -16.69 0.81
CA ILE A 175 21.61 -15.59 0.16
C ILE A 175 21.95 -14.44 1.13
N PRO A 176 23.08 -13.73 0.98
CA PRO A 176 23.46 -12.67 1.93
C PRO A 176 22.53 -11.46 1.93
N ILE A 177 22.20 -10.97 3.13
CA ILE A 177 21.40 -9.78 3.40
C ILE A 177 22.25 -8.70 4.05
N HIS A 178 22.13 -7.48 3.55
CA HIS A 178 22.75 -6.30 4.11
C HIS A 178 21.66 -5.39 4.67
N TYR A 179 21.62 -5.13 5.97
CA TYR A 179 20.66 -4.18 6.55
C TYR A 179 21.24 -2.78 6.53
N CYS A 180 20.47 -1.79 6.09
CA CYS A 180 20.91 -0.42 5.87
C CYS A 180 20.06 0.57 6.67
N ALA A 181 20.70 1.58 7.24
CA ALA A 181 19.99 2.65 7.92
C ALA A 181 19.21 3.52 6.92
N PRO A 182 17.96 3.92 7.20
CA PRO A 182 17.31 4.98 6.46
C PRO A 182 18.03 6.31 6.73
N ALA A 183 17.72 7.37 5.98
CA ALA A 183 18.39 8.66 6.12
C ALA A 183 18.19 9.27 7.53
N GLY A 184 19.22 9.92 8.06
CA GLY A 184 19.18 10.50 9.41
C GLY A 184 19.50 9.52 10.55
N TYR A 185 19.81 8.26 10.23
CA TYR A 185 20.33 7.27 11.17
C TYR A 185 21.69 6.76 10.68
N ALA A 186 22.52 6.26 11.57
CA ALA A 186 23.76 5.58 11.22
C ALA A 186 23.84 4.24 11.92
N ILE A 187 24.42 3.23 11.27
CA ILE A 187 24.76 1.97 11.95
C ILE A 187 26.17 2.09 12.51
N LEU A 188 26.36 1.68 13.76
CA LEU A 188 27.67 1.60 14.41
C LEU A 188 28.07 0.14 14.59
N LYS A 189 29.32 -0.18 14.24
CA LYS A 189 30.00 -1.42 14.58
C LYS A 189 30.85 -1.24 15.83
N CYS A 190 30.89 -2.24 16.68
CA CYS A 190 31.93 -2.36 17.70
C CYS A 190 33.13 -3.14 17.13
N ASN A 191 34.23 -2.46 16.79
CA ASN A 191 35.45 -3.12 16.28
C ASN A 191 36.40 -3.56 17.41
N ASP A 192 36.03 -3.37 18.68
CA ASP A 192 36.82 -3.77 19.85
C ASP A 192 36.79 -5.30 20.04
N GLU A 193 37.59 -6.04 19.30
CA GLU A 193 37.61 -7.51 19.36
C GLU A 193 37.86 -8.03 20.78
N THR A 194 37.25 -9.17 21.10
CA THR A 194 37.07 -9.73 22.46
C THR A 194 36.05 -8.99 23.34
N PHE A 195 35.29 -8.04 22.80
CA PHE A 195 34.03 -7.59 23.39
C PHE A 195 33.04 -8.76 23.53
N ASN A 196 32.43 -8.89 24.71
CA ASN A 196 31.65 -10.05 25.16
C ASN A 196 30.15 -9.78 25.23
N GLY A 197 29.62 -8.99 24.30
CA GLY A 197 28.18 -8.80 24.08
C GLY A 197 27.52 -7.62 24.79
N THR A 198 28.10 -7.07 25.86
CA THR A 198 27.54 -5.90 26.59
C THR A 198 28.62 -4.99 27.15
N GLY A 199 28.37 -3.68 27.20
CA GLY A 199 29.22 -2.71 27.92
C GLY A 199 29.97 -1.77 26.99
N PRO A 200 30.89 -0.95 27.52
CA PRO A 200 31.58 0.09 26.77
C PRO A 200 32.56 -0.49 25.76
N CYS A 201 32.17 -0.46 24.49
CA CYS A 201 33.06 -0.80 23.40
C CYS A 201 34.08 0.32 23.21
N SER A 202 35.38 0.00 23.22
CA SER A 202 36.44 1.02 23.24
C SER A 202 36.86 1.56 21.87
N ASN A 203 36.30 1.01 20.79
CA ASN A 203 36.76 1.24 19.43
C ASN A 203 35.59 1.00 18.47
N VAL A 204 35.08 2.06 17.83
CA VAL A 204 33.79 2.08 17.15
C VAL A 204 33.95 2.61 15.73
N SER A 205 33.22 2.05 14.78
CA SER A 205 33.23 2.46 13.36
C SER A 205 31.82 2.60 12.80
N THR A 206 31.58 3.56 11.93
CA THR A 206 30.32 3.73 11.19
C THR A 206 30.28 2.87 9.95
N VAL A 207 29.10 2.41 9.53
CA VAL A 207 28.84 1.88 8.18
C VAL A 207 27.46 2.31 7.69
N GLN A 208 27.24 2.36 6.36
CA GLN A 208 25.89 2.56 5.81
C GLN A 208 25.03 1.31 5.97
N CYS A 209 25.64 0.12 5.86
CA CYS A 209 24.97 -1.17 5.85
C CYS A 209 25.81 -2.26 6.52
N THR A 210 25.17 -3.25 7.14
CA THR A 210 25.85 -4.40 7.78
C THR A 210 26.62 -5.26 6.78
N HIS A 211 27.52 -6.12 7.27
CA HIS A 211 28.07 -7.22 6.47
C HIS A 211 26.95 -8.15 6.00
N GLY A 212 27.27 -9.05 5.08
CA GLY A 212 26.29 -9.98 4.50
C GLY A 212 25.86 -11.05 5.50
N ILE A 213 24.72 -10.84 6.14
CA ILE A 213 24.10 -11.80 7.05
C ILE A 213 23.51 -12.94 6.22
N ARG A 214 23.66 -14.19 6.61
CA ARG A 214 22.95 -15.31 5.96
C ARG A 214 21.80 -15.74 6.87
N PRO A 215 20.54 -15.78 6.41
CA PRO A 215 19.39 -16.18 7.22
C PRO A 215 19.29 -17.72 7.41
N VAL A 216 20.34 -18.35 7.91
CA VAL A 216 20.43 -19.83 8.06
C VAL A 216 19.67 -20.29 9.29
N VAL A 217 19.00 -21.46 9.22
CA VAL A 217 18.28 -22.05 10.36
C VAL A 217 18.81 -23.44 10.70
N SER A 218 19.44 -23.59 11.86
CA SER A 218 19.75 -24.87 12.51
C SER A 218 19.87 -24.64 14.01
N THR A 219 19.74 -25.67 14.82
CA THR A 219 19.27 -25.51 16.20
C THR A 219 20.16 -26.15 17.27
N GLN A 220 21.42 -26.47 17.01
CA GLN A 220 22.32 -27.01 18.04
C GLN A 220 23.74 -26.63 17.72
N LEU A 221 24.17 -26.92 16.50
CA LEU A 221 25.27 -26.23 15.86
C LEU A 221 24.66 -25.11 15.04
N LEU A 222 25.39 -24.02 14.91
CA LEU A 222 25.16 -22.97 13.94
C LEU A 222 25.90 -23.34 12.64
N LEU A 223 25.51 -22.76 11.52
CA LEU A 223 26.14 -23.05 10.24
C LEU A 223 26.50 -21.79 9.47
N ASN A 224 27.62 -21.84 8.75
CA ASN A 224 28.08 -20.86 7.75
C ASN A 224 28.19 -19.41 8.25
N GLY A 225 28.42 -19.19 9.53
CA GLY A 225 28.56 -17.85 10.09
C GLY A 225 29.93 -17.19 9.87
N SER A 226 30.17 -16.12 10.61
CA SER A 226 31.45 -15.43 10.75
C SER A 226 32.18 -15.85 12.04
N LEU A 227 33.46 -16.14 11.92
CA LEU A 227 34.31 -16.61 13.02
C LEU A 227 34.65 -15.47 13.98
N ALA A 228 34.93 -15.78 15.24
CA ALA A 228 35.49 -14.78 16.15
C ALA A 228 36.99 -14.59 15.85
N GLU A 229 37.35 -13.37 15.45
CA GLU A 229 38.59 -13.11 14.71
C GLU A 229 39.89 -13.26 15.50
N LYS A 230 39.83 -13.33 16.83
CA LYS A 230 40.98 -13.37 17.74
C LYS A 230 41.13 -14.69 18.49
N GLU A 231 40.02 -15.16 19.04
CA GLU A 231 39.94 -16.24 20.02
C GLU A 231 38.51 -16.78 20.08
N ILE A 232 38.27 -17.95 20.65
CA ILE A 232 36.93 -18.45 20.96
C ILE A 232 36.25 -17.54 21.98
N VAL A 233 34.96 -17.25 21.79
CA VAL A 233 34.20 -16.32 22.65
C VAL A 233 32.96 -17.01 23.17
N ILE A 234 32.60 -16.77 24.42
CA ILE A 234 31.37 -17.22 25.07
C ILE A 234 30.49 -16.00 25.35
N ARG A 235 29.21 -16.04 24.99
CA ARG A 235 28.27 -14.94 25.25
C ARG A 235 27.02 -15.46 25.95
N SER A 236 26.57 -14.81 27.01
CA SER A 236 25.27 -15.09 27.62
C SER A 236 24.79 -13.91 28.44
N GLU A 237 23.48 -13.67 28.48
CA GLU A 237 22.90 -12.54 29.22
C GLU A 237 23.15 -12.62 30.73
N ASN A 238 23.32 -13.83 31.29
CA ASN A 238 23.80 -14.10 32.65
C ASN A 238 24.30 -15.55 32.75
N LEU A 239 25.62 -15.79 32.73
CA LEU A 239 26.19 -17.14 32.78
C LEU A 239 25.85 -17.92 34.06
N THR A 240 25.62 -17.23 35.17
CA THR A 240 25.25 -17.90 36.44
C THR A 240 23.79 -18.35 36.47
N ASN A 241 22.90 -17.80 35.63
CA ASN A 241 21.53 -18.30 35.47
C ASN A 241 21.50 -19.39 34.39
N ASN A 242 21.49 -20.67 34.79
CA ASN A 242 21.66 -21.80 33.86
C ASN A 242 20.61 -21.89 32.75
N ALA A 243 19.43 -21.29 32.90
CA ALA A 243 18.41 -21.20 31.88
C ALA A 243 18.74 -20.26 30.70
N LYS A 244 19.68 -19.32 30.87
CA LYS A 244 20.13 -18.46 29.77
C LYS A 244 21.02 -19.22 28.81
N ILE A 245 20.68 -19.20 27.53
CA ILE A 245 21.46 -19.84 26.47
C ILE A 245 22.86 -19.24 26.40
N ILE A 246 23.83 -20.06 26.00
CA ILE A 246 25.26 -19.75 25.98
C ILE A 246 25.75 -19.94 24.55
N ILE A 247 25.64 -18.88 23.75
CA ILE A 247 26.16 -18.87 22.39
C ILE A 247 27.69 -18.92 22.45
N VAL A 248 28.32 -19.79 21.66
CA VAL A 248 29.77 -19.90 21.56
C VAL A 248 30.21 -19.60 20.12
N HIS A 249 31.25 -18.79 19.89
CA HIS A 249 31.84 -18.62 18.56
C HIS A 249 33.20 -19.30 18.44
N LEU A 250 33.41 -20.00 17.34
CA LEU A 250 34.68 -20.62 17.00
C LEU A 250 35.63 -19.67 16.29
N HIS A 251 36.93 -19.92 16.44
CA HIS A 251 38.01 -19.25 15.70
C HIS A 251 38.43 -20.00 14.43
N THR A 252 38.32 -21.34 14.43
CA THR A 252 38.53 -22.21 13.27
C THR A 252 37.31 -23.09 13.06
N PRO A 253 36.64 -23.06 11.90
CA PRO A 253 35.42 -23.82 11.70
C PRO A 253 35.74 -25.31 11.57
N VAL A 254 34.79 -26.16 11.94
CA VAL A 254 34.86 -27.59 11.64
C VAL A 254 34.08 -27.84 10.37
N GLU A 255 34.67 -28.49 9.37
CA GLU A 255 33.96 -28.82 8.13
C GLU A 255 33.01 -29.98 8.39
N ILE A 256 31.73 -29.79 8.08
CA ILE A 256 30.71 -30.84 8.16
C ILE A 256 30.22 -31.19 6.77
N VAL A 257 30.15 -32.48 6.47
CA VAL A 257 29.49 -33.01 5.28
C VAL A 257 28.17 -33.58 5.71
N CYS A 258 27.07 -33.17 5.10
CA CYS A 258 25.77 -33.78 5.30
C CYS A 258 25.26 -34.31 3.98
N THR A 259 24.78 -35.55 4.02
CA THR A 259 24.57 -36.32 2.81
C THR A 259 23.38 -37.23 2.94
N ARG A 260 22.97 -37.71 1.79
CA ARG A 260 22.06 -38.82 1.63
C ARG A 260 22.76 -39.82 0.70
N PRO A 261 22.54 -41.12 0.88
CA PRO A 261 22.70 -41.98 -0.28
C PRO A 261 21.48 -42.90 -0.36
N ASN A 262 20.68 -42.63 -1.38
CA ASN A 262 19.54 -43.32 -1.98
C ASN A 262 19.54 -42.83 -3.44
N ASN A 263 18.94 -43.52 -4.40
CA ASN A 263 18.61 -42.90 -5.69
C ASN A 263 17.12 -43.04 -5.95
N ASN A 264 16.52 -41.89 -6.24
CA ASN A 264 15.15 -41.54 -5.97
C ASN A 264 14.60 -40.63 -7.05
N THR A 265 13.33 -40.79 -7.30
CA THR A 265 12.63 -40.40 -8.51
C THR A 265 11.43 -39.60 -8.07
N ARG A 266 10.98 -38.64 -8.86
CA ARG A 266 9.98 -37.69 -8.45
C ARG A 266 8.80 -37.79 -9.39
N LYS A 267 7.63 -37.66 -8.79
CA LYS A 267 6.35 -38.11 -9.29
C LYS A 267 5.40 -36.94 -9.18
N SER A 268 4.48 -36.82 -10.11
CA SER A 268 3.61 -35.65 -10.21
C SER A 268 2.18 -36.10 -10.24
N VAL A 269 1.37 -35.47 -9.40
CA VAL A 269 0.06 -35.92 -8.94
C VAL A 269 -0.75 -34.66 -8.76
N ARG A 270 -2.05 -34.75 -9.03
CA ARG A 270 -3.01 -33.66 -9.27
C ARG A 270 -4.39 -33.99 -8.65
N ILE A 271 -5.17 -33.00 -8.14
CA ILE A 271 -6.61 -33.23 -7.79
C ILE A 271 -7.46 -31.92 -8.05
N GLY A 272 -7.86 -31.75 -9.32
CA GLY A 272 -8.03 -30.38 -9.87
C GLY A 272 -8.81 -29.89 -11.13
N PRO A 273 -8.56 -28.56 -11.30
CA PRO A 273 -8.49 -27.69 -12.49
C PRO A 273 -6.97 -27.23 -12.50
N GLY A 274 -6.20 -26.69 -13.50
CA GLY A 274 -4.73 -27.07 -13.38
C GLY A 274 -3.57 -26.30 -12.66
N GLN A 275 -2.78 -27.20 -12.06
CA GLN A 275 -1.88 -27.22 -10.88
C GLN A 275 -0.85 -28.37 -11.00
N THR A 276 0.34 -28.36 -10.35
CA THR A 276 1.02 -29.65 -10.07
C THR A 276 1.61 -29.75 -8.65
N PHE A 277 1.59 -30.95 -8.06
CA PHE A 277 1.99 -31.29 -6.71
C PHE A 277 2.94 -32.46 -6.89
N TYR A 278 3.97 -32.53 -6.06
CA TYR A 278 5.12 -33.41 -6.26
C TYR A 278 5.37 -34.29 -5.04
N ALA A 279 5.61 -35.52 -5.35
CA ALA A 279 5.36 -36.70 -4.57
C ALA A 279 6.45 -37.68 -4.94
N THR A 280 6.69 -38.70 -4.15
CA THR A 280 7.96 -39.43 -4.14
C THR A 280 7.69 -40.80 -4.74
N GLY A 281 8.69 -41.26 -5.46
CA GLY A 281 8.71 -42.16 -6.60
C GLY A 281 9.63 -43.30 -6.27
N ASP A 282 9.92 -44.14 -7.24
CA ASP A 282 10.47 -45.46 -7.06
C ASP A 282 11.99 -45.40 -7.29
N ILE A 283 12.69 -46.35 -6.70
CA ILE A 283 14.06 -46.28 -6.22
C ILE A 283 14.92 -47.39 -6.87
N ILE A 284 16.22 -47.11 -6.91
CA ILE A 284 17.30 -47.89 -7.52
C ILE A 284 18.32 -48.11 -6.39
N GLY A 285 18.95 -49.30 -6.26
CA GLY A 285 19.35 -49.66 -4.89
C GLY A 285 20.75 -50.04 -4.49
N ASP A 286 21.16 -49.28 -3.47
CA ASP A 286 22.09 -49.51 -2.38
C ASP A 286 21.52 -48.69 -1.20
N ILE A 287 21.62 -49.15 0.07
CA ILE A 287 20.77 -48.56 1.13
C ILE A 287 21.61 -48.20 2.34
N LYS A 288 21.49 -46.94 2.73
CA LYS A 288 22.17 -46.30 3.85
C LYS A 288 21.20 -45.31 4.49
N GLN A 289 21.38 -45.03 5.76
CA GLN A 289 20.74 -43.88 6.39
C GLN A 289 21.29 -42.59 5.76
N ALA A 290 20.47 -41.57 5.56
CA ALA A 290 20.97 -40.22 5.38
C ALA A 290 21.84 -39.84 6.59
N HIS A 291 23.03 -39.28 6.41
CA HIS A 291 23.99 -39.11 7.52
C HIS A 291 24.89 -37.89 7.37
N CYS A 292 25.54 -37.46 8.44
CA CYS A 292 26.53 -36.39 8.42
C CYS A 292 27.84 -36.82 9.04
N ASN A 293 28.97 -36.34 8.51
CA ASN A 293 30.30 -36.73 8.95
C ASN A 293 31.09 -35.54 9.46
N ILE A 294 31.71 -35.71 10.63
CA ILE A 294 32.54 -34.71 11.32
C ILE A 294 33.89 -35.35 11.64
N SER A 295 34.98 -34.62 11.45
CA SER A 295 36.32 -35.13 11.76
C SER A 295 36.56 -35.26 13.26
N GLU A 296 36.87 -36.45 13.76
CA GLU A 296 37.16 -36.69 15.17
C GLU A 296 38.25 -35.76 15.69
N GLU A 297 39.38 -35.64 15.01
CA GLU A 297 40.50 -34.78 15.45
C GLU A 297 40.03 -33.33 15.64
N LYS A 298 39.41 -32.76 14.60
CA LYS A 298 39.02 -31.36 14.58
C LYS A 298 37.95 -31.08 15.63
N TRP A 299 36.98 -31.97 15.76
CA TRP A 299 35.93 -31.83 16.75
C TRP A 299 36.47 -31.96 18.17
N ASN A 300 37.30 -32.96 18.42
CA ASN A 300 37.84 -33.23 19.74
C ASN A 300 38.58 -32.01 20.27
N ASP A 301 39.53 -31.49 19.48
CA ASP A 301 40.24 -30.26 19.79
C ASP A 301 39.28 -29.08 19.99
N THR A 302 38.21 -28.97 19.21
CA THR A 302 37.24 -27.87 19.33
C THR A 302 36.48 -27.92 20.65
N LEU A 303 35.94 -29.06 21.06
CA LEU A 303 35.28 -29.16 22.35
C LEU A 303 36.26 -29.07 23.52
N GLN A 304 37.51 -29.48 23.36
CA GLN A 304 38.56 -29.23 24.36
C GLN A 304 38.78 -27.73 24.57
N LYS A 305 39.00 -26.95 23.51
CA LYS A 305 39.28 -25.51 23.63
C LYS A 305 38.13 -24.76 24.30
N VAL A 306 36.89 -25.05 23.93
CA VAL A 306 35.71 -24.47 24.59
C VAL A 306 35.67 -24.80 26.09
N GLY A 307 36.17 -25.95 26.51
CA GLY A 307 36.24 -26.32 27.92
C GLY A 307 37.17 -25.39 28.70
N ILE A 308 38.29 -24.99 28.10
CA ILE A 308 39.23 -24.04 28.71
C ILE A 308 38.58 -22.66 28.86
N GLU A 309 37.96 -22.16 27.79
CA GLU A 309 37.27 -20.86 27.85
C GLU A 309 36.12 -20.89 28.86
N LEU A 310 35.37 -21.97 28.99
CA LEU A 310 34.36 -22.08 30.04
C LEU A 310 34.98 -22.20 31.44
N GLN A 311 36.11 -22.87 31.61
CA GLN A 311 36.78 -22.94 32.92
C GLN A 311 37.26 -21.59 33.44
N LYS A 312 37.53 -20.61 32.56
CA LYS A 312 37.82 -19.25 33.01
C LYS A 312 36.59 -18.50 33.54
N HIS A 313 35.37 -18.94 33.21
CA HIS A 313 34.14 -18.50 33.87
C HIS A 313 33.70 -19.39 35.04
N PHE A 314 34.11 -20.66 35.04
CA PHE A 314 33.77 -21.66 36.06
C PHE A 314 35.07 -22.32 36.56
N PRO A 315 35.81 -21.69 37.48
CA PRO A 315 37.15 -22.11 37.91
C PRO A 315 37.13 -23.38 38.77
N ASN A 316 38.27 -24.07 38.85
CA ASN A 316 38.53 -25.21 39.74
C ASN A 316 37.46 -26.31 39.68
N LYS A 317 36.91 -26.55 38.49
CA LYS A 317 35.99 -27.67 38.21
C LYS A 317 36.11 -28.18 36.77
N THR A 318 35.68 -29.42 36.57
CA THR A 318 35.80 -30.20 35.34
C THR A 318 34.52 -30.11 34.53
N ILE A 319 34.60 -29.79 33.24
CA ILE A 319 33.43 -29.52 32.40
C ILE A 319 33.17 -30.69 31.45
N LYS A 320 31.96 -31.25 31.48
CA LYS A 320 31.53 -32.41 30.66
C LYS A 320 30.37 -32.07 29.71
N TYR A 321 30.51 -32.34 28.43
CA TYR A 321 29.42 -32.20 27.46
C TYR A 321 28.53 -33.45 27.47
N ASN A 322 27.22 -33.27 27.31
CA ASN A 322 26.24 -34.38 27.37
C ASN A 322 25.10 -34.21 26.33
N GLN A 323 24.22 -35.19 26.26
CA GLN A 323 23.10 -35.28 25.31
C GLN A 323 22.09 -34.16 25.47
N SER A 324 21.35 -33.85 24.41
CA SER A 324 20.20 -32.94 24.50
C SER A 324 19.14 -33.50 25.46
N ALA A 325 18.43 -32.63 26.17
CA ALA A 325 17.71 -33.01 27.40
C ALA A 325 16.58 -34.04 27.21
N GLY A 326 15.67 -33.81 26.26
CA GLY A 326 14.48 -34.64 26.06
C GLY A 326 13.35 -33.95 25.31
N GLY A 327 12.33 -34.70 24.92
CA GLY A 327 11.23 -34.25 24.06
C GLY A 327 11.28 -34.85 22.65
N ASP A 328 10.58 -34.21 21.71
CA ASP A 328 10.49 -34.70 20.33
C ASP A 328 11.69 -34.28 19.46
N MET A 329 11.80 -34.83 18.25
CA MET A 329 12.94 -34.57 17.38
C MET A 329 13.07 -33.09 17.02
N GLU A 330 11.97 -32.35 17.01
CA GLU A 330 11.92 -30.94 16.62
C GLU A 330 12.78 -30.02 17.51
N ILE A 331 13.10 -30.43 18.74
CA ILE A 331 14.01 -29.70 19.64
C ILE A 331 15.23 -30.53 20.08
N THR A 332 15.09 -31.85 20.23
CA THR A 332 16.21 -32.72 20.65
C THR A 332 17.26 -33.03 19.58
N THR A 333 17.03 -32.65 18.31
CA THR A 333 17.94 -32.95 17.20
C THR A 333 18.38 -31.69 16.46
N HIS A 334 19.55 -31.76 15.82
CA HIS A 334 20.12 -30.72 14.98
C HIS A 334 19.27 -30.58 13.72
N SER A 335 18.39 -29.58 13.66
CA SER A 335 17.61 -29.23 12.47
C SER A 335 18.49 -28.73 11.33
N PHE A 336 17.97 -28.51 10.13
CA PHE A 336 18.75 -28.27 8.91
C PHE A 336 17.87 -27.70 7.80
N ASN A 337 18.47 -27.31 6.67
CA ASN A 337 17.76 -27.08 5.40
C ASN A 337 18.60 -27.45 4.16
N CYS A 338 19.33 -28.57 4.20
CA CYS A 338 20.38 -28.87 3.21
C CYS A 338 19.82 -29.17 1.82
N GLY A 339 20.25 -28.43 0.79
CA GLY A 339 19.95 -28.73 -0.62
C GLY A 339 18.47 -28.70 -1.03
N GLY A 340 17.55 -28.37 -0.12
CA GLY A 340 16.09 -28.46 -0.29
C GLY A 340 15.42 -29.66 0.38
N GLU A 341 16.13 -30.41 1.23
CA GLU A 341 15.55 -31.41 2.14
C GLU A 341 15.76 -31.01 3.60
N PHE A 342 14.74 -31.15 4.43
CA PHE A 342 14.81 -30.79 5.84
C PHE A 342 15.30 -31.97 6.65
N PHE A 343 16.61 -32.09 6.84
CA PHE A 343 17.21 -33.12 7.69
C PHE A 343 16.92 -32.85 9.17
N TYR A 344 16.91 -33.88 9.99
CA TYR A 344 16.84 -33.79 11.43
C TYR A 344 17.78 -34.83 12.02
N CYS A 345 18.98 -34.42 12.43
CA CYS A 345 20.08 -35.33 12.76
C CYS A 345 20.29 -35.48 14.27
N ASN A 346 20.35 -36.71 14.74
CA ASN A 346 20.69 -37.01 16.13
C ASN A 346 22.10 -36.50 16.46
N THR A 347 22.32 -36.01 17.68
CA THR A 347 23.65 -35.61 18.17
C THR A 347 24.07 -36.25 19.47
N SER A 348 23.33 -37.21 20.04
CA SER A 348 23.79 -37.92 21.26
C SER A 348 25.08 -38.72 21.07
N ASN A 349 25.50 -38.94 19.83
CA ASN A 349 26.81 -39.50 19.48
C ASN A 349 27.97 -38.49 19.47
N LEU A 350 27.71 -37.19 19.71
CA LEU A 350 28.64 -36.08 19.39
C LEU A 350 29.01 -35.18 20.58
N PHE A 351 28.03 -34.82 21.42
CA PHE A 351 28.22 -34.14 22.69
C PHE A 351 28.33 -35.19 23.80
N ASN A 352 29.46 -35.90 23.86
CA ASN A 352 29.59 -37.11 24.69
C ASN A 352 30.85 -37.15 25.57
N GLY A 353 30.69 -37.63 26.79
CA GLY A 353 31.71 -38.30 27.62
C GLY A 353 33.08 -37.67 27.74
N THR A 354 33.15 -36.34 27.81
CA THR A 354 34.41 -35.60 27.71
C THR A 354 34.88 -35.07 29.06
N TYR A 355 36.16 -35.27 29.34
CA TYR A 355 36.85 -34.84 30.56
C TYR A 355 37.24 -33.34 30.51
N ASN A 356 37.95 -32.89 31.54
CA ASN A 356 38.40 -31.52 31.76
C ASN A 356 39.12 -30.92 30.53
N GLY A 357 38.52 -29.92 29.87
CA GLY A 357 39.10 -29.30 28.67
C GLY A 357 40.52 -28.76 28.86
N THR A 358 40.85 -28.21 30.03
CA THR A 358 42.23 -27.81 30.37
C THR A 358 43.20 -28.99 30.39
N TYR A 359 42.91 -30.06 31.12
CA TYR A 359 43.77 -31.24 31.14
C TYR A 359 43.88 -31.90 29.75
N ILE A 360 42.79 -31.94 28.95
CA ILE A 360 42.82 -32.48 27.58
C ILE A 360 43.78 -31.70 26.65
N SER A 361 44.17 -30.46 26.97
CA SER A 361 45.25 -29.79 26.22
C SER A 361 46.59 -30.55 26.24
N THR A 362 46.75 -31.51 27.16
CA THR A 362 47.81 -32.53 27.14
C THR A 362 47.77 -33.41 25.89
N ASN A 363 46.58 -33.83 25.47
CA ASN A 363 46.34 -34.74 24.34
C ASN A 363 46.44 -33.96 23.03
N SER A 364 45.34 -33.30 22.64
CA SER A 364 45.26 -32.19 21.69
C SER A 364 45.90 -32.37 20.29
N SER A 365 46.23 -33.60 19.88
CA SER A 365 46.88 -33.92 18.61
C SER A 365 46.61 -35.37 18.18
N ALA A 366 46.54 -35.61 16.87
CA ALA A 366 46.32 -36.91 16.26
C ALA A 366 46.84 -36.96 14.80
N ASN A 367 46.98 -38.17 14.26
CA ASN A 367 47.10 -38.42 12.82
C ASN A 367 45.71 -38.42 12.13
N SER A 368 45.68 -38.50 10.80
CA SER A 368 44.44 -38.61 10.03
C SER A 368 43.60 -39.81 10.48
N THR A 369 42.30 -39.60 10.66
CA THR A 369 41.43 -40.50 11.44
C THR A 369 40.01 -40.55 10.91
N SER A 370 39.22 -41.48 11.45
CA SER A 370 37.84 -41.76 11.10
C SER A 370 36.88 -40.61 11.46
N THR A 371 35.77 -40.53 10.76
CA THR A 371 34.70 -39.57 11.04
C THR A 371 33.81 -40.02 12.19
N ILE A 372 33.41 -39.07 13.04
CA ILE A 372 32.16 -39.19 13.79
C ILE A 372 31.04 -39.13 12.75
N THR A 373 30.03 -39.97 12.88
CA THR A 373 28.93 -40.09 11.91
C THR A 373 27.60 -39.96 12.63
N LEU A 374 26.73 -39.08 12.14
CA LEU A 374 25.43 -38.76 12.72
C LEU A 374 24.33 -39.41 11.87
N GLN A 375 23.45 -40.19 12.49
CA GLN A 375 22.26 -40.72 11.83
C GLN A 375 21.21 -39.62 11.67
N CYS A 376 20.56 -39.51 10.52
CA CYS A 376 19.54 -38.48 10.31
C CYS A 376 18.17 -39.05 9.94
N ARG A 377 17.13 -38.44 10.49
CA ARG A 377 15.76 -38.54 10.00
C ARG A 377 15.57 -37.50 8.89
N ILE A 378 14.63 -37.70 7.98
CA ILE A 378 14.17 -36.63 7.06
C ILE A 378 12.65 -36.57 7.12
N LYS A 379 12.04 -35.39 6.96
CA LYS A 379 10.58 -35.24 6.90
C LYS A 379 10.16 -34.09 5.99
N GLN A 380 8.94 -34.11 5.46
CA GLN A 380 8.50 -33.15 4.45
C GLN A 380 7.40 -32.20 4.91
N ILE A 381 6.56 -32.58 5.87
CA ILE A 381 5.50 -31.73 6.41
C ILE A 381 6.05 -30.94 7.59
N ILE A 382 6.11 -29.62 7.47
CA ILE A 382 6.91 -28.77 8.35
C ILE A 382 6.08 -27.64 8.97
N ASN A 383 6.20 -27.45 10.28
CA ASN A 383 5.61 -26.35 11.03
C ASN A 383 6.72 -25.37 11.42
N MET A 384 7.27 -24.64 10.46
CA MET A 384 8.65 -24.12 10.51
C MET A 384 9.01 -23.27 11.72
N TRP A 385 8.32 -22.16 11.94
CA TRP A 385 8.69 -21.18 12.96
C TRP A 385 8.05 -21.52 14.31
N GLN A 386 8.33 -22.72 14.82
CA GLN A 386 7.88 -23.22 16.13
C GLN A 386 6.37 -22.97 16.35
N GLY A 387 5.58 -23.42 15.39
CA GLY A 387 4.13 -23.32 15.34
C GLY A 387 3.58 -22.12 14.55
N VAL A 388 4.21 -20.95 14.61
CA VAL A 388 3.73 -19.75 13.89
C VAL A 388 4.22 -19.72 12.44
N GLY A 389 3.56 -18.94 11.59
CA GLY A 389 3.65 -19.05 10.13
C GLY A 389 3.00 -20.34 9.61
N ARG A 390 2.62 -20.38 8.33
CA ARG A 390 1.84 -21.49 7.77
C ARG A 390 2.58 -22.82 7.83
N CYS A 391 1.84 -23.92 7.88
CA CYS A 391 2.40 -25.23 7.56
C CYS A 391 2.83 -25.28 6.09
N MET A 392 3.96 -25.91 5.83
CA MET A 392 4.55 -26.07 4.52
C MET A 392 4.82 -27.53 4.23
N TYR A 393 4.58 -27.97 2.99
CA TYR A 393 5.09 -29.25 2.49
C TYR A 393 6.28 -28.98 1.55
N ALA A 394 7.43 -29.56 1.85
CA ALA A 394 8.61 -29.45 0.99
C ALA A 394 8.56 -30.53 -0.09
N PRO A 395 8.42 -30.20 -1.39
CA PRO A 395 8.40 -31.22 -2.43
C PRO A 395 9.75 -31.94 -2.47
N PRO A 396 9.78 -33.25 -2.77
CA PRO A 396 11.00 -34.05 -2.77
C PRO A 396 11.95 -33.62 -3.89
N ILE A 397 13.23 -33.94 -3.75
CA ILE A 397 14.28 -33.61 -4.72
C ILE A 397 14.82 -34.90 -5.32
N ALA A 398 14.95 -34.95 -6.65
CA ALA A 398 15.44 -36.12 -7.36
C ALA A 398 16.93 -36.35 -7.08
N GLY A 399 17.31 -37.60 -6.79
CA GLY A 399 18.71 -38.03 -6.78
C GLY A 399 19.67 -37.31 -5.82
N ASN A 400 20.45 -36.38 -6.35
CA ASN A 400 21.79 -36.02 -5.84
C ASN A 400 21.88 -35.03 -4.66
N ILE A 401 21.05 -35.19 -3.63
CA ILE A 401 21.09 -34.38 -2.39
C ILE A 401 22.39 -34.63 -1.61
N THR A 402 23.19 -33.58 -1.39
CA THR A 402 24.41 -33.53 -0.55
C THR A 402 24.85 -32.09 -0.38
N CYS A 403 25.35 -31.70 0.79
CA CYS A 403 25.93 -30.37 0.99
C CYS A 403 27.03 -30.36 2.06
N ARG A 404 27.91 -29.36 1.98
CA ARG A 404 29.11 -29.20 2.80
C ARG A 404 29.06 -27.82 3.44
N SER A 405 29.34 -27.74 4.72
CA SER A 405 29.12 -26.51 5.50
C SER A 405 30.18 -26.34 6.56
N ASN A 406 30.26 -25.16 7.15
CA ASN A 406 31.17 -24.86 8.25
C ASN A 406 30.38 -24.67 9.55
N ILE A 407 30.73 -25.45 10.58
CA ILE A 407 30.31 -25.17 11.94
C ILE A 407 31.06 -23.94 12.42
N THR A 408 30.37 -22.87 12.82
CA THR A 408 31.03 -21.65 13.33
C THR A 408 30.70 -21.33 14.77
N GLY A 409 29.68 -21.96 15.34
CA GLY A 409 29.29 -21.73 16.72
C GLY A 409 28.29 -22.75 17.23
N LEU A 410 28.10 -22.79 18.53
CA LEU A 410 27.32 -23.80 19.25
C LEU A 410 26.28 -23.11 20.12
N LEU A 411 25.14 -23.73 20.39
CA LEU A 411 24.11 -23.22 21.30
C LEU A 411 24.00 -24.11 22.53
N LEU A 412 24.85 -23.87 23.52
CA LEU A 412 24.85 -24.63 24.77
C LEU A 412 23.84 -24.06 25.77
N THR A 413 23.60 -24.81 26.83
CA THR A 413 23.20 -24.31 28.16
C THR A 413 24.02 -25.09 29.19
N ARG A 414 24.20 -24.56 30.41
CA ARG A 414 24.64 -25.44 31.51
C ARG A 414 23.51 -26.41 31.83
N ASP A 415 23.85 -27.52 32.47
CA ASP A 415 22.93 -28.50 33.01
C ASP A 415 22.15 -27.95 34.23
N GLY A 416 21.22 -28.74 34.76
CA GLY A 416 20.39 -28.41 35.93
C GLY A 416 21.14 -28.31 37.27
N GLY A 417 20.36 -28.09 38.34
CA GLY A 417 20.84 -27.84 39.70
C GLY A 417 21.39 -29.07 40.45
N THR A 418 22.39 -29.73 39.89
CA THR A 418 23.09 -30.87 40.52
C THR A 418 23.99 -30.42 41.69
N ASN A 419 24.54 -31.40 42.42
CA ASN A 419 25.58 -31.20 43.43
C ASN A 419 26.78 -30.36 42.94
N SER A 420 27.05 -30.37 41.63
CA SER A 420 28.11 -29.62 40.94
C SER A 420 29.52 -29.81 41.54
N ASN A 421 29.73 -30.90 42.28
CA ASN A 421 30.95 -31.08 43.06
C ASN A 421 32.09 -31.50 42.11
N GLU A 422 33.18 -30.75 42.13
CA GLU A 422 34.31 -30.83 41.18
C GLU A 422 33.95 -30.75 39.69
N THR A 423 32.68 -30.54 39.34
CA THR A 423 32.16 -30.79 37.99
C THR A 423 31.09 -29.81 37.57
N GLU A 424 30.94 -29.60 36.27
CA GLU A 424 29.80 -28.91 35.68
C GLU A 424 29.49 -29.53 34.31
N THR A 425 28.24 -29.51 33.87
CA THR A 425 27.80 -30.22 32.66
C THR A 425 27.11 -29.28 31.71
N PHE A 426 27.24 -29.49 30.39
CA PHE A 426 26.66 -28.62 29.37
C PHE A 426 25.98 -29.44 28.28
N ARG A 427 24.87 -28.94 27.76
CA ARG A 427 23.99 -29.64 26.82
C ARG A 427 23.68 -28.75 25.63
N PRO A 428 23.52 -29.29 24.42
CA PRO A 428 23.01 -28.51 23.31
C PRO A 428 21.50 -28.31 23.43
N ALA A 429 21.01 -27.10 23.15
CA ALA A 429 19.58 -26.80 23.10
C ALA A 429 19.27 -25.65 22.14
N GLY A 430 18.12 -25.73 21.45
CA GLY A 430 17.87 -24.92 20.25
C GLY A 430 17.22 -23.56 20.48
N GLY A 431 16.38 -23.43 21.49
CA GLY A 431 15.70 -22.18 21.84
C GLY A 431 14.96 -21.50 20.68
N ASP A 432 14.84 -20.18 20.75
CA ASP A 432 14.18 -19.37 19.73
C ASP A 432 15.11 -19.09 18.53
N MET A 433 14.56 -18.95 17.34
CA MET A 433 15.34 -18.71 16.12
C MET A 433 16.14 -17.39 16.18
N ARG A 434 15.77 -16.46 17.06
CA ARG A 434 16.47 -15.18 17.30
C ARG A 434 17.98 -15.34 17.53
N ASP A 435 18.40 -16.42 18.15
CA ASP A 435 19.81 -16.62 18.48
C ASP A 435 20.66 -16.91 17.24
N ASN A 436 20.05 -17.47 16.20
CA ASN A 436 20.68 -17.56 14.89
C ASN A 436 20.95 -16.18 14.27
N TRP A 437 20.28 -15.11 14.71
CA TRP A 437 20.59 -13.74 14.30
C TRP A 437 21.57 -13.06 15.27
N ARG A 438 21.42 -13.24 16.59
CA ARG A 438 22.33 -12.66 17.60
C ARG A 438 23.77 -13.13 17.40
N SER A 439 23.97 -14.37 16.96
CA SER A 439 25.27 -14.91 16.58
C SER A 439 25.85 -14.32 15.28
N GLU A 440 25.31 -13.21 14.77
CA GLU A 440 25.95 -12.34 13.77
C GLU A 440 25.84 -10.85 14.15
N LEU A 441 24.67 -10.40 14.59
CA LEU A 441 24.36 -8.98 14.85
C LEU A 441 24.84 -8.44 16.21
N TYR A 442 25.56 -9.21 17.01
CA TYR A 442 25.97 -8.81 18.37
C TYR A 442 26.74 -7.48 18.42
N LYS A 443 27.57 -7.21 17.43
CA LYS A 443 28.43 -6.01 17.35
C LYS A 443 27.83 -4.83 16.61
N TYR A 444 26.52 -4.75 16.43
CA TYR A 444 25.86 -3.60 15.79
C TYR A 444 24.96 -2.79 16.72
N LYS A 445 24.72 -1.53 16.37
CA LYS A 445 23.70 -0.64 16.92
C LYS A 445 23.21 0.32 15.84
N VAL A 446 21.96 0.78 15.92
CA VAL A 446 21.43 1.85 15.09
C VAL A 446 21.23 3.10 15.93
N VAL A 447 21.76 4.24 15.52
CA VAL A 447 21.59 5.53 16.22
C VAL A 447 20.98 6.58 15.32
N LYS A 448 20.19 7.48 15.91
CA LYS A 448 19.52 8.59 15.24
C LYS A 448 20.29 9.88 15.45
N ILE A 449 20.70 10.54 14.39
CA ILE A 449 21.45 11.79 14.47
C ILE A 449 20.50 12.92 14.84
N GLU A 450 20.92 13.83 15.71
CA GLU A 450 20.12 14.98 16.16
C GLU A 450 20.84 16.28 15.80
N PRO A 451 20.74 16.75 14.55
CA PRO A 451 21.75 17.60 13.97
C PRO A 451 21.77 19.05 14.47
N LEU A 452 20.77 19.55 15.19
CA LEU A 452 20.77 20.91 15.76
C LEU A 452 21.61 21.01 17.03
N GLY A 453 22.19 22.18 17.30
CA GLY A 453 22.93 22.41 18.54
C GLY A 453 23.12 23.89 18.86
N VAL A 454 23.23 24.20 20.16
CA VAL A 454 23.45 25.55 20.69
C VAL A 454 24.67 25.60 21.61
N ALA A 455 25.47 26.65 21.53
CA ALA A 455 26.66 26.81 22.37
C ALA A 455 27.04 28.29 22.60
N PRO A 456 27.64 28.64 23.74
CA PRO A 456 28.17 29.97 23.97
C PRO A 456 29.41 30.26 23.12
N THR A 457 29.52 31.47 22.60
CA THR A 457 30.76 32.03 22.05
C THR A 457 30.72 33.57 22.13
N ARG A 458 31.85 34.23 21.85
CA ARG A 458 32.05 35.70 21.93
C ARG A 458 31.44 36.47 20.75
N CYS A 459 30.87 35.80 19.74
CA CYS A 459 30.11 36.48 18.68
C CYS A 459 28.92 37.23 19.28
N LYS A 460 28.97 38.56 19.29
CA LYS A 460 28.13 39.34 20.19
C LYS A 460 26.66 39.29 19.81
N ARG A 461 26.38 39.59 18.55
CA ARG A 461 25.04 39.76 17.99
C ARG A 461 25.13 39.57 16.48
N ARG A 462 23.99 39.36 15.83
CA ARG A 462 23.83 39.65 14.40
C ARG A 462 23.52 41.14 14.21
N VAL A 463 24.48 42.00 14.54
CA VAL A 463 24.33 43.47 14.40
C VAL A 463 23.91 43.78 12.97
N VAL A 464 22.85 44.58 12.79
CA VAL A 464 22.12 44.66 11.52
C VAL A 464 23.03 45.05 10.34
N GLY A 465 23.12 44.18 9.33
CA GLY A 465 24.02 44.33 8.18
C GLY A 465 25.53 44.18 8.45
N ARG A 466 25.98 43.82 9.66
CA ARG A 466 27.40 43.68 10.00
C ARG A 466 28.02 42.41 9.41
N PHE B 1 37.84 15.22 2.53
CA PHE B 1 36.65 14.49 2.99
C PHE B 1 36.95 13.71 4.27
N LEU B 2 36.51 14.21 5.44
CA LEU B 2 36.56 13.44 6.70
C LEU B 2 35.45 12.37 6.77
N GLY B 3 34.35 12.55 6.03
CA GLY B 3 33.24 11.60 5.96
C GLY B 3 32.11 11.89 6.93
N PHE B 4 31.01 11.16 6.76
CA PHE B 4 29.83 11.30 7.60
C PHE B 4 30.13 10.90 9.05
N LEU B 5 29.80 11.76 10.02
CA LEU B 5 30.23 11.65 11.42
C LEU B 5 31.75 11.53 11.64
N GLY B 6 32.60 11.78 10.65
CA GLY B 6 34.05 11.54 10.74
C GLY B 6 34.79 12.35 11.81
N ALA B 7 34.14 13.38 12.36
CA ALA B 7 34.67 14.22 13.42
C ALA B 7 34.02 13.99 14.79
N ALA B 8 33.20 12.95 15.00
CA ALA B 8 32.43 12.79 16.23
C ALA B 8 33.27 12.66 17.51
N GLY B 9 34.52 12.21 17.40
CA GLY B 9 35.48 12.23 18.50
C GLY B 9 36.34 13.49 18.60
N SER B 10 36.34 14.36 17.61
CA SER B 10 37.11 15.58 17.60
C SER B 10 36.50 16.66 18.49
N THR B 11 37.30 17.66 18.86
CA THR B 11 36.85 18.84 19.62
C THR B 11 35.80 19.65 18.85
N MET B 12 34.90 20.34 19.55
CA MET B 12 33.90 21.21 18.92
C MET B 12 34.53 22.20 17.93
N GLY B 13 35.69 22.79 18.28
CA GLY B 13 36.42 23.72 17.42
C GLY B 13 37.03 23.11 16.15
N ALA B 14 37.02 21.78 16.01
CA ALA B 14 37.42 21.07 14.80
C ALA B 14 36.24 20.39 14.10
N ALA B 15 35.27 19.84 14.84
CA ALA B 15 34.05 19.27 14.27
C ALA B 15 33.23 20.29 13.48
N SER B 16 33.10 21.51 14.00
CA SER B 16 32.42 22.65 13.37
C SER B 16 33.05 23.15 12.07
N MET B 17 34.08 22.50 11.53
CA MET B 17 34.56 22.70 10.16
C MET B 17 33.86 21.80 9.12
N THR B 18 33.17 20.75 9.56
CA THR B 18 32.67 19.66 8.68
C THR B 18 31.16 19.67 8.41
N LEU B 19 30.46 20.73 8.81
CA LEU B 19 29.00 20.71 8.91
C LEU B 19 28.30 20.40 7.58
N THR B 20 28.85 20.80 6.42
CA THR B 20 28.24 20.49 5.11
C THR B 20 28.26 19.01 4.77
N VAL B 21 29.37 18.31 5.06
CA VAL B 21 29.64 16.89 4.73
C VAL B 21 28.65 15.97 5.40
N GLN B 22 28.31 16.30 6.63
CA GLN B 22 27.26 15.62 7.36
C GLN B 22 25.87 16.03 6.87
N ALA B 23 25.54 17.33 6.82
CA ALA B 23 24.19 17.81 6.51
C ALA B 23 23.68 17.40 5.12
N ARG B 24 24.56 17.26 4.11
CA ARG B 24 24.23 16.68 2.79
C ARG B 24 23.67 15.25 2.84
N ASN B 25 23.78 14.57 3.98
CA ASN B 25 23.34 13.19 4.17
C ASN B 25 22.25 13.04 5.26
N LEU B 26 21.64 14.14 5.72
CA LEU B 26 20.41 14.12 6.53
C LEU B 26 19.14 13.88 5.69
N LEU B 27 19.27 13.90 4.38
CA LEU B 27 18.19 13.73 3.41
C LEU B 27 18.68 12.83 2.28
N SER B 28 18.10 11.64 2.13
CA SER B 28 18.43 10.70 1.04
C SER B 28 17.30 9.68 0.81
N GLY B 29 17.34 8.99 -0.33
CA GLY B 29 16.30 8.07 -0.79
C GLY B 29 16.34 7.83 -2.30
N LEU B 50 1.73 -8.00 -5.27
CA LEU B 50 2.27 -9.11 -4.50
C LEU B 50 3.11 -8.67 -3.26
N THR B 51 3.24 -7.36 -3.02
CA THR B 51 4.11 -6.78 -1.96
C THR B 51 3.53 -5.55 -1.24
N VAL B 52 3.78 -5.48 0.07
CA VAL B 52 3.60 -4.28 0.92
C VAL B 52 4.93 -3.73 1.46
N TRP B 53 6.08 -4.30 1.11
CA TRP B 53 7.38 -3.78 1.59
C TRP B 53 7.69 -2.38 1.08
N GLY B 54 7.04 -1.91 0.01
CA GLY B 54 7.06 -0.50 -0.40
C GLY B 54 6.55 0.45 0.68
N ILE B 55 5.68 -0.01 1.59
CA ILE B 55 5.21 0.80 2.72
C ILE B 55 6.33 1.04 3.75
N LYS B 56 7.33 0.16 3.88
CA LYS B 56 8.55 0.50 4.63
C LYS B 56 9.22 1.71 4.01
N GLN B 57 9.52 1.66 2.72
CA GLN B 57 10.24 2.74 2.05
C GLN B 57 9.47 4.06 2.11
N LEU B 58 8.17 4.06 1.88
CA LEU B 58 7.38 5.28 1.95
C LEU B 58 7.29 5.83 3.37
N GLN B 59 7.00 4.99 4.36
CA GLN B 59 6.89 5.45 5.75
C GLN B 59 8.24 5.89 6.33
N ALA B 60 9.35 5.28 5.91
CA ALA B 60 10.68 5.75 6.28
C ALA B 60 11.02 7.09 5.62
N ARG B 61 10.82 7.22 4.30
CA ARG B 61 11.19 8.45 3.57
C ARG B 61 10.36 9.65 3.97
N VAL B 62 9.05 9.51 4.07
CA VAL B 62 8.19 10.63 4.48
C VAL B 62 8.49 11.06 5.91
N LEU B 63 8.85 10.16 6.81
CA LEU B 63 9.35 10.55 8.13
C LEU B 63 10.71 11.27 8.04
N ALA B 64 11.67 10.79 7.25
CA ALA B 64 12.97 11.47 7.12
C ALA B 64 12.85 12.87 6.50
N VAL B 65 11.97 13.06 5.51
CA VAL B 65 11.62 14.38 4.97
C VAL B 65 10.93 15.23 6.04
N GLU B 66 9.97 14.70 6.77
CA GLU B 66 9.25 15.45 7.79
C GLU B 66 10.18 15.93 8.92
N ARG B 67 11.10 15.09 9.42
CA ARG B 67 12.12 15.51 10.41
C ARG B 67 13.00 16.63 9.86
N TYR B 68 13.46 16.51 8.62
CA TYR B 68 14.29 17.55 8.02
C TYR B 68 13.55 18.88 7.91
N LEU B 69 12.31 18.90 7.43
CA LEU B 69 11.55 20.14 7.34
C LEU B 69 11.28 20.75 8.72
N ARG B 70 11.02 19.97 9.76
CA ARG B 70 10.91 20.50 11.13
C ARG B 70 12.20 21.18 11.60
N ASP B 71 13.39 20.71 11.21
CA ASP B 71 14.61 21.47 11.52
C ASP B 71 14.69 22.79 10.73
N GLN B 72 14.41 22.75 9.43
CA GLN B 72 14.47 23.93 8.58
C GLN B 72 13.47 25.00 9.02
N GLN B 73 12.25 24.63 9.37
CA GLN B 73 11.26 25.57 9.86
C GLN B 73 11.72 26.18 11.19
N LEU B 74 12.23 25.36 12.10
CA LEU B 74 12.73 25.83 13.39
C LEU B 74 13.92 26.79 13.24
N LEU B 75 14.84 26.57 12.29
CA LEU B 75 15.88 27.55 11.94
C LEU B 75 15.31 28.82 11.34
N GLY B 76 14.17 28.77 10.65
CA GLY B 76 13.51 29.94 10.11
C GLY B 76 12.90 30.84 11.17
N ILE B 77 12.29 30.24 12.20
CA ILE B 77 11.67 30.94 13.33
C ILE B 77 12.75 31.64 14.18
N TRP B 78 13.93 31.06 14.37
CA TRP B 78 15.03 31.68 15.13
C TRP B 78 15.79 32.75 14.35
N GLY B 79 15.58 32.86 13.03
CA GLY B 79 16.24 33.84 12.17
C GLY B 79 17.56 33.40 11.53
N CYS B 80 17.80 32.09 11.38
CA CYS B 80 19.04 31.57 10.80
C CYS B 80 18.89 30.92 9.42
N SER B 81 17.72 30.95 8.79
CA SER B 81 17.43 30.14 7.59
C SER B 81 18.47 30.32 6.49
N GLY B 82 19.06 29.20 6.05
CA GLY B 82 20.09 29.15 5.03
C GLY B 82 21.53 29.22 5.55
N LYS B 83 21.77 29.55 6.82
CA LYS B 83 23.09 29.42 7.45
C LYS B 83 23.24 28.08 8.15
N LEU B 84 24.49 27.62 8.28
CA LEU B 84 24.87 26.51 9.14
C LEU B 84 25.38 27.07 10.47
N ILE B 85 26.59 27.62 10.53
CA ILE B 85 27.02 28.42 11.68
C ILE B 85 26.20 29.69 11.71
N CYS B 86 25.55 30.03 12.83
CA CYS B 86 24.72 31.22 12.97
C CYS B 86 24.89 31.85 14.35
N CYS B 87 24.63 33.15 14.46
CA CYS B 87 24.81 33.92 15.69
C CYS B 87 23.52 34.65 16.09
N THR B 88 23.24 34.78 17.37
CA THR B 88 22.00 35.40 17.88
C THR B 88 22.33 36.37 19.02
N ASN B 89 21.39 37.23 19.38
CA ASN B 89 21.63 38.29 20.36
C ASN B 89 21.32 37.87 21.81
N VAL B 90 20.89 36.63 22.06
CA VAL B 90 20.60 36.15 23.42
C VAL B 90 21.89 35.93 24.21
N PRO B 91 22.11 36.59 25.37
CA PRO B 91 23.28 36.35 26.23
C PRO B 91 23.16 35.04 27.02
N TRP B 92 24.28 34.52 27.51
CA TRP B 92 24.30 33.32 28.35
C TRP B 92 23.87 33.56 29.79
N ASN B 93 23.29 32.52 30.38
CA ASN B 93 23.02 32.41 31.80
C ASN B 93 23.97 31.37 32.41
N SER B 94 24.66 31.73 33.47
CA SER B 94 25.55 30.82 34.18
C SER B 94 24.86 29.55 34.71
N SER B 95 23.54 29.58 34.93
CA SER B 95 22.77 28.40 35.32
C SER B 95 22.77 27.32 34.26
N TRP B 96 22.74 27.70 32.98
CA TRP B 96 22.77 26.76 31.86
C TRP B 96 24.12 26.03 31.80
N SER B 97 25.21 26.80 31.80
CA SER B 97 26.61 26.38 31.96
C SER B 97 27.51 27.60 32.17
N ASN B 98 28.68 27.42 32.77
CA ASN B 98 29.48 28.55 33.29
C ASN B 98 31.01 28.33 33.24
N ARG B 99 31.49 27.30 32.52
CA ARG B 99 32.91 26.96 32.41
C ARG B 99 33.71 27.92 31.51
N ASN B 100 35.02 27.92 31.64
CA ASN B 100 35.94 28.70 30.80
C ASN B 100 35.80 28.34 29.31
N LEU B 101 35.89 29.34 28.43
CA LEU B 101 35.59 29.16 27.00
C LEU B 101 36.45 28.11 26.29
N SER B 102 37.72 27.96 26.67
CA SER B 102 38.57 26.89 26.13
C SER B 102 38.10 25.50 26.55
N GLU B 103 37.51 25.36 27.74
CA GLU B 103 36.96 24.08 28.22
C GLU B 103 35.73 23.67 27.41
N ILE B 104 35.10 24.60 26.70
CA ILE B 104 34.15 24.31 25.64
C ILE B 104 34.90 24.01 24.36
N TRP B 105 35.36 25.02 23.61
CA TRP B 105 35.67 24.84 22.19
C TRP B 105 36.95 24.04 21.93
N ASP B 106 37.98 24.23 22.75
CA ASP B 106 39.31 23.64 22.54
C ASP B 106 39.48 22.27 23.17
N ASN B 107 38.44 21.73 23.80
CA ASN B 107 38.58 20.71 24.84
C ASN B 107 37.58 19.54 24.73
N MET B 108 36.30 19.76 24.42
CA MET B 108 35.30 18.68 24.45
C MET B 108 34.56 18.47 23.13
N THR B 109 34.08 17.25 22.89
CA THR B 109 33.34 16.87 21.68
C THR B 109 31.90 17.37 21.73
N TRP B 110 31.25 17.61 20.58
CA TRP B 110 29.83 17.98 20.55
C TRP B 110 28.96 16.94 21.25
N LEU B 111 29.31 15.67 21.10
CA LEU B 111 28.65 14.56 21.76
C LEU B 111 28.75 14.65 23.30
N GLN B 112 29.86 15.17 23.82
CA GLN B 112 30.06 15.36 25.24
C GLN B 112 29.36 16.62 25.75
N TRP B 113 29.45 17.71 24.99
CA TRP B 113 28.74 18.96 25.30
C TRP B 113 27.23 18.75 25.32
N ASP B 114 26.68 17.98 24.38
CA ASP B 114 25.25 17.71 24.30
C ASP B 114 24.71 17.06 25.58
N LYS B 115 25.49 16.16 26.18
CA LYS B 115 25.19 15.51 27.45
C LYS B 115 25.40 16.41 28.66
N GLU B 116 26.16 17.50 28.55
CA GLU B 116 26.23 18.53 29.58
C GLU B 116 25.03 19.49 29.51
N ILE B 117 24.75 20.03 28.32
CA ILE B 117 23.80 21.15 28.20
C ILE B 117 22.33 20.73 28.11
N SER B 118 22.01 19.45 27.91
CA SER B 118 20.68 18.98 27.50
C SER B 118 19.47 19.45 28.34
N ASN B 119 19.65 19.89 29.60
CA ASN B 119 18.59 20.52 30.40
C ASN B 119 18.00 21.79 29.77
N TYR B 120 18.80 22.57 29.07
CA TYR B 120 18.46 23.94 28.66
C TYR B 120 18.01 24.05 27.20
N THR B 121 17.95 22.93 26.48
CA THR B 121 17.04 22.76 25.34
C THR B 121 15.60 23.01 25.80
N GLN B 122 14.71 23.42 24.90
CA GLN B 122 13.38 23.98 25.17
C GLN B 122 13.37 25.31 25.96
N ILE B 123 14.26 25.52 26.93
CA ILE B 123 14.43 26.82 27.58
C ILE B 123 15.01 27.82 26.58
N ILE B 124 16.15 27.50 25.95
CA ILE B 124 16.79 28.36 24.96
C ILE B 124 15.92 28.50 23.71
N TYR B 125 15.25 27.46 23.23
CA TYR B 125 14.44 27.55 22.02
C TYR B 125 13.28 28.54 22.17
N GLY B 126 12.54 28.45 23.28
CA GLY B 126 11.42 29.35 23.56
C GLY B 126 11.85 30.80 23.76
N LEU B 127 13.07 31.00 24.26
CA LEU B 127 13.70 32.31 24.41
C LEU B 127 14.13 32.90 23.05
N LEU B 128 14.63 32.08 22.11
CA LEU B 128 14.99 32.55 20.77
C LEU B 128 13.80 33.02 19.93
N GLU B 129 12.65 32.36 20.05
CA GLU B 129 11.49 32.61 19.21
C GLU B 129 10.89 34.02 19.41
N GLU B 130 10.05 34.23 20.42
CA GLU B 130 9.38 35.51 20.65
C GLU B 130 10.39 36.56 21.10
N SER B 131 11.09 36.23 22.18
CA SER B 131 12.00 37.13 22.89
C SER B 131 13.35 37.34 22.20
N GLN B 132 13.48 36.90 20.95
CA GLN B 132 14.44 37.50 20.06
C GLN B 132 13.95 37.70 18.64
N ASN B 133 13.70 36.66 17.87
CA ASN B 133 13.56 36.91 16.44
C ASN B 133 12.21 37.49 16.02
N GLN B 134 11.12 37.21 16.73
CA GLN B 134 9.91 38.01 16.50
C GLN B 134 10.18 39.47 16.82
N GLN B 135 10.82 39.74 17.95
CA GLN B 135 11.09 41.11 18.37
C GLN B 135 12.03 41.87 17.42
N GLU B 136 13.10 41.26 16.91
CA GLU B 136 13.90 41.86 15.83
C GLU B 136 13.03 42.24 14.63
N LYS B 137 12.06 41.40 14.25
CA LYS B 137 11.25 41.61 13.04
C LYS B 137 10.09 42.57 13.26
N ASN B 138 9.63 42.70 14.50
CA ASN B 138 8.80 43.85 14.91
C ASN B 138 9.56 45.16 14.69
N GLU B 139 10.77 45.28 15.24
CA GLU B 139 11.56 46.50 15.13
C GLU B 139 11.96 46.80 13.68
N GLN B 140 12.23 45.79 12.85
CA GLN B 140 12.49 45.96 11.43
C GLN B 140 11.29 46.57 10.70
N ASP B 141 10.07 46.13 10.99
CA ASP B 141 8.88 46.68 10.34
C ASP B 141 8.59 48.12 10.79
N LEU B 142 8.80 48.40 12.08
CA LEU B 142 8.73 49.75 12.62
C LEU B 142 9.83 50.66 12.07
N LEU B 143 10.95 50.11 11.57
CA LEU B 143 12.02 50.89 10.93
C LEU B 143 11.74 51.17 9.45
N ALA B 144 11.36 50.16 8.65
CA ALA B 144 11.04 50.33 7.23
C ALA B 144 9.76 51.15 6.96
N LEU B 145 8.99 51.45 8.01
CA LEU B 145 7.99 52.52 8.04
C LEU B 145 8.57 53.90 7.69
N ASP B 146 9.85 54.11 8.00
CA ASP B 146 10.62 55.35 7.74
C ASP B 146 9.96 56.62 8.31
N ALA C 1 37.71 42.25 -21.72
CA ALA C 1 36.79 42.99 -20.85
C ALA C 1 37.19 42.89 -19.38
N GLU C 2 36.91 41.76 -18.72
CA GLU C 2 37.09 41.57 -17.28
C GLU C 2 37.20 40.07 -16.92
N ASN C 3 37.65 39.74 -15.72
CA ASN C 3 37.51 38.42 -15.10
C ASN C 3 36.05 37.94 -15.10
N LEU C 4 35.86 36.63 -15.17
CA LEU C 4 34.54 36.00 -15.17
C LEU C 4 34.38 35.06 -13.97
N TRP C 5 33.16 34.98 -13.47
CA TRP C 5 32.86 34.39 -12.17
C TRP C 5 31.74 33.36 -12.28
N VAL C 6 31.79 32.31 -11.48
CA VAL C 6 30.73 31.32 -11.42
C VAL C 6 29.47 31.98 -10.91
N THR C 7 28.45 32.03 -11.74
CA THR C 7 27.09 32.44 -11.36
C THR C 7 26.15 31.28 -11.56
N VAL C 8 25.11 31.22 -10.76
CA VAL C 8 24.27 30.06 -10.56
C VAL C 8 22.84 30.44 -10.90
N TYR C 9 22.15 29.57 -11.60
CA TYR C 9 20.77 29.76 -12.03
C TYR C 9 19.95 28.56 -11.61
N TYR C 10 18.74 28.80 -11.12
CA TYR C 10 17.79 27.74 -10.82
C TYR C 10 16.53 27.89 -11.63
N GLY C 11 15.94 26.79 -12.09
CA GLY C 11 14.83 26.78 -13.03
C GLY C 11 15.25 26.94 -14.49
N VAL C 12 16.49 26.60 -14.82
CA VAL C 12 17.05 26.68 -16.17
C VAL C 12 16.35 25.72 -17.14
N PRO C 13 16.06 26.07 -18.40
CA PRO C 13 15.47 25.14 -19.36
C PRO C 13 16.51 24.17 -19.90
N VAL C 14 16.59 22.97 -19.33
CA VAL C 14 17.42 21.89 -19.83
C VAL C 14 16.88 20.54 -19.33
N TRP C 15 17.16 19.47 -20.05
CA TRP C 15 16.68 18.14 -19.72
C TRP C 15 17.66 17.02 -20.10
N LYS C 16 17.46 15.87 -19.45
CA LYS C 16 18.07 14.58 -19.77
C LYS C 16 16.99 13.55 -19.98
N GLU C 17 17.21 12.58 -20.84
CA GLU C 17 16.24 11.52 -21.12
C GLU C 17 16.32 10.41 -20.06
N ALA C 18 15.19 10.00 -19.48
CA ALA C 18 15.15 9.06 -18.36
C ALA C 18 13.81 8.29 -18.29
N LYS C 19 13.81 7.13 -17.64
CA LYS C 19 12.63 6.27 -17.41
C LYS C 19 11.89 6.65 -16.14
N THR C 20 10.56 6.67 -16.17
CA THR C 20 9.70 7.05 -15.05
C THR C 20 8.35 6.36 -15.07
N THR C 21 7.70 6.27 -13.91
CA THR C 21 6.24 6.16 -13.82
C THR C 21 5.58 7.25 -14.64
N LEU C 22 4.44 6.92 -15.27
CA LEU C 22 3.49 7.87 -15.83
C LEU C 22 2.13 7.66 -15.15
N PHE C 23 1.37 8.74 -14.97
CA PHE C 23 0.02 8.69 -14.45
C PHE C 23 -0.97 8.33 -15.56
N CYS C 24 -1.95 7.49 -15.25
CA CYS C 24 -3.06 7.18 -16.15
C CYS C 24 -4.21 8.15 -15.91
N ALA C 25 -4.13 9.35 -16.46
CA ALA C 25 -5.27 10.25 -16.42
C ALA C 25 -6.35 9.77 -17.38
N SER C 26 -7.60 10.15 -17.16
CA SER C 26 -8.74 9.75 -17.98
C SER C 26 -9.75 10.87 -18.09
N ASP C 27 -10.56 10.80 -19.14
CA ASP C 27 -11.89 11.38 -19.18
C ASP C 27 -12.63 11.09 -17.86
N ALA C 28 -13.19 12.13 -17.24
CA ALA C 28 -13.81 12.05 -15.92
C ALA C 28 -15.18 11.36 -15.91
N ARG C 29 -15.84 11.22 -17.07
CA ARG C 29 -17.28 10.87 -17.18
C ARG C 29 -17.59 9.38 -16.96
N ALA C 30 -16.58 8.51 -17.06
CA ALA C 30 -16.75 7.05 -17.01
C ALA C 30 -17.22 6.51 -15.65
N TYR C 31 -16.55 6.86 -14.54
CA TYR C 31 -16.72 6.21 -13.24
C TYR C 31 -17.98 6.62 -12.46
N GLU C 32 -18.84 7.42 -13.09
CA GLU C 32 -20.19 7.72 -12.61
C GLU C 32 -21.10 6.48 -12.64
N LYS C 33 -20.86 5.60 -13.63
CA LYS C 33 -21.63 4.38 -13.91
C LYS C 33 -20.74 3.15 -14.07
N GLU C 34 -19.62 3.29 -14.78
CA GLU C 34 -18.79 2.18 -15.25
C GLU C 34 -17.72 1.78 -14.24
N VAL C 35 -18.17 1.31 -13.08
CA VAL C 35 -17.33 0.76 -12.00
C VAL C 35 -16.43 -0.33 -12.58
N HIS C 36 -15.11 -0.18 -12.46
CA HIS C 36 -14.11 -1.14 -12.96
C HIS C 36 -14.30 -1.54 -14.45
N ASN C 37 -14.14 -0.62 -15.40
CA ASN C 37 -13.85 -1.03 -16.78
C ASN C 37 -12.54 -1.84 -16.88
N VAL C 38 -12.52 -2.90 -17.70
CA VAL C 38 -11.37 -3.81 -17.88
C VAL C 38 -10.11 -3.06 -18.30
N TRP C 39 -10.29 -2.03 -19.13
CA TRP C 39 -9.27 -1.07 -19.53
C TRP C 39 -9.63 0.30 -18.93
N ALA C 40 -8.68 0.92 -18.21
CA ALA C 40 -8.92 2.04 -17.31
C ALA C 40 -10.11 1.83 -16.35
N THR C 41 -9.91 0.99 -15.33
CA THR C 41 -10.72 1.06 -14.10
C THR C 41 -10.58 2.45 -13.47
N HIS C 42 -11.36 2.76 -12.43
CA HIS C 42 -11.16 3.97 -11.62
C HIS C 42 -9.82 4.01 -10.84
N ALA C 43 -8.92 3.03 -10.98
CA ALA C 43 -7.50 3.19 -10.64
C ALA C 43 -6.78 4.19 -11.57
N CYS C 44 -7.26 4.39 -12.80
CA CYS C 44 -6.94 5.54 -13.63
C CYS C 44 -7.74 6.78 -13.19
N VAL C 45 -7.08 7.91 -13.02
CA VAL C 45 -7.60 9.06 -12.28
C VAL C 45 -8.58 9.84 -13.16
N PRO C 46 -9.88 9.93 -12.84
CA PRO C 46 -10.78 10.81 -13.58
C PRO C 46 -10.31 12.26 -13.45
N THR C 47 -9.99 12.91 -14.57
CA THR C 47 -9.22 14.17 -14.58
C THR C 47 -9.60 15.08 -15.75
N ASP C 48 -9.82 14.51 -16.94
CA ASP C 48 -10.00 15.19 -18.23
C ASP C 48 -8.92 16.26 -18.49
N PRO C 49 -7.64 15.88 -18.56
CA PRO C 49 -6.53 16.83 -18.64
C PRO C 49 -6.62 17.71 -19.89
N SER C 50 -6.47 19.03 -19.73
CA SER C 50 -6.47 19.98 -20.85
C SER C 50 -5.25 19.77 -21.75
N PRO C 51 -5.42 19.68 -23.09
CA PRO C 51 -4.32 19.52 -24.05
C PRO C 51 -3.55 20.84 -24.26
N GLN C 52 -2.76 21.22 -23.24
CA GLN C 52 -1.91 22.40 -23.21
C GLN C 52 -0.62 22.19 -24.02
N GLU C 53 -0.75 21.86 -25.29
CA GLU C 53 0.41 21.79 -26.20
C GLU C 53 1.06 23.16 -26.33
N LEU C 54 2.38 23.19 -26.20
CA LEU C 54 3.20 24.37 -26.39
C LEU C 54 4.33 24.04 -27.35
N VAL C 55 4.47 24.83 -28.42
CA VAL C 55 5.55 24.65 -29.39
C VAL C 55 6.82 25.25 -28.83
N LEU C 56 7.94 24.51 -28.89
CA LEU C 56 9.21 25.02 -28.41
C LEU C 56 9.90 25.86 -29.49
N GLY C 57 10.13 25.29 -30.67
CA GLY C 57 10.83 25.96 -31.78
C GLY C 57 12.33 26.11 -31.54
N ASN C 58 13.12 26.14 -32.62
CA ASN C 58 14.58 26.10 -32.63
C ASN C 58 15.22 24.92 -31.87
N VAL C 59 14.46 23.87 -31.56
CA VAL C 59 14.93 22.66 -30.87
C VAL C 59 14.63 21.44 -31.72
N THR C 60 15.60 20.51 -31.80
CA THR C 60 15.61 19.40 -32.75
C THR C 60 16.35 18.22 -32.13
N GLU C 61 15.67 17.12 -31.82
CA GLU C 61 16.30 16.02 -31.07
C GLU C 61 15.82 14.62 -31.43
N ASN C 62 16.54 13.61 -30.96
CA ASN C 62 16.46 12.25 -31.48
C ASN C 62 15.27 11.49 -30.89
N PHE C 63 14.17 11.40 -31.62
CA PHE C 63 13.08 10.50 -31.25
C PHE C 63 13.42 9.06 -31.66
N ASN C 64 12.84 8.08 -30.98
CA ASN C 64 12.91 6.66 -31.34
C ASN C 64 11.64 5.95 -30.87
N MET C 65 10.88 5.32 -31.77
CA MET C 65 9.67 4.56 -31.42
C MET C 65 9.98 3.15 -30.93
N TRP C 66 11.03 2.51 -31.45
CA TRP C 66 11.29 1.09 -31.19
C TRP C 66 11.83 0.81 -29.80
N LYS C 67 12.72 1.68 -29.30
CA LYS C 67 13.30 1.57 -27.94
C LYS C 67 12.41 2.19 -26.84
N ASN C 68 11.33 2.86 -27.19
CA ASN C 68 10.49 3.67 -26.29
C ASN C 68 9.96 2.87 -25.09
N ASP C 69 10.21 3.30 -23.86
CA ASP C 69 9.77 2.58 -22.66
C ASP C 69 8.28 2.79 -22.32
N MET C 70 7.61 3.82 -22.83
CA MET C 70 6.18 4.06 -22.58
C MET C 70 5.32 2.90 -23.08
N VAL C 71 5.80 2.19 -24.09
CA VAL C 71 5.19 0.96 -24.59
C VAL C 71 5.14 -0.08 -23.49
N ASP C 72 6.26 -0.33 -22.80
CA ASP C 72 6.31 -1.25 -21.68
C ASP C 72 5.54 -0.75 -20.46
N GLN C 73 5.52 0.57 -20.20
CA GLN C 73 4.62 1.09 -19.17
C GLN C 73 3.18 0.67 -19.45
N MET C 74 2.73 0.81 -20.70
CA MET C 74 1.40 0.42 -21.09
C MET C 74 1.18 -1.09 -21.04
N HIS C 75 2.13 -1.89 -21.52
CA HIS C 75 2.01 -3.34 -21.54
C HIS C 75 1.82 -3.90 -20.13
N GLU C 76 2.64 -3.50 -19.16
CA GLU C 76 2.45 -3.93 -17.76
C GLU C 76 1.19 -3.34 -17.12
N ASP C 77 0.83 -2.09 -17.41
CA ASP C 77 -0.39 -1.50 -16.88
C ASP C 77 -1.65 -2.22 -17.35
N ILE C 78 -1.76 -2.50 -18.64
CA ILE C 78 -2.95 -3.13 -19.19
C ILE C 78 -3.11 -4.54 -18.62
N ILE C 79 -2.02 -5.31 -18.54
CA ILE C 79 -2.03 -6.60 -17.86
C ILE C 79 -2.46 -6.45 -16.38
N SER C 80 -1.93 -5.49 -15.65
CA SER C 80 -2.29 -5.25 -14.26
C SER C 80 -3.78 -4.95 -14.09
N LEU C 81 -4.37 -4.09 -14.93
CA LEU C 81 -5.79 -3.79 -14.87
C LEU C 81 -6.66 -4.99 -15.21
N TRP C 82 -6.24 -5.83 -16.17
CA TRP C 82 -6.95 -7.07 -16.48
C TRP C 82 -7.03 -7.97 -15.25
N ASP C 83 -5.91 -8.22 -14.56
CA ASP C 83 -5.93 -9.10 -13.39
C ASP C 83 -6.73 -8.53 -12.22
N GLN C 84 -6.59 -7.24 -11.91
CA GLN C 84 -7.47 -6.57 -10.94
C GLN C 84 -8.95 -6.70 -11.32
N SER C 85 -9.28 -6.70 -12.60
CA SER C 85 -10.66 -6.81 -13.06
C SER C 85 -11.21 -8.23 -12.94
N LEU C 86 -10.40 -9.27 -13.15
CA LEU C 86 -10.88 -10.66 -13.05
C LEU C 86 -10.98 -11.16 -11.61
N LYS C 87 -10.07 -10.73 -10.73
CA LYS C 87 -9.89 -11.36 -9.41
C LYS C 87 -11.17 -11.44 -8.54
N PRO C 88 -12.07 -10.45 -8.51
CA PRO C 88 -13.33 -10.54 -7.79
C PRO C 88 -14.33 -11.62 -8.29
N CYS C 89 -14.17 -12.17 -9.49
CA CYS C 89 -15.26 -12.88 -10.17
C CYS C 89 -15.33 -14.40 -9.94
N VAL C 90 -16.45 -15.01 -10.35
CA VAL C 90 -16.77 -16.45 -10.18
C VAL C 90 -15.79 -17.36 -10.90
N LYS C 91 -15.17 -18.31 -10.20
CA LYS C 91 -14.23 -19.28 -10.80
C LYS C 91 -14.97 -20.50 -11.30
N LEU C 92 -14.82 -20.86 -12.56
CA LEU C 92 -15.43 -22.05 -13.18
C LEU C 92 -14.75 -23.38 -12.82
N THR C 93 -14.22 -23.51 -11.62
CA THR C 93 -13.80 -24.80 -11.06
C THR C 93 -14.95 -25.82 -10.95
N PRO C 94 -16.09 -25.54 -10.29
CA PRO C 94 -17.11 -26.56 -10.05
C PRO C 94 -17.84 -27.01 -11.31
N LEU C 95 -17.74 -26.28 -12.41
CA LEU C 95 -18.26 -26.62 -13.73
C LEU C 95 -17.40 -27.63 -14.49
N CYS C 96 -16.16 -27.91 -14.08
CA CYS C 96 -15.33 -28.88 -14.80
C CYS C 96 -15.72 -30.34 -14.49
N VAL C 97 -16.89 -30.74 -14.98
CA VAL C 97 -17.43 -32.09 -14.92
C VAL C 97 -17.45 -32.73 -16.29
N THR C 98 -17.81 -34.01 -16.36
CA THR C 98 -18.14 -34.67 -17.62
C THR C 98 -19.29 -33.96 -18.31
N LEU C 99 -19.11 -33.50 -19.54
CA LEU C 99 -20.17 -32.95 -20.38
C LEU C 99 -20.57 -34.03 -21.39
N ILE C 100 -21.87 -34.26 -21.59
CA ILE C 100 -22.38 -35.16 -22.64
C ILE C 100 -22.97 -34.30 -23.74
N CYS C 101 -22.41 -34.30 -24.93
CA CYS C 101 -22.72 -33.32 -25.96
C CYS C 101 -23.30 -33.93 -27.24
N SER C 102 -24.46 -33.44 -27.64
CA SER C 102 -25.17 -33.78 -28.88
C SER C 102 -25.42 -32.52 -29.72
N ASN C 103 -26.10 -32.63 -30.85
CA ASN C 103 -26.26 -31.47 -31.77
C ASN C 103 -27.23 -30.42 -31.22
N ALA C 104 -27.08 -29.17 -31.67
CA ALA C 104 -28.02 -28.09 -31.42
C ALA C 104 -29.00 -27.99 -32.58
N THR C 105 -30.30 -28.02 -32.31
CA THR C 105 -31.34 -28.07 -33.34
C THR C 105 -32.22 -26.82 -33.31
N VAL C 106 -32.38 -26.17 -34.46
CA VAL C 106 -33.17 -24.93 -34.60
C VAL C 106 -33.89 -24.91 -35.95
N LYS C 107 -35.20 -24.65 -35.97
CA LYS C 107 -36.03 -24.74 -37.19
C LYS C 107 -35.83 -26.08 -37.95
N ASN C 108 -35.68 -27.17 -37.18
CA ASN C 108 -35.34 -28.53 -37.61
C ASN C 108 -33.96 -28.71 -38.30
N GLY C 109 -33.15 -27.66 -38.45
CA GLY C 109 -31.77 -27.75 -38.92
C GLY C 109 -30.75 -27.94 -37.79
N THR C 110 -29.50 -28.25 -38.13
CA THR C 110 -28.38 -28.34 -37.17
C THR C 110 -27.45 -27.13 -37.29
N VAL C 111 -27.19 -26.45 -36.17
CA VAL C 111 -26.31 -25.27 -36.11
C VAL C 111 -24.87 -25.63 -36.45
N GLU C 112 -24.11 -24.71 -37.02
CA GLU C 112 -22.83 -24.97 -37.67
C GLU C 112 -21.77 -25.51 -36.71
N GLU C 113 -21.52 -24.80 -35.62
CA GLU C 113 -20.42 -25.06 -34.72
C GLU C 113 -20.78 -24.97 -33.24
N MET C 114 -22.05 -25.10 -32.85
CA MET C 114 -22.45 -25.13 -31.44
C MET C 114 -22.99 -26.50 -31.07
N LYS C 115 -22.34 -27.17 -30.13
CA LYS C 115 -22.85 -28.40 -29.54
C LYS C 115 -23.66 -28.08 -28.31
N ASN C 116 -24.61 -28.96 -28.01
CA ASN C 116 -25.57 -28.86 -26.95
C ASN C 116 -25.19 -29.82 -25.83
N CYS C 117 -24.64 -29.34 -24.74
CA CYS C 117 -24.02 -30.18 -23.73
C CYS C 117 -24.86 -30.28 -22.48
N SER C 118 -25.27 -31.50 -22.13
CA SER C 118 -25.88 -31.82 -20.84
C SER C 118 -24.80 -32.14 -19.82
N PHE C 119 -24.91 -31.61 -18.61
CA PHE C 119 -23.96 -31.83 -17.52
C PHE C 119 -24.63 -31.73 -16.16
N ASN C 120 -23.89 -31.95 -15.07
CA ASN C 120 -24.44 -31.93 -13.72
C ASN C 120 -23.84 -30.85 -12.84
N THR C 121 -24.60 -30.37 -11.89
CA THR C 121 -24.23 -29.28 -10.98
C THR C 121 -24.79 -29.57 -9.59
N THR C 122 -24.19 -29.06 -8.52
CA THR C 122 -24.89 -28.92 -7.25
C THR C 122 -25.95 -27.84 -7.38
N THR C 123 -27.06 -28.00 -6.70
CA THR C 123 -27.91 -26.84 -6.37
C THR C 123 -27.16 -25.96 -5.35
N GLU C 124 -27.82 -24.96 -4.74
CA GLU C 124 -27.30 -24.30 -3.55
C GLU C 124 -27.09 -25.25 -2.34
N ILE C 125 -27.55 -26.50 -2.40
CA ILE C 125 -27.38 -27.52 -1.36
C ILE C 125 -26.35 -28.55 -1.81
N ARG C 126 -25.23 -28.69 -1.07
CA ARG C 126 -24.07 -29.51 -1.47
C ARG C 126 -24.43 -30.96 -1.75
N ASP C 127 -25.25 -31.58 -0.92
CA ASP C 127 -25.70 -32.97 -1.09
C ASP C 127 -26.93 -33.12 -1.99
N LYS C 128 -27.23 -32.15 -2.86
CA LYS C 128 -28.28 -32.23 -3.90
C LYS C 128 -27.77 -31.74 -5.25
N GLU C 129 -27.17 -32.64 -6.04
CA GLU C 129 -26.87 -32.39 -7.46
C GLU C 129 -28.11 -32.49 -8.36
N LYS C 130 -28.06 -31.88 -9.53
CA LYS C 130 -29.07 -31.86 -10.58
C LYS C 130 -28.42 -31.88 -11.97
N LYS C 131 -29.21 -32.18 -13.00
CA LYS C 131 -28.82 -32.13 -14.43
C LYS C 131 -29.29 -30.83 -15.07
N GLU C 132 -28.48 -30.22 -15.94
CA GLU C 132 -28.92 -29.14 -16.86
C GLU C 132 -27.99 -29.00 -18.07
N TYR C 133 -28.39 -28.20 -19.07
CA TYR C 133 -27.71 -28.11 -20.36
C TYR C 133 -27.42 -26.66 -20.76
N ALA C 134 -26.38 -26.44 -21.58
CA ALA C 134 -26.08 -25.16 -22.21
C ALA C 134 -25.42 -25.38 -23.57
N LEU C 135 -25.50 -24.42 -24.50
CA LEU C 135 -24.77 -24.52 -25.77
C LEU C 135 -23.34 -24.00 -25.62
N PHE C 136 -22.37 -24.73 -26.18
CA PHE C 136 -20.98 -24.31 -26.31
C PHE C 136 -20.49 -24.40 -27.76
N TYR C 137 -19.78 -23.38 -28.22
CA TYR C 137 -19.11 -23.39 -29.51
C TYR C 137 -18.04 -24.48 -29.53
N LYS C 138 -17.86 -25.23 -30.62
CA LYS C 138 -16.88 -26.32 -30.70
C LYS C 138 -15.47 -25.96 -30.22
N PRO C 139 -14.91 -24.76 -30.46
CA PRO C 139 -13.57 -24.43 -30.01
C PRO C 139 -13.38 -24.37 -28.49
N ASP C 140 -14.44 -24.17 -27.69
CA ASP C 140 -14.35 -24.16 -26.22
C ASP C 140 -14.39 -25.57 -25.61
N ILE C 141 -14.54 -26.60 -26.44
CA ILE C 141 -14.84 -27.97 -26.06
C ILE C 141 -13.81 -28.92 -26.65
N VAL C 142 -13.48 -30.01 -25.96
CA VAL C 142 -12.60 -31.07 -26.47
C VAL C 142 -13.11 -32.43 -26.02
N PRO C 143 -13.01 -33.50 -26.82
CA PRO C 143 -13.41 -34.83 -26.41
C PRO C 143 -12.66 -35.26 -25.17
N LEU C 144 -13.35 -35.93 -24.24
CA LEU C 144 -12.71 -36.49 -23.04
C LEU C 144 -11.77 -37.64 -23.41
N SER C 145 -10.79 -37.96 -22.55
CA SER C 145 -9.52 -38.64 -22.87
C SER C 145 -9.57 -39.75 -23.93
N GLU C 146 -10.54 -40.67 -23.86
CA GLU C 146 -10.83 -41.66 -24.91
C GLU C 146 -12.33 -41.71 -25.19
N THR C 147 -12.69 -41.88 -26.48
CA THR C 147 -14.07 -41.94 -26.98
C THR C 147 -14.74 -43.29 -26.71
N ASN C 148 -14.73 -43.74 -25.45
CA ASN C 148 -15.48 -44.92 -25.00
C ASN C 148 -16.99 -44.76 -25.30
N ASN C 149 -17.51 -43.55 -25.10
CA ASN C 149 -18.69 -43.03 -25.80
C ASN C 149 -18.28 -41.70 -26.45
N THR C 150 -18.47 -41.58 -27.76
CA THR C 150 -17.99 -40.41 -28.51
C THR C 150 -18.63 -39.10 -28.06
N SER C 151 -19.81 -39.14 -27.43
CA SER C 151 -20.51 -37.97 -26.91
C SER C 151 -19.96 -37.43 -25.58
N GLU C 152 -18.91 -38.01 -24.98
CA GLU C 152 -18.26 -37.46 -23.78
C GLU C 152 -17.22 -36.39 -24.10
N TYR C 153 -17.36 -35.22 -23.49
CA TYR C 153 -16.54 -34.04 -23.73
C TYR C 153 -16.24 -33.29 -22.43
N ARG C 154 -15.25 -32.40 -22.44
CA ARG C 154 -14.95 -31.49 -21.34
C ARG C 154 -14.74 -30.07 -21.84
N LEU C 155 -14.87 -29.11 -20.95
CA LEU C 155 -14.52 -27.71 -21.17
C LEU C 155 -13.00 -27.60 -21.35
N ILE C 156 -12.51 -26.86 -22.36
CA ILE C 156 -11.10 -26.97 -22.81
C ILE C 156 -10.05 -26.71 -21.74
N ASN C 157 -10.29 -25.79 -20.81
CA ASN C 157 -9.23 -25.28 -19.93
C ASN C 157 -8.67 -26.26 -18.90
N CYS C 158 -9.39 -27.33 -18.53
CA CYS C 158 -9.19 -27.94 -17.21
C CYS C 158 -7.83 -28.62 -17.01
N ASN C 159 -7.22 -29.16 -18.05
CA ASN C 159 -5.87 -29.72 -17.99
C ASN C 159 -4.76 -28.64 -18.00
N THR C 160 -5.07 -27.39 -17.65
CA THR C 160 -4.10 -26.27 -17.63
C THR C 160 -4.33 -25.25 -16.51
N SER C 161 -5.57 -24.87 -16.19
CA SER C 161 -5.89 -23.74 -15.28
C SER C 161 -7.38 -23.69 -14.91
N ALA C 162 -7.82 -22.67 -14.14
CA ALA C 162 -9.22 -22.45 -13.79
C ALA C 162 -9.66 -21.03 -14.19
N CYS C 163 -10.65 -20.91 -15.06
CA CYS C 163 -11.00 -19.63 -15.67
C CYS C 163 -12.01 -18.88 -14.79
N THR C 164 -11.77 -17.59 -14.51
CA THR C 164 -12.80 -16.71 -13.96
C THR C 164 -13.77 -16.27 -15.04
N GLN C 165 -15.07 -16.32 -14.80
CA GLN C 165 -16.04 -15.60 -15.64
C GLN C 165 -15.79 -14.09 -15.51
N ALA C 166 -15.90 -13.31 -16.59
CA ALA C 166 -15.88 -11.85 -16.49
C ALA C 166 -17.15 -11.33 -15.83
N CYS C 167 -17.05 -10.58 -14.74
CA CYS C 167 -18.23 -10.04 -14.05
C CYS C 167 -19.07 -9.13 -14.97
N PRO C 168 -20.42 -9.21 -14.99
CA PRO C 168 -21.26 -8.44 -15.92
C PRO C 168 -21.11 -6.91 -15.85
N LYS C 169 -20.77 -6.37 -14.69
CA LYS C 169 -20.55 -4.93 -14.46
C LYS C 169 -19.29 -4.38 -15.13
N VAL C 170 -18.30 -5.24 -15.29
CA VAL C 170 -16.92 -4.91 -15.66
C VAL C 170 -16.85 -4.95 -17.19
N THR C 171 -17.04 -3.80 -17.85
CA THR C 171 -17.13 -3.76 -19.32
C THR C 171 -15.77 -3.82 -20.01
N PHE C 172 -15.75 -4.34 -21.24
CA PHE C 172 -14.57 -4.34 -22.13
C PHE C 172 -14.38 -3.03 -22.91
N GLU C 173 -15.09 -1.94 -22.59
CA GLU C 173 -15.10 -0.73 -23.43
C GLU C 173 -13.68 -0.15 -23.60
N PRO C 174 -13.20 0.11 -24.83
CA PRO C 174 -11.86 0.65 -25.06
C PRO C 174 -11.82 2.17 -24.85
N ILE C 175 -12.18 2.65 -23.65
CA ILE C 175 -12.27 4.08 -23.39
C ILE C 175 -10.90 4.76 -23.52
N PRO C 176 -10.82 6.02 -23.98
CA PRO C 176 -9.57 6.74 -24.07
C PRO C 176 -8.81 6.86 -22.73
N ILE C 177 -7.48 6.78 -22.79
CA ILE C 177 -6.54 6.92 -21.69
C ILE C 177 -5.55 8.03 -22.02
N HIS C 178 -5.26 8.94 -21.09
CA HIS C 178 -4.25 9.97 -21.26
C HIS C 178 -3.07 9.63 -20.38
N TYR C 179 -1.87 9.43 -20.93
CA TYR C 179 -0.68 9.24 -20.12
C TYR C 179 -0.04 10.59 -19.80
N CYS C 180 0.28 10.84 -18.53
CA CYS C 180 0.77 12.13 -18.02
C CYS C 180 2.05 11.99 -17.22
N ALA C 181 2.97 12.95 -17.33
CA ALA C 181 4.23 12.92 -16.60
C ALA C 181 4.14 13.55 -15.20
N PRO C 182 4.76 12.93 -14.18
CA PRO C 182 4.84 13.50 -12.84
C PRO C 182 5.70 14.77 -12.83
N ALA C 183 5.65 15.56 -11.75
CA ALA C 183 6.37 16.83 -11.65
C ALA C 183 7.89 16.69 -11.90
N GLY C 184 8.49 17.66 -12.58
CA GLY C 184 9.91 17.61 -12.95
C GLY C 184 10.23 16.76 -14.19
N TYR C 185 9.23 16.15 -14.82
CA TYR C 185 9.33 15.51 -16.13
C TYR C 185 8.37 16.17 -17.12
N ALA C 186 8.69 16.12 -18.40
CA ALA C 186 7.89 16.72 -19.46
C ALA C 186 7.72 15.75 -20.63
N ILE C 187 6.59 15.78 -21.33
CA ILE C 187 6.33 14.87 -22.46
C ILE C 187 6.46 15.65 -23.75
N LEU C 188 7.30 15.17 -24.67
CA LEU C 188 7.56 15.80 -25.95
C LEU C 188 6.87 15.04 -27.09
N LYS C 189 6.08 15.74 -27.91
CA LYS C 189 5.59 15.26 -29.19
C LYS C 189 6.57 15.63 -30.29
N CYS C 190 6.83 14.74 -31.24
CA CYS C 190 7.42 15.12 -32.52
C CYS C 190 6.32 15.58 -33.48
N ASN C 191 6.29 16.87 -33.84
CA ASN C 191 5.30 17.43 -34.76
C ASN C 191 5.87 17.56 -36.19
N ASP C 192 7.07 17.05 -36.43
CA ASP C 192 7.68 16.99 -37.75
C ASP C 192 7.03 15.86 -38.57
N GLU C 193 5.96 16.18 -39.28
CA GLU C 193 5.16 15.24 -40.06
C GLU C 193 6.00 14.41 -41.06
N THR C 194 5.63 13.15 -41.26
CA THR C 194 6.42 12.12 -41.99
C THR C 194 7.67 11.63 -41.27
N PHE C 195 7.84 11.94 -39.98
CA PHE C 195 8.78 11.22 -39.13
C PHE C 195 8.45 9.72 -39.13
N ASN C 196 9.42 8.90 -39.48
CA ASN C 196 9.27 7.49 -39.83
C ASN C 196 9.78 6.56 -38.72
N GLY C 197 9.69 6.98 -37.46
CA GLY C 197 9.95 6.15 -36.29
C GLY C 197 11.29 6.38 -35.59
N THR C 198 12.34 6.84 -36.27
CA THR C 198 13.64 7.13 -35.63
C THR C 198 14.37 8.30 -36.28
N GLY C 199 15.15 9.05 -35.50
CA GLY C 199 16.05 10.11 -35.98
C GLY C 199 15.75 11.50 -35.42
N PRO C 200 16.47 12.53 -35.88
CA PRO C 200 16.30 13.89 -35.39
C PRO C 200 14.99 14.50 -35.87
N CYS C 201 14.03 14.68 -34.98
CA CYS C 201 12.78 15.37 -35.27
C CYS C 201 13.00 16.88 -35.28
N SER C 202 12.73 17.58 -36.39
CA SER C 202 13.09 19.00 -36.55
C SER C 202 12.07 20.00 -35.99
N ASN C 203 11.03 19.53 -35.30
CA ASN C 203 9.94 20.35 -34.79
C ASN C 203 9.25 19.65 -33.60
N VAL C 204 9.41 20.18 -32.39
CA VAL C 204 9.02 19.50 -31.15
C VAL C 204 8.08 20.38 -30.33
N SER C 205 7.06 19.78 -29.71
CA SER C 205 6.13 20.46 -28.81
C SER C 205 6.01 19.73 -27.49
N THR C 206 5.89 20.45 -26.39
CA THR C 206 5.61 19.89 -25.05
C THR C 206 4.12 19.65 -24.88
N VAL C 207 3.74 18.68 -24.08
CA VAL C 207 2.40 18.50 -23.52
C VAL C 207 2.51 18.01 -22.08
N GLN C 208 1.51 18.27 -21.23
CA GLN C 208 1.47 17.61 -19.91
C GLN C 208 1.05 16.15 -20.01
N CYS C 209 0.22 15.82 -21.01
CA CYS C 209 -0.36 14.49 -21.21
C CYS C 209 -0.51 14.16 -22.71
N THR C 210 -0.40 12.89 -23.08
CA THR C 210 -0.64 12.42 -24.46
C THR C 210 -2.08 12.70 -24.93
N HIS C 211 -2.32 12.62 -26.24
CA HIS C 211 -3.68 12.48 -26.78
C HIS C 211 -4.37 11.25 -26.18
N GLY C 212 -5.68 11.17 -26.25
CA GLY C 212 -6.45 10.08 -25.67
C GLY C 212 -6.24 8.77 -26.43
N ILE C 213 -5.41 7.87 -25.89
CA ILE C 213 -5.09 6.58 -26.49
C ILE C 213 -6.26 5.63 -26.25
N ARG C 214 -6.82 4.96 -27.26
CA ARG C 214 -7.72 3.83 -27.03
C ARG C 214 -6.90 2.56 -26.95
N PRO C 215 -7.04 1.72 -25.92
CA PRO C 215 -6.27 0.48 -25.76
C PRO C 215 -6.88 -0.67 -26.57
N VAL C 216 -6.98 -0.54 -27.90
CA VAL C 216 -7.71 -1.49 -28.77
C VAL C 216 -6.85 -2.69 -29.16
N VAL C 217 -7.29 -3.90 -28.81
CA VAL C 217 -6.58 -5.15 -29.11
C VAL C 217 -7.14 -5.85 -30.35
N SER C 218 -6.39 -5.90 -31.43
CA SER C 218 -6.64 -6.73 -32.62
C SER C 218 -5.32 -7.02 -33.33
N THR C 219 -5.22 -8.11 -34.09
CA THR C 219 -3.92 -8.76 -34.37
C THR C 219 -3.55 -8.88 -35.84
N GLN C 220 -4.20 -8.19 -36.77
CA GLN C 220 -3.78 -8.23 -38.18
C GLN C 220 -4.06 -6.91 -38.85
N LEU C 221 -5.31 -6.47 -38.78
CA LEU C 221 -5.65 -5.07 -38.91
C LEU C 221 -5.61 -4.43 -37.53
N LEU C 222 -5.30 -3.15 -37.47
CA LEU C 222 -5.42 -2.29 -36.30
C LEU C 222 -6.70 -1.47 -36.43
N LEU C 223 -7.43 -1.30 -35.34
CA LEU C 223 -8.75 -0.70 -35.36
C LEU C 223 -8.80 0.60 -34.55
N ASN C 224 -9.58 1.57 -35.03
CA ASN C 224 -9.92 2.84 -34.37
C ASN C 224 -8.73 3.70 -33.90
N GLY C 225 -7.59 3.63 -34.57
CA GLY C 225 -6.44 4.48 -34.24
C GLY C 225 -6.51 5.91 -34.79
N SER C 226 -5.37 6.61 -34.72
CA SER C 226 -5.13 7.89 -35.38
C SER C 226 -4.46 7.71 -36.75
N LEU C 227 -4.97 8.40 -37.77
CA LEU C 227 -4.49 8.34 -39.15
C LEU C 227 -3.12 9.02 -39.31
N ALA C 228 -2.39 8.76 -40.38
CA ALA C 228 -1.24 9.60 -40.77
C ALA C 228 -1.73 10.76 -41.64
N GLU C 229 -1.69 11.97 -41.13
CA GLU C 229 -2.45 13.10 -41.70
C GLU C 229 -1.88 13.66 -43.00
N LYS C 230 -0.58 13.49 -43.25
CA LYS C 230 0.05 13.97 -44.49
C LYS C 230 -0.08 12.96 -45.63
N GLU C 231 0.30 11.71 -45.39
CA GLU C 231 0.42 10.64 -46.36
C GLU C 231 0.52 9.29 -45.64
N ILE C 232 0.33 8.16 -46.33
CA ILE C 232 0.65 6.84 -45.78
C ILE C 232 2.12 6.76 -45.35
N VAL C 233 2.38 6.08 -44.24
CA VAL C 233 3.70 5.94 -43.61
C VAL C 233 3.96 4.47 -43.27
N ILE C 234 5.18 4.02 -43.50
CA ILE C 234 5.65 2.64 -43.27
C ILE C 234 6.79 2.67 -42.24
N ARG C 235 6.64 1.97 -41.12
CA ARG C 235 7.63 1.98 -40.04
C ARG C 235 8.12 0.57 -39.74
N SER C 236 9.43 0.37 -39.64
CA SER C 236 9.99 -0.81 -38.97
C SER C 236 11.40 -0.56 -38.50
N GLU C 237 11.83 -1.22 -37.43
CA GLU C 237 13.17 -1.04 -36.85
C GLU C 237 14.30 -1.32 -37.86
N ASN C 238 14.12 -2.27 -38.78
CA ASN C 238 14.98 -2.44 -39.96
C ASN C 238 14.23 -3.14 -41.11
N LEU C 239 13.77 -2.40 -42.12
CA LEU C 239 13.03 -2.96 -43.26
C LEU C 239 13.80 -4.04 -44.04
N THR C 240 15.13 -4.01 -44.05
CA THR C 240 15.93 -4.99 -44.79
C THR C 240 15.88 -6.35 -44.10
N ASN C 241 15.91 -6.41 -42.77
CA ASN C 241 15.67 -7.64 -42.01
C ASN C 241 14.19 -8.04 -42.08
N ASN C 242 13.85 -9.07 -42.86
CA ASN C 242 12.46 -9.45 -43.09
C ASN C 242 11.71 -9.91 -41.83
N ALA C 243 12.41 -10.24 -40.74
CA ALA C 243 11.79 -10.69 -39.50
C ALA C 243 11.26 -9.55 -38.61
N LYS C 244 11.45 -8.28 -38.97
CA LYS C 244 10.94 -7.13 -38.22
C LYS C 244 9.57 -6.70 -38.74
N ILE C 245 8.58 -6.65 -37.84
CA ILE C 245 7.19 -6.32 -38.19
C ILE C 245 7.12 -4.92 -38.76
N ILE C 246 6.34 -4.75 -39.82
CA ILE C 246 6.17 -3.49 -40.53
C ILE C 246 4.83 -2.95 -40.14
N ILE C 247 4.80 -1.89 -39.37
CA ILE C 247 3.57 -1.19 -39.00
C ILE C 247 3.30 -0.17 -40.10
N VAL C 248 2.12 -0.22 -40.69
CA VAL C 248 1.67 0.75 -41.70
C VAL C 248 0.60 1.65 -41.10
N HIS C 249 0.59 2.95 -41.35
CA HIS C 249 -0.54 3.84 -41.05
C HIS C 249 -1.26 4.28 -42.31
N LEU C 250 -2.59 4.23 -42.29
CA LEU C 250 -3.43 4.73 -43.39
C LEU C 250 -3.67 6.23 -43.28
N HIS C 251 -3.81 6.88 -44.42
CA HIS C 251 -4.21 8.28 -44.53
C HIS C 251 -5.74 8.44 -44.46
N THR C 252 -6.49 7.60 -45.17
CA THR C 252 -7.96 7.50 -45.10
C THR C 252 -8.39 6.14 -44.52
N PRO C 253 -9.24 6.05 -43.50
CA PRO C 253 -9.66 4.77 -42.95
C PRO C 253 -10.55 4.00 -43.92
N VAL C 254 -10.62 2.68 -43.77
CA VAL C 254 -11.64 1.82 -44.41
C VAL C 254 -12.65 1.42 -43.36
N GLU C 255 -13.93 1.60 -43.63
CA GLU C 255 -15.00 1.28 -42.69
C GLU C 255 -15.32 -0.22 -42.75
N ILE C 256 -15.17 -0.92 -41.62
CA ILE C 256 -15.46 -2.35 -41.49
C ILE C 256 -16.72 -2.52 -40.66
N VAL C 257 -17.70 -3.28 -41.16
CA VAL C 257 -18.88 -3.70 -40.41
C VAL C 257 -18.65 -5.11 -39.96
N CYS C 258 -18.59 -5.35 -38.66
CA CYS C 258 -18.49 -6.69 -38.09
C CYS C 258 -19.78 -7.03 -37.36
N THR C 259 -20.30 -8.20 -37.66
CA THR C 259 -21.69 -8.51 -37.35
C THR C 259 -21.86 -9.97 -37.06
N ARG C 260 -23.01 -10.26 -36.50
CA ARG C 260 -23.54 -11.58 -36.28
C ARG C 260 -24.95 -11.59 -36.84
N PRO C 261 -25.42 -12.70 -37.40
CA PRO C 261 -26.87 -12.90 -37.32
C PRO C 261 -27.16 -14.31 -36.82
N ASN C 262 -27.70 -14.33 -35.62
CA ASN C 262 -28.30 -15.38 -34.80
C ASN C 262 -29.28 -14.60 -33.89
N ASN C 263 -30.34 -15.19 -33.35
CA ASN C 263 -31.06 -14.55 -32.24
C ASN C 263 -31.10 -15.56 -31.08
N ASN C 264 -30.65 -15.06 -29.94
CA ASN C 264 -30.01 -15.82 -28.89
C ASN C 264 -30.33 -15.29 -27.51
N THR C 265 -30.39 -16.21 -26.59
CA THR C 265 -31.05 -16.12 -25.31
C THR C 265 -30.01 -16.54 -24.28
N ARG C 266 -30.08 -15.99 -23.07
CA ARG C 266 -29.04 -16.16 -22.07
C ARG C 266 -29.65 -16.73 -20.80
N LYS C 267 -28.89 -17.63 -20.21
CA LYS C 267 -29.32 -18.66 -19.29
C LYS C 267 -28.41 -18.55 -18.09
N SER C 268 -28.94 -18.83 -16.90
CA SER C 268 -28.20 -18.69 -15.66
C SER C 268 -28.25 -20.02 -14.93
N VAL C 269 -27.07 -20.45 -14.52
CA VAL C 269 -26.69 -21.78 -14.04
C VAL C 269 -25.77 -21.50 -12.89
N ARG C 270 -25.81 -22.34 -11.86
CA ARG C 270 -25.18 -22.16 -10.54
C ARG C 270 -24.54 -23.47 -10.04
N ILE C 271 -23.44 -23.45 -9.25
CA ILE C 271 -22.98 -24.66 -8.51
C ILE C 271 -22.29 -24.29 -7.15
N GLY C 272 -23.15 -24.09 -6.12
CA GLY C 272 -22.77 -23.12 -5.07
C GLY C 272 -23.34 -22.99 -3.62
N PRO C 273 -22.80 -21.89 -3.04
CA PRO C 273 -23.31 -20.96 -2.01
C PRO C 273 -23.36 -19.57 -2.80
N GLY C 274 -24.09 -18.45 -2.58
CA GLY C 274 -24.40 -17.70 -3.87
C GLY C 274 -23.65 -16.54 -4.58
N GLN C 275 -23.76 -16.76 -5.91
CA GLN C 275 -22.96 -16.47 -7.13
C GLN C 275 -23.89 -16.55 -8.36
N THR C 276 -23.65 -15.88 -9.52
CA THR C 276 -24.31 -16.31 -10.78
C THR C 276 -23.36 -16.47 -11.96
N PHE C 277 -23.62 -17.46 -12.83
CA PHE C 277 -22.81 -17.87 -13.95
C PHE C 277 -23.75 -17.92 -15.13
N TYR C 278 -23.23 -17.55 -16.29
CA TYR C 278 -24.02 -17.26 -17.48
C TYR C 278 -23.52 -18.08 -18.66
N ALA C 279 -24.49 -18.60 -19.35
CA ALA C 279 -24.47 -19.79 -20.15
C ALA C 279 -25.44 -19.52 -21.30
N THR C 280 -25.39 -20.31 -22.35
CA THR C 280 -25.97 -19.97 -23.65
C THR C 280 -27.13 -20.92 -23.89
N GLY C 281 -28.12 -20.35 -24.56
CA GLY C 281 -29.53 -20.64 -24.50
C GLY C 281 -30.03 -20.96 -25.87
N ASP C 282 -31.34 -20.97 -26.00
CA ASP C 282 -32.07 -21.55 -27.12
C ASP C 282 -32.48 -20.39 -28.04
N ILE C 283 -32.64 -20.72 -29.32
CA ILE C 283 -32.44 -19.88 -30.49
C ILE C 283 -33.73 -19.77 -31.31
N ILE C 284 -33.81 -18.65 -32.05
CA ILE C 284 -34.92 -18.15 -32.85
C ILE C 284 -34.35 -17.91 -34.25
N GLY C 285 -35.03 -18.33 -35.34
CA GLY C 285 -34.24 -18.68 -36.52
C GLY C 285 -34.49 -18.15 -37.93
N ASP C 286 -33.39 -17.58 -38.42
CA ASP C 286 -32.89 -17.43 -39.78
C ASP C 286 -31.35 -17.45 -39.58
N ILE C 287 -30.55 -18.15 -40.41
CA ILE C 287 -29.20 -18.51 -39.96
C ILE C 287 -28.17 -18.24 -41.06
N LYS C 288 -27.14 -17.50 -40.67
CA LYS C 288 -25.90 -17.25 -41.39
C LYS C 288 -24.76 -17.21 -40.37
N GLN C 289 -23.54 -17.49 -40.78
CA GLN C 289 -22.40 -17.43 -39.88
C GLN C 289 -22.03 -15.97 -39.52
N ALA C 290 -21.50 -15.73 -38.33
CA ALA C 290 -20.97 -14.41 -37.97
C ALA C 290 -19.88 -13.97 -38.94
N HIS C 291 -19.87 -12.71 -39.39
CA HIS C 291 -19.00 -12.26 -40.49
C HIS C 291 -18.68 -10.76 -40.44
N CYS C 292 -17.68 -10.34 -41.21
CA CYS C 292 -17.35 -8.93 -41.39
C CYS C 292 -17.28 -8.53 -42.86
N ASN C 293 -17.70 -7.31 -43.16
CA ASN C 293 -17.74 -6.77 -44.51
C ASN C 293 -16.81 -5.57 -44.68
N ILE C 294 -15.95 -5.64 -45.69
CA ILE C 294 -15.02 -4.59 -46.11
C ILE C 294 -15.36 -4.18 -47.54
N SER C 295 -15.51 -2.90 -47.83
CA SER C 295 -15.89 -2.46 -49.18
C SER C 295 -14.73 -2.58 -50.16
N GLU C 296 -14.84 -3.46 -51.16
CA GLU C 296 -13.84 -3.68 -52.22
C GLU C 296 -13.38 -2.36 -52.84
N GLU C 297 -14.33 -1.49 -53.16
CA GLU C 297 -14.12 -0.15 -53.72
C GLU C 297 -13.05 0.67 -52.97
N LYS C 298 -13.03 0.59 -51.63
CA LYS C 298 -12.06 1.28 -50.77
C LYS C 298 -10.79 0.45 -50.55
N TRP C 299 -10.95 -0.84 -50.31
CA TRP C 299 -9.84 -1.70 -49.92
C TRP C 299 -8.83 -1.87 -51.05
N ASN C 300 -9.33 -2.02 -52.27
CA ASN C 300 -8.53 -2.15 -53.48
C ASN C 300 -7.51 -1.00 -53.59
N ASP C 301 -8.01 0.24 -53.56
CA ASP C 301 -7.19 1.45 -53.53
C ASP C 301 -6.20 1.47 -52.38
N THR C 302 -6.61 1.00 -51.21
CA THR C 302 -5.79 1.08 -50.01
C THR C 302 -4.58 0.17 -50.11
N LEU C 303 -4.76 -1.09 -50.50
CA LEU C 303 -3.63 -1.96 -50.78
C LEU C 303 -2.85 -1.55 -52.04
N GLN C 304 -3.46 -0.85 -53.00
CA GLN C 304 -2.71 -0.23 -54.11
C GLN C 304 -1.76 0.87 -53.62
N LYS C 305 -2.26 1.87 -52.86
CA LYS C 305 -1.45 2.98 -52.34
C LYS C 305 -0.29 2.50 -51.48
N VAL C 306 -0.57 1.61 -50.52
CA VAL C 306 0.47 1.02 -49.67
C VAL C 306 1.52 0.29 -50.50
N GLY C 307 1.13 -0.33 -51.61
CA GLY C 307 2.06 -0.99 -52.53
C GLY C 307 3.02 0.01 -53.17
N ILE C 308 2.53 1.17 -53.61
CA ILE C 308 3.37 2.24 -54.17
C ILE C 308 4.37 2.71 -53.11
N GLU C 309 3.90 2.94 -51.89
CA GLU C 309 4.74 3.39 -50.79
C GLU C 309 5.81 2.36 -50.43
N LEU C 310 5.49 1.07 -50.41
CA LEU C 310 6.47 0.00 -50.20
C LEU C 310 7.48 -0.05 -51.35
N GLN C 311 7.08 0.19 -52.60
CA GLN C 311 7.98 0.20 -53.75
C GLN C 311 9.06 1.31 -53.66
N LYS C 312 8.86 2.38 -52.88
CA LYS C 312 9.92 3.36 -52.59
C LYS C 312 11.01 2.84 -51.63
N HIS C 313 10.78 1.69 -50.99
CA HIS C 313 11.80 0.91 -50.28
C HIS C 313 12.19 -0.38 -51.02
N PHE C 314 11.32 -0.89 -51.88
CA PHE C 314 11.52 -2.11 -52.67
C PHE C 314 11.40 -1.81 -54.17
N PRO C 315 12.40 -1.13 -54.75
CA PRO C 315 12.32 -0.54 -56.09
C PRO C 315 12.44 -1.58 -57.21
N ASN C 316 11.88 -1.24 -58.37
CA ASN C 316 11.89 -2.04 -59.61
C ASN C 316 11.37 -3.49 -59.48
N LYS C 317 10.60 -3.80 -58.45
CA LYS C 317 9.98 -5.12 -58.23
C LYS C 317 8.49 -5.04 -57.91
N THR C 318 7.76 -6.04 -58.36
CA THR C 318 6.31 -6.18 -58.15
C THR C 318 6.03 -6.67 -56.74
N ILE C 319 5.02 -6.11 -56.08
CA ILE C 319 4.63 -6.46 -54.71
C ILE C 319 3.33 -7.26 -54.71
N LYS C 320 3.29 -8.40 -54.00
CA LYS C 320 2.07 -9.20 -53.79
C LYS C 320 1.72 -9.36 -52.31
N TYR C 321 0.45 -9.25 -51.96
CA TYR C 321 -0.03 -9.57 -50.61
C TYR C 321 -0.50 -11.03 -50.58
N ASN C 322 -0.23 -11.77 -49.51
CA ASN C 322 -0.57 -13.19 -49.38
C ASN C 322 -1.11 -13.57 -47.98
N GLN C 323 -1.57 -14.81 -47.82
CA GLN C 323 -2.18 -15.32 -46.57
C GLN C 323 -1.24 -15.24 -45.38
N SER C 324 -1.80 -15.14 -44.17
CA SER C 324 -1.01 -15.39 -42.95
C SER C 324 -0.43 -16.80 -42.99
N ALA C 325 0.83 -16.97 -42.61
CA ALA C 325 1.59 -18.14 -43.03
C ALA C 325 1.14 -19.47 -42.40
N GLY C 326 0.92 -19.52 -41.08
CA GLY C 326 0.61 -20.76 -40.40
C GLY C 326 0.53 -20.67 -38.87
N GLY C 327 0.03 -21.75 -38.26
CA GLY C 327 -0.32 -21.83 -36.84
C GLY C 327 -1.83 -21.99 -36.60
N ASP C 328 -2.23 -21.90 -35.33
CA ASP C 328 -3.63 -21.96 -34.92
C ASP C 328 -4.40 -20.66 -35.23
N MET C 329 -5.72 -20.64 -35.05
CA MET C 329 -6.53 -19.44 -35.24
C MET C 329 -6.05 -18.26 -34.38
N GLU C 330 -5.51 -18.53 -33.19
CA GLU C 330 -5.02 -17.53 -32.24
C GLU C 330 -3.94 -16.61 -32.81
N ILE C 331 -3.25 -17.02 -33.90
CA ILE C 331 -2.24 -16.19 -34.59
C ILE C 331 -2.60 -15.95 -36.07
N THR C 332 -3.12 -16.95 -36.78
CA THR C 332 -3.42 -16.85 -38.23
C THR C 332 -4.68 -16.08 -38.57
N THR C 333 -5.47 -15.63 -37.59
CA THR C 333 -6.70 -14.86 -37.81
C THR C 333 -6.68 -13.48 -37.14
N HIS C 334 -7.47 -12.57 -37.69
CA HIS C 334 -7.76 -11.25 -37.13
C HIS C 334 -8.59 -11.41 -35.84
N SER C 335 -7.94 -11.35 -34.68
CA SER C 335 -8.60 -11.32 -33.36
C SER C 335 -9.43 -10.05 -33.15
N PHE C 336 -10.20 -9.92 -32.08
CA PHE C 336 -11.20 -8.85 -31.94
C PHE C 336 -11.69 -8.70 -30.49
N ASN C 337 -12.62 -7.78 -30.24
CA ASN C 337 -13.44 -7.72 -29.02
C ASN C 337 -14.83 -7.03 -29.22
N CYS C 338 -15.54 -7.34 -30.30
CA CYS C 338 -16.72 -6.57 -30.75
C CYS C 338 -17.93 -6.73 -29.82
N GLY C 339 -18.47 -5.63 -29.28
CA GLY C 339 -19.75 -5.63 -28.55
C GLY C 339 -19.81 -6.51 -27.28
N GLY C 340 -18.68 -7.07 -26.84
CA GLY C 340 -18.58 -8.01 -25.73
C GLY C 340 -18.45 -9.49 -26.12
N GLU C 341 -18.18 -9.79 -27.38
CA GLU C 341 -17.89 -11.15 -27.88
C GLU C 341 -16.52 -11.20 -28.56
N PHE C 342 -15.79 -12.29 -28.42
CA PHE C 342 -14.47 -12.43 -29.00
C PHE C 342 -14.53 -13.10 -30.36
N PHE C 343 -14.59 -12.31 -31.42
CA PHE C 343 -14.53 -12.81 -32.79
C PHE C 343 -13.12 -13.27 -33.16
N TYR C 344 -12.99 -14.18 -34.11
CA TYR C 344 -11.74 -14.57 -34.75
C TYR C 344 -11.98 -14.76 -36.24
N CYS C 345 -11.60 -13.79 -37.07
CA CYS C 345 -12.00 -13.76 -38.48
C CYS C 345 -10.88 -14.17 -39.43
N ASN C 346 -11.18 -15.06 -40.37
CA ASN C 346 -10.29 -15.45 -41.44
C ASN C 346 -9.96 -14.25 -42.34
N THR C 347 -8.71 -14.08 -42.75
CA THR C 347 -8.29 -13.02 -43.70
C THR C 347 -7.68 -13.55 -44.99
N SER C 348 -7.62 -14.86 -45.24
CA SER C 348 -7.08 -15.38 -46.52
C SER C 348 -7.90 -14.97 -47.74
N ASN C 349 -9.16 -14.56 -47.56
CA ASN C 349 -10.01 -13.99 -48.60
C ASN C 349 -9.62 -12.55 -49.01
N LEU C 350 -8.82 -11.84 -48.20
CA LEU C 350 -8.58 -10.39 -48.25
C LEU C 350 -7.16 -10.03 -48.71
N PHE C 351 -6.13 -10.58 -48.07
CA PHE C 351 -4.72 -10.41 -48.48
C PHE C 351 -4.37 -11.37 -49.62
N ASN C 352 -4.90 -11.13 -50.81
CA ASN C 352 -4.84 -12.06 -51.92
C ASN C 352 -4.62 -11.41 -53.30
N GLY C 353 -4.04 -12.20 -54.20
CA GLY C 353 -4.14 -12.09 -55.66
C GLY C 353 -3.70 -10.77 -56.27
N THR C 354 -2.96 -9.94 -55.54
CA THR C 354 -2.80 -8.53 -55.88
C THR C 354 -1.43 -8.26 -56.47
N TYR C 355 -1.48 -7.63 -57.64
CA TYR C 355 -0.37 -7.34 -58.53
C TYR C 355 0.33 -6.02 -58.16
N ASN C 356 1.22 -5.54 -59.02
CA ASN C 356 2.06 -4.37 -58.81
C ASN C 356 1.25 -3.11 -58.46
N GLY C 357 1.36 -2.59 -57.22
CA GLY C 357 0.61 -1.43 -56.74
C GLY C 357 0.77 -0.19 -57.63
N THR C 358 1.98 0.07 -58.14
CA THR C 358 2.21 1.15 -59.12
C THR C 358 1.43 0.92 -60.42
N TYR C 359 1.46 -0.28 -61.00
CA TYR C 359 0.66 -0.57 -62.21
C TYR C 359 -0.85 -0.48 -61.92
N ILE C 360 -1.32 -0.91 -60.75
CA ILE C 360 -2.74 -0.83 -60.35
C ILE C 360 -3.24 0.63 -60.27
N SER C 361 -2.35 1.63 -60.15
CA SER C 361 -2.76 3.04 -60.28
C SER C 361 -3.43 3.35 -61.63
N THR C 362 -3.16 2.56 -62.67
CA THR C 362 -3.81 2.61 -63.99
C THR C 362 -5.28 2.15 -63.94
N ASN C 363 -5.67 1.43 -62.88
CA ASN C 363 -7.04 1.03 -62.58
C ASN C 363 -7.69 2.10 -61.68
N SER C 364 -7.52 2.02 -60.35
CA SER C 364 -7.72 3.11 -59.36
C SER C 364 -9.06 3.86 -59.41
N SER C 365 -10.10 3.27 -60.01
CA SER C 365 -11.38 3.91 -60.30
C SER C 365 -12.46 2.88 -60.61
N ALA C 366 -13.63 3.01 -59.97
CA ALA C 366 -14.78 2.11 -60.10
C ALA C 366 -16.10 2.76 -59.68
N ASN C 367 -17.22 2.18 -60.11
CA ASN C 367 -18.51 2.37 -59.41
C ASN C 367 -18.56 1.56 -58.11
N SER C 368 -19.46 1.91 -57.20
CA SER C 368 -19.66 1.13 -55.97
C SER C 368 -20.24 -0.26 -56.25
N THR C 369 -19.91 -1.23 -55.38
CA THR C 369 -20.06 -2.66 -55.66
C THR C 369 -20.26 -3.48 -54.37
N SER C 370 -20.12 -4.80 -54.46
CA SER C 370 -20.21 -5.74 -53.34
C SER C 370 -19.10 -5.58 -52.29
N THR C 371 -19.35 -6.12 -51.10
CA THR C 371 -18.37 -6.17 -50.02
C THR C 371 -17.53 -7.44 -50.12
N ILE C 372 -16.22 -7.34 -49.88
CA ILE C 372 -15.42 -8.50 -49.46
C ILE C 372 -15.97 -8.96 -48.11
N THR C 373 -16.31 -10.21 -47.98
CA THR C 373 -16.92 -10.79 -46.80
C THR C 373 -15.97 -11.81 -46.15
N LEU C 374 -15.75 -11.67 -44.85
CA LEU C 374 -14.89 -12.52 -44.04
C LEU C 374 -15.74 -13.42 -43.14
N GLN C 375 -15.55 -14.73 -43.21
CA GLN C 375 -16.14 -15.67 -42.26
C GLN C 375 -15.43 -15.63 -40.91
N CYS C 376 -16.17 -15.67 -39.80
CA CYS C 376 -15.60 -15.55 -38.46
C CYS C 376 -16.00 -16.69 -37.52
N ARG C 377 -15.01 -17.29 -36.86
CA ARG C 377 -15.20 -18.18 -35.69
C ARG C 377 -15.52 -17.30 -34.48
N ILE C 378 -16.18 -17.83 -33.45
CA ILE C 378 -16.31 -17.16 -32.14
C ILE C 378 -15.95 -18.14 -31.03
N LYS C 379 -15.40 -17.67 -29.91
CA LYS C 379 -15.12 -18.54 -28.76
C LYS C 379 -15.19 -17.76 -27.44
N GLN C 380 -15.41 -18.44 -26.32
CA GLN C 380 -15.65 -17.80 -25.03
C GLN C 380 -14.53 -18.03 -24.01
N ILE C 381 -13.81 -19.16 -24.06
CA ILE C 381 -12.68 -19.46 -23.17
C ILE C 381 -11.41 -18.86 -23.75
N ILE C 382 -10.80 -17.91 -23.06
CA ILE C 382 -9.79 -17.02 -23.62
C ILE C 382 -8.52 -17.00 -22.77
N ASN C 383 -7.37 -17.03 -23.42
CA ASN C 383 -6.04 -16.95 -22.81
C ASN C 383 -5.35 -15.65 -23.26
N MET C 384 -6.04 -14.53 -23.02
CA MET C 384 -5.93 -13.23 -23.72
C MET C 384 -4.52 -12.76 -24.07
N TRP C 385 -3.66 -12.55 -23.07
CA TRP C 385 -2.31 -12.00 -23.25
C TRP C 385 -1.29 -13.06 -23.66
N GLN C 386 -1.63 -13.85 -24.68
CA GLN C 386 -0.82 -14.97 -25.20
C GLN C 386 -0.33 -15.90 -24.07
N GLY C 387 -1.29 -16.28 -23.21
CA GLY C 387 -1.09 -17.13 -22.04
C GLY C 387 -0.63 -16.41 -20.76
N VAL C 388 -0.17 -15.15 -20.85
CA VAL C 388 0.11 -14.32 -19.67
C VAL C 388 -1.20 -13.87 -19.01
N GLY C 389 -1.20 -13.74 -17.69
CA GLY C 389 -2.42 -13.48 -16.92
C GLY C 389 -3.36 -14.68 -16.84
N ARG C 390 -4.49 -14.52 -16.15
CA ARG C 390 -5.45 -15.61 -15.94
C ARG C 390 -6.22 -15.98 -17.22
N CYS C 391 -6.70 -17.21 -17.27
CA CYS C 391 -7.73 -17.62 -18.23
C CYS C 391 -9.04 -16.89 -17.92
N MET C 392 -9.76 -16.45 -18.93
CA MET C 392 -11.04 -15.76 -18.80
C MET C 392 -12.13 -16.48 -19.56
N TYR C 393 -13.33 -16.57 -18.98
CA TYR C 393 -14.53 -16.94 -19.72
C TYR C 393 -15.36 -15.69 -19.97
N ALA C 394 -15.60 -15.35 -21.23
CA ALA C 394 -16.53 -14.29 -21.60
C ALA C 394 -17.97 -14.84 -21.57
N PRO C 395 -18.91 -14.27 -20.80
CA PRO C 395 -20.29 -14.72 -20.80
C PRO C 395 -20.95 -14.40 -22.16
N PRO C 396 -21.94 -15.17 -22.63
CA PRO C 396 -22.61 -14.88 -23.89
C PRO C 396 -23.42 -13.58 -23.81
N ILE C 397 -23.66 -12.94 -24.95
CA ILE C 397 -24.48 -11.73 -25.05
C ILE C 397 -25.81 -12.04 -25.74
N ALA C 398 -26.90 -11.49 -25.19
CA ALA C 398 -28.25 -11.67 -25.71
C ALA C 398 -28.43 -10.95 -27.05
N GLY C 399 -28.90 -11.66 -28.07
CA GLY C 399 -29.40 -11.06 -29.31
C GLY C 399 -28.42 -10.17 -30.08
N ASN C 400 -28.59 -8.85 -29.96
CA ASN C 400 -28.21 -7.86 -30.97
C ASN C 400 -26.72 -7.41 -30.99
N ILE C 401 -25.81 -8.35 -31.19
CA ILE C 401 -24.38 -8.08 -31.43
C ILE C 401 -24.14 -7.53 -32.86
N THR C 402 -23.53 -6.35 -32.97
CA THR C 402 -22.99 -5.73 -34.19
C THR C 402 -22.12 -4.53 -33.79
N CYS C 403 -21.03 -4.27 -34.50
CA CYS C 403 -20.23 -3.07 -34.30
C CYS C 403 -19.60 -2.60 -35.61
N ARG C 404 -19.20 -1.33 -35.67
CA ARG C 404 -18.62 -0.67 -36.83
C ARG C 404 -17.31 0.01 -36.46
N SER C 405 -16.26 -0.21 -37.21
CA SER C 405 -14.91 0.28 -36.87
C SER C 405 -14.22 0.89 -38.08
N ASN C 406 -13.13 1.59 -37.83
CA ASN C 406 -12.23 2.09 -38.86
C ASN C 406 -10.93 1.28 -38.84
N ILE C 407 -10.56 0.67 -39.95
CA ILE C 407 -9.19 0.20 -40.17
C ILE C 407 -8.31 1.44 -40.25
N THR C 408 -7.28 1.56 -39.43
CA THR C 408 -6.31 2.68 -39.54
C THR C 408 -4.89 2.24 -39.79
N GLY C 409 -4.56 0.97 -39.61
CA GLY C 409 -3.21 0.46 -39.82
C GLY C 409 -3.18 -1.04 -39.93
N LEU C 410 -2.07 -1.58 -40.37
CA LEU C 410 -1.90 -3.01 -40.66
C LEU C 410 -0.63 -3.48 -39.97
N LEU C 411 -0.54 -4.73 -39.57
CA LEU C 411 0.72 -5.31 -39.10
C LEU C 411 1.20 -6.34 -40.12
N LEU C 412 2.32 -6.08 -40.79
CA LEU C 412 2.84 -6.94 -41.85
C LEU C 412 4.19 -7.53 -41.47
N THR C 413 4.64 -8.52 -42.23
CA THR C 413 6.07 -8.84 -42.42
C THR C 413 6.29 -9.04 -43.91
N ARG C 414 7.53 -8.95 -44.39
CA ARG C 414 7.83 -9.46 -45.73
C ARG C 414 7.75 -10.99 -45.71
N ASP C 415 7.68 -11.57 -46.90
CA ASP C 415 7.72 -13.01 -47.11
C ASP C 415 9.11 -13.58 -46.77
N GLY C 416 9.24 -14.90 -46.77
CA GLY C 416 10.54 -15.58 -46.60
C GLY C 416 11.54 -15.30 -47.74
N GLY C 417 12.81 -15.60 -47.49
CA GLY C 417 13.93 -15.36 -48.41
C GLY C 417 14.03 -16.33 -49.59
N THR C 418 12.96 -16.41 -50.38
CA THR C 418 12.93 -17.06 -51.70
C THR C 418 13.80 -16.30 -52.70
N ASN C 419 13.93 -16.80 -53.94
CA ASN C 419 14.74 -16.15 -54.98
C ASN C 419 14.39 -14.67 -55.20
N SER C 420 13.13 -14.27 -54.94
CA SER C 420 12.68 -12.87 -54.98
C SER C 420 12.96 -12.14 -56.31
N ASN C 421 13.09 -12.89 -57.41
CA ASN C 421 13.46 -12.35 -58.70
C ASN C 421 12.33 -11.46 -59.23
N GLU C 422 12.63 -10.18 -59.50
CA GLU C 422 11.67 -9.16 -59.97
C GLU C 422 10.44 -8.95 -59.07
N THR C 423 10.40 -9.55 -57.88
CA THR C 423 9.18 -9.66 -57.05
C THR C 423 9.48 -9.63 -55.57
N GLU C 424 8.51 -9.16 -54.79
CA GLU C 424 8.52 -9.20 -53.35
C GLU C 424 7.10 -9.46 -52.84
N THR C 425 6.96 -10.03 -51.66
CA THR C 425 5.67 -10.47 -51.12
C THR C 425 5.56 -10.13 -49.65
N PHE C 426 4.36 -9.90 -49.15
CA PHE C 426 4.07 -9.49 -47.77
C PHE C 426 2.88 -10.25 -47.21
N ARG C 427 2.86 -10.45 -45.90
CA ARG C 427 1.83 -11.21 -45.17
C ARG C 427 1.42 -10.46 -43.92
N PRO C 428 0.17 -10.52 -43.48
CA PRO C 428 -0.21 -10.03 -42.16
C PRO C 428 0.32 -10.91 -41.04
N ALA C 429 0.60 -10.36 -39.86
CA ALA C 429 1.04 -11.12 -38.69
C ALA C 429 0.71 -10.44 -37.36
N GLY C 430 0.53 -11.23 -36.30
CA GLY C 430 0.10 -10.71 -34.99
C GLY C 430 1.21 -10.16 -34.11
N GLY C 431 2.34 -10.86 -34.07
CA GLY C 431 3.41 -10.58 -33.13
C GLY C 431 2.94 -10.51 -31.67
N ASP C 432 3.66 -9.72 -30.88
CA ASP C 432 3.31 -9.32 -29.53
C ASP C 432 2.38 -8.09 -29.50
N MET C 433 1.54 -7.98 -28.47
CA MET C 433 0.50 -6.95 -28.37
C MET C 433 1.02 -5.52 -28.32
N ARG C 434 2.30 -5.32 -28.03
CA ARG C 434 3.00 -4.04 -27.95
C ARG C 434 2.80 -3.15 -29.17
N ASP C 435 2.65 -3.71 -30.36
CA ASP C 435 2.55 -2.93 -31.59
C ASP C 435 1.21 -2.22 -31.75
N ASN C 436 0.17 -2.64 -31.03
CA ASN C 436 -1.04 -1.87 -30.86
C ASN C 436 -0.82 -0.61 -30.01
N TRP C 437 0.28 -0.52 -29.23
CA TRP C 437 0.66 0.70 -28.53
C TRP C 437 1.63 1.54 -29.37
N ARG C 438 2.65 0.95 -29.98
CA ARG C 438 3.61 1.69 -30.82
C ARG C 438 2.92 2.41 -31.96
N SER C 439 1.84 1.87 -32.50
CA SER C 439 0.98 2.53 -33.48
C SER C 439 0.14 3.69 -32.92
N GLU C 440 0.46 4.22 -31.74
CA GLU C 440 -0.02 5.53 -31.27
C GLU C 440 1.10 6.34 -30.63
N LEU C 441 1.91 5.72 -29.78
CA LEU C 441 3.01 6.36 -29.04
C LEU C 441 4.30 6.51 -29.86
N TYR C 442 4.25 6.42 -31.19
CA TYR C 442 5.45 6.52 -32.03
C TYR C 442 6.10 7.91 -31.95
N LYS C 443 5.29 8.97 -31.90
CA LYS C 443 5.77 10.36 -31.86
C LYS C 443 5.96 10.94 -30.46
N TYR C 444 6.26 10.13 -29.45
CA TYR C 444 6.41 10.61 -28.07
C TYR C 444 7.75 10.26 -27.43
N LYS C 445 8.17 11.09 -26.47
CA LYS C 445 9.29 10.89 -25.53
C LYS C 445 8.95 11.47 -24.16
N VAL C 446 9.52 10.94 -23.09
CA VAL C 446 9.51 11.54 -21.74
C VAL C 446 10.91 12.03 -21.39
N VAL C 447 11.05 13.26 -20.87
CA VAL C 447 12.34 13.84 -20.46
C VAL C 447 12.30 14.36 -19.03
N LYS C 448 13.40 14.26 -18.30
CA LYS C 448 13.61 14.74 -16.93
C LYS C 448 14.28 16.11 -16.97
N ILE C 449 13.70 17.12 -16.34
CA ILE C 449 14.31 18.45 -16.28
C ILE C 449 15.46 18.42 -15.28
N GLU C 450 16.56 19.09 -15.58
CA GLU C 450 17.71 19.26 -14.68
C GLU C 450 17.93 20.74 -14.38
N PRO C 451 17.19 21.31 -13.43
CA PRO C 451 16.92 22.74 -13.39
C PRO C 451 18.06 23.60 -12.84
N LEU C 452 19.14 23.03 -12.29
CA LEU C 452 20.32 23.78 -11.84
C LEU C 452 21.26 24.05 -13.00
N GLY C 453 21.98 25.16 -12.96
CA GLY C 453 23.01 25.47 -13.94
C GLY C 453 24.01 26.49 -13.44
N VAL C 454 25.23 26.42 -13.96
CA VAL C 454 26.36 27.31 -13.67
C VAL C 454 26.84 27.96 -14.96
N ALA C 455 27.27 29.21 -14.90
CA ALA C 455 27.72 29.95 -16.06
C ALA C 455 28.68 31.09 -15.70
N PRO C 456 29.63 31.45 -16.57
CA PRO C 456 30.46 32.62 -16.39
C PRO C 456 29.70 33.90 -16.68
N THR C 457 29.88 34.93 -15.86
CA THR C 457 29.59 36.33 -16.22
C THR C 457 30.42 37.30 -15.37
N ARG C 458 30.48 38.57 -15.76
CA ARG C 458 31.25 39.66 -15.13
C ARG C 458 30.70 40.12 -13.78
N CYS C 459 29.64 39.51 -13.26
CA CYS C 459 29.19 39.77 -11.89
C CYS C 459 30.29 39.38 -10.90
N LYS C 460 31.00 40.36 -10.35
CA LYS C 460 32.35 40.11 -9.82
C LYS C 460 32.33 39.19 -8.61
N ARG C 461 31.45 39.48 -7.66
CA ARG C 461 31.36 38.84 -6.34
C ARG C 461 29.98 39.12 -5.75
N ARG C 462 29.57 38.37 -4.73
CA ARG C 462 28.52 38.80 -3.81
C ARG C 462 29.11 39.69 -2.73
N VAL C 463 29.57 40.89 -3.11
CA VAL C 463 30.34 41.79 -2.22
C VAL C 463 29.56 42.07 -0.93
N VAL C 464 30.23 41.93 0.24
CA VAL C 464 29.57 41.94 1.55
C VAL C 464 28.77 43.23 1.80
N GLY C 465 27.46 43.10 2.03
CA GLY C 465 26.53 44.23 2.24
C GLY C 465 26.14 45.05 0.99
N ARG C 466 26.66 44.73 -0.20
CA ARG C 466 26.43 45.46 -1.47
C ARG C 466 25.20 44.92 -2.22
N PHE D 1 2.11 34.86 -19.42
CA PHE D 1 2.59 33.48 -19.21
C PHE D 1 3.39 33.02 -20.43
N LEU D 2 4.72 32.95 -20.33
CA LEU D 2 5.61 32.52 -21.42
C LEU D 2 5.66 30.98 -21.61
N GLY D 3 5.09 30.21 -20.69
CA GLY D 3 4.94 28.76 -20.79
C GLY D 3 6.12 27.96 -20.24
N PHE D 4 5.83 26.83 -19.62
CA PHE D 4 6.81 25.89 -19.09
C PHE D 4 7.74 25.37 -20.19
N LEU D 5 9.06 25.45 -20.02
CA LEU D 5 10.05 25.23 -21.08
C LEU D 5 9.87 26.07 -22.35
N GLY D 6 8.95 27.03 -22.40
CA GLY D 6 8.61 27.78 -23.61
C GLY D 6 9.75 28.60 -24.21
N ALA D 7 10.84 28.80 -23.46
CA ALA D 7 12.05 29.45 -23.91
C ALA D 7 13.19 28.49 -24.28
N ALA D 8 12.97 27.17 -24.39
CA ALA D 8 14.07 26.19 -24.56
C ALA D 8 14.90 26.41 -25.84
N GLY D 9 14.33 27.04 -26.87
CA GLY D 9 15.04 27.44 -28.09
C GLY D 9 15.71 28.82 -28.03
N SER D 10 15.48 29.62 -26.99
CA SER D 10 15.97 31.01 -26.92
C SER D 10 17.44 31.07 -26.50
N THR D 11 18.13 32.15 -26.83
CA THR D 11 19.47 32.45 -26.30
C THR D 11 19.44 32.56 -24.77
N MET D 12 20.54 32.26 -24.08
CA MET D 12 20.55 32.26 -22.61
C MET D 12 20.18 33.62 -22.01
N GLY D 13 20.60 34.71 -22.64
CA GLY D 13 20.24 36.07 -22.23
C GLY D 13 18.73 36.38 -22.33
N ALA D 14 17.96 35.59 -23.07
CA ALA D 14 16.50 35.66 -23.10
C ALA D 14 15.84 34.61 -22.20
N ALA D 15 16.33 33.37 -22.21
CA ALA D 15 15.73 32.28 -21.43
C ALA D 15 15.81 32.52 -19.92
N SER D 16 16.91 33.12 -19.47
CA SER D 16 17.14 33.51 -18.06
C SER D 16 16.15 34.52 -17.51
N MET D 17 15.23 35.04 -18.31
CA MET D 17 14.09 35.84 -17.84
C MET D 17 12.87 35.01 -17.39
N THR D 18 12.82 33.69 -17.66
CA THR D 18 11.63 32.83 -17.44
C THR D 18 11.73 31.91 -16.23
N LEU D 19 12.67 32.13 -15.32
CA LEU D 19 13.00 31.11 -14.31
C LEU D 19 11.86 30.82 -13.34
N THR D 20 11.05 31.81 -12.95
CA THR D 20 9.88 31.59 -12.07
C THR D 20 8.82 30.74 -12.77
N VAL D 21 8.60 30.97 -14.07
CA VAL D 21 7.62 30.26 -14.92
C VAL D 21 7.87 28.77 -14.87
N GLN D 22 9.14 28.39 -14.97
CA GLN D 22 9.53 27.00 -14.93
C GLN D 22 9.64 26.41 -13.52
N ALA D 23 10.26 27.14 -12.57
CA ALA D 23 10.49 26.63 -11.23
C ALA D 23 9.20 26.28 -10.48
N ARG D 24 8.10 27.03 -10.68
CA ARG D 24 6.78 26.71 -10.09
C ARG D 24 6.20 25.35 -10.50
N ASN D 25 6.70 24.73 -11.55
CA ASN D 25 6.24 23.40 -11.99
C ASN D 25 7.21 22.26 -11.64
N LEU D 26 8.27 22.52 -10.88
CA LEU D 26 9.15 21.46 -10.34
C LEU D 26 8.53 20.71 -9.16
N LEU D 27 7.39 21.15 -8.65
CA LEU D 27 6.77 20.71 -7.41
C LEU D 27 5.25 20.75 -7.55
N SER D 28 4.62 19.61 -7.81
CA SER D 28 3.16 19.50 -7.98
C SER D 28 2.66 18.08 -7.70
N GLY D 29 1.35 17.90 -7.56
CA GLY D 29 0.70 16.65 -7.22
C GLY D 29 -0.66 16.84 -6.55
N LEU D 50 -8.53 -1.90 -2.06
CA LEU D 50 -8.82 -2.71 -3.25
C LEU D 50 -7.79 -2.56 -4.38
N THR D 51 -6.87 -1.59 -4.28
CA THR D 51 -5.80 -1.38 -5.26
C THR D 51 -4.49 -0.89 -4.65
N VAL D 52 -3.39 -1.29 -5.28
CA VAL D 52 -2.02 -0.79 -5.04
C VAL D 52 -1.58 0.23 -6.09
N TRP D 53 -2.42 0.62 -7.05
CA TRP D 53 -2.06 1.70 -7.98
C TRP D 53 -1.82 3.05 -7.29
N GLY D 54 -2.36 3.27 -6.08
CA GLY D 54 -2.02 4.43 -5.25
C GLY D 54 -0.53 4.51 -4.90
N ILE D 55 0.20 3.39 -4.91
CA ILE D 55 1.67 3.39 -4.74
C ILE D 55 2.37 4.13 -5.89
N LYS D 56 1.83 4.14 -7.12
CA LYS D 56 2.40 4.96 -8.21
C LYS D 56 2.41 6.43 -7.82
N GLN D 57 1.26 6.97 -7.40
CA GLN D 57 1.18 8.36 -6.98
C GLN D 57 2.09 8.62 -5.80
N LEU D 58 2.04 7.82 -4.74
CA LEU D 58 2.87 8.09 -3.56
C LEU D 58 4.38 7.99 -3.86
N GLN D 59 4.84 6.94 -4.54
CA GLN D 59 6.25 6.78 -4.83
C GLN D 59 6.75 7.82 -5.84
N ALA D 60 5.93 8.26 -6.81
CA ALA D 60 6.30 9.36 -7.68
C ALA D 60 6.38 10.68 -6.90
N ARG D 61 5.35 11.03 -6.13
CA ARG D 61 5.30 12.29 -5.39
C ARG D 61 6.40 12.44 -4.37
N VAL D 62 6.70 11.40 -3.59
CA VAL D 62 7.81 11.45 -2.63
C VAL D 62 9.15 11.63 -3.33
N LEU D 63 9.39 10.96 -4.46
CA LEU D 63 10.62 11.20 -5.25
C LEU D 63 10.68 12.62 -5.82
N ALA D 64 9.58 13.19 -6.33
CA ALA D 64 9.56 14.56 -6.81
C ALA D 64 9.89 15.59 -5.70
N VAL D 65 9.26 15.46 -4.54
CA VAL D 65 9.58 16.29 -3.37
C VAL D 65 11.04 16.09 -2.93
N GLU D 66 11.53 14.86 -2.85
CA GLU D 66 12.92 14.57 -2.51
C GLU D 66 13.89 15.25 -3.48
N ARG D 67 13.65 15.22 -4.80
CA ARG D 67 14.51 15.94 -5.78
C ARG D 67 14.49 17.44 -5.59
N TYR D 68 13.33 18.06 -5.35
CA TYR D 68 13.26 19.49 -5.09
C TYR D 68 14.04 19.89 -3.84
N LEU D 69 13.90 19.16 -2.74
CA LEU D 69 14.63 19.48 -1.52
C LEU D 69 16.14 19.26 -1.65
N ARG D 70 16.59 18.28 -2.42
CA ARG D 70 18.01 18.18 -2.77
C ARG D 70 18.50 19.40 -3.53
N ASP D 71 17.74 19.96 -4.47
CA ASP D 71 18.15 21.22 -5.10
C ASP D 71 18.21 22.38 -4.11
N GLN D 72 17.22 22.56 -3.25
CA GLN D 72 17.21 23.67 -2.31
C GLN D 72 18.30 23.56 -1.24
N GLN D 73 18.57 22.37 -0.73
CA GLN D 73 19.69 22.17 0.17
C GLN D 73 21.01 22.47 -0.54
N LEU D 74 21.16 22.02 -1.78
CA LEU D 74 22.38 22.27 -2.54
C LEU D 74 22.61 23.76 -2.78
N LEU D 75 21.58 24.55 -3.09
CA LEU D 75 21.72 26.01 -3.22
C LEU D 75 22.07 26.66 -1.89
N GLY D 76 21.57 26.13 -0.78
CA GLY D 76 21.86 26.68 0.55
C GLY D 76 23.29 26.50 0.99
N ILE D 77 23.90 25.36 0.67
CA ILE D 77 25.32 25.11 0.92
C ILE D 77 26.18 26.07 0.09
N TRP D 78 25.83 26.37 -1.15
CA TRP D 78 26.55 27.36 -1.98
C TRP D 78 26.32 28.82 -1.55
N GLY D 79 25.30 29.09 -0.74
CA GLY D 79 24.91 30.42 -0.26
C GLY D 79 23.83 31.15 -1.07
N CYS D 80 23.23 30.50 -2.06
CA CYS D 80 22.22 31.09 -2.95
C CYS D 80 20.77 30.93 -2.47
N SER D 81 20.49 30.42 -1.27
CA SER D 81 19.13 30.04 -0.89
C SER D 81 18.15 31.21 -1.02
N GLY D 82 17.02 30.99 -1.69
CA GLY D 82 16.00 32.02 -1.92
C GLY D 82 16.27 32.97 -3.08
N LYS D 83 17.37 32.80 -3.82
CA LYS D 83 17.58 33.44 -5.13
C LYS D 83 17.35 32.44 -6.28
N LEU D 84 17.21 32.97 -7.48
CA LEU D 84 17.14 32.21 -8.73
C LEU D 84 18.39 32.52 -9.57
N ILE D 85 18.57 33.76 -10.02
CA ILE D 85 19.89 34.23 -10.47
C ILE D 85 20.71 34.55 -9.24
N CYS D 86 21.89 33.96 -9.09
CA CYS D 86 22.78 34.15 -7.95
C CYS D 86 24.21 34.33 -8.41
N CYS D 87 24.96 35.15 -7.71
CA CYS D 87 26.32 35.51 -8.07
C CYS D 87 27.28 35.06 -6.97
N THR D 88 28.42 34.46 -7.31
CA THR D 88 29.37 33.90 -6.32
C THR D 88 30.81 34.29 -6.67
N ASN D 89 31.75 34.16 -5.74
CA ASN D 89 33.10 34.72 -5.91
C ASN D 89 34.12 33.77 -6.56
N VAL D 90 33.75 32.56 -6.97
CA VAL D 90 34.69 31.64 -7.63
C VAL D 90 35.03 32.15 -9.04
N PRO D 91 36.30 32.38 -9.41
CA PRO D 91 36.69 32.78 -10.76
C PRO D 91 36.72 31.59 -11.72
N TRP D 92 36.57 31.86 -13.02
CA TRP D 92 36.68 30.83 -14.07
C TRP D 92 38.08 30.31 -14.30
N ASN D 93 38.17 29.02 -14.63
CA ASN D 93 39.34 28.37 -15.20
C ASN D 93 39.10 28.16 -16.69
N SER D 94 40.00 28.66 -17.54
CA SER D 94 39.89 28.51 -19.00
C SER D 94 39.85 27.07 -19.49
N SER D 95 40.23 26.09 -18.65
CA SER D 95 40.06 24.66 -18.94
C SER D 95 38.58 24.26 -18.97
N TRP D 96 37.72 24.83 -18.12
CA TRP D 96 36.29 24.54 -18.12
C TRP D 96 35.62 25.02 -19.40
N SER D 97 35.87 26.27 -19.78
CA SER D 97 35.52 26.87 -21.07
C SER D 97 36.31 28.16 -21.27
N ASN D 98 36.44 28.60 -22.52
CA ASN D 98 37.26 29.77 -22.86
C ASN D 98 36.67 30.66 -23.96
N ARG D 99 35.42 30.41 -24.41
CA ARG D 99 34.77 31.21 -25.45
C ARG D 99 34.36 32.60 -24.95
N ASN D 100 34.10 33.51 -25.88
CA ASN D 100 33.71 34.91 -25.65
C ASN D 100 32.34 35.04 -24.94
N LEU D 101 32.18 36.09 -24.12
CA LEU D 101 30.97 36.34 -23.30
C LEU D 101 29.67 36.35 -24.12
N SER D 102 29.63 37.06 -25.24
CA SER D 102 28.45 37.05 -26.12
C SER D 102 28.28 35.71 -26.82
N GLU D 103 29.37 35.03 -27.18
CA GLU D 103 29.32 33.66 -27.71
C GLU D 103 28.71 32.66 -26.72
N ILE D 104 28.57 33.01 -25.45
CA ILE D 104 27.65 32.34 -24.52
C ILE D 104 26.28 33.01 -24.61
N TRP D 105 26.12 34.19 -24.01
CA TRP D 105 24.81 34.73 -23.61
C TRP D 105 23.91 35.19 -24.76
N ASP D 106 24.49 35.71 -25.84
CA ASP D 106 23.74 36.26 -26.99
C ASP D 106 23.63 35.28 -28.16
N ASN D 107 24.15 34.05 -28.01
CA ASN D 107 24.52 33.19 -29.13
C ASN D 107 23.99 31.76 -29.02
N MET D 108 23.85 31.19 -27.82
CA MET D 108 23.41 29.80 -27.68
C MET D 108 22.42 29.59 -26.52
N THR D 109 21.76 28.44 -26.55
CA THR D 109 20.73 28.05 -25.59
C THR D 109 21.34 27.39 -24.36
N TRP D 110 20.63 27.41 -23.23
CA TRP D 110 21.08 26.72 -22.01
C TRP D 110 21.29 25.22 -22.26
N LEU D 111 20.36 24.63 -23.00
CA LEU D 111 20.42 23.23 -23.43
C LEU D 111 21.68 22.92 -24.26
N GLN D 112 22.17 23.87 -25.05
CA GLN D 112 23.40 23.68 -25.80
C GLN D 112 24.62 23.88 -24.90
N TRP D 113 24.66 24.96 -24.13
CA TRP D 113 25.73 25.23 -23.17
C TRP D 113 25.91 24.09 -22.17
N ASP D 114 24.84 23.45 -21.72
CA ASP D 114 24.92 22.31 -20.80
C ASP D 114 25.79 21.19 -21.36
N LYS D 115 25.63 20.88 -22.66
CA LYS D 115 26.39 19.83 -23.34
C LYS D 115 27.81 20.27 -23.72
N GLU D 116 28.15 21.55 -23.60
CA GLU D 116 29.55 21.98 -23.55
C GLU D 116 30.15 21.81 -22.15
N ILE D 117 29.45 22.25 -21.12
CA ILE D 117 30.02 22.44 -19.78
C ILE D 117 29.97 21.18 -18.90
N SER D 118 29.15 20.19 -19.25
CA SER D 118 28.78 19.03 -18.42
C SER D 118 29.91 18.18 -17.84
N ASN D 119 31.16 18.34 -18.30
CA ASN D 119 32.34 17.76 -17.67
C ASN D 119 32.62 18.34 -16.27
N TYR D 120 32.44 19.64 -16.07
CA TYR D 120 32.99 20.39 -14.94
C TYR D 120 32.00 20.66 -13.81
N THR D 121 30.77 20.19 -13.97
CA THR D 121 29.91 19.82 -12.84
C THR D 121 30.66 18.85 -11.92
N GLN D 122 30.30 18.76 -10.65
CA GLN D 122 31.12 18.20 -9.55
C GLN D 122 32.37 19.02 -9.24
N ILE D 123 33.22 19.33 -10.23
CA ILE D 123 34.42 20.14 -9.99
C ILE D 123 34.03 21.54 -9.47
N ILE D 124 33.11 22.23 -10.15
CA ILE D 124 32.65 23.55 -9.74
C ILE D 124 31.90 23.48 -8.40
N TYR D 125 31.10 22.46 -8.14
CA TYR D 125 30.38 22.34 -6.86
C TYR D 125 31.34 22.16 -5.68
N GLY D 126 32.32 21.25 -5.79
CA GLY D 126 33.34 21.05 -4.76
C GLY D 126 34.14 22.31 -4.46
N LEU D 127 34.39 23.12 -5.49
CA LEU D 127 35.03 24.43 -5.36
C LEU D 127 34.10 25.47 -4.71
N LEU D 128 32.79 25.47 -4.98
CA LEU D 128 31.82 26.37 -4.34
C LEU D 128 31.59 26.08 -2.85
N GLU D 129 31.46 24.81 -2.46
CA GLU D 129 31.01 24.42 -1.13
C GLU D 129 31.98 24.82 -0.04
N GLU D 130 33.18 24.23 -0.04
CA GLU D 130 34.21 24.52 0.96
C GLU D 130 34.93 25.80 0.60
N SER D 131 35.59 25.78 -0.56
CA SER D 131 36.44 26.84 -1.07
C SER D 131 35.66 28.05 -1.60
N GLN D 132 34.43 28.26 -1.12
CA GLN D 132 33.84 29.57 -1.06
C GLN D 132 32.98 29.73 0.19
N ASN D 133 31.82 29.09 0.28
CA ASN D 133 30.87 29.52 1.31
C ASN D 133 31.23 29.06 2.72
N GLN D 134 31.92 27.94 2.92
CA GLN D 134 32.43 27.65 4.27
C GLN D 134 33.39 28.75 4.73
N GLN D 135 34.26 29.22 3.84
CA GLN D 135 35.23 30.25 4.20
C GLN D 135 34.59 31.63 4.41
N GLU D 136 33.61 32.02 3.60
CA GLU D 136 32.80 33.21 3.87
C GLU D 136 32.19 33.13 5.28
N LYS D 137 31.77 31.95 5.75
CA LYS D 137 31.16 31.78 7.07
C LYS D 137 32.17 31.78 8.21
N ASN D 138 33.37 31.23 8.01
CA ASN D 138 34.48 31.41 8.97
C ASN D 138 34.75 32.91 9.19
N GLU D 139 34.89 33.68 8.12
CA GLU D 139 35.18 35.12 8.21
C GLU D 139 34.02 35.93 8.79
N GLN D 140 32.77 35.59 8.49
CA GLN D 140 31.61 36.28 9.07
C GLN D 140 31.58 36.13 10.59
N ASP D 141 31.80 34.92 11.12
CA ASP D 141 31.81 34.70 12.57
C ASP D 141 32.96 35.49 13.23
N LEU D 142 34.14 35.50 12.61
CA LEU D 142 35.29 36.26 13.09
C LEU D 142 35.12 37.78 12.95
N LEU D 143 34.22 38.27 12.10
CA LEU D 143 33.83 39.67 12.09
C LEU D 143 32.84 39.98 13.22
N ALA D 144 31.76 39.22 13.35
CA ALA D 144 30.71 39.43 14.37
C ALA D 144 31.17 39.12 15.81
N LEU D 145 32.36 38.54 15.98
CA LEU D 145 33.15 38.54 17.21
C LEU D 145 33.34 39.94 17.83
N ASP D 146 33.45 40.98 16.98
CA ASP D 146 33.70 42.37 17.37
C ASP D 146 34.95 42.56 18.24
N ALA E 1 -2.62 60.48 4.85
CA ALA E 1 -1.43 60.32 5.69
C ALA E 1 -0.20 59.95 4.86
N GLU E 2 -0.15 58.76 4.27
CA GLU E 2 0.97 58.27 3.45
C GLU E 2 0.50 57.14 2.50
N ASN E 3 1.31 56.88 1.49
CA ASN E 3 1.19 55.74 0.60
C ASN E 3 1.18 54.40 1.35
N LEU E 4 0.46 53.43 0.79
CA LEU E 4 0.27 52.11 1.36
C LEU E 4 0.77 51.04 0.39
N TRP E 5 1.36 49.97 0.93
CA TRP E 5 2.15 49.01 0.18
C TRP E 5 1.75 47.58 0.52
N VAL E 6 1.86 46.67 -0.44
CA VAL E 6 1.54 45.25 -0.22
C VAL E 6 2.56 44.67 0.74
N THR E 7 2.10 44.21 1.90
CA THR E 7 2.93 43.50 2.88
C THR E 7 2.33 42.15 3.15
N VAL E 8 3.20 41.18 3.36
CA VAL E 8 2.90 39.76 3.30
C VAL E 8 3.03 39.20 4.70
N TYR E 9 2.11 38.33 5.09
CA TYR E 9 2.12 37.66 6.39
C TYR E 9 1.95 36.17 6.15
N TYR E 10 2.78 35.32 6.76
CA TYR E 10 2.63 33.88 6.71
C TYR E 10 2.20 33.33 8.06
N GLY E 11 1.20 32.47 8.11
CA GLY E 11 0.63 31.96 9.37
C GLY E 11 -0.55 32.76 9.89
N VAL E 12 -1.22 33.55 9.06
CA VAL E 12 -2.41 34.33 9.43
C VAL E 12 -3.58 33.42 9.86
N PRO E 13 -4.36 33.76 10.91
CA PRO E 13 -5.51 32.97 11.32
C PRO E 13 -6.69 33.14 10.37
N VAL E 14 -6.78 32.28 9.38
CA VAL E 14 -7.89 32.26 8.42
C VAL E 14 -8.10 30.84 7.93
N TRP E 15 -9.34 30.47 7.59
CA TRP E 15 -9.68 29.12 7.14
C TRP E 15 -10.77 29.10 6.07
N LYS E 16 -10.79 28.04 5.26
CA LYS E 16 -11.84 27.70 4.31
C LYS E 16 -12.41 26.33 4.66
N GLU E 17 -13.71 26.15 4.55
CA GLU E 17 -14.36 24.89 4.89
C GLU E 17 -14.21 23.90 3.73
N ALA E 18 -13.66 22.71 3.98
CA ALA E 18 -13.32 21.73 2.94
C ALA E 18 -13.25 20.29 3.48
N LYS E 19 -13.40 19.31 2.59
CA LYS E 19 -13.35 17.87 2.87
C LYS E 19 -11.91 17.37 3.01
N THR E 20 -11.67 16.35 3.81
CA THR E 20 -10.33 15.75 4.03
C THR E 20 -10.47 14.32 4.52
N THR E 21 -9.42 13.52 4.34
CA THR E 21 -9.17 12.33 5.18
C THR E 21 -9.13 12.73 6.66
N LEU E 22 -9.62 11.89 7.57
CA LEU E 22 -9.47 12.08 9.02
C LEU E 22 -8.76 10.88 9.64
N PHE E 23 -7.93 11.12 10.65
CA PHE E 23 -7.26 10.06 11.37
C PHE E 23 -8.19 9.47 12.42
N CYS E 24 -8.12 8.15 12.62
CA CYS E 24 -8.78 7.48 13.73
C CYS E 24 -7.77 7.25 14.83
N ALA E 25 -8.05 7.75 16.03
CA ALA E 25 -7.25 7.55 17.22
C ALA E 25 -8.10 7.01 18.35
N SER E 26 -7.47 6.39 19.33
CA SER E 26 -8.15 5.65 20.39
C SER E 26 -7.43 5.86 21.70
N ASP E 27 -8.13 5.64 22.81
CA ASP E 27 -7.49 5.23 24.06
C ASP E 27 -6.48 4.11 23.76
N ALA E 28 -5.28 4.19 24.33
CA ALA E 28 -4.17 3.30 24.06
C ALA E 28 -4.41 1.83 24.45
N ARG E 29 -5.35 1.58 25.38
CA ARG E 29 -5.33 0.36 26.21
C ARG E 29 -5.86 -0.92 25.56
N ALA E 30 -6.52 -0.84 24.40
CA ALA E 30 -7.12 -2.00 23.77
C ALA E 30 -6.09 -2.96 23.15
N TYR E 31 -5.16 -2.47 22.32
CA TYR E 31 -4.32 -3.29 21.43
C TYR E 31 -3.11 -3.94 22.11
N GLU E 32 -3.07 -3.86 23.44
CA GLU E 32 -2.27 -4.73 24.31
C GLU E 32 -2.73 -6.19 24.25
N LYS E 33 -4.03 -6.43 24.00
CA LYS E 33 -4.68 -7.75 24.00
C LYS E 33 -5.67 -7.93 22.85
N GLU E 34 -6.41 -6.87 22.51
CA GLU E 34 -7.64 -6.94 21.73
C GLU E 34 -7.38 -6.77 20.22
N VAL E 35 -6.54 -7.66 19.67
CA VAL E 35 -6.19 -7.75 18.24
C VAL E 35 -7.45 -7.83 17.37
N HIS E 36 -7.54 -6.99 16.34
CA HIS E 36 -8.70 -6.89 15.44
C HIS E 36 -10.05 -6.81 16.18
N ASN E 37 -10.23 -5.86 17.09
CA ASN E 37 -11.58 -5.45 17.47
C ASN E 37 -12.39 -4.98 16.25
N VAL E 38 -13.60 -5.52 16.05
CA VAL E 38 -14.45 -5.31 14.88
C VAL E 38 -14.68 -3.81 14.58
N TRP E 39 -14.94 -3.05 15.63
CA TRP E 39 -14.95 -1.59 15.62
C TRP E 39 -13.67 -1.09 16.30
N ALA E 40 -13.01 -0.11 15.67
CA ALA E 40 -11.66 0.34 16.02
C ALA E 40 -10.66 -0.82 16.19
N THR E 41 -10.29 -1.48 15.09
CA THR E 41 -9.09 -2.34 15.10
C THR E 41 -7.86 -1.49 15.41
N HIS E 42 -6.70 -2.13 15.62
CA HIS E 42 -5.40 -1.48 15.69
C HIS E 42 -4.99 -0.71 14.40
N ALA E 43 -5.83 -0.62 13.38
CA ALA E 43 -5.69 0.38 12.31
C ALA E 43 -5.94 1.82 12.83
N CYS E 44 -6.78 2.01 13.85
CA CYS E 44 -6.84 3.26 14.62
C CYS E 44 -5.61 3.37 15.53
N VAL E 45 -4.94 4.52 15.54
CA VAL E 45 -3.66 4.70 16.25
C VAL E 45 -3.89 4.74 17.76
N PRO E 46 -3.08 4.07 18.61
CA PRO E 46 -3.26 4.04 20.06
C PRO E 46 -2.80 5.34 20.77
N THR E 47 -2.99 6.49 20.15
CA THR E 47 -2.44 7.79 20.58
C THR E 47 -2.95 8.25 21.95
N ASP E 48 -4.21 7.95 22.29
CA ASP E 48 -4.96 8.49 23.42
C ASP E 48 -4.86 10.04 23.52
N PRO E 49 -5.28 10.77 22.48
CA PRO E 49 -5.04 12.21 22.35
C PRO E 49 -5.77 13.02 23.41
N SER E 50 -5.09 13.97 24.03
CA SER E 50 -5.69 14.85 25.05
C SER E 50 -6.72 15.81 24.44
N PRO E 51 -7.88 16.05 25.08
CA PRO E 51 -8.90 17.01 24.63
C PRO E 51 -8.48 18.45 24.98
N GLN E 52 -7.45 18.91 24.27
CA GLN E 52 -6.89 20.26 24.32
C GLN E 52 -7.83 21.27 23.65
N GLU E 53 -8.97 21.53 24.27
CA GLU E 53 -9.97 22.49 23.79
C GLU E 53 -9.53 23.93 24.02
N LEU E 54 -9.85 24.78 23.07
CA LEU E 54 -9.45 26.18 23.05
C LEU E 54 -10.60 27.04 22.55
N VAL E 55 -11.20 27.84 23.42
CA VAL E 55 -12.30 28.73 23.05
C VAL E 55 -11.73 29.90 22.25
N LEU E 56 -12.23 30.13 21.04
CA LEU E 56 -11.74 31.21 20.19
C LEU E 56 -12.30 32.56 20.66
N GLY E 57 -13.62 32.66 20.82
CA GLY E 57 -14.29 33.90 21.19
C GLY E 57 -14.25 34.97 20.10
N ASN E 58 -15.18 35.92 20.14
CA ASN E 58 -15.45 36.94 19.12
C ASN E 58 -15.66 36.40 17.68
N VAL E 59 -15.71 35.09 17.44
CA VAL E 59 -15.98 34.43 16.16
C VAL E 59 -17.37 33.79 16.15
N THR E 60 -18.11 33.87 15.04
CA THR E 60 -19.41 33.22 14.85
C THR E 60 -19.53 32.70 13.43
N GLU E 61 -19.88 31.43 13.22
CA GLU E 61 -20.04 30.89 11.87
C GLU E 61 -21.09 29.78 11.75
N ASN E 62 -21.50 29.49 10.51
CA ASN E 62 -22.57 28.57 10.21
C ASN E 62 -22.14 27.11 10.35
N PHE E 63 -22.87 26.30 11.09
CA PHE E 63 -22.71 24.85 11.11
C PHE E 63 -23.85 24.18 10.36
N ASN E 64 -23.66 22.92 9.95
CA ASN E 64 -24.74 22.12 9.41
C ASN E 64 -24.49 20.62 9.67
N MET E 65 -25.33 19.97 10.45
CA MET E 65 -25.19 18.54 10.78
C MET E 65 -25.61 17.62 9.63
N TRP E 66 -26.54 18.03 8.77
CA TRP E 66 -27.12 17.17 7.74
C TRP E 66 -26.18 16.95 6.56
N LYS E 67 -25.49 18.01 6.12
CA LYS E 67 -24.51 17.97 5.01
C LYS E 67 -23.11 17.52 5.42
N ASN E 68 -22.86 17.37 6.73
CA ASN E 68 -21.56 17.09 7.32
C ASN E 68 -20.87 15.84 6.74
N ASP E 69 -19.72 16.00 6.13
CA ASP E 69 -18.95 14.91 5.53
C ASP E 69 -18.35 13.93 6.55
N MET E 70 -18.19 14.30 7.82
CA MET E 70 -17.62 13.41 8.85
C MET E 70 -18.49 12.17 9.05
N VAL E 71 -19.81 12.31 8.89
CA VAL E 71 -20.76 11.21 8.94
C VAL E 71 -20.45 10.18 7.86
N ASP E 72 -20.25 10.62 6.63
CA ASP E 72 -19.89 9.72 5.54
C ASP E 72 -18.50 9.14 5.71
N GLN E 73 -17.54 9.92 6.22
CA GLN E 73 -16.23 9.39 6.57
C GLN E 73 -16.34 8.26 7.59
N MET E 74 -17.21 8.39 8.60
CA MET E 74 -17.42 7.34 9.59
C MET E 74 -18.06 6.11 8.96
N HIS E 75 -19.13 6.27 8.17
CA HIS E 75 -19.81 5.14 7.53
C HIS E 75 -18.86 4.31 6.65
N GLU E 76 -18.09 4.95 5.77
CA GLU E 76 -17.12 4.23 4.95
C GLU E 76 -15.94 3.65 5.73
N ASP E 77 -15.62 4.16 6.91
CA ASP E 77 -14.63 3.53 7.78
C ASP E 77 -15.19 2.33 8.52
N ILE E 78 -16.39 2.43 9.10
CA ILE E 78 -16.99 1.33 9.86
C ILE E 78 -17.21 0.12 8.96
N ILE E 79 -17.74 0.31 7.75
CA ILE E 79 -17.90 -0.81 6.83
C ILE E 79 -16.54 -1.41 6.46
N SER E 80 -15.52 -0.59 6.24
CA SER E 80 -14.22 -1.13 5.88
C SER E 80 -13.62 -1.98 7.01
N LEU E 81 -13.70 -1.51 8.26
CA LEU E 81 -13.22 -2.27 9.41
C LEU E 81 -14.01 -3.56 9.63
N TRP E 82 -15.33 -3.57 9.36
CA TRP E 82 -16.12 -4.79 9.41
C TRP E 82 -15.64 -5.79 8.36
N ASP E 83 -15.66 -5.44 7.08
CA ASP E 83 -15.27 -6.36 6.01
C ASP E 83 -13.85 -6.90 6.18
N GLN E 84 -12.88 -6.04 6.48
CA GLN E 84 -11.49 -6.46 6.71
C GLN E 84 -11.38 -7.41 7.91
N SER E 85 -12.22 -7.26 8.95
CA SER E 85 -12.16 -8.14 10.13
C SER E 85 -12.81 -9.49 9.90
N LEU E 86 -13.78 -9.62 8.97
CA LEU E 86 -14.38 -10.91 8.64
C LEU E 86 -13.59 -11.72 7.61
N LYS E 87 -12.94 -11.06 6.67
CA LYS E 87 -12.22 -11.70 5.55
C LYS E 87 -11.22 -12.80 5.94
N PRO E 88 -10.56 -12.79 7.11
CA PRO E 88 -9.72 -13.90 7.56
C PRO E 88 -10.46 -15.17 8.00
N CYS E 89 -11.74 -15.11 8.35
CA CYS E 89 -12.39 -16.15 9.16
C CYS E 89 -13.00 -17.32 8.37
N VAL E 90 -13.40 -18.37 9.08
CA VAL E 90 -13.96 -19.62 8.55
C VAL E 90 -15.24 -19.38 7.76
N LYS E 91 -15.39 -19.94 6.57
CA LYS E 91 -16.60 -19.76 5.72
C LYS E 91 -17.53 -20.95 5.91
N LEU E 92 -18.79 -20.70 6.24
CA LEU E 92 -19.81 -21.72 6.39
C LEU E 92 -20.35 -22.23 5.04
N THR E 93 -19.47 -22.47 4.08
CA THR E 93 -19.79 -23.12 2.80
C THR E 93 -20.12 -24.60 2.96
N PRO E 94 -19.23 -25.46 3.49
CA PRO E 94 -19.49 -26.91 3.55
C PRO E 94 -20.59 -27.32 4.52
N LEU E 95 -21.07 -26.40 5.37
CA LEU E 95 -22.24 -26.59 6.22
C LEU E 95 -23.56 -26.53 5.43
N CYS E 96 -23.60 -25.94 4.24
CA CYS E 96 -24.86 -25.80 3.50
C CYS E 96 -25.32 -27.12 2.88
N VAL E 97 -26.04 -27.93 3.67
CA VAL E 97 -26.51 -29.28 3.32
C VAL E 97 -27.95 -29.46 3.74
N THR E 98 -28.58 -30.55 3.31
CA THR E 98 -29.93 -30.90 3.76
C THR E 98 -29.98 -31.08 5.29
N LEU E 99 -30.49 -30.11 6.02
CA LEU E 99 -30.73 -30.22 7.45
C LEU E 99 -32.05 -30.99 7.65
N ILE E 100 -32.10 -31.98 8.53
CA ILE E 100 -33.34 -32.65 8.92
C ILE E 100 -33.65 -32.24 10.36
N CYS E 101 -34.77 -31.57 10.60
CA CYS E 101 -35.00 -30.87 11.88
C CYS E 101 -36.28 -31.29 12.60
N SER E 102 -36.20 -31.36 13.92
CA SER E 102 -37.32 -31.67 14.83
C SER E 102 -37.28 -30.76 16.06
N ASN E 103 -38.10 -31.00 17.08
CA ASN E 103 -38.27 -30.06 18.19
C ASN E 103 -37.08 -30.06 19.15
N ALA E 104 -36.71 -28.90 19.68
CA ALA E 104 -35.76 -28.82 20.78
C ALA E 104 -36.48 -29.13 22.10
N THR E 105 -36.21 -30.28 22.72
CA THR E 105 -36.89 -30.72 23.94
C THR E 105 -36.02 -30.52 25.18
N VAL E 106 -36.56 -29.95 26.26
CA VAL E 106 -35.81 -29.71 27.51
C VAL E 106 -36.71 -29.88 28.73
N LYS E 107 -36.41 -30.86 29.59
CA LYS E 107 -37.17 -31.13 30.83
C LYS E 107 -38.68 -31.19 30.59
N ASN E 108 -39.05 -31.95 29.55
CA ASN E 108 -40.40 -32.11 29.00
C ASN E 108 -41.04 -30.87 28.35
N GLY E 109 -40.44 -29.68 28.44
CA GLY E 109 -40.85 -28.52 27.65
C GLY E 109 -40.34 -28.59 26.21
N THR E 110 -40.89 -27.74 25.34
CA THR E 110 -40.41 -27.53 23.97
C THR E 110 -40.04 -26.06 23.77
N VAL E 111 -38.81 -25.76 23.36
CA VAL E 111 -38.37 -24.38 23.11
C VAL E 111 -39.02 -23.88 21.83
N GLU E 112 -39.79 -22.79 21.89
CA GLU E 112 -40.62 -22.39 20.75
C GLU E 112 -39.79 -21.78 19.61
N GLU E 113 -38.75 -21.00 19.95
CA GLU E 113 -37.90 -20.29 19.00
C GLU E 113 -36.83 -21.19 18.37
N MET E 114 -36.48 -22.33 18.94
CA MET E 114 -35.32 -23.15 18.49
C MET E 114 -35.69 -24.53 17.97
N LYS E 115 -35.19 -24.90 16.80
CA LYS E 115 -35.31 -26.25 16.26
C LYS E 115 -33.99 -26.99 16.34
N ASN E 116 -34.09 -28.31 16.37
CA ASN E 116 -32.99 -29.24 16.56
C ASN E 116 -32.68 -29.94 15.23
N CYS E 117 -31.56 -29.66 14.60
CA CYS E 117 -31.28 -30.12 13.25
C CYS E 117 -30.15 -31.12 13.18
N SER E 118 -30.42 -32.34 12.68
CA SER E 118 -29.37 -33.24 12.21
C SER E 118 -28.88 -32.81 10.83
N PHE E 119 -27.58 -32.95 10.58
CA PHE E 119 -26.95 -32.66 9.30
C PHE E 119 -25.66 -33.48 9.14
N ASN E 120 -25.05 -33.41 7.96
CA ASN E 120 -23.85 -34.19 7.66
C ASN E 120 -22.66 -33.28 7.42
N THR E 121 -21.49 -33.72 7.84
CA THR E 121 -20.22 -33.03 7.64
C THR E 121 -19.17 -34.03 7.19
N THR E 122 -18.11 -33.57 6.52
CA THR E 122 -16.86 -34.33 6.50
C THR E 122 -16.20 -34.24 7.86
N THR E 123 -15.58 -35.31 8.31
CA THR E 123 -14.47 -35.17 9.26
C THR E 123 -13.34 -34.37 8.61
N GLU E 124 -12.17 -34.27 9.23
CA GLU E 124 -10.99 -33.73 8.56
C GLU E 124 -10.65 -34.50 7.26
N ILE E 125 -10.97 -35.79 7.19
CA ILE E 125 -10.73 -36.64 6.03
C ILE E 125 -11.80 -36.42 4.96
N ARG E 126 -11.41 -36.00 3.76
CA ARG E 126 -12.36 -35.66 2.69
C ARG E 126 -13.32 -36.79 2.35
N ASP E 127 -12.88 -38.04 2.30
CA ASP E 127 -13.74 -39.19 1.96
C ASP E 127 -14.41 -39.90 3.15
N LYS E 128 -14.41 -39.31 4.36
CA LYS E 128 -15.18 -39.77 5.52
C LYS E 128 -16.13 -38.69 6.04
N GLU E 129 -17.41 -38.82 5.71
CA GLU E 129 -18.50 -38.03 6.28
C GLU E 129 -19.13 -38.67 7.52
N LYS E 130 -19.71 -37.84 8.39
CA LYS E 130 -20.45 -38.24 9.60
C LYS E 130 -21.71 -37.41 9.77
N LYS E 131 -22.67 -37.94 10.50
CA LYS E 131 -23.83 -37.21 11.03
C LYS E 131 -23.45 -36.46 12.30
N GLU E 132 -24.00 -35.28 12.50
CA GLU E 132 -24.09 -34.59 13.81
C GLU E 132 -25.18 -33.52 13.84
N TYR E 133 -25.45 -32.89 15.00
CA TYR E 133 -26.59 -31.99 15.15
C TYR E 133 -26.25 -30.71 15.90
N ALA E 134 -27.02 -29.66 15.66
CA ALA E 134 -26.96 -28.43 16.43
C ALA E 134 -28.32 -27.76 16.50
N LEU E 135 -28.58 -27.01 17.55
CA LEU E 135 -29.80 -26.23 17.65
C LEU E 135 -29.67 -24.93 16.83
N PHE E 136 -30.67 -24.56 16.04
CA PHE E 136 -30.72 -23.27 15.34
C PHE E 136 -32.02 -22.54 15.64
N TYR E 137 -31.95 -21.23 15.88
CA TYR E 137 -33.13 -20.39 16.01
C TYR E 137 -33.94 -20.39 14.71
N LYS E 138 -35.27 -20.48 14.75
CA LYS E 138 -36.13 -20.52 13.55
C LYS E 138 -35.82 -19.45 12.50
N PRO E 139 -35.47 -18.19 12.83
CA PRO E 139 -35.17 -17.20 11.80
C PRO E 139 -33.98 -17.51 10.89
N ASP E 140 -33.01 -18.32 11.33
CA ASP E 140 -31.81 -18.70 10.57
C ASP E 140 -32.08 -19.88 9.61
N ILE E 141 -33.27 -20.46 9.66
CA ILE E 141 -33.65 -21.72 9.02
C ILE E 141 -34.85 -21.46 8.11
N VAL E 142 -34.94 -22.17 6.98
CA VAL E 142 -36.09 -22.11 6.07
C VAL E 142 -36.34 -23.47 5.44
N PRO E 143 -37.59 -23.88 5.14
CA PRO E 143 -37.86 -25.20 4.60
C PRO E 143 -37.19 -25.39 3.25
N LEU E 144 -36.73 -26.61 2.96
CA LEU E 144 -36.09 -26.91 1.68
C LEU E 144 -37.06 -26.62 0.53
N SER E 145 -36.53 -26.17 -0.62
CA SER E 145 -37.30 -25.57 -1.73
C SER E 145 -38.58 -26.32 -2.09
N GLU E 146 -38.53 -27.65 -2.14
CA GLU E 146 -39.69 -28.55 -2.08
C GLU E 146 -39.69 -29.33 -0.77
N THR E 147 -40.80 -29.32 -0.03
CA THR E 147 -40.96 -30.12 1.19
C THR E 147 -41.38 -31.54 0.83
N ASN E 148 -40.44 -32.39 0.41
CA ASN E 148 -40.73 -33.79 0.08
C ASN E 148 -41.13 -34.54 1.36
N ASN E 149 -40.33 -34.33 2.40
CA ASN E 149 -40.69 -34.48 3.80
C ASN E 149 -40.63 -33.09 4.45
N THR E 150 -41.67 -32.70 5.19
CA THR E 150 -41.77 -31.36 5.80
C THR E 150 -40.64 -31.06 6.81
N SER E 151 -39.95 -32.07 7.33
CA SER E 151 -38.77 -31.91 8.19
C SER E 151 -37.47 -31.61 7.44
N GLU E 152 -37.46 -31.49 6.11
CA GLU E 152 -36.31 -31.04 5.34
C GLU E 152 -36.17 -29.51 5.36
N TYR E 153 -35.00 -29.01 5.74
CA TYR E 153 -34.71 -27.61 6.00
C TYR E 153 -33.29 -27.21 5.54
N ARG E 154 -33.02 -25.92 5.35
CA ARG E 154 -31.67 -25.41 5.07
C ARG E 154 -31.34 -24.17 5.87
N LEU E 155 -30.05 -23.87 5.99
CA LEU E 155 -29.56 -22.60 6.51
C LEU E 155 -29.95 -21.47 5.55
N ILE E 156 -30.39 -20.32 6.05
CA ILE E 156 -31.09 -19.30 5.22
C ILE E 156 -30.24 -18.67 4.13
N ASN E 157 -28.93 -18.54 4.32
CA ASN E 157 -28.08 -17.76 3.41
C ASN E 157 -27.90 -18.35 2.01
N CYS E 158 -28.11 -19.65 1.78
CA CYS E 158 -27.47 -20.33 0.65
C CYS E 158 -27.91 -19.88 -0.74
N ASN E 159 -29.14 -19.39 -0.90
CA ASN E 159 -29.62 -18.77 -2.14
C ASN E 159 -29.28 -17.27 -2.23
N THR E 160 -28.22 -16.81 -1.56
CA THR E 160 -27.70 -15.43 -1.66
C THR E 160 -26.18 -15.35 -1.63
N SER E 161 -25.49 -15.93 -0.63
CA SER E 161 -24.05 -15.74 -0.36
C SER E 161 -23.51 -16.78 0.65
N ALA E 162 -22.19 -16.91 0.80
CA ALA E 162 -21.58 -17.72 1.86
C ALA E 162 -21.20 -16.86 3.07
N CYS E 163 -21.73 -17.15 4.25
CA CYS E 163 -21.43 -16.37 5.45
C CYS E 163 -20.10 -16.76 6.07
N THR E 164 -19.30 -15.79 6.50
CA THR E 164 -18.16 -16.03 7.40
C THR E 164 -18.62 -16.12 8.84
N GLN E 165 -18.09 -17.05 9.62
CA GLN E 165 -18.21 -17.01 11.08
C GLN E 165 -17.36 -15.85 11.61
N ALA E 166 -17.84 -15.07 12.57
CA ALA E 166 -17.02 -14.04 13.23
C ALA E 166 -16.03 -14.68 14.19
N CYS E 167 -14.73 -14.59 13.91
CA CYS E 167 -13.67 -15.28 14.65
C CYS E 167 -13.73 -15.08 16.19
N PRO E 168 -13.33 -16.07 17.01
CA PRO E 168 -13.52 -16.01 18.47
C PRO E 168 -12.82 -14.87 19.21
N LYS E 169 -11.69 -14.36 18.69
CA LYS E 169 -10.93 -13.23 19.25
C LYS E 169 -11.43 -11.85 18.82
N VAL E 170 -12.18 -11.77 17.74
CA VAL E 170 -12.54 -10.53 17.06
C VAL E 170 -13.83 -9.99 17.66
N THR E 171 -13.71 -9.20 18.73
CA THR E 171 -14.86 -8.74 19.54
C THR E 171 -15.65 -7.59 18.89
N PHE E 172 -16.94 -7.49 19.20
CA PHE E 172 -17.81 -6.36 18.83
C PHE E 172 -17.75 -5.19 19.81
N GLU E 173 -16.71 -5.07 20.64
CA GLU E 173 -16.67 -4.07 21.71
C GLU E 173 -16.78 -2.65 21.14
N PRO E 174 -17.78 -1.84 21.54
CA PRO E 174 -17.92 -0.46 21.10
C PRO E 174 -16.99 0.47 21.88
N ILE E 175 -15.68 0.29 21.71
CA ILE E 175 -14.68 1.16 22.36
C ILE E 175 -14.69 2.57 21.75
N PRO E 176 -14.36 3.62 22.49
CA PRO E 176 -14.38 4.97 21.94
C PRO E 176 -13.38 5.20 20.81
N ILE E 177 -13.82 5.89 19.76
CA ILE E 177 -13.02 6.45 18.69
C ILE E 177 -12.92 7.96 18.90
N HIS E 178 -11.73 8.50 18.73
CA HIS E 178 -11.49 9.92 18.55
C HIS E 178 -11.12 10.16 17.09
N TYR E 179 -11.87 10.99 16.38
CA TYR E 179 -11.46 11.47 15.06
C TYR E 179 -10.60 12.72 15.18
N CYS E 180 -9.49 12.78 14.44
CA CYS E 180 -8.53 13.87 14.49
C CYS E 180 -8.26 14.40 13.08
N ALA E 181 -8.20 15.72 12.90
CA ALA E 181 -7.88 16.32 11.61
C ALA E 181 -6.36 16.36 11.38
N PRO E 182 -5.88 16.09 10.17
CA PRO E 182 -4.45 16.07 9.87
C PRO E 182 -3.86 17.48 9.83
N ALA E 183 -2.54 17.58 9.72
CA ALA E 183 -1.79 18.83 9.73
C ALA E 183 -2.33 19.89 8.77
N GLY E 184 -2.43 21.14 9.22
CA GLY E 184 -2.93 22.25 8.41
C GLY E 184 -4.45 22.32 8.26
N TYR E 185 -5.18 21.38 8.86
CA TYR E 185 -6.61 21.49 9.16
C TYR E 185 -6.83 21.71 10.66
N ALA E 186 -8.07 21.94 11.06
CA ALA E 186 -8.49 22.07 12.45
C ALA E 186 -9.92 21.56 12.60
N ILE E 187 -10.32 21.11 13.79
CA ILE E 187 -11.69 20.72 14.07
C ILE E 187 -12.34 21.80 14.94
N LEU E 188 -13.47 22.33 14.50
CA LEU E 188 -14.25 23.31 15.25
C LEU E 188 -15.47 22.65 15.86
N LYS E 189 -15.68 22.87 17.16
CA LYS E 189 -16.88 22.49 17.88
C LYS E 189 -17.80 23.68 18.02
N CYS E 190 -19.10 23.51 17.83
CA CYS E 190 -20.07 24.47 18.31
C CYS E 190 -20.35 24.24 19.80
N ASN E 191 -19.98 25.18 20.67
CA ASN E 191 -20.25 25.11 22.11
C ASN E 191 -21.46 25.96 22.53
N ASP E 192 -22.25 26.47 21.58
CA ASP E 192 -23.50 27.17 21.89
C ASP E 192 -24.58 26.18 22.35
N GLU E 193 -25.17 26.40 23.53
CA GLU E 193 -26.26 25.56 24.02
C GLU E 193 -27.48 25.62 23.11
N THR E 194 -28.17 24.48 22.98
CA THR E 194 -29.41 24.35 22.19
C THR E 194 -29.23 24.71 20.71
N PHE E 195 -28.03 24.54 20.17
CA PHE E 195 -27.82 24.54 18.73
C PHE E 195 -28.62 23.40 18.08
N ASN E 196 -29.53 23.74 17.17
CA ASN E 196 -30.55 22.84 16.63
C ASN E 196 -30.17 22.33 15.24
N GLY E 197 -28.90 21.99 15.03
CA GLY E 197 -28.41 21.29 13.84
C GLY E 197 -27.97 22.16 12.67
N THR E 198 -28.53 23.36 12.47
CA THR E 198 -28.11 24.30 11.41
C THR E 198 -28.23 25.76 11.85
N GLY E 199 -27.40 26.62 11.28
CA GLY E 199 -27.40 28.07 11.53
C GLY E 199 -26.10 28.60 12.12
N PRO E 200 -26.01 29.90 12.39
CA PRO E 200 -24.84 30.54 12.97
C PRO E 200 -24.68 30.18 14.45
N CYS E 201 -23.66 29.39 14.77
CA CYS E 201 -23.31 29.06 16.15
C CYS E 201 -22.49 30.19 16.79
N SER E 202 -22.95 30.70 17.94
CA SER E 202 -22.42 31.95 18.52
C SER E 202 -21.11 31.82 19.29
N ASN E 203 -20.65 30.60 19.55
CA ASN E 203 -19.56 30.32 20.48
C ASN E 203 -18.86 29.04 20.02
N VAL E 204 -17.66 29.19 19.48
CA VAL E 204 -16.93 28.15 18.74
C VAL E 204 -15.59 27.87 19.38
N SER E 205 -15.18 26.61 19.44
CA SER E 205 -13.91 26.20 20.04
C SER E 205 -13.13 25.31 19.10
N THR E 206 -11.81 25.45 19.08
CA THR E 206 -10.95 24.48 18.39
C THR E 206 -10.74 23.26 19.27
N VAL E 207 -10.63 22.08 18.66
CA VAL E 207 -10.02 20.89 19.27
C VAL E 207 -9.13 20.21 18.25
N GLN E 208 -8.13 19.44 18.69
CA GLN E 208 -7.36 18.59 17.76
C GLN E 208 -8.14 17.34 17.35
N CYS E 209 -8.96 16.80 18.25
CA CYS E 209 -9.72 15.57 18.04
C CYS E 209 -11.09 15.64 18.72
N THR E 210 -12.06 14.88 18.22
CA THR E 210 -13.41 14.76 18.80
C THR E 210 -13.38 14.20 20.22
N HIS E 211 -14.50 14.32 20.94
CA HIS E 211 -14.78 13.48 22.10
C HIS E 211 -14.88 12.00 21.70
N GLY E 212 -14.96 11.10 22.68
CA GLY E 212 -15.00 9.67 22.44
C GLY E 212 -16.33 9.20 21.86
N ILE E 213 -16.40 9.04 20.55
CA ILE E 213 -17.56 8.48 19.86
C ILE E 213 -17.61 6.98 20.14
N ARG E 214 -18.76 6.41 20.50
CA ARG E 214 -18.94 4.94 20.48
C ARG E 214 -19.74 4.58 19.23
N PRO E 215 -19.27 3.68 18.35
CA PRO E 215 -19.90 3.35 17.08
C PRO E 215 -21.07 2.36 17.26
N VAL E 216 -22.06 2.71 18.08
CA VAL E 216 -23.11 1.79 18.52
C VAL E 216 -24.24 1.71 17.49
N VAL E 217 -24.51 0.52 16.97
CA VAL E 217 -25.62 0.27 16.04
C VAL E 217 -26.85 -0.22 16.79
N SER E 218 -27.89 0.61 16.88
CA SER E 218 -29.23 0.20 17.33
C SER E 218 -30.26 1.12 16.71
N THR E 219 -31.46 0.61 16.40
CA THR E 219 -32.24 1.20 15.29
C THR E 219 -33.62 1.72 15.63
N GLN E 220 -33.92 2.07 16.88
CA GLN E 220 -35.19 2.75 17.22
C GLN E 220 -35.01 3.61 18.46
N LEU E 221 -34.30 3.08 19.43
CA LEU E 221 -33.65 3.82 20.50
C LEU E 221 -32.16 3.87 20.16
N LEU E 222 -31.54 5.02 20.33
CA LEU E 222 -30.09 5.17 20.33
C LEU E 222 -29.55 4.76 21.70
N LEU E 223 -28.29 4.35 21.80
CA LEU E 223 -27.75 3.80 23.04
C LEU E 223 -26.38 4.38 23.41
N ASN E 224 -26.14 4.52 24.71
CA ASN E 224 -24.86 4.88 25.32
C ASN E 224 -24.23 6.18 24.79
N GLY E 225 -25.04 7.13 24.35
CA GLY E 225 -24.57 8.40 23.79
C GLY E 225 -24.26 9.48 24.84
N SER E 226 -24.09 10.70 24.34
CA SER E 226 -23.92 11.91 25.14
C SER E 226 -25.23 12.70 25.26
N LEU E 227 -25.58 13.09 26.49
CA LEU E 227 -26.84 13.78 26.80
C LEU E 227 -26.82 15.22 26.28
N ALA E 228 -27.98 15.79 25.96
CA ALA E 228 -28.08 17.24 25.76
C ALA E 228 -28.13 17.94 27.12
N GLU E 229 -27.08 18.69 27.44
CA GLU E 229 -26.73 19.02 28.83
C GLU E 229 -27.63 20.08 29.50
N LYS E 230 -28.59 20.65 28.79
CA LYS E 230 -29.45 21.73 29.29
C LYS E 230 -30.95 21.44 29.18
N GLU E 231 -31.38 20.90 28.06
CA GLU E 231 -32.77 20.59 27.73
C GLU E 231 -32.85 19.38 26.82
N ILE E 232 -34.03 18.76 26.70
CA ILE E 232 -34.34 17.87 25.57
C ILE E 232 -34.34 18.66 24.26
N VAL E 233 -33.73 18.12 23.21
CA VAL E 233 -33.51 18.79 21.93
C VAL E 233 -34.09 17.96 20.79
N ILE E 234 -34.70 18.59 19.81
CA ILE E 234 -35.25 17.95 18.60
C ILE E 234 -34.46 18.42 17.37
N ARG E 235 -33.96 17.52 16.54
CA ARG E 235 -33.23 17.87 15.30
C ARG E 235 -33.85 17.20 14.09
N SER E 236 -34.13 17.93 13.03
CA SER E 236 -34.47 17.37 11.71
C SER E 236 -34.12 18.33 10.58
N GLU E 237 -33.87 17.84 9.38
CA GLU E 237 -33.53 18.70 8.23
C GLU E 237 -34.71 19.59 7.79
N ASN E 238 -35.96 19.12 7.88
CA ASN E 238 -37.16 19.92 7.65
C ASN E 238 -38.37 19.30 8.39
N LEU E 239 -38.72 19.79 9.57
CA LEU E 239 -39.83 19.24 10.36
C LEU E 239 -41.18 19.22 9.63
N THR E 240 -41.41 20.11 8.68
CA THR E 240 -42.70 20.16 7.96
C THR E 240 -42.81 19.02 6.94
N ASN E 241 -41.70 18.55 6.38
CA ASN E 241 -41.66 17.36 5.52
C ASN E 241 -41.51 16.08 6.37
N ASN E 242 -42.59 15.31 6.55
CA ASN E 242 -42.58 14.12 7.40
C ASN E 242 -41.59 13.00 6.98
N ALA E 243 -41.04 13.03 5.77
CA ALA E 243 -40.07 12.04 5.31
C ALA E 243 -38.72 12.12 6.05
N LYS E 244 -38.35 13.31 6.54
CA LYS E 244 -37.10 13.53 7.28
C LYS E 244 -37.23 12.96 8.69
N ILE E 245 -36.32 12.06 9.06
CA ILE E 245 -36.21 11.52 10.42
C ILE E 245 -36.02 12.65 11.43
N ILE E 246 -36.54 12.46 12.63
CA ILE E 246 -36.49 13.41 13.73
C ILE E 246 -35.65 12.80 14.83
N ILE E 247 -34.37 13.14 14.87
CA ILE E 247 -33.47 12.71 15.94
C ILE E 247 -33.80 13.52 17.18
N VAL E 248 -33.97 12.85 18.31
CA VAL E 248 -34.17 13.49 19.62
C VAL E 248 -32.99 13.18 20.55
N HIS E 249 -32.55 14.10 21.39
CA HIS E 249 -31.65 13.82 22.52
C HIS E 249 -32.34 14.05 23.86
N LEU E 250 -32.16 13.10 24.78
CA LEU E 250 -32.66 13.17 26.15
C LEU E 250 -31.72 13.99 27.05
N HIS E 251 -32.27 14.75 27.99
CA HIS E 251 -31.47 15.42 29.02
C HIS E 251 -30.99 14.45 30.12
N THR E 252 -31.77 13.39 30.37
CA THR E 252 -31.56 12.34 31.38
C THR E 252 -31.70 10.96 30.73
N PRO E 253 -30.75 10.04 30.90
CA PRO E 253 -30.87 8.72 30.30
C PRO E 253 -31.93 7.91 31.03
N VAL E 254 -32.64 7.04 30.31
CA VAL E 254 -33.45 5.98 30.91
C VAL E 254 -32.62 4.71 30.89
N GLU E 255 -32.43 4.07 32.03
CA GLU E 255 -31.64 2.84 32.10
C GLU E 255 -32.45 1.64 31.60
N ILE E 256 -31.96 0.97 30.56
CA ILE E 256 -32.56 -0.25 30.01
C ILE E 256 -31.72 -1.45 30.45
N VAL E 257 -32.37 -2.51 30.92
CA VAL E 257 -31.74 -3.81 31.12
C VAL E 257 -32.23 -4.75 30.06
N CYS E 258 -31.33 -5.33 29.29
CA CYS E 258 -31.66 -6.34 28.29
C CYS E 258 -30.95 -7.63 28.62
N THR E 259 -31.71 -8.71 28.59
CA THR E 259 -31.31 -9.94 29.21
C THR E 259 -31.85 -11.13 28.44
N ARG E 260 -31.29 -12.25 28.79
CA ARG E 260 -31.74 -13.58 28.40
C ARG E 260 -31.89 -14.36 29.72
N PRO E 261 -32.86 -15.27 29.81
CA PRO E 261 -32.63 -16.38 30.72
C PRO E 261 -32.94 -17.69 30.01
N ASN E 262 -31.86 -18.43 29.82
CA ASN E 262 -31.65 -19.79 29.37
C ASN E 262 -30.31 -20.19 30.01
N ASN E 263 -30.00 -21.47 30.19
CA ASN E 263 -28.60 -21.89 30.35
C ASN E 263 -28.28 -22.95 29.28
N ASN E 264 -27.19 -22.67 28.58
CA ASN E 264 -26.91 -23.05 27.22
C ASN E 264 -25.42 -23.26 27.06
N THR E 265 -25.08 -24.21 26.22
CA THR E 265 -23.80 -24.88 26.15
C THR E 265 -23.39 -24.78 24.70
N ARG E 266 -22.09 -24.72 24.43
CA ARG E 266 -21.51 -24.28 23.17
C ARG E 266 -20.63 -25.40 22.67
N LYS E 267 -20.79 -25.70 21.40
CA LYS E 267 -20.54 -27.00 20.78
C LYS E 267 -19.66 -26.74 19.58
N SER E 268 -18.76 -27.67 19.27
CA SER E 268 -17.81 -27.48 18.19
C SER E 268 -17.85 -28.66 17.25
N VAL E 269 -17.81 -28.29 15.98
CA VAL E 269 -18.13 -29.05 14.79
C VAL E 269 -17.15 -28.55 13.76
N ARG E 270 -16.67 -29.40 12.86
CA ARG E 270 -15.59 -29.15 11.89
C ARG E 270 -16.02 -29.63 10.50
N ILE E 271 -15.62 -28.95 9.39
CA ILE E 271 -15.68 -29.60 8.05
C ILE E 271 -14.59 -29.09 7.03
N GLY E 272 -13.37 -29.56 7.24
CA GLY E 272 -12.17 -28.77 6.83
C GLY E 272 -10.81 -29.39 7.19
N PRO E 273 -9.68 -28.77 6.77
CA PRO E 273 -8.60 -29.02 7.76
C PRO E 273 -7.72 -27.75 8.06
N GLY E 274 -8.09 -26.87 9.02
CA GLY E 274 -7.37 -25.94 9.95
C GLY E 274 -8.44 -25.18 10.75
N GLN E 275 -8.63 -25.23 12.09
CA GLN E 275 -10.04 -24.95 12.50
C GLN E 275 -10.52 -24.56 13.91
N THR E 276 -11.54 -23.69 13.97
CA THR E 276 -12.52 -23.67 15.05
C THR E 276 -13.86 -23.24 14.42
N PHE E 277 -14.95 -24.01 14.54
CA PHE E 277 -16.33 -23.56 14.23
C PHE E 277 -17.23 -23.88 15.41
N TYR E 278 -18.18 -23.00 15.73
CA TYR E 278 -19.01 -23.03 16.93
C TYR E 278 -20.49 -22.94 16.58
N ALA E 279 -21.23 -23.77 17.27
CA ALA E 279 -22.56 -24.25 17.01
C ALA E 279 -23.22 -24.43 18.37
N THR E 280 -24.54 -24.59 18.44
CA THR E 280 -25.30 -24.44 19.68
C THR E 280 -25.77 -25.81 20.15
N GLY E 281 -25.76 -25.94 21.45
CA GLY E 281 -25.57 -27.11 22.29
C GLY E 281 -26.73 -27.22 23.23
N ASP E 282 -26.59 -28.06 24.25
CA ASP E 282 -27.68 -28.63 25.02
C ASP E 282 -27.82 -27.85 26.34
N ILE E 283 -29.04 -27.90 26.87
CA ILE E 283 -29.71 -26.92 27.71
C ILE E 283 -30.07 -27.56 29.05
N ILE E 284 -30.19 -26.72 30.06
CA ILE E 284 -30.47 -27.02 31.47
C ILE E 284 -31.71 -26.17 31.82
N GLY E 285 -32.69 -26.64 32.59
CA GLY E 285 -34.02 -26.09 32.33
C GLY E 285 -34.89 -25.42 33.39
N ASP E 286 -35.21 -24.20 32.98
CA ASP E 286 -36.33 -23.30 33.19
C ASP E 286 -36.45 -22.50 31.87
N ILE E 287 -37.63 -22.09 31.40
CA ILE E 287 -37.72 -21.50 30.05
C ILE E 287 -38.45 -20.17 30.14
N LYS E 288 -37.77 -19.15 29.63
CA LYS E 288 -38.11 -17.74 29.69
C LYS E 288 -37.60 -17.11 28.40
N GLN E 289 -38.29 -16.12 27.85
CA GLN E 289 -37.86 -15.48 26.62
C GLN E 289 -36.75 -14.44 26.88
N ALA E 290 -35.90 -14.20 25.90
CA ALA E 290 -35.07 -13.00 25.86
C ALA E 290 -35.96 -11.75 25.98
N HIS E 291 -35.63 -10.84 26.90
CA HIS E 291 -36.47 -9.67 27.16
C HIS E 291 -35.69 -8.46 27.63
N CYS E 292 -36.33 -7.30 27.61
CA CYS E 292 -35.78 -6.06 28.14
C CYS E 292 -36.77 -5.39 29.07
N ASN E 293 -36.28 -4.77 30.14
CA ASN E 293 -37.09 -4.03 31.10
C ASN E 293 -36.72 -2.55 31.09
N ILE E 294 -37.73 -1.71 30.89
CA ILE E 294 -37.67 -0.24 30.94
C ILE E 294 -38.55 0.22 32.09
N SER E 295 -38.08 1.12 32.95
CA SER E 295 -38.88 1.59 34.09
C SER E 295 -40.04 2.47 33.62
N GLU E 296 -41.29 2.08 33.90
CA GLU E 296 -42.50 2.86 33.54
C GLU E 296 -42.38 4.32 33.99
N GLU E 297 -41.97 4.52 35.24
CA GLU E 297 -41.86 5.84 35.87
C GLU E 297 -41.01 6.79 35.02
N LYS E 298 -39.78 6.37 34.70
CA LYS E 298 -38.85 7.18 33.93
C LYS E 298 -39.34 7.34 32.49
N TRP E 299 -39.87 6.28 31.89
CA TRP E 299 -40.27 6.30 30.50
C TRP E 299 -41.45 7.20 30.24
N ASN E 300 -42.48 7.11 31.09
CA ASN E 300 -43.68 7.95 31.02
C ASN E 300 -43.30 9.44 31.07
N ASP E 301 -42.55 9.88 32.08
CA ASP E 301 -42.00 11.23 32.14
C ASP E 301 -41.24 11.63 30.87
N THR E 302 -40.44 10.72 30.30
CA THR E 302 -39.63 11.02 29.11
C THR E 302 -40.52 11.29 27.91
N LEU E 303 -41.46 10.40 27.60
CA LEU E 303 -42.38 10.63 26.48
C LEU E 303 -43.39 11.76 26.76
N GLN E 304 -43.70 12.07 28.01
CA GLN E 304 -44.39 13.31 28.39
C GLN E 304 -43.58 14.53 27.95
N LYS E 305 -42.31 14.64 28.38
CA LYS E 305 -41.47 15.82 28.08
C LYS E 305 -41.24 16.02 26.58
N VAL E 306 -40.88 14.96 25.85
CA VAL E 306 -40.74 15.03 24.38
C VAL E 306 -42.03 15.50 23.72
N GLY E 307 -43.20 15.19 24.29
CA GLY E 307 -44.47 15.66 23.76
C GLY E 307 -44.66 17.17 23.89
N ILE E 308 -44.18 17.77 24.98
CA ILE E 308 -44.12 19.24 25.15
C ILE E 308 -43.17 19.84 24.11
N GLU E 309 -41.98 19.26 23.96
CA GLU E 309 -41.00 19.79 23.01
C GLU E 309 -41.51 19.73 21.58
N LEU E 310 -42.09 18.62 21.15
CA LEU E 310 -42.73 18.52 19.84
C LEU E 310 -43.89 19.52 19.71
N GLN E 311 -44.71 19.75 20.73
CA GLN E 311 -45.76 20.77 20.68
C GLN E 311 -45.23 22.20 20.46
N LYS E 312 -43.99 22.52 20.80
CA LYS E 312 -43.43 23.87 20.51
C LYS E 312 -43.10 24.06 19.03
N HIS E 313 -42.95 23.00 18.26
CA HIS E 313 -42.93 23.00 16.80
C HIS E 313 -44.29 22.71 16.16
N PHE E 314 -45.17 22.00 16.87
CA PHE E 314 -46.50 21.58 16.43
C PHE E 314 -47.57 22.14 17.40
N PRO E 315 -47.92 23.43 17.27
CA PRO E 315 -48.69 24.14 18.29
C PRO E 315 -50.17 23.76 18.30
N ASN E 316 -50.82 23.91 19.46
CA ASN E 316 -52.25 23.74 19.68
C ASN E 316 -52.83 22.43 19.13
N LYS E 317 -52.08 21.34 19.25
CA LYS E 317 -52.55 19.99 18.93
C LYS E 317 -51.97 18.94 19.88
N THR E 318 -52.72 17.87 20.04
CA THR E 318 -52.40 16.70 20.86
C THR E 318 -51.47 15.75 20.13
N ILE E 319 -50.60 15.05 20.84
CA ILE E 319 -49.61 14.13 20.26
C ILE E 319 -49.80 12.71 20.78
N LYS E 320 -49.70 11.71 19.89
CA LYS E 320 -49.68 10.28 20.26
C LYS E 320 -48.50 9.55 19.61
N TYR E 321 -47.80 8.70 20.35
CA TYR E 321 -46.75 7.83 19.83
C TYR E 321 -47.35 6.47 19.49
N ASN E 322 -46.94 5.84 18.38
CA ASN E 322 -47.57 4.62 17.89
C ASN E 322 -46.55 3.59 17.35
N GLN E 323 -47.02 2.40 16.97
CA GLN E 323 -46.18 1.28 16.55
C GLN E 323 -45.35 1.62 15.31
N SER E 324 -44.20 0.97 15.14
CA SER E 324 -43.46 1.07 13.87
C SER E 324 -44.30 0.53 12.72
N ALA E 325 -44.09 1.05 11.51
CA ALA E 325 -45.09 0.94 10.44
C ALA E 325 -45.37 -0.48 9.95
N GLY E 326 -44.34 -1.22 9.55
CA GLY E 326 -44.45 -2.53 8.91
C GLY E 326 -43.20 -2.91 8.12
N GLY E 327 -43.23 -4.08 7.49
CA GLY E 327 -42.04 -4.74 6.96
C GLY E 327 -41.56 -5.86 7.88
N ASP E 328 -40.32 -6.29 7.72
CA ASP E 328 -39.76 -7.40 8.51
C ASP E 328 -39.19 -6.93 9.87
N MET E 329 -38.82 -7.86 10.74
CA MET E 329 -38.24 -7.56 12.05
C MET E 329 -36.97 -6.70 11.94
N GLU E 330 -36.23 -6.84 10.83
CA GLU E 330 -35.02 -6.09 10.50
C GLU E 330 -35.20 -4.57 10.49
N ILE E 331 -36.44 -4.08 10.33
CA ILE E 331 -36.77 -2.64 10.32
C ILE E 331 -37.81 -2.29 11.40
N THR E 332 -38.75 -3.20 11.66
CA THR E 332 -39.84 -2.96 12.64
C THR E 332 -39.49 -3.25 14.09
N THR E 333 -38.30 -3.77 14.40
CA THR E 333 -37.86 -4.01 15.78
C THR E 333 -36.53 -3.31 16.09
N HIS E 334 -36.27 -3.10 17.37
CA HIS E 334 -35.04 -2.56 17.92
C HIS E 334 -33.88 -3.54 17.71
N SER E 335 -33.13 -3.45 16.62
CA SER E 335 -31.85 -4.16 16.48
C SER E 335 -30.87 -3.68 17.54
N PHE E 336 -29.88 -4.48 17.96
CA PHE E 336 -29.30 -4.28 19.30
C PHE E 336 -27.81 -4.55 19.49
N ASN E 337 -27.33 -5.77 19.20
CA ASN E 337 -26.05 -6.34 19.63
C ASN E 337 -25.72 -6.13 21.13
N CYS E 338 -26.11 -7.08 21.99
CA CYS E 338 -25.81 -7.09 23.42
C CYS E 338 -24.88 -8.26 23.74
N GLY E 339 -23.70 -7.99 24.27
CA GLY E 339 -22.75 -9.01 24.77
C GLY E 339 -22.23 -10.02 23.73
N GLY E 340 -22.54 -9.86 22.45
CA GLY E 340 -22.21 -10.80 21.38
C GLY E 340 -23.39 -11.61 20.84
N GLU E 341 -24.61 -11.37 21.29
CA GLU E 341 -25.84 -11.89 20.68
C GLU E 341 -26.62 -10.74 20.03
N PHE E 342 -27.19 -10.95 18.85
CA PHE E 342 -27.95 -9.92 18.16
C PHE E 342 -29.42 -10.00 18.53
N PHE E 343 -29.82 -9.34 19.62
CA PHE E 343 -31.23 -9.24 19.97
C PHE E 343 -31.98 -8.41 18.93
N TYR E 344 -33.25 -8.72 18.73
CA TYR E 344 -34.20 -7.95 17.93
C TYR E 344 -35.50 -7.85 18.72
N CYS E 345 -35.69 -6.76 19.46
CA CYS E 345 -36.77 -6.65 20.44
C CYS E 345 -37.94 -5.84 19.91
N ASN E 346 -39.16 -6.36 20.07
CA ASN E 346 -40.39 -5.64 19.75
C ASN E 346 -40.52 -4.34 20.54
N THR E 347 -41.12 -3.30 19.97
CA THR E 347 -41.41 -2.03 20.67
C THR E 347 -42.87 -1.60 20.62
N SER E 348 -43.79 -2.35 20.03
CA SER E 348 -45.21 -1.98 20.02
C SER E 348 -45.88 -1.97 21.40
N ASN E 349 -45.23 -2.54 22.41
CA ASN E 349 -45.61 -2.44 23.82
C ASN E 349 -45.24 -1.09 24.48
N LEU E 350 -44.44 -0.25 23.81
CA LEU E 350 -43.67 0.85 24.39
C LEU E 350 -44.01 2.22 23.78
N PHE E 351 -44.05 2.33 22.46
CA PHE E 351 -44.54 3.52 21.74
C PHE E 351 -46.06 3.42 21.56
N ASN E 352 -46.82 3.64 22.63
CA ASN E 352 -48.23 3.31 22.68
C ASN E 352 -49.07 4.31 23.49
N GLY E 353 -50.38 4.32 23.24
CA GLY E 353 -51.46 4.73 24.15
C GLY E 353 -51.38 6.12 24.78
N THR E 354 -50.56 7.00 24.20
CA THR E 354 -50.10 8.22 24.88
C THR E 354 -50.84 9.45 24.36
N TYR E 355 -51.30 10.27 25.28
CA TYR E 355 -52.08 11.49 25.05
C TYR E 355 -51.17 12.74 25.10
N ASN E 356 -51.77 13.93 25.18
CA ASN E 356 -51.11 15.21 25.07
C ASN E 356 -49.96 15.40 26.07
N GLY E 357 -48.72 15.53 25.59
CA GLY E 357 -47.53 15.66 26.44
C GLY E 357 -47.59 16.82 27.44
N THR E 358 -48.19 17.95 27.05
CA THR E 358 -48.42 19.08 27.96
C THR E 358 -49.43 18.74 29.06
N TYR E 359 -50.56 18.10 28.74
CA TYR E 359 -51.53 17.70 29.78
C TYR E 359 -50.97 16.62 30.71
N ILE E 360 -50.17 15.68 30.20
CA ILE E 360 -49.54 14.60 31.00
C ILE E 360 -48.59 15.17 32.07
N SER E 361 -48.12 16.42 31.98
CA SER E 361 -47.46 17.10 33.11
C SER E 361 -48.30 17.16 34.39
N THR E 362 -49.61 16.91 34.31
CA THR E 362 -50.51 16.76 35.47
C THR E 362 -50.22 15.48 36.28
N ASN E 363 -49.79 14.41 35.60
CA ASN E 363 -49.34 13.16 36.23
C ASN E 363 -47.93 13.36 36.80
N SER E 364 -46.90 13.22 35.95
CA SER E 364 -45.50 13.61 36.15
C SER E 364 -44.78 13.08 37.41
N SER E 365 -45.38 12.16 38.17
CA SER E 365 -44.82 11.57 39.40
C SER E 365 -45.43 10.20 39.72
N ALA E 366 -44.67 9.32 40.37
CA ALA E 366 -45.13 8.07 40.96
C ALA E 366 -44.14 7.57 42.05
N ASN E 367 -44.62 6.71 42.96
CA ASN E 367 -43.74 5.85 43.76
C ASN E 367 -43.21 4.71 42.87
N SER E 368 -41.94 4.34 42.99
CA SER E 368 -41.29 3.48 41.99
C SER E 368 -41.87 2.06 41.93
N THR E 369 -42.01 1.51 40.72
CA THR E 369 -42.99 0.46 40.43
C THR E 369 -42.53 -0.48 39.31
N SER E 370 -43.45 -1.25 38.72
CA SER E 370 -43.23 -2.25 37.68
C SER E 370 -42.57 -1.70 36.41
N THR E 371 -41.88 -2.57 35.69
CA THR E 371 -41.25 -2.25 34.41
C THR E 371 -42.17 -2.52 33.23
N ILE E 372 -42.06 -1.72 32.17
CA ILE E 372 -42.47 -2.12 30.84
C ILE E 372 -41.52 -3.23 30.40
N THR E 373 -42.04 -4.31 29.83
CA THR E 373 -41.25 -5.47 29.40
C THR E 373 -41.40 -5.71 27.90
N LEU E 374 -40.28 -5.89 27.20
CA LEU E 374 -40.23 -6.15 25.76
C LEU E 374 -39.87 -7.62 25.49
N GLN E 375 -40.60 -8.30 24.62
CA GLN E 375 -40.23 -9.61 24.09
C GLN E 375 -39.15 -9.48 23.00
N CYS E 376 -38.26 -10.45 22.89
CA CYS E 376 -37.18 -10.40 21.89
C CYS E 376 -37.02 -11.68 21.06
N ARG E 377 -36.97 -11.52 19.74
CA ARG E 377 -36.42 -12.51 18.82
C ARG E 377 -34.90 -12.46 18.92
N ILE E 378 -34.19 -13.55 18.68
CA ILE E 378 -32.72 -13.57 18.51
C ILE E 378 -32.41 -14.31 17.23
N LYS E 379 -31.34 -13.94 16.53
CA LYS E 379 -30.87 -14.62 15.32
C LYS E 379 -29.36 -14.57 15.19
N GLN E 380 -28.78 -15.48 14.41
CA GLN E 380 -27.33 -15.58 14.25
C GLN E 380 -26.83 -15.26 12.85
N ILE E 381 -27.63 -15.48 11.80
CA ILE E 381 -27.26 -15.18 10.42
C ILE E 381 -27.63 -13.73 10.12
N ILE E 382 -26.65 -12.86 9.90
CA ILE E 382 -26.83 -11.41 9.91
C ILE E 382 -26.31 -10.80 8.61
N ASN E 383 -27.08 -9.92 7.99
CA ASN E 383 -26.70 -9.09 6.83
C ASN E 383 -26.50 -7.64 7.27
N MET E 384 -25.46 -7.40 8.07
CA MET E 384 -25.40 -6.29 9.03
C MET E 384 -25.75 -4.91 8.49
N TRP E 385 -25.07 -4.45 7.45
CA TRP E 385 -25.17 -3.06 6.99
C TRP E 385 -26.30 -2.87 5.97
N GLN E 386 -27.51 -3.33 6.32
CA GLN E 386 -28.72 -3.19 5.50
C GLN E 386 -28.58 -3.70 4.06
N GLY E 387 -27.81 -4.78 3.90
CA GLY E 387 -27.57 -5.48 2.64
C GLY E 387 -26.15 -5.32 2.07
N VAL E 388 -25.36 -4.33 2.51
CA VAL E 388 -23.94 -4.23 2.13
C VAL E 388 -23.00 -4.82 3.17
N GLY E 389 -21.74 -5.05 2.80
CA GLY E 389 -20.81 -5.87 3.57
C GLY E 389 -21.16 -7.37 3.51
N ARG E 390 -20.22 -8.21 3.96
CA ARG E 390 -20.38 -9.68 3.94
C ARG E 390 -21.54 -10.16 4.83
N CYS E 391 -22.13 -11.30 4.50
CA CYS E 391 -22.96 -12.03 5.45
C CYS E 391 -22.12 -12.51 6.64
N MET E 392 -22.60 -12.35 7.85
CA MET E 392 -21.92 -12.80 9.05
C MET E 392 -22.75 -13.85 9.76
N TYR E 393 -22.12 -14.87 10.31
CA TYR E 393 -22.71 -15.72 11.33
C TYR E 393 -22.07 -15.38 12.68
N ALA E 394 -22.86 -14.99 13.67
CA ALA E 394 -22.36 -14.73 15.01
C ALA E 394 -22.38 -16.03 15.84
N PRO E 395 -21.24 -16.55 16.30
CA PRO E 395 -21.19 -17.78 17.07
C PRO E 395 -21.92 -17.62 18.41
N PRO E 396 -22.56 -18.67 18.94
CA PRO E 396 -23.35 -18.58 20.15
C PRO E 396 -22.49 -18.24 21.36
N ILE E 397 -23.07 -17.57 22.35
CA ILE E 397 -22.41 -17.28 23.63
C ILE E 397 -22.98 -18.18 24.73
N ALA E 398 -22.11 -18.79 25.54
CA ALA E 398 -22.48 -19.66 26.64
C ALA E 398 -23.05 -18.88 27.84
N GLY E 399 -24.07 -19.42 28.49
CA GLY E 399 -24.58 -18.95 29.78
C GLY E 399 -24.90 -17.45 29.88
N ASN E 400 -24.03 -16.68 30.54
CA ASN E 400 -24.34 -15.39 31.15
C ASN E 400 -24.36 -14.18 30.19
N ILE E 401 -25.36 -14.15 29.30
CA ILE E 401 -25.72 -12.95 28.53
C ILE E 401 -26.68 -12.07 29.31
N THR E 402 -26.25 -10.83 29.57
CA THR E 402 -27.01 -9.71 30.14
C THR E 402 -26.19 -8.45 29.89
N CYS E 403 -26.82 -7.35 29.48
CA CYS E 403 -26.17 -6.06 29.43
C CYS E 403 -27.11 -4.94 29.86
N ARG E 404 -26.55 -3.82 30.28
CA ARG E 404 -27.25 -2.66 30.80
C ARG E 404 -26.82 -1.44 30.02
N SER E 405 -27.74 -0.59 29.61
CA SER E 405 -27.45 0.51 28.71
C SER E 405 -28.24 1.76 29.08
N ASN E 406 -27.84 2.89 28.51
CA ASN E 406 -28.55 4.15 28.66
C ASN E 406 -29.24 4.49 27.34
N ILE E 407 -30.57 4.62 27.34
CA ILE E 407 -31.27 5.25 26.23
C ILE E 407 -30.92 6.72 26.28
N THR E 408 -30.34 7.29 25.24
CA THR E 408 -29.98 8.72 25.21
C THR E 408 -30.64 9.50 24.09
N GLY E 409 -31.23 8.85 23.10
CA GLY E 409 -31.91 9.51 22.01
C GLY E 409 -32.82 8.57 21.25
N LEU E 410 -33.70 9.09 20.41
CA LEU E 410 -34.74 8.34 19.72
C LEU E 410 -34.70 8.68 18.22
N LEU E 411 -35.16 7.78 17.36
CA LEU E 411 -35.32 8.03 15.93
C LEU E 411 -36.80 7.96 15.57
N LEU E 412 -37.46 9.12 15.51
CA LEU E 412 -38.87 9.25 15.15
C LEU E 412 -39.06 9.58 13.65
N THR E 413 -40.29 9.46 13.17
CA THR E 413 -40.85 10.23 12.04
C THR E 413 -42.23 10.74 12.46
N ARG E 414 -42.79 11.75 11.81
CA ARG E 414 -44.23 12.02 11.95
C ARG E 414 -45.03 10.95 11.19
N ASP E 415 -46.32 10.86 11.46
CA ASP E 415 -47.24 9.94 10.78
C ASP E 415 -47.58 10.41 9.34
N GLY E 416 -48.37 9.63 8.60
CA GLY E 416 -48.84 9.96 7.25
C GLY E 416 -49.85 11.12 7.17
N GLY E 417 -50.17 11.57 5.96
CA GLY E 417 -50.91 12.81 5.68
C GLY E 417 -52.43 12.76 5.91
N THR E 418 -52.86 12.50 7.15
CA THR E 418 -54.27 12.52 7.56
C THR E 418 -54.86 13.95 7.62
N ASN E 419 -56.15 14.05 7.93
CA ASN E 419 -56.82 15.31 8.27
C ASN E 419 -56.11 16.11 9.39
N SER E 420 -55.35 15.45 10.25
CA SER E 420 -54.56 16.06 11.34
C SER E 420 -55.37 16.96 12.27
N ASN E 421 -56.67 16.71 12.42
CA ASN E 421 -57.53 17.61 13.20
C ASN E 421 -57.24 17.45 14.69
N GLU E 422 -56.90 18.56 15.37
CA GLU E 422 -56.55 18.61 16.79
C GLU E 422 -55.41 17.68 17.26
N THR E 423 -54.77 16.97 16.33
CA THR E 423 -53.89 15.83 16.62
C THR E 423 -52.76 15.68 15.61
N GLU E 424 -51.64 15.16 16.09
CA GLU E 424 -50.50 14.70 15.29
C GLU E 424 -49.94 13.40 15.88
N THR E 425 -49.20 12.60 15.13
CA THR E 425 -48.72 11.29 15.59
C THR E 425 -47.30 11.01 15.12
N PHE E 426 -46.58 10.18 15.86
CA PHE E 426 -45.15 9.91 15.64
C PHE E 426 -44.82 8.43 15.85
N ARG E 427 -43.86 7.92 15.08
CA ARG E 427 -43.53 6.49 15.02
C ARG E 427 -42.03 6.24 15.02
N PRO E 428 -41.51 5.20 15.68
CA PRO E 428 -40.09 4.87 15.61
C PRO E 428 -39.75 4.26 14.25
N ALA E 429 -38.63 4.65 13.66
CA ALA E 429 -38.11 4.06 12.42
C ALA E 429 -36.58 4.23 12.32
N GLY E 430 -35.86 3.17 11.99
CA GLY E 430 -34.41 3.15 12.13
C GLY E 430 -33.62 3.86 11.04
N GLY E 431 -34.16 3.89 9.82
CA GLY E 431 -33.51 4.52 8.67
C GLY E 431 -32.10 4.01 8.39
N ASP E 432 -31.32 4.80 7.66
CA ASP E 432 -29.93 4.51 7.37
C ASP E 432 -29.07 4.68 8.63
N MET E 433 -28.07 3.82 8.84
CA MET E 433 -27.28 3.78 10.08
C MET E 433 -26.51 5.07 10.37
N ARG E 434 -26.37 5.96 9.39
CA ARG E 434 -25.71 7.25 9.54
C ARG E 434 -26.22 8.08 10.72
N ASP E 435 -27.48 7.95 11.09
CA ASP E 435 -28.04 8.75 12.19
C ASP E 435 -27.54 8.31 13.59
N ASN E 436 -27.03 7.09 13.70
CA ASN E 436 -26.27 6.67 14.87
C ASN E 436 -24.92 7.42 14.98
N TRP E 437 -24.44 8.05 13.90
CA TRP E 437 -23.26 8.92 13.93
C TRP E 437 -23.65 10.40 14.04
N ARG E 438 -24.67 10.88 13.32
CA ARG E 438 -25.14 12.28 13.43
C ARG E 438 -25.58 12.66 14.83
N SER E 439 -26.10 11.74 15.61
CA SER E 439 -26.40 11.96 17.03
C SER E 439 -25.16 12.02 17.93
N GLU E 440 -23.96 12.20 17.37
CA GLU E 440 -22.76 12.59 18.09
C GLU E 440 -21.95 13.66 17.33
N LEU E 441 -21.83 13.53 16.00
CA LEU E 441 -21.09 14.47 15.15
C LEU E 441 -21.91 15.69 14.70
N TYR E 442 -22.94 16.10 15.41
CA TYR E 442 -23.80 17.23 15.05
C TYR E 442 -23.09 18.56 15.24
N LYS E 443 -22.46 18.76 16.40
CA LYS E 443 -21.77 19.99 16.79
C LYS E 443 -20.36 20.17 16.23
N TYR E 444 -20.04 19.63 15.06
CA TYR E 444 -18.66 19.52 14.58
C TYR E 444 -18.46 19.97 13.13
N LYS E 445 -17.23 20.41 12.84
CA LYS E 445 -16.76 20.80 11.50
C LYS E 445 -15.26 20.57 11.34
N VAL E 446 -14.81 20.30 10.13
CA VAL E 446 -13.39 20.35 9.75
C VAL E 446 -13.12 21.57 8.85
N VAL E 447 -12.09 22.35 9.14
CA VAL E 447 -11.70 23.52 8.34
C VAL E 447 -10.24 23.43 7.91
N LYS E 448 -9.91 23.96 6.73
CA LYS E 448 -8.58 24.02 6.14
C LYS E 448 -8.00 25.40 6.35
N ILE E 449 -6.80 25.52 6.89
CA ILE E 449 -6.18 26.82 7.13
C ILE E 449 -5.52 27.31 5.84
N GLU E 450 -5.61 28.60 5.53
CA GLU E 450 -4.94 29.21 4.36
C GLU E 450 -3.96 30.30 4.80
N PRO E 451 -2.75 29.94 5.22
CA PRO E 451 -1.93 30.79 6.06
C PRO E 451 -1.30 32.01 5.37
N LEU E 452 -1.30 32.14 4.04
CA LEU E 452 -0.76 33.30 3.32
C LEU E 452 -1.75 34.47 3.31
N GLY E 453 -1.30 35.69 3.61
CA GLY E 453 -2.14 36.88 3.53
C GLY E 453 -1.38 38.08 3.02
N VAL E 454 -2.10 39.01 2.38
CA VAL E 454 -1.56 40.28 1.85
C VAL E 454 -2.38 41.45 2.37
N ALA E 455 -1.75 42.53 2.80
CA ALA E 455 -2.42 43.68 3.40
C ALA E 455 -1.66 45.00 3.19
N PRO E 456 -2.35 46.14 3.17
CA PRO E 456 -1.74 47.47 3.10
C PRO E 456 -1.15 47.88 4.43
N THR E 457 0.03 48.51 4.41
CA THR E 457 0.55 49.31 5.53
C THR E 457 1.55 50.36 5.07
N ARG E 458 1.94 51.29 5.94
CA ARG E 458 2.87 52.40 5.64
C ARG E 458 4.34 52.00 5.56
N CYS E 459 4.71 50.74 5.77
CA CYS E 459 6.04 50.25 5.46
C CYS E 459 6.38 50.51 3.98
N LYS E 460 7.26 51.46 3.69
CA LYS E 460 7.35 52.05 2.34
C LYS E 460 7.82 51.04 1.30
N ARG E 461 8.90 50.34 1.63
CA ARG E 461 9.65 49.42 0.76
C ARG E 461 10.52 48.51 1.61
N ARG E 462 10.98 47.42 1.00
CA ARG E 462 12.23 46.77 1.38
C ARG E 462 13.39 47.48 0.69
N VAL E 463 13.70 48.70 1.11
CA VAL E 463 14.78 49.50 0.51
C VAL E 463 16.09 48.70 0.55
N VAL E 464 16.87 48.76 -0.53
CA VAL E 464 18.05 47.91 -0.75
C VAL E 464 19.01 47.91 0.45
N GLY E 465 19.10 46.77 1.14
CA GLY E 465 19.98 46.55 2.31
C GLY E 465 19.58 47.22 3.64
N ARG E 466 18.42 47.87 3.71
CA ARG E 466 18.00 48.75 4.84
C ARG E 466 17.56 47.96 6.08
N PHE F 1 2.11 31.61 25.03
CA PHE F 1 1.40 30.69 24.11
C PHE F 1 -0.11 30.98 24.14
N LEU F 2 -0.62 31.76 23.18
CA LEU F 2 -2.07 31.98 23.01
C LEU F 2 -2.80 30.77 22.37
N GLY F 3 -2.08 29.85 21.74
CA GLY F 3 -2.61 28.65 21.09
C GLY F 3 -2.88 28.83 19.59
N PHE F 4 -2.97 27.70 18.91
CA PHE F 4 -3.24 27.62 17.47
C PHE F 4 -4.61 28.20 17.14
N LEU F 5 -4.71 29.07 16.13
CA LEU F 5 -5.90 29.88 15.83
C LEU F 5 -6.40 30.74 17.01
N GLY F 6 -5.68 30.84 18.14
CA GLY F 6 -6.17 31.41 19.40
C GLY F 6 -6.45 32.91 19.39
N ALA F 7 -6.18 33.58 18.28
CA ALA F 7 -6.45 34.99 18.03
C ALA F 7 -7.39 35.24 16.82
N ALA F 8 -8.13 34.24 16.32
CA ALA F 8 -8.98 34.41 15.14
C ALA F 8 -10.10 35.46 15.32
N GLY F 9 -10.55 35.70 16.55
CA GLY F 9 -11.45 36.80 16.89
C GLY F 9 -10.80 38.17 17.07
N SER F 10 -9.46 38.25 17.14
CA SER F 10 -8.76 39.49 17.49
C SER F 10 -8.54 40.37 16.27
N THR F 11 -8.33 41.67 16.50
CA THR F 11 -7.99 42.61 15.43
C THR F 11 -6.65 42.23 14.77
N MET F 12 -6.49 42.55 13.49
CA MET F 12 -5.28 42.25 12.72
C MET F 12 -3.99 42.76 13.42
N GLY F 13 -4.05 43.91 14.08
CA GLY F 13 -2.93 44.45 14.85
C GLY F 13 -2.52 43.64 16.08
N ALA F 14 -3.40 42.79 16.61
CA ALA F 14 -3.10 41.84 17.68
C ALA F 14 -2.75 40.45 17.13
N ALA F 15 -3.55 39.92 16.20
CA ALA F 15 -3.34 38.57 15.66
C ALA F 15 -1.99 38.42 14.94
N SER F 16 -1.52 39.47 14.27
CA SER F 16 -0.21 39.52 13.60
C SER F 16 0.98 39.39 14.55
N MET F 17 0.80 39.37 15.87
CA MET F 17 1.86 39.02 16.84
C MET F 17 2.02 37.50 17.08
N THR F 18 1.09 36.65 16.63
CA THR F 18 1.08 35.20 16.93
C THR F 18 1.69 34.31 15.85
N LEU F 19 2.21 34.85 14.75
CA LEU F 19 2.37 34.08 13.52
C LEU F 19 3.23 32.81 13.68
N THR F 20 4.30 32.86 14.48
CA THR F 20 5.14 31.69 14.74
C THR F 20 4.35 30.55 15.36
N VAL F 21 3.47 30.84 16.32
CA VAL F 21 2.65 29.89 17.10
C VAL F 21 1.76 29.05 16.21
N GLN F 22 1.22 29.68 15.18
CA GLN F 22 0.41 29.02 14.19
C GLN F 22 1.22 28.35 13.07
N ALA F 23 2.21 29.03 12.48
CA ALA F 23 3.02 28.48 11.40
C ALA F 23 3.74 27.18 11.79
N ARG F 24 4.27 27.11 13.03
CA ARG F 24 4.97 25.94 13.61
C ARG F 24 4.09 24.68 13.71
N ASN F 25 2.80 24.75 13.39
CA ASN F 25 1.87 23.62 13.41
C ASN F 25 1.18 23.37 12.04
N LEU F 26 1.70 23.94 10.94
CA LEU F 26 1.28 23.59 9.57
C LEU F 26 1.97 22.33 9.02
N LEU F 27 2.93 21.80 9.77
CA LEU F 27 3.80 20.69 9.41
C LEU F 27 3.84 19.72 10.59
N SER F 28 3.13 18.61 10.48
CA SER F 28 3.02 17.63 11.57
C SER F 28 2.75 16.22 11.03
N GLY F 29 2.94 15.21 11.86
CA GLY F 29 2.87 13.78 11.51
C GLY F 29 3.63 12.92 12.51
N LEU F 50 -1.95 -6.62 5.62
CA LEU F 50 -3.33 -6.76 6.05
C LEU F 50 -4.13 -5.43 5.99
N THR F 51 -3.46 -4.30 5.75
CA THR F 51 -4.05 -2.95 5.95
C THR F 51 -3.77 -1.95 4.83
N VAL F 52 -4.80 -1.17 4.48
CA VAL F 52 -4.75 -0.01 3.56
C VAL F 52 -4.75 1.33 4.30
N TRP F 53 -4.97 1.34 5.61
CA TRP F 53 -4.92 2.56 6.43
C TRP F 53 -3.52 3.21 6.47
N GLY F 54 -2.45 2.45 6.18
CA GLY F 54 -1.15 3.02 5.88
C GLY F 54 -1.18 3.97 4.68
N ILE F 55 -1.93 3.64 3.63
CA ILE F 55 -2.10 4.52 2.45
C ILE F 55 -2.85 5.80 2.80
N LYS F 56 -3.85 5.78 3.69
CA LYS F 56 -4.47 7.03 4.20
C LYS F 56 -3.42 7.94 4.84
N GLN F 57 -2.70 7.44 5.84
CA GLN F 57 -1.75 8.28 6.57
C GLN F 57 -0.66 8.82 5.66
N LEU F 58 -0.09 8.01 4.77
CA LEU F 58 0.86 8.50 3.78
C LEU F 58 0.23 9.58 2.90
N GLN F 59 -0.95 9.33 2.35
CA GLN F 59 -1.57 10.22 1.38
C GLN F 59 -2.07 11.54 2.02
N ALA F 60 -2.36 11.55 3.31
CA ALA F 60 -2.53 12.79 4.07
C ALA F 60 -1.18 13.49 4.31
N ARG F 61 -0.17 12.79 4.81
CA ARG F 61 1.13 13.39 5.16
C ARG F 61 1.90 13.95 3.97
N VAL F 62 1.95 13.22 2.85
CA VAL F 62 2.58 13.73 1.62
C VAL F 62 1.83 14.96 1.09
N LEU F 63 0.50 15.01 1.15
CA LEU F 63 -0.26 16.20 0.78
C LEU F 63 -0.03 17.38 1.72
N ALA F 64 0.13 17.15 3.01
CA ALA F 64 0.42 18.21 3.98
C ALA F 64 1.82 18.82 3.75
N VAL F 65 2.83 17.99 3.48
CA VAL F 65 4.17 18.44 3.09
C VAL F 65 4.17 19.14 1.74
N GLU F 66 3.44 18.63 0.74
CA GLU F 66 3.31 19.30 -0.56
C GLU F 66 2.70 20.71 -0.41
N ARG F 67 1.64 20.89 0.38
CA ARG F 67 1.05 22.22 0.62
C ARG F 67 2.02 23.18 1.30
N TYR F 68 2.77 22.73 2.28
CA TYR F 68 3.75 23.59 2.93
C TYR F 68 4.85 24.02 1.96
N LEU F 69 5.40 23.10 1.16
CA LEU F 69 6.42 23.45 0.18
C LEU F 69 5.89 24.36 -0.92
N ARG F 70 4.64 24.21 -1.36
CA ARG F 70 4.07 25.19 -2.30
C ARG F 70 4.02 26.59 -1.69
N ASP F 71 3.70 26.76 -0.41
CA ASP F 71 3.76 28.08 0.23
C ASP F 71 5.17 28.64 0.31
N GLN F 72 6.14 27.84 0.77
CA GLN F 72 7.51 28.30 0.90
C GLN F 72 8.14 28.63 -0.45
N GLN F 73 7.84 27.88 -1.50
CA GLN F 73 8.28 28.23 -2.85
C GLN F 73 7.71 29.59 -3.28
N LEU F 74 6.44 29.83 -3.03
CA LEU F 74 5.77 31.07 -3.41
C LEU F 74 6.28 32.29 -2.62
N LEU F 75 6.61 32.14 -1.33
CA LEU F 75 7.27 33.21 -0.59
C LEU F 75 8.66 33.52 -1.13
N GLY F 76 9.40 32.52 -1.58
CA GLY F 76 10.73 32.71 -2.17
C GLY F 76 10.69 33.48 -3.49
N ILE F 77 9.69 33.20 -4.33
CA ILE F 77 9.49 33.93 -5.57
C ILE F 77 9.15 35.41 -5.34
N TRP F 78 8.41 35.75 -4.28
CA TRP F 78 8.13 37.15 -3.90
C TRP F 78 9.32 37.85 -3.23
N GLY F 79 10.36 37.11 -2.86
CA GLY F 79 11.54 37.62 -2.17
C GLY F 79 11.47 37.59 -0.64
N CYS F 80 10.37 37.15 -0.05
CA CYS F 80 10.17 37.15 1.41
C CYS F 80 10.79 35.96 2.14
N SER F 81 11.43 34.98 1.47
CA SER F 81 11.79 33.69 2.07
C SER F 81 12.46 33.82 3.44
N GLY F 82 11.95 33.09 4.42
CA GLY F 82 12.37 33.12 5.82
C GLY F 82 11.61 34.11 6.70
N LYS F 83 11.22 35.27 6.19
CA LYS F 83 10.40 36.21 6.98
C LYS F 83 8.96 35.70 7.09
N LEU F 84 8.31 36.08 8.19
CA LEU F 84 6.88 35.87 8.43
C LEU F 84 6.13 37.17 8.11
N ILE F 85 6.35 38.22 8.90
CA ILE F 85 5.97 39.59 8.54
C ILE F 85 6.97 40.08 7.50
N CYS F 86 6.51 40.50 6.32
CA CYS F 86 7.41 40.89 5.24
C CYS F 86 6.91 42.11 4.48
N CYS F 87 7.81 43.06 4.19
CA CYS F 87 7.51 44.26 3.42
C CYS F 87 7.87 44.07 1.95
N THR F 88 7.18 44.74 1.03
CA THR F 88 7.45 44.69 -0.42
C THR F 88 7.21 46.07 -1.02
N ASN F 89 7.72 46.33 -2.23
CA ASN F 89 7.65 47.66 -2.83
C ASN F 89 6.40 47.89 -3.70
N VAL F 90 5.50 46.91 -3.81
CA VAL F 90 4.30 47.06 -4.64
C VAL F 90 3.33 48.05 -3.97
N PRO F 91 2.89 49.13 -4.64
CA PRO F 91 1.92 50.07 -4.10
C PRO F 91 0.50 49.52 -4.13
N TRP F 92 -0.39 50.04 -3.27
CA TRP F 92 -1.82 49.74 -3.33
C TRP F 92 -2.52 50.44 -4.49
N ASN F 93 -3.53 49.77 -5.03
CA ASN F 93 -4.50 50.35 -5.95
C ASN F 93 -5.83 50.48 -5.20
N SER F 94 -6.36 51.70 -5.11
CA SER F 94 -7.60 51.98 -4.39
C SER F 94 -8.81 51.18 -4.87
N SER F 95 -8.76 50.56 -6.06
CA SER F 95 -9.80 49.62 -6.51
C SER F 95 -9.83 48.30 -5.72
N TRP F 96 -8.69 47.80 -5.21
CA TRP F 96 -8.64 46.54 -4.45
C TRP F 96 -9.27 46.69 -3.07
N SER F 97 -8.93 47.78 -2.38
CA SER F 97 -9.56 48.27 -1.17
C SER F 97 -9.16 49.73 -0.94
N ASN F 98 -9.93 50.48 -0.14
CA ASN F 98 -9.64 51.90 0.10
C ASN F 98 -10.09 52.43 1.47
N ARG F 99 -10.53 51.56 2.40
CA ARG F 99 -10.89 51.98 3.75
C ARG F 99 -9.67 52.53 4.51
N ASN F 100 -9.90 53.49 5.40
CA ASN F 100 -8.84 54.13 6.19
C ASN F 100 -8.02 53.09 6.98
N LEU F 101 -6.72 53.34 7.16
CA LEU F 101 -5.80 52.39 7.77
C LEU F 101 -6.23 51.87 9.16
N SER F 102 -6.79 52.70 10.03
CA SER F 102 -7.30 52.22 11.31
C SER F 102 -8.49 51.27 11.17
N GLU F 103 -9.31 51.40 10.13
CA GLU F 103 -10.41 50.46 9.89
C GLU F 103 -9.94 49.05 9.52
N ILE F 104 -8.65 48.87 9.25
CA ILE F 104 -8.04 47.56 9.08
C ILE F 104 -7.47 47.14 10.43
N TRP F 105 -6.27 47.61 10.75
CA TRP F 105 -5.41 47.02 11.76
C TRP F 105 -5.97 47.14 13.18
N ASP F 106 -6.57 48.28 13.49
CA ASP F 106 -7.09 48.63 14.82
C ASP F 106 -8.53 48.13 15.05
N ASN F 107 -9.17 47.51 14.05
CA ASN F 107 -10.63 47.43 13.98
C ASN F 107 -11.22 46.07 13.61
N MET F 108 -10.61 45.27 12.73
CA MET F 108 -11.24 44.03 12.23
C MET F 108 -10.26 42.86 12.10
N THR F 109 -10.79 41.64 11.96
CA THR F 109 -10.03 40.38 12.01
C THR F 109 -9.48 39.96 10.65
N TRP F 110 -8.40 39.17 10.63
CA TRP F 110 -7.83 38.64 9.39
C TRP F 110 -8.83 37.84 8.56
N LEU F 111 -9.67 37.08 9.22
CA LEU F 111 -10.73 36.30 8.60
C LEU F 111 -11.79 37.20 7.94
N GLN F 112 -12.17 38.30 8.58
CA GLN F 112 -13.13 39.22 7.97
C GLN F 112 -12.53 40.03 6.83
N TRP F 113 -11.27 40.42 6.95
CA TRP F 113 -10.49 41.03 5.87
C TRP F 113 -10.34 40.08 4.67
N ASP F 114 -10.08 38.80 4.89
CA ASP F 114 -9.95 37.83 3.81
C ASP F 114 -11.17 37.82 2.91
N LYS F 115 -12.37 37.87 3.49
CA LYS F 115 -13.65 37.90 2.76
C LYS F 115 -13.96 39.27 2.15
N GLU F 116 -13.10 40.26 2.31
CA GLU F 116 -13.15 41.54 1.59
C GLU F 116 -12.13 41.57 0.45
N ILE F 117 -10.89 41.17 0.70
CA ILE F 117 -9.81 41.30 -0.29
C ILE F 117 -9.78 40.19 -1.34
N SER F 118 -10.56 39.13 -1.16
CA SER F 118 -10.50 37.86 -1.89
C SER F 118 -10.54 37.94 -3.42
N ASN F 119 -11.08 39.01 -4.02
CA ASN F 119 -11.02 39.24 -5.46
C ASN F 119 -9.58 39.40 -5.99
N TYR F 120 -8.71 40.02 -5.21
CA TYR F 120 -7.42 40.56 -5.66
C TYR F 120 -6.22 39.64 -5.40
N THR F 121 -6.46 38.49 -4.77
CA THR F 121 -5.61 37.31 -4.90
C THR F 121 -5.46 36.97 -6.39
N GLN F 122 -4.35 36.32 -6.78
CA GLN F 122 -3.85 36.18 -8.16
C GLN F 122 -3.43 37.50 -8.82
N ILE F 123 -4.26 38.55 -8.78
CA ILE F 123 -3.92 39.86 -9.37
C ILE F 123 -2.67 40.44 -8.69
N ILE F 124 -2.65 40.43 -7.36
CA ILE F 124 -1.49 40.86 -6.58
C ILE F 124 -0.31 39.89 -6.72
N TYR F 125 -0.51 38.59 -6.92
CA TYR F 125 0.61 37.65 -7.00
C TYR F 125 1.44 37.85 -8.26
N GLY F 126 0.81 37.99 -9.42
CA GLY F 126 1.54 38.26 -10.68
C GLY F 126 2.30 39.58 -10.63
N LEU F 127 1.74 40.58 -9.95
CA LEU F 127 2.37 41.86 -9.68
C LEU F 127 3.62 41.73 -8.76
N LEU F 128 3.63 40.77 -7.83
CA LEU F 128 4.78 40.52 -6.96
C LEU F 128 5.87 39.70 -7.65
N GLU F 129 5.51 38.63 -8.37
CA GLU F 129 6.46 37.71 -9.00
C GLU F 129 7.36 38.42 -10.01
N GLU F 130 6.80 38.81 -11.15
CA GLU F 130 7.54 39.49 -12.20
C GLU F 130 7.76 40.94 -11.80
N SER F 131 6.65 41.65 -11.61
CA SER F 131 6.65 43.11 -11.52
C SER F 131 7.12 43.67 -10.18
N GLN F 132 7.79 42.83 -9.38
CA GLN F 132 8.73 43.31 -8.42
C GLN F 132 9.99 42.46 -8.37
N ASN F 133 9.92 41.20 -7.95
CA ASN F 133 11.16 40.53 -7.59
C ASN F 133 12.01 40.08 -8.77
N GLN F 134 11.45 39.76 -9.94
CA GLN F 134 12.32 39.58 -11.11
C GLN F 134 13.06 40.88 -11.44
N GLN F 135 12.36 42.02 -11.45
CA GLN F 135 12.99 43.28 -11.77
C GLN F 135 14.09 43.67 -10.75
N GLU F 136 13.84 43.50 -9.46
CA GLU F 136 14.88 43.67 -8.44
C GLU F 136 16.11 42.80 -8.74
N LYS F 137 15.92 41.55 -9.17
CA LYS F 137 17.04 40.64 -9.47
C LYS F 137 17.78 41.03 -10.74
N ASN F 138 17.10 41.56 -11.76
CA ASN F 138 17.76 42.11 -12.94
C ASN F 138 18.70 43.27 -12.56
N GLU F 139 18.17 44.25 -11.80
CA GLU F 139 18.93 45.40 -11.36
C GLU F 139 20.06 45.02 -10.40
N GLN F 140 19.84 44.04 -9.51
CA GLN F 140 20.87 43.58 -8.59
C GLN F 140 22.07 43.00 -9.33
N ASP F 141 21.85 42.17 -10.35
CA ASP F 141 22.94 41.60 -11.14
C ASP F 141 23.74 42.72 -11.84
N LEU F 142 23.04 43.72 -12.38
CA LEU F 142 23.66 44.92 -12.95
C LEU F 142 24.35 45.84 -11.92
N LEU F 143 24.11 45.68 -10.62
CA LEU F 143 24.88 46.37 -9.58
C LEU F 143 26.15 45.60 -9.22
N ALA F 144 26.04 44.30 -8.94
CA ALA F 144 27.16 43.43 -8.56
C ALA F 144 28.11 43.10 -9.73
N LEU F 145 27.70 43.46 -10.95
CA LEU F 145 28.58 43.71 -12.09
C LEU F 145 29.74 44.66 -11.75
N ASP F 146 29.49 45.64 -10.87
CA ASP F 146 30.42 46.72 -10.51
C ASP F 146 30.91 47.49 -11.75
C1 NAG G . 24.35 -37.35 30.89
C2 NAG G . 25.18 -38.09 31.96
C3 NAG G . 24.46 -39.39 32.33
C4 NAG G . 23.00 -39.15 32.77
C5 NAG G . 22.26 -38.25 31.77
C6 NAG G . 20.88 -37.82 32.24
C7 NAG G . 27.60 -37.74 31.81
C8 NAG G . 28.90 -38.12 31.11
N2 NAG G . 26.52 -38.42 31.45
O3 NAG G . 25.18 -40.05 33.39
O4 NAG G . 22.29 -40.46 32.79
O5 NAG G . 23.05 -37.04 31.47
O6 NAG G . 20.35 -36.87 31.28
O7 NAG G . 27.55 -36.85 32.65
H1 NAG G . 24.20 -38.01 30.04
H2 NAG G . 25.25 -37.46 32.84
H3 NAG G . 24.44 -40.05 31.47
H4 NAG G . 22.97 -38.70 33.76
H5 NAG G . 22.13 -38.81 30.83
H61 NAG G . 20.20 -38.68 32.30
H62 NAG G . 20.93 -37.34 33.22
H81 NAG G . 29.43 -37.40 30.99
H82 NAG G . 29.38 -38.72 31.58
H83 NAG G . 28.82 -38.50 30.27
HN2 NAG G . 26.59 -39.10 30.72
HO3 NAG G . 26.09 -40.12 33.17
HO6 NAG G . 19.43 -36.73 31.48
C1 NAG G . 21.79 -41.00 34.06
C2 NAG G . 22.93 -41.47 35.02
C3 NAG G . 22.42 -41.92 36.38
C4 NAG G . 21.42 -40.90 36.97
C5 NAG G . 20.31 -40.55 35.97
C6 NAG G . 19.34 -39.49 36.50
C7 NAG G . 23.35 -43.64 33.91
C8 NAG G . 24.39 -44.51 33.18
N2 NAG G . 23.79 -42.49 34.41
O3 NAG G . 23.54 -42.07 37.30
O4 NAG G . 20.86 -41.45 38.24
O5 NAG G . 20.93 -40.03 34.73
O6 NAG G . 18.10 -39.58 35.77
O7 NAG G . 22.17 -43.99 34.01
H1 NAG G . 21.16 -41.85 33.81
H2 NAG G . 23.56 -40.60 35.20
H3 NAG G . 21.94 -42.88 36.28
H4 NAG G . 21.96 -40.00 37.21
H5 NAG G . 19.76 -41.45 35.71
H61 NAG G . 19.13 -39.64 37.56
H62 NAG G . 19.75 -38.49 36.37
H81 NAG G . 24.34 -44.35 32.17
H82 NAG G . 24.21 -45.50 33.36
H83 NAG G . 25.34 -44.31 33.49
HN2 NAG G . 24.73 -42.22 34.24
HO3 NAG G . 24.18 -42.68 36.93
HO6 NAG G . 17.67 -40.41 36.00
C1 BMA G . 19.94 -42.60 38.20
C2 BMA G . 19.93 -43.31 39.58
C3 BMA G . 18.87 -44.43 39.56
C4 BMA G . 17.49 -43.87 39.18
C5 BMA G . 17.54 -43.18 37.81
C6 BMA G . 16.21 -42.51 37.43
O2 BMA G . 19.59 -42.37 40.63
O3 BMA G . 18.82 -45.08 40.87
O4 BMA G . 16.56 -44.98 39.12
O5 BMA G . 18.59 -42.15 37.85
O6 BMA G . 16.34 -41.82 36.16
H1 BMA G . 20.28 -43.30 37.45
H2 BMA G . 20.91 -43.72 39.78
H3 BMA G . 19.18 -45.18 38.82
H4 BMA G . 17.14 -43.18 39.94
H5 BMA G . 17.79 -43.91 37.04
H61 BMA G . 15.42 -43.26 37.33
H62 BMA G . 15.90 -41.79 38.19
HO2 BMA G . 19.52 -42.86 41.45
HO3 BMA G . 19.50 -45.68 40.95
HO4 BMA G . 16.68 -45.49 39.91
HO6 BMA G . 15.48 -41.56 35.87
C1 NAG H . 30.24 -41.94 24.83
C2 NAG H . 29.15 -43.03 24.71
C3 NAG H . 29.52 -44.21 25.60
C4 NAG H . 30.95 -44.73 25.31
C5 NAG H . 31.99 -43.60 25.28
C6 NAG H . 33.39 -44.04 24.82
C7 NAG H . 26.85 -42.28 24.27
C8 NAG H . 25.65 -41.51 24.81
N2 NAG H . 27.86 -42.48 25.12
O3 NAG H . 28.57 -45.29 25.42
O4 NAG H . 31.35 -45.61 26.42
O5 NAG H . 31.51 -42.50 24.39
O6 NAG H . 33.35 -44.77 23.58
O7 NAG H . 26.87 -42.72 23.12
H1 NAG H . 30.33 -41.64 25.87
H2 NAG H . 29.11 -43.36 23.67
H3 NAG H . 29.48 -43.88 26.64
H4 NAG H . 30.94 -45.28 24.37
H5 NAG H . 32.09 -43.19 26.28
H61 NAG H . 33.85 -44.66 25.58
H62 NAG H . 34.03 -43.17 24.69
H81 NAG H . 25.32 -41.96 25.72
H82 NAG H . 24.84 -41.52 24.09
H83 NAG H . 25.95 -40.50 24.99
HN2 NAG H . 27.79 -42.07 26.03
HO3 NAG H . 27.71 -45.01 25.63
HO6 NAG H . 33.16 -45.68 23.76
C1 NAG H . 31.71 -47.01 26.15
C2 NAG H . 30.49 -47.93 25.91
C3 NAG H . 30.98 -49.38 25.70
C4 NAG H . 32.04 -49.47 24.59
C5 NAG H . 33.19 -48.47 24.81
C6 NAG H . 34.18 -48.44 23.64
C7 NAG H . 29.69 -48.11 28.26
C8 NAG H . 28.45 -48.11 29.15
N2 NAG H . 29.49 -47.84 26.98
O3 NAG H . 29.85 -50.24 25.37
O4 NAG H . 32.62 -50.84 24.67
O5 NAG H . 32.64 -47.11 25.02
O6 NAG H . 33.55 -47.86 22.48
O7 NAG H . 30.80 -48.38 28.71
H1 NAG H . 32.26 -47.37 27.02
H2 NAG H . 30.01 -47.60 25.00
H3 NAG H . 31.41 -49.75 26.63
H4 NAG H . 31.57 -49.31 23.63
H5 NAG H . 33.73 -48.76 25.70
H61 NAG H . 34.52 -49.45 23.40
H62 NAG H . 35.05 -47.85 23.91
H81 NAG H . 28.52 -48.68 29.92
H82 NAG H . 28.24 -47.24 29.50
H83 NAG H . 27.70 -48.40 28.67
HN2 NAG H . 28.59 -47.59 26.68
HO3 NAG H . 30.18 -51.05 25.00
HO6 NAG H . 34.17 -47.83 21.77
C1 BMA H . 32.33 -51.74 23.55
C2 BMA H . 33.10 -53.06 23.74
C3 BMA H . 32.71 -54.06 22.64
C4 BMA H . 31.20 -54.29 22.60
C5 BMA H . 30.46 -52.95 22.42
C6 BMA H . 28.93 -53.05 22.41
O2 BMA H . 32.80 -53.65 25.03
O3 BMA H . 33.39 -55.33 22.86
O4 BMA H . 30.91 -55.15 21.47
O5 BMA H . 30.88 -52.00 23.49
O6 BMA H . 28.44 -53.48 23.70
H1 BMA H . 32.64 -51.26 22.63
H2 BMA H . 34.17 -52.86 23.69
H3 BMA H . 33.03 -53.66 21.68
H4 BMA H . 30.86 -54.78 23.52
H5 BMA H . 30.76 -52.53 21.47
H61 BMA H . 28.51 -52.07 22.19
H62 BMA H . 28.60 -53.75 21.64
HO2 BMA H . 33.13 -54.53 25.03
HO3 BMA H . 34.27 -55.29 22.53
HO4 BMA H . 31.47 -55.89 21.54
HO6 BMA H . 27.51 -53.48 23.68
C1 NAG I . 31.10 -8.95 29.71
C2 NAG I . 29.89 -9.41 30.54
C3 NAG I . 29.61 -8.37 31.63
C4 NAG I . 30.86 -7.98 32.42
C5 NAG I . 32.07 -7.67 31.53
C6 NAG I . 33.36 -7.45 32.33
C7 NAG I . 28.41 -10.72 29.09
C8 NAG I . 27.13 -10.69 28.25
N2 NAG I . 28.73 -9.57 29.68
O3 NAG I . 28.60 -8.88 32.53
O4 NAG I . 30.53 -6.75 33.17
O5 NAG I . 32.25 -8.78 30.59
O6 NAG I . 33.71 -8.68 32.99
O7 NAG I . 29.11 -11.72 29.21
H1 NAG I . 30.89 -8.00 29.22
H2 NAG I . 30.14 -10.36 31.01
H3 NAG I . 29.21 -7.47 31.15
H4 NAG I . 31.11 -8.77 33.12
H5 NAG I . 31.86 -6.76 30.96
H61 NAG I . 34.16 -7.18 31.65
H62 NAG I . 33.24 -6.67 33.06
H81 NAG I . 27.15 -9.84 27.57
H82 NAG I . 26.27 -10.60 28.88
H83 NAG I . 27.07 -11.59 27.65
HN2 NAG I . 28.12 -8.78 29.54
HO3 NAG I . 28.59 -8.33 33.32
HO6 NAG I . 33.89 -9.33 32.32
C1 NAG I . 30.55 -6.91 34.62
C2 NAG I . 30.41 -5.53 35.32
C3 NAG I . 30.38 -5.77 36.85
C4 NAG I . 29.26 -6.74 37.22
C5 NAG I . 29.37 -8.07 36.46
C6 NAG I . 28.20 -9.03 36.66
C7 NAG I . 31.37 -3.65 34.08
C8 NAG I . 32.64 -2.85 33.76
N2 NAG I . 31.50 -4.65 34.94
O3 NAG I . 30.19 -4.51 37.56
O4 NAG I . 29.35 -6.99 38.63
O5 NAG I . 29.43 -7.77 35.02
O6 NAG I . 28.14 -9.46 38.03
O7 NAG I . 30.29 -3.39 33.53
H1 NAG I . 31.48 -7.37 34.91
H2 NAG I . 29.45 -5.10 35.03
H3 NAG I . 31.34 -6.18 37.15
H4 NAG I . 28.28 -6.28 37.01
H5 NAG I . 30.29 -8.57 36.75
H61 NAG I . 27.26 -8.53 36.41
H62 NAG I . 28.32 -9.89 36.02
H81 NAG I . 32.96 -3.02 32.94
H82 NAG I . 32.55 -1.93 33.79
H83 NAG I . 33.32 -3.02 34.33
HN2 NAG I . 32.41 -4.80 35.37
HO3 NAG I . 30.05 -4.73 38.47
HO4 NAG I . 28.88 -7.80 38.82
HO6 NAG I . 27.58 -10.09 38.10
C1 NAG J . 40.70 -0.16 16.74
C2 NAG J . 40.11 -1.40 16.03
C3 NAG J . 40.88 -1.71 14.75
C4 NAG J . 41.12 -0.48 13.88
C5 NAG J . 41.68 0.69 14.69
C6 NAG J . 41.82 1.94 13.82
C7 NAG J . 41.10 -3.07 17.56
C8 NAG J . 40.83 -4.30 18.45
N2 NAG J . 40.05 -2.56 16.93
O3 NAG J . 40.19 -2.71 13.98
O4 NAG J . 42.13 -0.82 12.87
O5 NAG J . 40.76 0.96 15.81
O6 NAG J . 42.37 3.01 14.62
O7 NAG J . 42.21 -2.58 17.46
H1 NAG J . 41.72 -0.35 17.08
H2 NAG J . 39.08 -1.17 15.73
H3 NAG J . 41.86 -2.12 15.02
H4 NAG J . 40.17 -0.17 13.44
H5 NAG J . 42.65 0.41 15.09
H61 NAG J . 40.84 2.23 13.43
H62 NAG J . 42.48 1.75 12.98
H81 NAG J . 40.22 -5.02 17.92
H82 NAG J . 41.76 -4.76 18.73
H83 NAG J . 40.32 -3.98 19.34
HN2 NAG J . 39.19 -3.07 16.94
HO3 NAG J . 40.82 -3.39 13.76
HO6 NAG J . 42.55 3.74 14.08
C1 NAG J . 41.73 -1.11 11.48
C2 NAG J . 41.87 -2.60 11.13
C3 NAG J . 41.64 -2.76 9.63
C4 NAG J . 40.21 -2.29 9.33
C5 NAG J . 40.00 -0.83 9.76
C6 NAG J . 38.57 -0.32 9.55
C7 NAG J . 43.37 -3.81 12.64
C8 NAG J . 44.81 -4.13 12.99
N2 NAG J . 43.19 -3.11 11.53
O3 NAG J . 41.81 -4.13 9.21
O4 NAG J . 39.82 -2.51 7.91
O5 NAG J . 40.37 -0.67 11.18
O6 NAG J . 37.67 -1.08 10.34
O7 NAG J . 42.42 -4.17 13.35
H1 NAG J . 42.40 -0.54 10.86
H2 NAG J . 41.10 -3.17 11.64
H3 NAG J . 42.35 -2.13 9.09
H4 NAG J . 39.53 -2.90 9.93
H5 NAG J . 40.68 -0.19 9.18
H61 NAG J . 38.50 0.72 9.83
H62 NAG J . 38.29 -0.41 8.50
H81 NAG J . 44.88 -4.74 13.85
H82 NAG J . 45.34 -3.25 13.19
H83 NAG J . 45.29 -4.63 12.20
HN2 NAG J . 43.99 -2.79 11.02
HO3 NAG J . 42.68 -4.44 9.43
HO6 NAG J . 36.92 -1.32 9.80
C1 BMA J . 40.66 -1.99 6.82
C2 BMA J . 40.08 -2.54 5.51
C3 BMA J . 40.71 -1.86 4.29
C4 BMA J . 40.63 -0.33 4.36
C5 BMA J . 41.27 0.16 5.67
C6 BMA J . 41.16 1.67 5.90
O2 BMA J . 38.66 -2.31 5.49
O3 BMA J . 40.03 -2.33 3.09
O4 BMA J . 41.37 0.20 3.23
O5 BMA J . 40.62 -0.53 6.81
O6 BMA J . 39.79 2.04 6.12
H1 BMA J . 41.69 -2.33 6.96
H2 BMA J . 40.25 -3.62 5.46
H3 BMA J . 41.76 -2.15 4.22
H4 BMA J . 39.59 0.00 4.30
H5 BMA J . 42.32 -0.12 5.66
H61 BMA J . 41.75 1.94 6.78
H62 BMA J . 41.57 2.22 5.05
HO2 BMA J . 38.33 -2.49 6.37
HO3 BMA J . 39.12 -2.48 3.34
HO4 BMA J . 41.03 -0.21 2.46
HO6 BMA J . 39.77 2.95 6.35
C1 NAG K . 26.58 -23.52 3.82
C2 NAG K . 25.20 -24.05 3.42
C3 NAG K . 25.34 -25.04 2.27
C4 NAG K . 26.12 -24.44 1.09
C5 NAG K . 27.44 -23.82 1.53
C6 NAG K . 28.13 -23.06 0.39
C7 NAG K . 23.18 -24.65 4.67
C8 NAG K . 22.61 -25.21 5.97
N2 NAG K . 24.51 -24.67 4.54
O3 NAG K . 24.03 -25.43 1.81
O4 NAG K . 26.43 -25.51 0.13
O5 NAG K . 27.21 -22.90 2.65
O6 NAG K . 29.16 -22.24 0.92
O7 NAG K . 22.47 -24.22 3.79
H1 NAG K . 27.22 -24.32 4.19
H2 NAG K . 24.61 -23.20 3.08
H3 NAG K . 25.86 -25.92 2.63
H4 NAG K . 25.51 -23.67 0.62
H5 NAG K . 28.11 -24.62 1.88
H61 NAG K . 28.56 -23.76 -0.31
H62 NAG K . 27.42 -22.45 -0.12
H81 NAG K . 21.55 -25.19 5.94
H82 NAG K . 22.95 -24.60 6.79
H83 NAG K . 22.95 -26.21 6.12
HN2 NAG K . 25.08 -25.18 5.20
HO3 NAG K . 23.36 -25.10 2.40
HO6 NAG K . 28.82 -21.81 1.70
C1 NAG K . 25.93 -25.30 -1.23
C2 NAG K . 26.48 -26.39 -2.16
C3 NAG K . 25.95 -26.13 -3.57
C4 NAG K . 24.41 -26.06 -3.59
C5 NAG K . 23.86 -25.06 -2.57
C6 NAG K . 22.33 -25.17 -2.47
C7 NAG K . 28.61 -27.38 -1.49
C8 NAG K . 30.13 -27.41 -1.68
N2 NAG K . 27.95 -26.44 -2.15
O3 NAG K . 26.39 -27.18 -4.47
O4 NAG K . 23.96 -25.61 -4.91
O5 NAG K . 24.47 -25.33 -1.26
O6 NAG K . 21.81 -24.35 -1.42
O7 NAG K . 28.05 -28.20 -0.77
H1 NAG K . 26.28 -24.32 -1.58
H2 NAG K . 26.07 -27.35 -1.82
H3 NAG K . 26.35 -25.17 -3.92
H4 NAG K . 24.01 -27.05 -3.37
H5 NAG K . 24.13 -24.05 -2.88
H61 NAG K . 21.87 -24.86 -3.41
H62 NAG K . 22.05 -26.19 -2.27
H81 NAG K . 30.52 -28.40 -1.44
H82 NAG K . 30.38 -27.18 -2.72
H83 NAG K . 30.60 -26.68 -1.02
HN2 NAG K . 28.44 -25.82 -2.74
HO3 NAG K . 25.96 -27.06 -5.31
HO6 NAG K . 21.66 -23.45 -1.74
C1 BMA K . 23.41 -26.63 -5.79
C2 BMA K . 22.47 -25.96 -6.80
C3 BMA K . 21.97 -26.97 -7.83
C4 BMA K . 23.14 -27.65 -8.53
C5 BMA K . 24.10 -28.31 -7.52
C6 BMA K . 25.39 -28.85 -8.13
O2 BMA K . 23.16 -24.87 -7.45
O3 BMA K . 21.10 -26.34 -8.86
O4 BMA K . 22.62 -28.68 -9.40
O5 BMA K . 24.50 -27.32 -6.49
O6 BMA K . 26.15 -27.74 -8.72
H1 BMA K . 22.84 -27.35 -5.20
H2 BMA K . 21.64 -25.55 -6.24
H3 BMA K . 21.38 -27.73 -7.30
H4 BMA K . 23.68 -26.93 -9.12
H5 BMA K . 23.59 -29.12 -7.01
H61 BMA K . 25.98 -29.34 -7.36
H62 BMA K . 25.16 -29.59 -8.90
HO2 BMA K . 22.86 -24.06 -7.04
HO4 BMA K . 22.05 -28.29 -10.03
C1 MAN K . 19.75 -26.00 -8.40
C2 MAN K . 18.84 -25.81 -9.63
C3 MAN K . 19.17 -24.51 -10.37
C4 MAN K . 19.18 -23.30 -9.43
C5 MAN K . 20.21 -23.56 -8.33
C6 MAN K . 20.38 -22.42 -7.32
O2 MAN K . 17.45 -25.73 -9.19
O3 MAN K . 18.17 -24.30 -11.40
O4 MAN K . 19.54 -22.13 -10.20
O5 MAN K . 19.78 -24.77 -7.60
O6 MAN K . 21.53 -22.70 -6.50
H1 MAN K . 19.37 -26.82 -7.80
H2 MAN K . 18.94 -26.66 -10.30
H3 MAN K . 20.14 -24.60 -10.85
H4 MAN K . 18.19 -23.15 -9.00
H5 MAN K . 21.17 -23.74 -8.80
H61 MAN K . 20.54 -21.47 -7.83
H62 MAN K . 19.51 -22.32 -6.69
HO2 MAN K . 17.19 -26.55 -8.80
HO3 MAN K . 17.34 -24.58 -11.05
HO4 MAN K . 19.07 -22.18 -11.02
HO6 MAN K . 21.51 -22.13 -5.74
C1 MAN K . 27.52 -28.10 -9.14
C2 MAN K . 28.24 -26.81 -9.58
C3 MAN K . 27.64 -26.26 -10.87
C4 MAN K . 27.59 -27.32 -11.98
C5 MAN K . 26.88 -28.60 -11.50
C6 MAN K . 26.99 -29.72 -12.55
O2 MAN K . 29.65 -27.10 -9.81
O3 MAN K . 28.43 -25.13 -11.32
O4 MAN K . 26.87 -26.75 -13.09
O5 MAN K . 27.49 -29.07 -10.24
O6 MAN K . 26.24 -30.88 -12.15
H1 MAN K . 28.03 -28.53 -8.29
H2 MAN K . 28.16 -26.07 -8.79
H3 MAN K . 26.64 -25.91 -10.66
H4 MAN K . 28.60 -27.56 -12.30
H5 MAN K . 25.82 -28.39 -11.33
H61 MAN K . 26.62 -29.38 -13.51
H62 MAN K . 28.03 -30.00 -12.67
HO2 MAN K . 30.05 -26.34 -10.20
HO3 MAN K . 28.27 -24.37 -10.77
HO4 MAN K . 27.24 -25.89 -13.24
HO6 MAN K . 26.33 -31.56 -12.82
C1 NAG L . 4.27 -49.38 -3.96
C2 NAG L . 5.10 -50.45 -4.71
C3 NAG L . 4.78 -50.34 -6.21
C4 NAG L . 3.27 -50.44 -6.45
C5 NAG L . 2.52 -49.40 -5.62
C6 NAG L . 1.01 -49.43 -5.77
C7 NAG L . 7.28 -49.27 -4.65
C8 NAG L . 8.72 -49.33 -4.16
N2 NAG L . 6.53 -50.36 -4.42
O3 NAG L . 5.48 -51.39 -6.92
O4 NAG L . 2.96 -50.17 -7.86
O5 NAG L . 2.86 -49.61 -4.21
O6 NAG L . 0.51 -50.56 -5.07
O7 NAG L . 6.81 -48.27 -5.16
H1 NAG L . 4.53 -48.39 -4.32
H2 NAG L . 4.78 -51.42 -4.36
H3 NAG L . 5.13 -49.39 -6.60
H4 NAG L . 2.92 -51.43 -6.17
H5 NAG L . 2.87 -48.41 -5.93
H61 NAG L . 0.58 -48.53 -5.34
H62 NAG L . 0.72 -49.48 -6.81
H81 NAG L . 9.31 -49.92 -4.86
H82 NAG L . 9.13 -48.34 -4.10
H83 NAG L . 8.76 -49.78 -3.19
HN2 NAG L . 6.99 -51.19 -4.13
HO3 NAG L . 5.10 -51.46 -7.79
HO6 NAG L . 0.84 -50.50 -4.18
C1 NAG L . 2.65 -51.36 -8.65
C2 NAG L . 1.85 -50.99 -9.91
C3 NAG L . 1.65 -52.26 -10.75
C4 NAG L . 2.98 -52.93 -11.08
C5 NAG L . 3.75 -53.26 -9.81
C6 NAG L . 5.15 -53.86 -10.05
C7 NAG L . 0.21 -49.16 -9.89
C8 NAG L . -1.19 -48.69 -9.48
N2 NAG L . 0.55 -50.40 -9.55
O3 NAG L . 0.95 -51.97 -11.99
O4 NAG L . 2.68 -54.21 -11.76
O5 NAG L . 3.90 -52.02 -9.01
O6 NAG L . 5.90 -53.01 -10.94
O7 NAG L . 0.98 -48.42 -10.49
H1 NAG L . 2.05 -52.03 -8.03
H2 NAG L . 2.45 -50.29 -10.49
H3 NAG L . 1.04 -52.96 -10.19
H4 NAG L . 3.56 -52.28 -11.72
H5 NAG L . 3.18 -53.97 -9.22
H61 NAG L . 5.68 -53.96 -9.11
H62 NAG L . 5.05 -54.85 -10.50
H81 NAG L . -1.21 -47.62 -9.42
H82 NAG L . -1.46 -49.10 -8.52
H83 NAG L . -1.91 -49.03 -10.23
HN2 NAG L . -0.13 -50.99 -9.09
HO3 NAG L . 0.94 -52.74 -12.53
HO6 NAG L . 6.80 -53.30 -10.95
C1 BMA L . 3.37 -54.39 -13.04
C2 BMA L . 3.29 -55.89 -13.40
C3 BMA L . 3.77 -56.16 -14.82
C4 BMA L . 3.06 -55.25 -15.84
C5 BMA L . 3.19 -53.78 -15.46
C6 BMA L . 2.39 -52.85 -16.38
O2 BMA L . 1.91 -56.32 -13.28
O3 BMA L . 3.51 -57.55 -15.14
O4 BMA L . 3.68 -55.46 -17.14
O5 BMA L . 2.69 -53.58 -14.07
O6 BMA L . 2.43 -51.51 -15.88
H1 BMA L . 4.40 -54.09 -12.96
H2 BMA L . 3.89 -56.46 -12.70
H3 BMA L . 4.85 -55.99 -14.88
H4 BMA L . 2.01 -55.53 -15.90
H5 BMA L . 4.24 -53.48 -15.49
H61 BMA L . 2.79 -52.88 -17.38
H62 BMA L . 1.36 -53.19 -16.44
HO2 BMA L . 1.57 -55.96 -12.47
HO3 BMA L . 2.68 -57.77 -14.75
HO4 BMA L . 3.72 -56.40 -17.28
HO6 BMA L . 2.15 -51.54 -14.99
C1 NAG M . 21.17 -40.64 21.73
C2 NAG M . 20.25 -41.41 20.77
C3 NAG M . 19.37 -42.42 21.52
C4 NAG M . 20.04 -43.23 22.65
C5 NAG M . 20.98 -42.34 23.49
C6 NAG M . 21.91 -43.05 24.48
C7 NAG M . 18.67 -40.67 19.02
C8 NAG M . 17.68 -39.58 18.58
N2 NAG M . 19.35 -40.44 20.12
O3 NAG M . 18.86 -43.37 20.56
O4 NAG M . 18.92 -43.72 23.49
O5 NAG M . 21.87 -41.62 22.57
O6 NAG M . 22.50 -44.21 23.86
O7 NAG M . 18.79 -41.74 18.41
H1 NAG M . 20.56 -40.00 22.37
H2 NAG M . 20.85 -41.91 20.02
H3 NAG M . 18.53 -41.89 21.96
H4 NAG M . 20.59 -44.06 22.22
H5 NAG M . 20.38 -41.61 24.04
H61 NAG M . 21.37 -43.33 25.38
H62 NAG M . 22.70 -42.37 24.79
H81 NAG M . 18.12 -38.60 18.74
H82 NAG M . 16.77 -39.67 19.15
H83 NAG M . 17.45 -39.70 17.52
HN2 NAG M . 19.25 -39.55 20.56
HO3 NAG M . 18.68 -42.92 19.73
HO6 NAG M . 23.14 -43.96 23.28
C1 NAG M . 18.93 -45.01 24.21
C2 NAG M . 19.51 -46.20 23.41
C3 NAG M . 19.42 -47.49 24.25
C4 NAG M . 20.07 -47.26 25.63
C5 NAG M . 19.51 -46.04 26.37
C6 NAG M . 20.24 -45.78 27.69
C7 NAG M . 19.36 -46.47 20.97
C8 NAG M . 18.42 -46.61 19.76
N2 NAG M . 18.77 -46.38 22.16
O3 NAG M . 20.08 -48.59 23.59
O4 NAG M . 20.12 -48.49 26.48
O5 NAG M . 19.63 -44.87 25.48
O6 NAG M . 19.61 -44.70 28.39
O7 NAG M . 20.58 -46.43 20.85
H1 NAG M . 17.89 -45.24 24.44
H2 NAG M . 20.56 -46.01 23.21
H3 NAG M . 18.36 -47.75 24.39
H4 NAG M . 21.11 -47.01 25.42
H5 NAG M . 18.45 -46.17 26.60
H61 NAG M . 21.29 -45.52 27.51
H62 NAG M . 20.22 -46.66 28.33
H81 NAG M . 18.91 -46.33 18.88
H82 NAG M . 17.58 -45.99 19.88
H83 NAG M . 18.08 -47.60 19.66
HN2 NAG M . 17.77 -46.44 22.20
HO3 NAG M . 19.92 -49.38 24.12
HO6 NAG M . 20.09 -44.51 29.19
C1 BMA M . 19.07 -49.51 26.66
C2 BMA M . 17.78 -49.01 27.31
C3 BMA M . 16.88 -50.23 27.53
C4 BMA M . 16.60 -51.00 26.23
C5 BMA M . 17.91 -51.41 25.52
C6 BMA M . 17.71 -51.95 24.10
O2 BMA M . 17.08 -48.08 26.46
O3 BMA M . 15.62 -49.79 28.11
O4 BMA M . 15.85 -52.19 26.57
O5 BMA M . 18.79 -50.22 25.40
O6 BMA M . 16.95 -53.16 24.12
H1 BMA M . 19.50 -50.25 27.33
H2 BMA M . 18.00 -48.53 28.26
H3 BMA M . 17.36 -50.89 28.24
H4 BMA M . 16.01 -50.39 25.55
H5 BMA M . 18.44 -52.16 26.13
H61 BMA M . 17.22 -51.22 23.48
H62 BMA M . 18.68 -52.16 23.65
HO2 BMA M . 16.23 -47.91 26.86
HO3 BMA M . 15.04 -50.53 28.11
HO4 BMA M . 15.85 -52.75 25.81
HO6 BMA M . 16.89 -53.51 23.25
C1 NAG N . 19.93 -42.67 -10.42
C2 NAG N . 21.13 -43.17 -11.25
C3 NAG N . 21.00 -42.66 -12.70
C4 NAG N . 19.63 -43.02 -13.31
C5 NAG N . 18.48 -42.54 -12.40
C6 NAG N . 17.08 -42.99 -12.84
C7 NAG N . 23.02 -43.34 -9.69
C8 NAG N . 24.29 -42.69 -9.15
N2 NAG N . 22.39 -42.71 -10.67
O3 NAG N . 22.05 -43.19 -13.54
O4 NAG N . 19.60 -42.31 -14.59
O5 NAG N . 18.68 -43.09 -11.05
O6 NAG N . 16.58 -42.09 -13.84
O7 NAG N . 22.56 -44.38 -9.21
H1 NAG N . 19.95 -41.58 -10.33
H2 NAG N . 21.13 -44.26 -11.27
H3 NAG N . 21.08 -41.58 -12.69
H4 NAG N . 19.58 -44.10 -13.45
H5 NAG N . 18.51 -41.46 -12.33
H61 NAG N . 17.11 -44.00 -13.23
H62 NAG N . 16.41 -42.96 -11.98
H81 NAG N . 25.02 -42.60 -9.93
H82 NAG N . 24.09 -41.71 -8.79
H83 NAG N . 24.70 -43.26 -8.37
HN2 NAG N . 22.78 -41.85 -11.01
HO3 NAG N . 21.83 -42.99 -14.44
HO6 NAG N . 15.62 -42.17 -13.87
C1 NAG N . 18.92 -43.01 -15.70
C2 NAG N . 18.63 -42.01 -16.82
C3 NAG N . 17.89 -42.71 -17.96
C4 NAG N . 18.74 -43.88 -18.49
C5 NAG N . 19.16 -44.84 -17.35
C6 NAG N . 20.21 -45.88 -17.77
C7 NAG N . 18.34 -39.64 -16.28
C8 NAG N . 17.56 -38.64 -15.43
N2 NAG N . 17.85 -40.87 -16.30
O3 NAG N . 17.59 -41.77 -19.04
O4 NAG N . 17.96 -44.64 -19.44
O5 NAG N . 19.76 -44.08 -16.22
O6 NAG N . 19.74 -46.68 -18.86
O7 NAG N . 19.34 -39.32 -16.88
H1 NAG N . 17.99 -43.44 -15.33
H2 NAG N . 19.59 -41.65 -17.21
H3 NAG N . 16.94 -43.09 -17.58
H4 NAG N . 19.63 -43.49 -18.98
H5 NAG N . 18.29 -45.36 -16.98
H61 NAG N . 21.13 -45.39 -18.06
H62 NAG N . 20.43 -46.53 -16.93
H81 NAG N . 17.56 -38.96 -14.42
H82 NAG N . 16.56 -38.55 -15.77
H83 NAG N . 18.01 -37.67 -15.46
HN2 NAG N . 17.07 -41.09 -15.72
HO3 NAG N . 17.12 -41.04 -18.67
HO4 NAG N . 18.42 -45.47 -19.56
HO6 NAG N . 20.41 -47.32 -19.07
C1 NAG O . 30.78 -40.85 6.23
C2 NAG O . 31.35 -41.24 4.84
C3 NAG O . 31.24 -42.76 4.61
C4 NAG O . 31.71 -43.60 5.79
C5 NAG O . 31.04 -43.14 7.08
C6 NAG O . 31.52 -43.86 8.35
C7 NAG O . 30.96 -39.28 3.42
C8 NAG O . 30.20 -38.71 2.21
N2 NAG O . 30.67 -40.52 3.78
O3 NAG O . 32.01 -43.12 3.43
O4 NAG O . 31.26 -44.98 5.54
O5 NAG O . 31.32 -41.71 7.26
O6 NAG O . 32.76 -43.30 8.79
O7 NAG O . 31.79 -38.62 4.02
H1 NAG O . 29.70 -40.92 6.24
H2 NAG O . 32.41 -40.96 4.82
H3 NAG O . 30.19 -42.99 4.41
H4 NAG O . 32.79 -43.56 5.89
H5 NAG O . 29.96 -43.28 6.99
H61 NAG O . 30.79 -43.73 9.15
H62 NAG O . 31.64 -44.93 8.18
H81 NAG O . 29.86 -39.47 1.60
H82 NAG O . 30.80 -38.07 1.64
H83 NAG O . 29.36 -38.16 2.53
HN2 NAG O . 29.94 -41.01 3.28
HO3 NAG O . 32.07 -44.07 3.38
HO6 NAG O . 32.65 -42.35 8.82
C1 NAG O . 32.26 -45.95 5.08
C2 NAG O . 31.70 -47.36 5.35
C3 NAG O . 32.68 -48.43 4.86
C4 NAG O . 32.99 -48.23 3.37
C5 NAG O . 33.45 -46.80 3.06
C6 NAG O . 33.54 -46.60 1.55
C7 NAG O . 30.21 -47.53 7.29
C8 NAG O . 30.13 -47.73 8.82
N2 NAG O . 31.44 -47.53 6.78
O3 NAG O . 32.08 -49.73 5.06
O4 NAG O . 34.09 -49.13 2.96
O5 NAG O . 32.49 -45.80 3.64
O6 NAG O . 34.05 -45.30 1.24
O7 NAG O . 29.21 -47.38 6.61
H1 NAG O . 33.18 -45.80 5.63
H2 NAG O . 30.77 -47.46 4.80
H3 NAG O . 33.59 -48.37 5.44
H4 NAG O . 32.10 -48.43 2.78
H5 NAG O . 34.43 -46.64 3.51
H61 NAG O . 34.20 -47.34 1.11
H62 NAG O . 32.57 -46.71 1.10
H81 NAG O . 29.91 -48.71 9.05
H82 NAG O . 31.02 -47.46 9.27
H83 NAG O . 29.38 -47.14 9.23
HN2 NAG O . 32.22 -47.63 7.40
HO3 NAG O . 31.91 -49.87 5.98
HO6 NAG O . 34.12 -45.22 0.31
C1 BMA O . 33.84 -50.56 2.69
C2 BMA O . 32.73 -50.78 1.63
C3 BMA O . 32.65 -52.24 1.18
C4 BMA O . 34.03 -52.83 0.78
C5 BMA O . 35.03 -52.62 1.92
C6 BMA O . 36.46 -53.08 1.59
O2 BMA O . 32.99 -49.97 0.46
O3 BMA O . 31.73 -52.36 0.07
O4 BMA O . 33.84 -54.24 0.53
O5 BMA O . 35.08 -51.18 2.22
O6 BMA O . 36.48 -54.48 1.29
H1 BMA O . 33.56 -51.05 3.62
H2 BMA O . 31.76 -50.49 2.04
H3 BMA O . 32.26 -52.83 2.01
H4 BMA O . 34.39 -52.35 -0.13
H5 BMA O . 34.69 -53.16 2.80
H61 BMA O . 36.84 -52.52 0.74
H62 BMA O . 37.11 -52.88 2.43
HO2 BMA O . 32.42 -50.29 -0.23
HO3 BMA O . 31.78 -53.25 -0.24
HO4 BMA O . 34.71 -54.64 0.62
HO6 BMA O . 37.37 -54.75 1.13
C1 NAG P . 39.09 -36.68 22.71
C2 NAG P . 37.84 -36.63 23.59
C3 NAG P . 38.24 -36.98 25.03
C4 NAG P . 38.85 -38.40 25.02
C5 NAG P . 39.97 -38.56 23.97
C6 NAG P . 40.41 -40.02 23.81
C7 NAG P . 36.03 -35.15 22.94
C8 NAG P . 35.54 -33.71 22.78
N2 NAG P . 37.20 -35.31 23.54
O3 NAG P . 37.05 -36.92 25.86
O4 NAG P . 39.53 -38.70 26.31
O5 NAG P . 39.53 -38.07 22.65
O6 NAG P . 41.37 -40.08 22.75
O7 NAG P . 35.37 -36.09 22.55
H1 NAG P . 39.88 -36.10 23.16
H2 NAG P . 37.15 -37.39 23.24
H3 NAG P . 38.96 -36.26 25.40
H4 NAG P . 38.08 -39.12 24.80
H5 NAG P . 40.82 -37.97 24.29
H61 NAG P . 39.55 -40.64 23.54
H62 NAG P . 40.85 -40.40 24.73
H81 NAG P . 36.29 -33.01 23.05
H82 NAG P . 35.27 -33.56 21.75
H83 NAG P . 34.66 -33.55 23.37
HN2 NAG P . 37.76 -34.51 23.75
HO3 NAG P . 36.39 -36.41 25.42
HO6 NAG P . 41.04 -39.56 22.03
C1 NAG P . 38.85 -38.92 27.60
C2 NAG P . 37.87 -40.12 27.59
C3 NAG P . 37.36 -40.36 29.03
C4 NAG P . 38.53 -40.62 29.99
C5 NAG P . 39.50 -39.44 29.99
C6 NAG P . 40.73 -39.70 30.87
C7 NAG P . 36.35 -40.77 25.77
C8 NAG P . 35.05 -40.44 25.03
N2 NAG P . 36.71 -39.91 26.72
O3 NAG P . 36.44 -41.47 29.07
O4 NAG P . 38.02 -40.79 31.38
O5 NAG P . 39.91 -39.19 28.59
O6 NAG P . 41.64 -38.58 30.80
O7 NAG P . 37.04 -41.74 25.46
H1 NAG P . 38.32 -38.01 27.87
H2 NAG P . 38.41 -41.01 27.27
H3 NAG P . 36.84 -39.47 29.36
H4 NAG P . 39.06 -41.52 29.69
H5 NAG P . 38.99 -38.56 30.37
H61 NAG P . 41.25 -40.59 30.52
H62 NAG P . 40.44 -39.85 31.89
H81 NAG P . 35.07 -40.86 24.06
H82 NAG P . 34.22 -40.83 25.56
H83 NAG P . 34.93 -39.40 24.93
HN2 NAG P . 36.07 -39.19 26.97
HO3 NAG P . 36.24 -41.70 29.97
HO6 NAG P . 42.40 -38.78 31.32
C1 BMA P . 37.90 -42.17 31.87
C2 BMA P . 38.12 -42.21 33.39
C3 BMA P . 37.92 -43.65 33.87
C4 BMA P . 36.54 -44.20 33.51
C5 BMA P . 36.31 -44.07 31.99
C6 BMA P . 34.90 -44.46 31.51
O2 BMA P . 37.15 -41.33 34.02
O3 BMA P . 38.15 -43.75 35.30
O4 BMA P . 36.49 -45.61 33.87
O5 BMA P . 36.57 -42.68 31.55
O6 BMA P . 33.93 -43.54 32.03
H1 BMA P . 38.66 -42.79 31.38
H2 BMA P . 39.12 -41.87 33.63
H3 BMA P . 38.68 -44.28 33.39
H4 BMA P . 35.76 -43.66 34.05
H5 BMA P . 37.02 -44.73 31.48
H61 BMA P . 34.65 -45.47 31.82
H62 BMA P . 34.86 -44.42 30.42
HO2 BMA P . 37.12 -40.53 33.52
HO3 BMA P . 37.92 -44.64 35.56
HO4 BMA P . 35.62 -45.89 33.93
HO6 BMA P . 34.04 -42.79 31.75
C1 NAG Q . 6.98 -54.86 6.45
C2 NAG Q . 7.44 -56.33 6.58
C3 NAG Q . 7.67 -56.71 8.06
C4 NAG Q . 8.61 -55.69 8.73
C5 NAG Q . 8.14 -54.25 8.52
C6 NAG Q . 9.13 -53.21 9.03
C7 NAG Q . 5.25 -57.34 6.04
C8 NAG Q . 4.53 -58.27 5.07
N2 NAG Q . 6.57 -57.26 5.86
O3 NAG Q . 8.27 -58.03 8.16
O4 NAG Q . 8.60 -55.94 10.18
O5 NAG Q . 7.97 -54.01 7.08
O6 NAG Q . 8.61 -51.92 8.68
O7 NAG Q . 4.68 -56.70 6.90
H1 NAG Q . 6.02 -54.69 6.92
H2 NAG Q . 8.41 -56.40 6.08
H3 NAG Q . 6.72 -56.71 8.58
H4 NAG Q . 9.61 -55.80 8.33
H5 NAG Q . 7.18 -54.11 9.01
H61 NAG Q . 9.23 -53.29 10.11
H62 NAG Q . 10.10 -53.35 8.59
H81 NAG Q . 4.78 -58.03 4.06
H82 NAG Q . 3.46 -58.18 5.19
H83 NAG Q . 4.81 -59.29 5.28
HN2 NAG Q . 7.01 -57.89 5.22
HO3 NAG Q . 8.75 -58.08 8.99
HO6 NAG Q . 8.35 -51.97 7.78
C1 NAG Q . 9.88 -56.38 10.75
C2 NAG Q . 9.73 -56.54 12.28
C3 NAG Q . 11.01 -57.13 12.89
C4 NAG Q . 11.36 -58.46 12.21
C5 NAG Q . 11.47 -58.33 10.68
C6 NAG Q . 11.64 -59.66 9.94
C7 NAG Q . 8.18 -54.87 13.22
C8 NAG Q . 8.06 -53.49 13.86
N2 NAG Q . 9.40 -55.26 12.92
O3 NAG Q . 10.85 -57.34 14.31
O4 NAG Q . 12.64 -58.89 12.75
O5 NAG Q . 10.25 -57.67 10.16
O6 NAG Q . 10.50 -60.52 10.16
O7 NAG Q . 7.20 -55.57 13.00
H1 NAG Q . 10.65 -55.64 10.54
H2 NAG Q . 8.92 -57.25 12.47
H3 NAG Q . 11.83 -56.42 12.72
H4 NAG Q . 10.60 -59.20 12.47
H5 NAG Q . 12.31 -57.69 10.45
H61 NAG Q . 12.53 -60.17 10.27
H62 NAG Q . 11.73 -59.48 8.87
H81 NAG Q . 8.64 -52.79 13.36
H82 NAG Q . 8.37 -53.51 14.85
H83 NAG Q . 7.08 -53.17 13.84
HN2 NAG Q . 10.15 -54.61 13.08
HO3 NAG Q . 10.59 -56.52 14.73
HO4 NAG Q . 12.57 -58.82 13.70
HO6 NAG Q . 10.65 -61.34 9.73
C1 NAG R . -10.58 -45.43 -4.20
C2 NAG R . -10.66 -46.21 -2.87
C3 NAG R . -11.06 -47.67 -3.17
C4 NAG R . -12.33 -47.72 -4.01
C5 NAG R . -12.16 -46.92 -5.30
C6 NAG R . -13.41 -46.90 -6.18
C7 NAG R . -9.30 -45.75 -0.91
C8 NAG R . -7.89 -45.45 -0.39
N2 NAG R . -9.38 -46.13 -2.16
O3 NAG R . -11.28 -48.41 -1.93
O4 NAG R . -12.59 -49.13 -4.34
O5 NAG R . -11.81 -45.53 -4.94
O6 NAG R . -13.23 -45.95 -7.24
O7 NAG R . -10.28 -45.60 -0.20
H1 NAG R . -9.76 -45.82 -4.80
H2 NAG R . -11.46 -45.76 -2.27
H3 NAG R . -10.26 -48.16 -3.71
H4 NAG R . -13.17 -47.30 -3.44
H5 NAG R . -11.34 -47.35 -5.88
H61 NAG R . -13.58 -47.88 -6.62
H62 NAG R . -14.29 -46.61 -5.61
H81 NAG R . -7.57 -44.50 -0.77
H82 NAG R . -7.21 -46.21 -0.73
H83 NAG R . -7.89 -45.41 0.70
HN2 NAG R . -8.56 -46.22 -2.71
HO3 NAG R . -11.88 -49.12 -2.10
HO6 NAG R . -12.86 -45.16 -6.85
C1 NAG R . -13.87 -49.66 -3.81
C2 NAG R . -14.12 -51.07 -4.39
C3 NAG R . -15.40 -51.70 -3.81
C4 NAG R . -15.40 -51.67 -2.27
C5 NAG R . -15.02 -50.28 -1.73
C6 NAG R . -14.85 -50.25 -0.20
C7 NAG R . -14.86 -50.31 -6.63
C8 NAG R . -14.67 -50.49 -8.14
N2 NAG R . -14.12 -51.08 -5.86
O3 NAG R . -15.51 -53.07 -4.28
O4 NAG R . -16.76 -51.97 -1.81
O5 NAG R . -13.77 -49.79 -2.36
O6 NAG R . -13.78 -51.12 0.20
O7 NAG R . -15.62 -49.47 -6.17
H1 NAG R . -14.67 -48.97 -4.06
H2 NAG R . -13.27 -51.68 -4.09
H3 NAG R . -16.26 -51.16 -4.17
H4 NAG R . -14.69 -52.41 -1.90
H5 NAG R . -15.83 -49.59 -1.98
H61 NAG R . -14.63 -49.23 0.11
H62 NAG R . -15.77 -50.56 0.28
H81 NAG R . -15.34 -49.84 -8.69
H82 NAG R . -13.65 -50.27 -8.42
H83 NAG R . -14.89 -51.52 -8.41
HN2 NAG R . -13.57 -51.80 -6.28
HO3 NAG R . -16.23 -53.51 -3.83
HO6 NAG R . -13.62 -50.98 1.12
C1 BMA R . -17.00 -53.31 -1.26
C2 BMA R . -18.23 -53.24 -0.32
C3 BMA R . -18.72 -54.62 0.11
C4 BMA R . -18.92 -55.58 -1.08
C5 BMA R . -17.65 -55.64 -1.95
C6 BMA R . -17.93 -56.46 -3.21
O2 BMA R . -19.30 -52.56 -1.03
O3 BMA R . -19.98 -54.46 0.80
O4 BMA R . -19.23 -56.88 -0.55
O5 BMA R . -17.25 -54.26 -2.35
O6 BMA R . -16.79 -56.41 -4.09
H1 BMA R . -16.13 -53.65 -0.69
H2 BMA R . -17.97 -52.66 0.56
H3 BMA R . -18.00 -55.06 0.80
H4 BMA R . -19.75 -55.24 -1.68
H5 BMA R . -16.84 -56.09 -1.39
H61 BMA R . -18.11 -57.51 -2.95
H62 BMA R . -18.80 -56.09 -3.72
HO2 BMA R . -18.92 -51.83 -1.48
HO3 BMA R . -20.44 -53.75 0.37
HO4 BMA R . -19.89 -56.77 0.12
HO6 BMA R . -16.97 -56.88 -4.84
C1 NAG S . -3.80 -34.19 15.92
C2 NAG S . -3.97 -33.96 17.43
C3 NAG S . -2.65 -34.17 18.15
C4 NAG S . -2.01 -35.53 17.81
C5 NAG S . -2.02 -35.82 16.30
C6 NAG S . -1.63 -37.24 15.88
C7 NAG S . -5.77 -32.37 17.73
C8 NAG S . -6.17 -30.93 18.08
N2 NAG S . -4.47 -32.62 17.70
O3 NAG S . -2.86 -34.07 19.57
O4 NAG S . -0.60 -35.43 18.27
O5 NAG S . -3.36 -35.56 15.73
O6 NAG S . -2.36 -38.20 16.66
O7 NAG S . -6.60 -33.24 17.48
H1 NAG S . -3.07 -33.51 15.49
H2 NAG S . -4.68 -34.69 17.81
H3 NAG S . -1.96 -33.38 17.85
H4 NAG S . -2.54 -36.32 18.35
H5 NAG S . -1.33 -35.13 15.80
H61 NAG S . -1.86 -37.39 14.83
H62 NAG S . -0.56 -37.40 15.99
H81 NAG S . -7.22 -30.87 18.17
H82 NAG S . -5.72 -30.63 19.00
H83 NAG S . -5.85 -30.28 17.31
HN2 NAG S . -3.82 -31.86 17.79
HO3 NAG S . -3.27 -33.25 19.77
HO6 NAG S . -1.77 -38.92 16.86
C1 NAG S . -0.01 -36.53 19.06
C2 NAG S . -0.74 -36.76 20.41
C3 NAG S . -0.15 -38.00 21.12
C4 NAG S . 0.02 -39.21 20.20
C5 NAG S . 0.77 -38.88 18.91
C6 NAG S . 0.85 -40.06 17.92
C7 NAG S . -1.31 -35.31 22.31
C8 NAG S . -1.01 -34.00 23.04
N2 NAG S . -0.55 -35.60 21.26
O3 NAG S . -1.00 -38.40 22.24
O4 NAG S . 0.69 -40.36 20.89
O5 NAG S . 0.08 -37.75 18.27
O6 NAG S . -0.48 -40.34 17.39
O7 NAG S . -2.20 -36.07 22.69
H1 NAG S . 1.00 -36.23 19.29
H2 NAG S . -1.80 -36.93 20.25
H3 NAG S . 0.82 -37.70 21.51
H4 NAG S . -0.97 -39.55 19.91
H5 NAG S . 1.79 -38.57 19.15
H61 NAG S . 1.24 -40.94 18.40
H62 NAG S . 1.51 -39.81 17.09
H81 NAG S . -0.80 -33.22 22.34
H82 NAG S . -0.16 -34.12 23.67
H83 NAG S . -1.83 -33.71 23.63
HN2 NAG S . 0.16 -34.95 21.00
HO3 NAG S . -1.44 -37.64 22.60
HO6 NAG S . -0.52 -41.24 17.17
C1 BMA S . 1.70 -40.13 21.94
C2 BMA S . 1.93 -41.46 22.67
C3 BMA S . 3.08 -41.33 23.68
C4 BMA S . 4.35 -40.75 23.05
C5 BMA S . 4.04 -39.41 22.34
C6 BMA S . 5.27 -38.84 21.62
O2 BMA S . 2.26 -42.50 21.72
O3 BMA S . 3.35 -42.65 24.20
O4 BMA S . 5.33 -40.54 24.10
O5 BMA S . 2.95 -39.64 21.35
O6 BMA S . 4.92 -37.59 21.00
H1 BMA S . 1.33 -39.40 22.66
H2 BMA S . 1.02 -41.74 23.20
H3 BMA S . 2.76 -40.69 24.50
H4 BMA S . 4.75 -41.45 22.32
H5 BMA S . 3.70 -38.70 23.08
H61 BMA S . 6.09 -38.67 22.31
H62 BMA S . 5.61 -39.53 20.86
HO2 BMA S . 1.61 -42.46 21.04
HO3 BMA S . 3.20 -43.27 23.49
HO4 BMA S . 5.38 -41.35 24.59
HO6 BMA S . 5.66 -37.31 20.50
C1 NAG T . 1.10 -17.49 -51.15
C2 NAG T . 1.40 -17.59 -52.64
C3 NAG T . 1.17 -19.05 -53.11
C4 NAG T . 1.83 -20.09 -52.19
C5 NAG T . 1.64 -19.78 -50.69
C6 NAG T . 2.47 -20.66 -49.75
C7 NAG T . 0.89 -16.09 -54.52
C8 NAG T . -0.08 -15.05 -55.11
N2 NAG T . 0.54 -16.67 -53.39
O3 NAG T . 1.69 -19.19 -54.46
O4 NAG T . 1.18 -21.39 -52.41
O5 NAG T . 1.99 -18.37 -50.43
O6 NAG T . 2.29 -20.19 -48.40
O7 NAG T . 1.94 -16.40 -55.09
H1 NAG T . 0.08 -17.80 -50.96
H2 NAG T . 2.45 -17.32 -52.81
H3 NAG T . 0.10 -19.22 -53.13
H4 NAG T . 2.90 -20.14 -52.40
H5 NAG T . 0.59 -19.92 -50.44
H61 NAG T . 2.15 -21.69 -49.81
H62 NAG T . 3.52 -20.59 -50.00
H81 NAG T . -0.14 -14.23 -54.47
H82 NAG T . 0.23 -14.72 -56.05
H83 NAG T . -1.03 -15.47 -55.22
HN2 NAG T . -0.36 -16.45 -52.98
HO3 NAG T . 1.70 -18.34 -54.89
HO6 NAG T . 2.73 -20.78 -47.81
C1 NAG T . 1.96 -22.51 -52.97
C2 NAG T . 2.43 -22.24 -54.42
C3 NAG T . 3.28 -23.40 -54.96
C4 NAG T . 4.42 -23.69 -53.99
C5 NAG T . 3.86 -24.01 -52.59
C6 NAG T . 4.94 -24.35 -51.55
C7 NAG T . 0.25 -22.67 -55.52
C8 NAG T . -0.85 -22.06 -56.39
N2 NAG T . 1.32 -21.91 -55.32
O3 NAG T . 3.81 -23.05 -56.27
O4 NAG T . 5.31 -24.77 -54.50
O5 NAG T . 3.10 -22.84 -52.11
O6 NAG T . 4.32 -25.11 -50.49
O7 NAG T . 0.18 -23.80 -55.07
H1 NAG T . 1.30 -23.37 -52.97
H2 NAG T . 3.08 -21.36 -54.39
H3 NAG T . 2.64 -24.28 -55.07
H4 NAG T . 5.04 -22.80 -53.90
H5 NAG T . 3.17 -24.86 -52.66
H61 NAG T . 5.73 -24.95 -51.98
H62 NAG T . 5.37 -23.45 -51.14
H81 NAG T . -0.62 -21.15 -56.76
H82 NAG T . -1.05 -22.65 -57.17
H83 NAG T . -1.71 -21.95 -55.87
HN2 NAG T . 1.30 -20.95 -55.62
HO3 NAG T . 3.10 -22.81 -56.86
HO6 NAG T . 3.99 -25.92 -50.85
C1 BMA T . 4.73 -26.10 -54.76
C2 BMA T . 5.71 -26.93 -55.61
C3 BMA T . 5.17 -28.36 -55.80
C4 BMA T . 4.90 -29.04 -54.44
C5 BMA T . 3.98 -28.16 -53.57
C6 BMA T . 3.83 -28.70 -52.14
O2 BMA T . 6.99 -27.00 -54.94
O3 BMA T . 6.15 -29.12 -56.55
O4 BMA T . 4.25 -30.31 -54.68
O5 BMA T . 4.53 -26.79 -53.49
O6 BMA T . 3.23 -27.71 -51.30
H1 BMA T . 3.78 -26.00 -55.29
H2 BMA T . 5.84 -26.46 -56.59
H3 BMA T . 4.25 -28.32 -56.37
H4 BMA T . 5.84 -29.21 -53.92
H5 BMA T . 3.00 -28.10 -54.03
H61 BMA T . 3.22 -29.59 -52.14
H62 BMA T . 4.80 -28.94 -51.73
HO2 BMA T . 7.18 -26.12 -54.62
HO3 BMA T . 7.00 -28.88 -56.23
HO4 BMA T . 4.75 -30.76 -55.35
HO6 BMA T . 2.92 -28.14 -50.51
C1 NAG U . -7.43 -14.92 -54.81
C2 NAG U . -7.90 -16.38 -54.66
C3 NAG U . -7.85 -17.02 -56.05
C4 NAG U . -8.72 -16.23 -57.04
C5 NAG U . -8.41 -14.73 -57.04
C6 NAG U . -9.37 -13.88 -57.87
C7 NAG U . -7.41 -17.44 -52.49
C8 NAG U . -6.32 -17.97 -51.57
N2 NAG U . -7.03 -17.11 -53.72
O3 NAG U . -8.29 -18.39 -55.96
O4 NAG U . -8.43 -16.70 -58.42
O5 NAG U . -8.39 -14.21 -55.64
O6 NAG U . -10.73 -14.02 -57.38
O7 NAG U . -8.57 -17.32 -52.13
H1 NAG U . -6.45 -14.89 -55.29
H2 NAG U . -8.92 -16.39 -54.30
H3 NAG U . -6.83 -17.01 -56.40
H4 NAG U . -9.78 -16.40 -56.80
H5 NAG U . -7.41 -14.59 -57.45
H61 NAG U . -9.08 -12.84 -57.79
H62 NAG U . -9.33 -14.17 -58.92
H81 NAG U . -6.01 -18.95 -51.89
H82 NAG U . -6.66 -18.01 -50.55
H83 NAG U . -5.46 -17.31 -51.61
HN2 NAG U . -6.06 -17.18 -53.96
HO3 NAG U . -7.82 -18.84 -55.27
HO6 NAG U . -11.15 -14.72 -57.83
C1 NAG U . -9.53 -17.21 -59.23
C2 NAG U . -9.91 -18.65 -58.83
C3 NAG U . -11.04 -19.16 -59.73
C4 NAG U . -12.25 -18.20 -59.71
C5 NAG U . -11.84 -16.74 -59.99
C6 NAG U . -12.99 -15.77 -59.77
C7 NAG U . -7.98 -19.83 -59.84
C8 NAG U . -6.84 -20.82 -59.60
N2 NAG U . -8.75 -19.55 -58.79
O3 NAG U . -11.46 -20.47 -59.27
O4 NAG U . -13.16 -18.60 -60.79
O5 NAG U . -10.70 -16.34 -59.14
O6 NAG U . -13.31 -15.73 -58.36
O7 NAG U . -8.19 -19.32 -60.94
H1 NAG U . -9.19 -17.20 -60.27
H2 NAG U . -10.29 -18.60 -57.81
H3 NAG U . -10.69 -19.24 -60.76
H4 NAG U . -12.76 -18.27 -58.75
H5 NAG U . -11.53 -16.67 -61.03
H61 NAG U . -12.69 -14.76 -60.08
H62 NAG U . -13.87 -16.05 -60.33
H81 NAG U . -6.24 -20.91 -60.50
H82 NAG U . -7.25 -21.79 -59.33
H83 NAG U . -6.21 -20.46 -58.79
HN2 NAG U . -8.50 -19.93 -57.90
HO3 NAG U . -12.27 -20.72 -59.74
HO6 NAG U . -14.06 -15.15 -58.23
C1 BMA U . -14.36 -19.32 -60.39
C2 BMA U . -15.37 -19.30 -61.57
C3 BMA U . -16.52 -20.30 -61.36
C4 BMA U . -16.02 -21.73 -61.01
C5 BMA U . -15.10 -21.65 -59.80
C6 BMA U . -14.49 -22.99 -59.38
O2 BMA U . -14.68 -19.65 -62.80
O3 BMA U . -17.30 -20.36 -62.58
O4 BMA U . -17.18 -22.54 -60.68
O5 BMA U . -14.01 -20.70 -60.09
O6 BMA U . -13.55 -23.44 -60.39
H1 BMA U . -14.82 -18.86 -59.52
H2 BMA U . -15.77 -18.29 -61.67
H3 BMA U . -17.15 -19.94 -60.55
H4 BMA U . -15.50 -22.16 -61.85
H5 BMA U . -15.66 -21.26 -58.95
H61 BMA U . -15.25 -23.75 -59.24
H62 BMA U . -13.95 -22.87 -58.44
HO2 BMA U . -13.81 -19.25 -62.75
HO3 BMA U . -16.68 -20.27 -63.30
HO4 BMA U . -17.81 -22.43 -61.40
HO6 BMA U . -13.18 -24.28 -60.10
C1 NAG V . 13.68 6.64 -41.20
C2 NAG V . 14.36 5.27 -41.05
C3 NAG V . 15.88 5.43 -40.89
C4 NAG V . 16.49 6.38 -41.93
C5 NAG V . 15.69 7.68 -42.10
C6 NAG V . 16.21 8.49 -43.29
C7 NAG V . 12.81 3.75 -39.92
C8 NAG V . 12.35 3.19 -38.57
N2 NAG V . 13.84 4.58 -39.87
O3 NAG V . 16.54 4.16 -41.00
O4 NAG V . 17.81 6.74 -41.38
O5 NAG V . 14.28 7.35 -42.33
O6 NAG V . 15.93 7.81 -44.51
O7 NAG V . 12.26 3.48 -40.98
H1 NAG V . 13.83 7.24 -40.29
H2 NAG V . 14.17 4.68 -41.95
H3 NAG V . 16.08 5.84 -39.90
H4 NAG V . 16.60 5.86 -42.87
H5 NAG V . 15.78 8.27 -41.20
H61 NAG V . 15.72 9.46 -43.30
H62 NAG V . 17.27 8.67 -43.21
H81 NAG V . 12.27 4.00 -37.84
H82 NAG V . 11.38 2.71 -38.66
H83 NAG V . 13.09 2.47 -38.20
HN2 NAG V . 14.24 4.79 -38.98
HO3 NAG V . 17.47 4.30 -41.11
HO6 NAG V . 14.99 7.70 -44.58
C1 NAG V . 18.96 6.27 -42.15
C2 NAG V . 20.24 6.94 -41.60
C3 NAG V . 21.46 6.43 -42.38
C4 NAG V . 21.52 4.89 -42.31
C5 NAG V . 20.21 4.26 -42.83
C6 NAG V . 20.16 2.73 -42.72
C7 NAG V . 19.79 9.17 -40.68
C8 NAG V . 19.70 10.67 -40.99
N2 NAG V . 20.14 8.40 -41.70
O3 NAG V . 22.69 6.97 -41.84
O4 NAG V . 22.62 4.46 -43.14
O5 NAG V . 19.08 4.81 -42.05
O6 NAG V . 21.13 2.15 -43.60
O7 NAG V . 19.56 8.72 -39.57
H1 NAG V . 18.83 6.56 -43.19
H2 NAG V . 20.35 6.66 -40.55
H3 NAG V . 21.37 6.73 -43.42
H4 NAG V . 21.70 4.56 -41.29
H5 NAG V . 20.07 4.54 -43.87
H61 NAG V . 20.34 2.41 -41.70
H62 NAG V . 19.17 2.37 -43.02
H81 NAG V . 20.61 11.04 -41.39
H82 NAG V . 19.47 11.23 -40.10
H83 NAG V . 18.93 10.84 -41.70
HN2 NAG V . 20.31 8.82 -42.59
HO3 NAG V . 23.41 6.51 -42.28
HO4 NAG V . 22.45 3.56 -43.41
HO6 NAG V . 20.96 1.24 -43.69
C1 NAG W . 6.28 23.01 -36.85
C2 NAG W . 5.14 21.96 -36.94
C3 NAG W . 3.81 22.69 -37.21
C4 NAG W . 3.59 23.80 -36.18
C5 NAG W . 4.77 24.77 -36.17
C6 NAG W . 4.59 25.93 -35.18
C7 NAG W . 5.81 21.11 -39.19
C8 NAG W . 5.88 19.87 -40.08
N2 NAG W . 5.39 20.91 -37.94
O3 NAG W . 2.70 21.76 -37.15
O4 NAG W . 2.38 24.56 -36.59
O5 NAG W . 5.98 23.99 -35.81
O6 NAG W . 5.75 26.77 -35.19
O7 NAG W . 6.11 22.21 -39.61
H1 NAG W . 6.37 23.56 -37.78
H2 NAG W . 5.03 21.48 -35.99
H3 NAG W . 3.84 23.13 -38.20
H4 NAG W . 3.48 23.35 -35.20
H5 NAG W . 4.90 25.18 -37.16
H61 NAG W . 3.73 26.53 -35.45
H62 NAG W . 4.44 25.54 -34.19
H81 NAG W . 6.77 19.30 -39.86
H82 NAG W . 5.00 19.24 -39.93
H83 NAG W . 5.92 20.16 -41.13
HN2 NAG W . 5.11 19.99 -37.66
HO3 NAG W . 2.02 22.08 -37.75
HO6 NAG W . 5.64 27.47 -34.57
C1 NAG W . 1.18 24.56 -35.74
C2 NAG W . -0.01 23.83 -36.42
C3 NAG W . -1.25 23.94 -35.54
C4 NAG W . -0.95 23.34 -34.16
C5 NAG W . 0.25 24.06 -33.51
C6 NAG W . 0.60 23.47 -32.14
C7 NAG W . 0.20 23.86 -38.88
C8 NAG W . -0.10 24.61 -40.18
N2 NAG W . -0.28 24.39 -37.75
O3 NAG W . -2.35 23.21 -36.16
O4 NAG W . -2.11 23.36 -33.25
O5 NAG W . 1.42 23.97 -34.42
O6 NAG W . 1.13 22.15 -32.29
O7 NAG W . 0.86 22.81 -38.87
H1 NAG W . 0.90 25.61 -35.59
H2 NAG W . 0.26 22.78 -36.52
H3 NAG W . -1.53 24.98 -35.44
H4 NAG W . -0.67 22.30 -34.30
H5 NAG W . 0.02 25.12 -33.39
H61 NAG W . 1.34 24.09 -31.64
H62 NAG W . -0.27 23.42 -31.49
H81 NAG W . -0.98 25.02 -40.18
H82 NAG W . 0.55 25.33 -40.34
H83 NAG W . -0.06 24.03 -40.98
HN2 NAG W . -0.76 25.27 -37.80
HO3 NAG W . -2.49 23.52 -37.05
HO6 NAG W . 0.65 21.59 -31.68
C1 BMA W . -2.81 24.61 -32.92
C2 BMA W . -3.99 24.27 -31.98
C3 BMA W . -4.72 25.54 -31.55
C4 BMA W . -3.77 26.56 -30.90
C5 BMA W . -2.56 26.84 -31.79
C6 BMA W . -1.52 27.70 -31.08
O2 BMA W . -3.51 23.58 -30.79
O3 BMA W . -5.76 25.21 -30.60
O4 BMA W . -4.50 27.79 -30.73
O5 BMA W . -1.94 25.56 -32.21
O6 BMA W . -0.91 26.97 -29.99
H1 BMA W . -3.17 25.07 -33.83
H2 BMA W . -4.68 23.60 -32.50
H3 BMA W . -5.17 26.00 -32.43
H4 BMA W . -3.45 26.20 -29.93
H5 BMA W . -2.88 27.36 -32.69
H61 BMA W . -0.74 27.99 -31.78
H62 BMA W . -1.97 28.61 -30.69
HO2 BMA W . -4.19 23.57 -30.15
HO3 BMA W . -6.47 24.80 -31.03
HO4 BMA W . -5.30 27.57 -30.26
HO6 BMA W . -0.28 27.54 -29.56
C1 NAG X . -14.28 1.04 -32.73
C2 NAG X . -14.59 -0.13 -31.78
C3 NAG X . -16.09 -0.39 -31.73
C4 NAG X . -16.91 0.89 -31.46
C5 NAG X . -16.47 2.06 -32.34
C6 NAG X . -17.10 3.38 -31.91
C7 NAG X . -13.41 -2.24 -31.33
C8 NAG X . -12.45 -3.29 -31.88
N2 NAG X . -13.86 -1.33 -32.19
O3 NAG X . -16.38 -1.32 -30.66
O4 NAG X . -18.32 0.62 -31.80
O5 NAG X . -15.02 2.20 -32.27
O6 NAG X . -16.50 4.44 -32.66
O7 NAG X . -13.75 -2.21 -30.16
H1 NAG X . -14.54 0.81 -33.75
H2 NAG X . -14.25 0.16 -30.78
H3 NAG X . -16.41 -0.82 -32.66
H4 NAG X . -16.81 1.17 -30.42
H5 NAG X . -16.75 1.86 -33.37
H61 NAG X . -18.17 3.38 -32.08
H62 NAG X . -16.92 3.55 -30.85
H81 NAG X . -12.10 -3.93 -31.06
H82 NAG X . -11.59 -2.81 -32.32
H83 NAG X . -12.95 -3.89 -32.62
HN2 NAG X . -13.68 -1.45 -33.17
HO3 NAG X . -15.67 -1.92 -30.55
HO6 NAG X . -15.56 4.30 -32.66
C1 NAG X . -19.25 0.82 -30.70
C2 NAG X . -20.71 0.77 -31.16
C3 NAG X . -21.62 0.97 -29.95
C4 NAG X . -21.35 -0.08 -28.88
C5 NAG X . -19.87 -0.11 -28.48
C6 NAG X . -19.51 -1.29 -27.57
C7 NAG X . -21.06 1.49 -33.48
C8 NAG X . -21.43 2.64 -34.42
N2 NAG X . -20.97 1.78 -32.19
O3 NAG X . -23.01 0.89 -30.36
O4 NAG X . -22.13 0.27 -27.68
O5 NAG X . -19.05 -0.23 -29.69
O6 NAG X . -18.09 -1.46 -27.54
O7 NAG X . -20.84 0.36 -33.91
H1 NAG X . -19.05 1.79 -30.25
H2 NAG X . -20.90 -0.22 -31.57
H3 NAG X . -21.45 1.96 -29.53
H4 NAG X . -21.64 -1.05 -29.25
H5 NAG X . -19.61 0.82 -27.98
H61 NAG X . -19.96 -2.20 -27.95
H62 NAG X . -19.88 -1.13 -26.56
H81 NAG X . -22.13 3.28 -33.95
H82 NAG X . -21.86 2.27 -35.31
H83 NAG X . -20.57 3.20 -34.67
HN2 NAG X . -21.19 2.71 -31.89
HO3 NAG X . -23.57 0.84 -29.58
HO6 NAG X . -17.75 -1.32 -28.40
C1 BMA X . -23.30 -0.55 -27.42
C2 BMA X . -23.64 -0.50 -25.92
C3 BMA X . -24.90 -1.33 -25.63
C4 BMA X . -26.07 -0.87 -26.51
C5 BMA X . -25.71 -0.81 -28.00
C6 BMA X . -26.77 -0.08 -28.84
O2 BMA X . -23.85 0.87 -25.51
O3 BMA X . -25.32 -1.24 -24.20
O4 BMA X . -27.16 -1.81 -26.34
O5 BMA X . -24.44 -0.08 -28.21
O6 BMA X . -26.81 1.33 -28.43
H1 BMA X . -23.08 -1.59 -27.69
H2 BMA X . -22.79 -0.90 -25.38
H3 BMA X . -24.69 -2.38 -25.86
H4 BMA X . -26.40 0.12 -26.17
H5 BMA X . -25.59 -1.82 -28.38
H61 BMA X . -26.51 -0.15 -29.88
H62 BMA X . -27.75 -0.54 -28.69
HO2 BMA X . -23.10 1.12 -24.99
HO4 BMA X . -27.40 -1.83 -25.43
C1 MAN X . -24.43 -1.89 -23.24
C2 MAN X . -25.17 -2.10 -21.90
C3 MAN X . -25.29 -0.81 -21.08
C4 MAN X . -23.95 -0.07 -20.96
C5 MAN X . -23.39 0.20 -22.35
C6 MAN X . -22.06 0.94 -22.38
O2 MAN X . -24.42 -3.05 -21.10
O3 MAN X . -25.79 -1.11 -19.76
O4 MAN X . -24.16 1.19 -20.28
O5 MAN X . -23.21 -1.11 -23.04
O6 MAN X . -21.77 1.36 -23.72
H1 MAN X . -24.16 -2.88 -23.64
H2 MAN X . -26.15 -2.51 -22.09
H3 MAN X . -26.00 -0.14 -21.58
H4 MAN X . -23.24 -0.67 -20.38
H5 MAN X . -24.13 0.79 -22.90
H61 MAN X . -22.09 1.83 -21.75
H62 MAN X . -21.26 0.30 -22.02
HO2 MAN X . -24.76 -3.02 -20.21
HO3 MAN X . -26.73 -1.28 -19.80
HO4 MAN X . -24.63 0.99 -19.48
HO6 MAN X . -20.82 1.50 -23.78
C1 MAN X . -27.71 2.14 -29.25
C2 MAN X . -27.39 3.64 -29.03
C3 MAN X . -27.91 4.11 -27.67
C4 MAN X . -29.37 3.75 -27.44
C5 MAN X . -29.56 2.24 -27.58
C6 MAN X . -31.02 1.81 -27.40
O2 MAN X . -27.98 4.43 -30.07
O3 MAN X . -27.76 5.56 -27.56
O4 MAN X . -29.75 4.18 -26.12
O5 MAN X . -29.11 1.83 -28.94
O6 MAN X . -31.13 0.44 -27.80
H1 MAN X . -27.52 1.91 -30.31
H2 MAN X . -26.31 3.77 -29.06
H3 MAN X . -27.31 3.66 -26.88
H4 MAN X . -30.00 4.26 -28.16
H5 MAN X . -28.94 1.72 -26.85
H61 MAN X . -31.67 2.41 -28.03
H62 MAN X . -31.33 1.92 -26.37
HO2 MAN X . -27.96 5.34 -29.81
HO3 MAN X . -26.83 5.78 -27.46
HO4 MAN X . -29.49 5.09 -26.04
HO6 MAN X . -30.65 0.35 -28.63
C1 NAG Y . -30.33 -29.38 -26.05
C2 NAG Y . -31.65 -29.24 -26.82
C3 NAG Y . -32.76 -28.96 -25.78
C4 NAG Y . -32.81 -30.14 -24.80
C5 NAG Y . -31.45 -30.37 -24.14
C6 NAG Y . -31.41 -31.58 -23.21
C7 NAG Y . -31.35 -26.96 -27.73
C8 NAG Y . -31.17 -26.14 -29.00
N2 NAG Y . -31.58 -28.26 -27.91
O3 NAG Y . -34.03 -28.76 -26.45
O4 NAG Y . -33.76 -29.83 -23.71
O5 NAG Y . -30.43 -30.56 -25.18
O6 NAG Y . -31.33 -32.77 -24.00
O7 NAG Y . -31.26 -26.45 -26.62
H1 NAG Y . -30.16 -28.50 -25.44
H2 NAG Y . -31.86 -30.19 -27.30
H3 NAG Y . -32.52 -28.06 -25.22
H4 NAG Y . -33.12 -31.04 -25.32
H5 NAG Y . -31.20 -29.48 -23.56
H61 NAG Y . -30.54 -31.52 -22.58
H62 NAG Y . -32.29 -31.62 -22.57
H81 NAG Y . -30.98 -25.10 -28.75
H82 NAG Y . -30.32 -26.50 -29.54
H83 NAG Y . -32.04 -26.21 -29.62
HN2 NAG Y . -31.79 -28.59 -28.82
HO3 NAG Y . -34.72 -28.83 -25.79
HO6 NAG Y . -30.61 -32.65 -24.61
C1 NAG Y . -35.04 -30.55 -23.79
C2 NAG Y . -35.75 -30.58 -22.41
C3 NAG Y . -37.14 -31.23 -22.57
C4 NAG Y . -37.97 -30.56 -23.68
C5 NAG Y . -37.20 -30.48 -24.99
C6 NAG Y . -37.93 -29.64 -26.04
C7 NAG Y . -34.55 -30.81 -20.28
C8 NAG Y . -33.91 -31.78 -19.29
N2 NAG Y . -34.97 -31.33 -21.43
O3 NAG Y . -37.88 -31.14 -21.33
O4 NAG Y . -39.16 -31.40 -23.91
O5 NAG Y . -35.89 -29.86 -24.75
O6 NAG Y . -38.01 -28.27 -25.61
O7 NAG Y . -34.68 -29.63 -20.02
H1 NAG Y . -34.85 -31.57 -24.12
H2 NAG Y . -35.89 -29.54 -22.09
H3 NAG Y . -37.02 -32.29 -22.81
H4 NAG Y . -38.25 -29.57 -23.35
H5 NAG Y . -37.06 -31.48 -25.39
H61 NAG Y . -37.39 -29.68 -26.98
H62 NAG Y . -38.92 -30.01 -26.21
H81 NAG Y . -32.90 -31.76 -19.36
H82 NAG Y . -34.14 -31.58 -18.31
H83 NAG Y . -34.21 -32.72 -19.48
HN2 NAG Y . -34.86 -32.31 -21.58
HO3 NAG Y . -38.81 -31.31 -21.49
HO6 NAG Y . -38.31 -27.73 -26.33
C1 BMA Y . -40.43 -30.82 -23.47
C2 BMA Y . -41.54 -31.52 -24.28
C3 BMA Y . -42.94 -31.14 -23.77
C4 BMA Y . -43.07 -31.33 -22.25
C5 BMA Y . -41.93 -30.62 -21.49
C6 BMA Y . -41.99 -30.94 -19.99
O2 BMA Y . -41.36 -32.95 -24.16
O3 BMA Y . -43.90 -31.97 -24.45
O4 BMA Y . -44.34 -30.77 -21.84
O5 BMA Y . -40.63 -31.08 -22.04
O6 BMA Y . -40.84 -30.40 -19.33
H1 BMA Y . -40.45 -29.75 -23.67
H2 BMA Y . -41.43 -31.25 -25.33
H3 BMA Y . -43.13 -30.10 -24.02
H4 BMA Y . -43.06 -32.38 -22.02
H5 BMA Y . -42.01 -29.55 -21.63
H61 BMA Y . -42.86 -30.52 -19.54
H62 BMA Y . -42.00 -32.00 -19.83
HO2 BMA Y . -40.43 -33.13 -24.24
HO3 BMA Y . -43.49 -32.80 -24.61
HO4 BMA Y . -45.01 -31.15 -22.41
HO6 BMA Y . -40.89 -30.63 -18.41
C1 NAG Z . -7.67 -19.13 -46.26
C2 NAG Z . -8.71 -19.97 -45.49
C3 NAG Z . -8.49 -21.48 -45.73
C4 NAG Z . -8.17 -21.91 -47.17
C5 NAG Z . -7.13 -20.98 -47.82
C6 NAG Z . -6.86 -21.16 -49.32
C7 NAG Z . -9.46 -20.00 -43.13
C8 NAG Z . -9.04 -19.77 -41.68
N2 NAG Z . -8.56 -19.72 -44.05
O3 NAG Z . -9.68 -22.18 -45.30
O4 NAG Z . -7.63 -23.29 -47.04
O5 NAG Z . -7.62 -19.59 -47.65
O6 NAG Z . -8.08 -21.36 -50.06
O7 NAG Z . -10.55 -20.48 -43.44
H1 NAG Z . -6.69 -19.28 -45.80
H2 NAG Z . -9.71 -19.69 -45.81
H3 NAG Z . -7.68 -21.79 -45.08
H4 NAG Z . -9.09 -21.89 -47.74
H5 NAG Z . -6.19 -21.07 -47.30
H61 NAG Z . -6.36 -20.27 -49.71
H62 NAG Z . -6.18 -21.99 -49.50
H81 NAG Z . -8.18 -20.34 -41.47
H82 NAG Z . -8.83 -18.75 -41.51
H83 NAG Z . -9.81 -20.06 -41.01
HN2 NAG Z . -7.70 -19.30 -43.74
HO3 NAG Z . -10.07 -21.72 -44.56
HO6 NAG Z . -8.53 -20.53 -50.15
C1 NAG Z . -7.82 -24.33 -48.08
C2 NAG Z . -9.21 -24.31 -48.75
C3 NAG Z . -9.30 -25.43 -49.80
C4 NAG Z . -8.14 -25.27 -50.79
C5 NAG Z . -6.76 -25.27 -50.12
C6 NAG Z . -5.63 -25.01 -51.11
C7 NAG Z . -11.30 -23.67 -47.62
C8 NAG Z . -12.33 -24.05 -46.54
N2 NAG Z . -10.26 -24.48 -47.74
O3 NAG Z . -10.55 -25.35 -50.54
O4 NAG Z . -8.21 -26.22 -51.92
O5 NAG Z . -6.76 -24.21 -49.08
O6 NAG Z . -4.36 -25.04 -50.45
O7 NAG Z . -11.44 -22.68 -48.32
H1 NAG Z . -7.69 -25.30 -47.59
H2 NAG Z . -9.35 -23.35 -49.26
H3 NAG Z . -9.26 -26.38 -49.30
H4 NAG Z . -8.25 -24.27 -51.23
H5 NAG Z . -6.57 -26.22 -49.62
H61 NAG Z . -5.76 -24.04 -51.58
H62 NAG Z . -5.64 -25.75 -51.89
H81 NAG Z . -13.03 -23.52 -46.52
H82 NAG Z . -12.68 -24.88 -46.63
H83 NAG Z . -12.01 -24.04 -45.71
HN2 NAG Z . -10.19 -25.29 -47.13
HO3 NAG Z . -10.57 -26.10 -51.14
HO6 NAG Z . -3.67 -24.91 -51.08
C1 BMA Z . -8.50 -27.67 -51.86
C2 BMA Z . -7.58 -28.51 -50.96
C3 BMA Z . -7.91 -29.99 -51.22
C4 BMA Z . -9.41 -30.28 -50.96
C5 BMA Z . -10.33 -29.31 -51.72
C6 BMA Z . -11.78 -29.39 -51.24
O2 BMA Z . -7.81 -28.26 -49.55
O3 BMA Z . -7.10 -30.81 -50.33
O4 BMA Z . -9.67 -31.64 -51.40
O5 BMA Z . -9.90 -27.92 -51.51
O6 BMA Z . -12.33 -30.66 -51.59
H1 BMA Z . -8.36 -28.03 -52.87
H2 BMA Z . -6.53 -28.32 -51.20
H3 BMA Z . -7.67 -30.23 -52.25
H4 BMA Z . -9.62 -30.21 -49.89
H5 BMA Z . -10.28 -29.53 -52.78
H61 BMA Z . -11.84 -29.23 -50.17
H62 BMA Z . -12.37 -28.60 -51.73
HO2 BMA Z . -7.35 -28.94 -49.07
HO3 BMA Z . -7.34 -31.72 -50.49
HO4 BMA Z . -10.62 -31.73 -51.47
HO6 BMA Z . -13.25 -30.67 -51.38
C1 NAG AA . -35.10 -12.16 -30.78
C2 NAG AA . -36.34 -11.45 -31.38
C3 NAG AA . -37.18 -10.87 -30.23
C4 NAG AA . -37.47 -11.90 -29.13
C5 NAG AA . -36.21 -12.61 -28.64
C6 NAG AA . -36.45 -13.78 -27.70
C7 NAG AA . -35.67 -10.63 -33.60
C8 NAG AA . -35.14 -9.46 -34.42
N2 NAG AA . -35.92 -10.41 -32.31
O3 NAG AA . -38.44 -10.36 -30.73
O4 NAG AA . -38.09 -11.15 -28.03
O5 NAG AA . -35.52 -13.17 -29.81
O6 NAG AA . -36.63 -13.33 -26.35
O7 NAG AA . -35.83 -11.75 -34.11
H1 NAG AA . -34.44 -11.45 -30.30
H2 NAG AA . -36.94 -12.19 -31.90
H3 NAG AA . -36.63 -10.04 -29.79
H4 NAG AA . -38.17 -12.64 -29.52
H5 NAG AA . -35.54 -11.89 -28.16
H61 NAG AA . -37.30 -14.36 -28.01
H62 NAG AA . -35.58 -14.43 -27.72
H81 NAG AA . -34.88 -8.64 -33.79
H82 NAG AA . -34.28 -9.76 -34.95
H83 NAG AA . -35.89 -9.14 -35.10
HN2 NAG AA . -35.77 -9.48 -31.96
HO3 NAG AA . -39.01 -10.17 -30.01
HO6 NAG AA . -36.53 -14.06 -25.77
C1 NAG AA . -39.30 -11.75 -27.48
C2 NAG AA . -39.71 -10.99 -26.20
C3 NAG AA . -41.04 -11.53 -25.65
C4 NAG AA . -42.15 -11.54 -26.73
C5 NAG AA . -41.68 -12.22 -28.03
C6 NAG AA . -42.65 -12.01 -29.20
C7 NAG AA . -37.70 -10.21 -25.05
C8 NAG AA . -36.52 -10.59 -24.13
N2 NAG AA . -38.67 -11.11 -25.17
O3 NAG AA . -41.47 -10.73 -24.51
O4 NAG AA . -43.28 -12.29 -26.22
O5 NAG AA . -40.39 -11.64 -28.46
O6 NAG AA . -43.88 -12.69 -28.93
O7 NAG AA . -37.73 -9.13 -25.64
H1 NAG AA . -39.12 -12.79 -27.24
H2 NAG AA . -39.86 -9.95 -26.45
H3 NAG AA . -40.88 -12.55 -25.31
H4 NAG AA . -42.45 -10.51 -26.94
H5 NAG AA . -41.54 -13.28 -27.86
H61 NAG AA . -42.84 -10.96 -29.36
H62 NAG AA . -42.21 -12.42 -30.10
H81 NAG AA . -35.79 -11.11 -24.68
H82 NAG AA . -36.09 -9.73 -23.71
H83 NAG AA . -36.85 -11.22 -23.34
HN2 NAG AA . -38.56 -12.00 -24.72
HO3 NAG AA . -40.76 -10.69 -23.88
HO4 NAG AA . -43.82 -12.51 -26.96
HO6 NAG AA . -44.40 -12.69 -29.73
C1 NAG BA . -22.29 -8.44 -45.53
C2 NAG BA . -23.75 -7.94 -45.40
C3 NAG BA . -24.74 -8.94 -45.99
C4 NAG BA . -24.39 -9.29 -47.43
C5 NAG BA . -22.95 -9.79 -47.51
C6 NAG BA . -22.44 -10.05 -48.94
C7 NAG BA . -23.85 -6.49 -43.43
C8 NAG BA . -24.47 -6.25 -42.05
N2 NAG BA . -24.09 -7.67 -44.00
O3 NAG BA . -26.05 -8.32 -45.94
O4 NAG BA . -25.28 -10.38 -47.88
O5 NAG BA . -22.05 -8.80 -46.92
O6 NAG BA . -22.05 -8.80 -49.55
O7 NAG BA . -23.17 -5.65 -44.00
H1 NAG BA . -22.09 -9.31 -44.91
H2 NAG BA . -23.83 -7.01 -45.96
H3 NAG BA . -24.76 -9.83 -45.39
H4 NAG BA . -24.51 -8.42 -48.07
H5 NAG BA . -22.87 -10.72 -46.95
H61 NAG BA . -21.57 -10.70 -48.90
H62 NAG BA . -23.20 -10.53 -49.55
H81 NAG BA . -23.71 -6.29 -41.32
H82 NAG BA . -25.21 -6.98 -41.83
H83 NAG BA . -24.93 -5.30 -42.02
HN2 NAG BA . -24.61 -8.35 -43.50
HO3 NAG BA . -26.66 -8.82 -46.50
HO6 NAG BA . -21.45 -8.37 -48.95
C1 NAG BA . -26.44 -10.01 -48.69
C2 NAG BA . -26.94 -11.26 -49.45
C3 NAG BA . -28.24 -10.94 -50.22
C4 NAG BA . -29.31 -10.37 -49.30
C5 NAG BA . -28.77 -9.17 -48.52
C6 NAG BA . -29.77 -8.67 -47.48
C7 NAG BA . -25.10 -12.73 -50.10
C8 NAG BA . -24.18 -13.18 -51.24
N2 NAG BA . -25.92 -11.73 -50.37
O3 NAG BA . -28.76 -12.12 -50.87
O4 NAG BA . -30.42 -9.89 -50.16
O5 NAG BA . -27.51 -9.53 -47.83
O6 NAG BA . -29.18 -7.61 -46.70
O7 NAG BA . -25.07 -13.27 -48.99
H1 NAG BA . -26.15 -9.24 -49.40
H2 NAG BA . -27.16 -12.04 -48.72
H3 NAG BA . -28.01 -10.20 -50.99
H4 NAG BA . -29.67 -11.13 -48.62
H5 NAG BA . -28.55 -8.35 -49.21
H61 NAG BA . -30.67 -8.29 -47.97
H62 NAG BA . -30.06 -9.49 -46.82
H81 NAG BA . -23.39 -13.80 -50.87
H82 NAG BA . -24.76 -13.72 -51.98
H83 NAG BA . -23.75 -12.30 -51.72
HN2 NAG BA . -25.90 -11.32 -51.29
HO3 NAG BA . -29.66 -11.97 -51.13
HO6 NAG BA . -29.66 -7.41 -46.05
C1 BMA BA . -31.71 -10.57 -50.03
C2 BMA BA . -32.77 -9.73 -50.75
C3 BMA BA . -34.12 -10.47 -50.86
C4 BMA BA . -33.94 -11.88 -51.46
C5 BMA BA . -32.88 -12.67 -50.70
C6 BMA BA . -32.53 -14.03 -51.33
O2 BMA BA . -32.30 -9.44 -52.09
O3 BMA BA . -35.00 -9.66 -51.70
O4 BMA BA . -35.20 -12.58 -51.40
O5 BMA BA . -31.63 -11.90 -50.66
O6 BMA BA . -33.66 -14.90 -51.25
H1 BMA BA . -31.97 -10.69 -48.97
H2 BMA BA . -32.91 -8.79 -50.22
H3 BMA BA . -34.56 -10.55 -49.87
H4 BMA BA . -33.64 -11.80 -52.51
H5 BMA BA . -33.21 -12.83 -49.67
H61 BMA BA . -32.25 -13.89 -52.37
H62 BMA BA . -31.69 -14.46 -50.81
HO2 BMA BA . -31.40 -9.15 -52.02
HO3 BMA BA . -34.47 -9.35 -52.42
HO4 BMA BA . -34.99 -13.52 -51.47
HO6 BMA BA . -33.40 -15.76 -51.54
C1 NAG CA . -8.22 -4.38 -57.50
C2 NAG CA . -7.28 -5.48 -56.97
C3 NAG CA . -6.39 -5.97 -58.11
C4 NAG CA . -7.30 -6.50 -59.24
C5 NAG CA . -8.37 -5.48 -59.67
C6 NAG CA . -9.38 -6.07 -60.64
C7 NAG CA . -6.81 -5.40 -54.59
C8 NAG CA . -5.95 -4.84 -53.46
N2 NAG CA . -6.48 -5.04 -55.82
O3 NAG CA . -5.52 -7.02 -57.60
O4 NAG CA . -6.55 -6.79 -60.48
O5 NAG CA . -9.10 -4.96 -58.49
O6 NAG CA . -10.39 -5.08 -60.91
O7 NAG CA . -7.74 -6.15 -54.36
H1 NAG CA . -7.63 -3.60 -57.98
H2 NAG CA . -7.90 -6.32 -56.67
H3 NAG CA . -5.76 -5.15 -58.48
H4 NAG CA . -7.80 -7.40 -58.90
H5 NAG CA . -7.87 -4.64 -60.15
H61 NAG CA . -8.90 -6.36 -61.57
H62 NAG CA . -9.85 -6.95 -60.21
H81 NAG CA . -5.25 -5.60 -53.11
H82 NAG CA . -6.59 -4.59 -52.62
H83 NAG CA . -5.41 -3.97 -53.77
HN2 NAG CA . -5.79 -4.32 -55.96
HO3 NAG CA . -5.54 -7.00 -56.65
HO6 NAG CA . -10.70 -4.76 -60.08
C1 NAG CA . -5.45 -7.74 -60.62
C2 NAG CA . -5.92 -9.21 -60.52
C3 NAG CA . -4.83 -10.19 -61.00
C4 NAG CA . -4.35 -9.84 -62.42
C5 NAG CA . -3.83 -8.39 -62.48
C6 NAG CA . -3.46 -7.95 -63.90
C7 NAG CA . -7.53 -9.92 -58.80
C8 NAG CA . -7.70 -10.45 -57.36
N2 NAG CA . -6.30 -9.58 -59.15
O3 NAG CA . -5.32 -11.55 -60.97
O4 NAG CA . -3.22 -10.71 -62.80
O5 NAG CA . -4.90 -7.50 -61.97
O6 NAG CA . -3.00 -6.58 -63.90
O7 NAG CA . -8.47 -9.80 -59.55
H1 NAG CA . -4.67 -7.53 -59.89
H2 NAG CA . -6.78 -9.32 -61.17
H3 NAG CA . -3.97 -10.13 -60.33
H4 NAG CA . -5.16 -9.96 -63.14
H5 NAG CA . -2.96 -8.30 -61.84
H61 NAG CA . -2.67 -8.59 -64.31
H62 NAG CA . -4.33 -8.03 -64.55
H81 NAG CA . -8.75 -10.55 -57.13
H82 NAG CA . -7.25 -9.75 -56.67
H83 NAG CA . -7.22 -11.41 -57.27
HN2 NAG CA . -5.56 -9.73 -58.50
HO3 NAG CA . -4.70 -12.13 -61.41
HO6 NAG CA . -2.14 -6.53 -63.51
C1 BMA CA . -3.52 -11.84 -63.68
C2 BMA CA . -2.23 -12.25 -64.39
C3 BMA CA . -2.38 -13.57 -65.16
C4 BMA CA . -2.92 -14.68 -64.24
C5 BMA CA . -4.23 -14.26 -63.57
C6 BMA CA . -4.73 -15.28 -62.54
O2 BMA CA . -1.21 -12.43 -63.39
O3 BMA CA . -1.10 -13.95 -65.70
O4 BMA CA . -3.14 -15.86 -65.07
O5 BMA CA . -4.04 -12.95 -62.88
O6 BMA CA . -3.95 -15.25 -61.36
H1 BMA CA . -4.27 -11.54 -64.42
H2 BMA CA . -1.92 -11.46 -65.06
H3 BMA CA . -3.08 -13.41 -65.98
H4 BMA CA . -2.17 -14.93 -63.48
H5 BMA CA . -4.99 -14.14 -64.33
H61 BMA CA . -5.75 -15.05 -62.27
H62 BMA CA . -4.73 -16.26 -62.95
HO2 BMA CA . -1.29 -11.71 -62.77
HO3 BMA CA . -0.44 -13.74 -65.04
HO4 BMA CA . -2.35 -15.99 -65.58
HO6 BMA CA . -4.30 -15.86 -60.74
C1 NAG DA . -25.23 -34.05 -35.92
C2 NAG DA . -26.05 -34.81 -37.00
C3 NAG DA . -25.12 -35.46 -38.05
C4 NAG DA . -24.18 -34.40 -38.63
C5 NAG DA . -23.41 -33.69 -37.53
C6 NAG DA . -22.49 -32.58 -38.07
C7 NAG DA . -26.71 -36.81 -35.70
C8 NAG DA . -27.88 -37.69 -35.22
N2 NAG DA . -27.02 -35.75 -36.43
O3 NAG DA . -25.90 -36.05 -39.12
O4 NAG DA . -23.23 -35.08 -39.52
O5 NAG DA . -24.37 -33.08 -36.59
O6 NAG DA . -21.94 -31.88 -36.96
O7 NAG DA . -25.54 -37.07 -35.40
H1 NAG DA . -24.63 -34.72 -35.33
H2 NAG DA . -26.64 -34.07 -37.53
H3 NAG DA . -24.52 -36.24 -37.59
H4 NAG DA . -24.76 -33.67 -39.19
H5 NAG DA . -22.80 -34.40 -36.98
H61 NAG DA . -21.69 -33.00 -38.67
H62 NAG DA . -23.06 -31.89 -38.69
H81 NAG DA . -27.81 -38.66 -35.66
H82 NAG DA . -27.85 -37.78 -34.15
H83 NAG DA . -28.82 -37.25 -35.50
HN2 NAG DA . -27.97 -35.63 -36.72
HO3 NAG DA . -25.36 -36.09 -39.91
HO6 NAG DA . -22.64 -31.69 -36.40
C1 NAG DA . -23.36 -34.74 -40.94
C2 NAG DA . -22.08 -35.19 -41.68
C3 NAG DA . -22.25 -34.98 -43.18
C4 NAG DA . -23.49 -35.70 -43.70
C5 NAG DA . -24.75 -35.28 -42.95
C6 NAG DA . -25.99 -36.11 -43.33
C7 NAG DA . -20.02 -34.94 -40.37
C8 NAG DA . -18.89 -34.01 -39.92
N2 NAG DA . -20.92 -34.42 -41.21
O3 NAG DA . -21.09 -35.50 -43.88
O4 NAG DA . -23.63 -35.34 -45.10
O5 NAG DA . -24.53 -35.42 -41.48
O6 NAG DA . -25.78 -37.49 -42.97
O7 NAG DA . -20.10 -36.09 -39.97
H1 NAG DA . -23.48 -33.67 -41.03
H2 NAG DA . -21.93 -36.24 -41.49
H3 NAG DA . -22.33 -33.91 -43.39
H4 NAG DA . -23.34 -36.77 -43.62
H5 NAG DA . -24.96 -34.23 -43.16
H61 NAG DA . -26.86 -35.74 -42.80
H62 NAG DA . -26.19 -36.04 -44.39
H81 NAG DA . -18.54 -33.44 -40.71
H82 NAG DA . -19.22 -33.37 -39.17
H83 NAG DA . -18.08 -34.55 -39.53
HN2 NAG DA . -20.82 -33.46 -41.47
HO3 NAG DA . -20.30 -35.09 -43.54
HO4 NAG DA . -22.77 -35.47 -45.50
HO6 NAG DA . -26.48 -37.98 -43.16
C1 NAG EA . -25.95 -36.60 -13.48
C2 NAG EA . -25.15 -37.64 -14.30
C3 NAG EA . -26.01 -38.88 -14.54
C4 NAG EA . -26.68 -39.39 -13.26
C5 NAG EA . -27.44 -38.27 -12.55
C6 NAG EA . -28.08 -38.71 -11.23
C7 NAG EA . -23.64 -36.40 -15.80
C8 NAG EA . -23.37 -36.01 -17.25
N2 NAG EA . -24.76 -37.08 -15.59
O3 NAG EA . -25.21 -39.92 -15.16
O4 NAG EA . -27.65 -40.41 -13.66
O5 NAG EA . -26.50 -37.18 -12.27
O6 NAG EA . -28.64 -37.54 -10.60
O7 NAG EA . -22.87 -36.13 -14.90
H1 NAG EA . -26.77 -36.22 -14.08
H2 NAG EA . -24.25 -37.92 -13.73
H3 NAG EA . -26.80 -38.61 -15.24
H4 NAG EA . -25.93 -39.82 -12.59
H5 NAG EA . -28.23 -37.90 -13.21
H61 NAG EA . -28.86 -39.44 -11.40
H62 NAG EA . -27.33 -39.14 -10.57
H81 NAG EA . -22.34 -35.73 -17.38
H82 NAG EA . -23.99 -35.17 -17.53
H83 NAG EA . -23.59 -36.82 -17.91
HN2 NAG EA . -25.37 -37.25 -16.36
HO3 NAG EA . -25.61 -40.77 -15.00
HO6 NAG EA . -27.97 -36.86 -10.62
C1 NAG EA . -27.31 -41.79 -13.32
C2 NAG EA . -28.50 -42.68 -13.72
C3 NAG EA . -28.17 -44.17 -13.51
C4 NAG EA . -26.83 -44.54 -14.17
C5 NAG EA . -25.69 -43.58 -13.82
C6 NAG EA . -24.42 -43.81 -14.65
C7 NAG EA . -29.92 -42.12 -11.76
C8 NAG EA . -31.31 -41.63 -11.28
N2 NAG EA . -29.76 -42.30 -13.06
O3 NAG EA . -29.22 -44.99 -14.08
O4 NAG EA . -26.43 -45.87 -13.68
O5 NAG EA . -26.13 -42.19 -14.06
O6 NAG EA . -24.69 -43.57 -16.03
O7 NAG EA . -29.00 -42.31 -10.96
H1 NAG EA . -27.10 -41.84 -12.26
H2 NAG EA . -28.66 -42.53 -14.78
H3 NAG EA . -28.10 -44.39 -12.46
H4 NAG EA . -26.97 -44.56 -15.25
H5 NAG EA . -25.45 -43.69 -12.76
H61 NAG EA . -23.64 -43.14 -14.31
H62 NAG EA . -24.06 -44.83 -14.52
H81 NAG EA . -31.96 -41.51 -12.09
H82 NAG EA . -31.21 -40.71 -10.79
H83 NAG EA . -31.72 -42.32 -10.61
HN2 NAG EA . -30.56 -42.19 -13.66
HO3 NAG EA . -28.88 -45.86 -14.27
HO6 NAG EA . -23.87 -43.67 -16.52
C1 BMA EA . -26.50 -46.91 -14.70
C2 BMA EA . -25.73 -48.15 -14.17
C3 BMA EA . -25.91 -49.32 -15.15
C4 BMA EA . -27.39 -49.63 -15.42
C5 BMA EA . -28.12 -48.37 -15.92
C6 BMA EA . -29.62 -48.58 -16.06
O2 BMA EA . -26.27 -48.53 -12.88
O3 BMA EA . -25.26 -50.50 -14.62
O4 BMA EA . -27.45 -50.65 -16.46
O5 BMA EA . -27.89 -47.27 -14.95
O6 BMA EA . -30.22 -47.35 -16.55
H1 BMA EA . -26.04 -46.55 -15.61
H2 BMA EA . -24.68 -47.90 -14.07
H3 BMA EA . -25.43 -49.05 -16.10
H4 BMA EA . -27.87 -50.01 -14.53
H5 BMA EA . -27.70 -48.07 -16.87
H61 BMA EA . -29.84 -49.37 -16.78
H62 BMA EA . -30.06 -48.84 -15.11
HO2 BMA EA . -26.35 -47.74 -12.37
HO3 BMA EA . -25.44 -50.54 -13.71
HO4 BMA EA . -26.85 -51.33 -16.20
HO6 BMA EA . -31.16 -47.49 -16.64
C1 NAG FA . -4.44 -30.09 -22.61
C2 NAG FA . -2.99 -30.31 -23.08
C3 NAG FA . -2.85 -29.67 -24.46
C4 NAG FA . -3.79 -30.34 -25.48
C5 NAG FA . -5.24 -30.15 -24.97
C6 NAG FA . -6.36 -30.76 -25.80
C7 NAG FA . -1.51 -30.37 -21.15
C8 NAG FA . -0.41 -29.64 -20.35
N2 NAG FA . -2.04 -29.70 -22.16
O3 NAG FA . -1.49 -29.72 -24.94
O4 NAG FA . -3.59 -29.63 -26.77
O5 NAG FA . -5.36 -30.70 -23.58
O6 NAG FA . -6.09 -32.14 -26.02
O7 NAG FA . -1.88 -31.51 -20.87
H1 NAG FA . -4.66 -29.03 -22.53
H2 NAG FA . -2.79 -31.38 -23.15
H3 NAG FA . -3.13 -28.62 -24.38
H4 NAG FA . -3.55 -31.39 -25.57
H5 NAG FA . -5.44 -29.07 -24.92
H61 NAG FA . -7.31 -30.67 -25.26
H62 NAG FA . -6.46 -30.24 -26.75
H81 NAG FA . -0.74 -28.66 -20.09
H82 NAG FA . 0.47 -29.57 -20.96
H83 NAG FA . -0.18 -30.19 -19.45
HN2 NAG FA . -1.70 -28.78 -22.36
HO3 NAG FA . -1.40 -29.17 -25.69
HO6 NAG FA . -6.35 -32.35 -26.91
C1 NAG FA . -3.52 -30.35 -28.07
C2 NAG FA . -2.50 -31.50 -28.13
C3 NAG FA . -2.51 -32.11 -29.54
C4 NAG FA . -3.93 -32.59 -29.91
C5 NAG FA . -4.97 -31.48 -29.75
C6 NAG FA . -6.43 -31.97 -29.92
C7 NAG FA . -0.30 -31.73 -27.07
C8 NAG FA . 1.11 -31.15 -26.89
N2 NAG FA . -1.15 -31.03 -27.82
O3 NAG FA . -1.57 -33.22 -29.61
O4 NAG FA . -4.00 -33.13 -31.30
O5 NAG FA . -4.85 -30.85 -28.42
O6 NAG FA . -6.89 -32.63 -28.73
O7 NAG FA . -0.63 -32.82 -26.59
H1 NAG FA . -3.24 -29.60 -28.81
H2 NAG FA . -2.80 -32.27 -27.42
H3 NAG FA . -2.19 -31.34 -30.23
H4 NAG FA . -4.20 -33.40 -29.23
H5 NAG FA . -4.78 -30.73 -30.52
H61 NAG FA . -7.06 -31.11 -30.10
H62 NAG FA . -6.51 -32.63 -30.77
H81 NAG FA . 1.05 -30.10 -26.71
H82 NAG FA . 1.70 -31.31 -27.75
H83 NAG FA . 1.59 -31.61 -26.06
HN2 NAG FA . -0.83 -30.18 -28.24
HO3 NAG FA . -0.75 -32.98 -29.24
HO6 NAG FA . -7.74 -33.02 -28.92
C1 BMA FA . -3.10 -32.64 -32.36
C2 BMA FA . -3.41 -33.42 -33.65
C3 BMA FA . -2.67 -32.85 -34.86
C4 BMA FA . -2.87 -31.34 -35.02
C5 BMA FA . -2.54 -30.61 -33.72
C6 BMA FA . -2.86 -29.10 -33.81
O2 BMA FA . -4.83 -33.36 -33.89
O3 BMA FA . -3.14 -33.53 -36.05
O4 BMA FA . -1.96 -30.87 -36.05
O5 BMA FA . -3.33 -31.21 -32.61
O6 BMA FA . -2.36 -28.43 -32.63
H1 BMA FA . -2.07 -32.80 -32.07
H2 BMA FA . -3.13 -34.46 -33.50
H3 BMA FA . -1.60 -33.06 -34.75
H4 BMA FA . -3.89 -31.12 -35.33
H5 BMA FA . -1.48 -30.73 -33.50
H61 BMA FA . -2.39 -28.66 -34.68
H62 BMA FA . -3.93 -28.96 -33.88
HO2 BMA FA . -5.27 -33.54 -33.07
HO3 BMA FA . -4.07 -33.70 -35.92
HO4 BMA FA . -2.08 -31.40 -36.82
HO6 BMA FA . -1.42 -28.43 -32.65
C1 NAG GA . -51.77 3.53 15.52
C2 NAG GA . -53.10 4.12 15.98
C3 NAG GA . -54.21 3.14 15.58
C4 NAG GA . -54.17 2.72 14.10
C5 NAG GA . -52.74 2.29 13.69
C6 NAG GA . -52.58 1.99 12.20
C7 NAG GA . -53.44 5.40 18.06
C8 NAG GA . -53.49 5.33 19.59
N2 NAG GA . -53.13 4.26 17.44
O3 NAG GA . -55.49 3.73 15.91
O4 NAG GA . -55.07 1.57 13.93
O5 NAG GA . -51.78 3.34 14.07
O6 NAG GA . -51.17 1.95 11.87
O7 NAG GA . -53.68 6.44 17.45
H1 NAG GA . -51.61 2.55 15.98
H2 NAG GA . -53.26 5.07 15.48
H3 NAG GA . -54.10 2.23 16.18
H4 NAG GA . -54.50 3.55 13.46
H5 NAG GA . -52.49 1.38 14.22
H61 NAG GA . -53.03 1.04 11.95
H62 NAG GA . -53.06 2.76 11.60
H81 NAG GA . -54.00 4.61 19.90
H82 NAG GA . -52.65 5.25 19.97
H83 NAG GA . -53.89 6.10 19.98
HN2 NAG GA . -52.91 3.46 17.99
HO3 NAG GA . -55.47 4.05 16.81
HO6 NAG GA . -51.07 1.64 10.98
C1 NAG GA . -56.21 1.65 12.99
C2 NAG GA . -57.25 2.73 13.35
C3 NAG GA . -58.39 2.79 12.31
C4 NAG GA . -57.83 2.94 10.90
C5 NAG GA . -56.82 1.82 10.62
C6 NAG GA . -56.21 1.87 9.22
C7 NAG GA . -58.48 1.58 15.19
C8 NAG GA . -58.70 1.60 16.71
N2 NAG GA . -57.76 2.59 14.71
O3 NAG GA . -59.33 3.86 12.61
O4 NAG GA . -58.94 2.97 9.90
O5 NAG GA . -55.73 1.87 11.62
O6 NAG GA . -55.71 0.57 8.91
O7 NAG GA . -58.93 0.70 14.48
H1 NAG GA . -56.70 0.67 13.01
H2 NAG GA . -56.75 3.70 13.32
H3 NAG GA . -58.93 1.84 12.35
H4 NAG GA . -57.30 3.90 10.82
H5 NAG GA . -57.33 0.86 10.74
H61 NAG GA . -56.95 2.14 8.47
H62 NAG GA . -55.40 2.59 9.18
H81 NAG GA . -59.23 0.72 17.03
H82 NAG GA . -57.78 1.64 17.22
H83 NAG GA . -59.28 2.45 16.97
HN2 NAG GA . -57.32 3.21 15.37
HO3 NAG GA . -59.65 3.77 13.48
HO6 NAG GA . -56.44 -0.05 8.95
C1 BMA GA . -59.80 1.79 9.78
C2 BMA GA . -61.08 2.16 9.02
C3 BMA GA . -61.93 0.91 8.71
C4 BMA GA . -61.11 -0.24 8.10
C5 BMA GA . -59.83 -0.52 8.92
C6 BMA GA . -58.88 -1.55 8.29
O2 BMA GA . -60.73 2.80 7.76
O3 BMA GA . -62.99 1.29 7.81
O4 BMA GA . -61.93 -1.43 8.11
O5 BMA GA . -59.09 0.74 9.05
O6 BMA GA . -57.65 -1.59 9.04
H1 BMA GA . -60.06 1.41 10.77
H2 BMA GA . -61.66 2.86 9.61
H3 BMA GA . -62.37 0.56 9.64
H4 BMA GA . -60.84 -0.01 7.08
H5 BMA GA . -60.11 -0.86 9.91
H61 BMA GA . -59.34 -2.53 8.28
H62 BMA GA . -58.65 -1.28 7.27
HO2 BMA GA . -60.05 3.45 7.97
HO3 BMA GA . -62.63 1.94 7.22
HO4 BMA GA . -62.74 -1.22 7.65
HO6 BMA GA . -57.22 -2.40 8.84
C1 NAG HA . -51.60 0.45 24.59
C2 NAG HA . -52.12 -0.89 24.04
C3 NAG HA . -53.62 -0.97 24.36
C4 NAG HA . -53.90 -0.82 25.86
C5 NAG HA . -53.20 0.42 26.45
C6 NAG HA . -53.28 0.52 27.97
C7 NAG HA . -51.01 -1.81 22.05
C8 NAG HA . -50.81 -1.65 20.54
N2 NAG HA . -51.90 -1.00 22.60
O3 NAG HA . -54.12 -2.25 23.90
O4 NAG HA . -55.35 -0.57 26.07
O5 NAG HA . -51.77 0.47 26.04
O6 NAG HA . -52.80 -0.69 28.58
O7 NAG HA . -50.39 -2.63 22.71
H1 NAG HA . -52.17 1.27 24.16
H2 NAG HA . -51.60 -1.69 24.56
H3 NAG HA . -54.14 -0.19 23.82
H4 NAG HA . -53.59 -1.72 26.39
H5 NAG HA . -53.68 1.31 26.04
H61 NAG HA . -52.67 1.35 28.32
H62 NAG HA . -54.31 0.70 28.28
H81 NAG HA . -50.02 -2.30 20.20
H82 NAG HA . -50.55 -0.62 20.32
H83 NAG HA . -51.72 -1.91 20.03
HN2 NAG HA . -52.33 -0.30 22.03
HO3 NAG HA . -53.88 -2.38 22.99
HO6 NAG HA . -53.53 -1.28 28.69
C1 NAG HA . -56.16 -1.45 26.93
C2 NAG HA . -56.49 -2.80 26.28
C3 NAG HA . -57.48 -3.57 27.17
C4 NAG HA . -56.97 -3.71 28.62
C5 NAG HA . -56.46 -2.38 29.19
C6 NAG HA . -55.72 -2.56 30.53
C7 NAG HA . -58.01 -1.92 24.52
C8 NAG HA . -58.28 -1.87 23.00
N2 NAG HA . -56.96 -2.65 24.90
O3 NAG HA . -57.72 -4.88 26.60
O4 NAG HA . -58.13 -4.09 29.44
O5 NAG HA . -55.54 -1.70 28.23
O6 NAG HA . -54.50 -3.28 30.32
O7 NAG HA . -58.72 -1.35 25.33
H1 NAG HA . -57.08 -0.91 27.13
H2 NAG HA . -55.56 -3.37 26.22
H3 NAG HA . -58.43 -3.04 27.21
H4 NAG HA . -56.19 -4.47 28.66
H5 NAG HA . -57.31 -1.72 29.35
H61 NAG HA . -55.49 -1.58 30.95
H62 NAG HA . -56.35 -3.10 31.23
H81 NAG HA . -58.24 -0.85 22.67
H82 NAG HA . -59.25 -2.27 22.79
H83 NAG HA . -57.55 -2.43 22.45
HN2 NAG HA . -56.36 -3.03 24.19
HO3 NAG HA . -58.29 -5.37 27.19
HO6 NAG HA . -54.09 -3.42 31.16
C1 BMA HA . -58.27 -5.49 29.87
C2 BMA HA . -59.39 -5.54 30.94
C3 BMA HA . -59.81 -6.98 31.27
C4 BMA HA . -60.14 -7.81 30.02
C5 BMA HA . -58.97 -7.76 29.03
C6 BMA HA . -59.24 -8.47 27.70
O2 BMA HA . -60.54 -4.82 30.45
O3 BMA HA . -61.00 -6.91 32.09
O4 BMA HA . -60.35 -9.18 30.46
O5 BMA HA . -58.67 -6.33 28.73
O6 BMA HA . -60.18 -7.74 26.90
H1 BMA HA . -57.33 -5.85 30.28
H2 BMA HA . -59.03 -5.05 31.84
H3 BMA HA . -59.02 -7.46 31.84
H4 BMA HA . -61.04 -7.44 29.55
H5 BMA HA . -58.09 -8.20 29.48
H61 BMA HA . -59.60 -9.49 27.87
H62 BMA HA . -58.30 -8.56 27.15
HO2 BMA HA . -60.23 -4.05 29.99
HO3 BMA HA . -61.49 -6.15 31.79
HO4 BMA HA . -60.95 -9.13 31.20
HO6 BMA HA . -60.26 -8.15 26.07
C1 NAG IA . -32.76 25.84 13.86
C2 NAG IA . -33.40 25.48 12.50
C3 NAG IA . -33.24 26.66 11.54
C4 NAG IA . -33.72 27.99 12.15
C5 NAG IA . -33.23 28.20 13.58
C6 NAG IA . -33.89 29.39 14.29
C7 NAG IA . -33.18 23.04 12.24
C8 NAG IA . -32.36 21.90 11.63
N2 NAG IA . -32.77 24.28 11.95
O3 NAG IA . -33.99 26.39 10.34
O4 NAG IA . -33.15 29.12 11.37
O5 NAG IA . -33.49 26.98 14.38
O6 NAG IA . -35.22 29.03 14.65
O7 NAG IA . -34.16 22.84 12.95
H1 NAG IA . -31.72 26.11 13.74
H2 NAG IA . -34.46 25.29 12.65
H3 NAG IA . -32.19 26.76 11.28
H4 NAG IA . -34.81 28.01 12.13
H5 NAG IA . -32.15 28.37 13.57
H61 NAG IA . -33.33 29.64 15.19
H62 NAG IA . -33.89 30.27 13.64
H81 NAG IA . -31.30 22.14 11.66
H82 NAG IA . -32.52 21.00 12.20
H83 NAG IA . -32.64 21.75 10.60
HN2 NAG IA . -31.90 24.39 11.45
HO3 NAG IA . -33.75 25.53 9.97
HO6 NAG IA . -35.18 28.26 15.19
C1 NAG IA . -34.06 30.00 10.63
C2 NAG IA . -34.30 29.50 9.19
C3 NAG IA . -35.17 30.52 8.44
C4 NAG IA . -36.49 30.78 9.21
C5 NAG IA . -36.26 31.17 10.68
C6 NAG IA . -37.53 31.21 11.54
C7 NAG IA . -32.77 28.44 7.57
C8 NAG IA . -31.31 28.18 7.21
N2 NAG IA . -32.99 29.30 8.55
O3 NAG IA . -35.48 30.02 7.11
O4 NAG IA . -37.19 31.87 8.56
O5 NAG IA . -35.33 30.22 11.33
O6 NAG IA . -38.48 32.12 11.01
O7 NAG IA . -33.70 27.89 7.00
H1 NAG IA . -33.58 30.97 10.57
H2 NAG IA . -34.82 28.55 9.23
H3 NAG IA . -34.61 31.45 8.34
H4 NAG IA . -37.10 29.89 9.17
H5 NAG IA . -35.79 32.16 10.72
H61 NAG IA . -37.27 31.51 12.56
H62 NAG IA . -37.97 30.22 11.60
H81 NAG IA . -30.96 28.93 6.56
H82 NAG IA . -31.24 27.25 6.71
H83 NAG IA . -30.69 28.16 8.07
HN2 NAG IA . -32.23 29.81 8.93
HO3 NAG IA . -34.89 29.33 6.88
HO4 NAG IA . -37.88 32.14 9.17
HO6 NAG IA . -39.19 32.22 11.63
C1 NAG JA . -19.19 30.18 25.47
C2 NAG JA . -19.63 28.72 25.73
C3 NAG JA . -19.24 28.33 27.17
C4 NAG JA . -17.77 28.58 27.43
C5 NAG JA . -17.45 30.04 27.13
C6 NAG JA . -16.01 30.43 27.46
C7 NAG JA . -22.05 29.30 25.89
C8 NAG JA . -23.45 29.00 25.37
N2 NAG JA . -21.06 28.51 25.45
O3 NAG JA . -19.52 26.93 27.41
O4 NAG JA . -17.55 28.32 28.87
O5 NAG JA . -17.76 30.32 25.72
O6 NAG JA . -15.87 31.86 27.33
O7 NAG JA . -21.84 30.25 26.64
H1 NAG JA . -19.70 30.86 26.15
H2 NAG JA . -19.09 28.05 25.07
H3 NAG JA . -19.83 28.91 27.86
H4 NAG JA . -17.16 27.94 26.80
H5 NAG JA . -18.10 30.67 27.76
H61 NAG JA . -15.77 30.15 28.48
H62 NAG JA . -15.32 29.94 26.79
H81 NAG JA . -24.19 29.41 26.02
H82 NAG JA . -23.57 29.44 24.40
H83 NAG JA . -23.61 27.95 25.30
HN2 NAG JA . -21.30 27.68 24.94
HO3 NAG JA . -19.67 26.81 28.34
HO6 NAG JA . -14.99 32.10 27.51
C1 NAG JA . -16.56 27.34 29.34
C2 NAG JA . -17.26 26.24 30.16
C3 NAG JA . -16.23 25.25 30.73
C4 NAG JA . -15.49 24.63 29.53
C5 NAG JA . -14.81 25.72 28.68
C6 NAG JA . -14.09 25.14 27.44
C7 NAG JA . -19.39 26.94 31.15
C8 NAG JA . -20.11 27.46 32.39
N2 NAG JA . -18.08 26.79 31.24
O3 NAG JA . -16.86 24.22 31.52
O4 NAG JA . -14.52 23.58 29.91
O5 NAG JA . -15.81 26.71 28.25
O6 NAG JA . -15.05 24.49 26.59
O7 NAG JA . -19.99 26.64 30.11
H1 NAG JA . -15.86 27.86 29.98
H2 NAG JA . -17.91 25.67 29.49
H3 NAG JA . -15.52 25.80 31.35
H4 NAG JA . -16.24 24.15 28.90
H5 NAG JA . -14.08 26.25 29.28
H61 NAG JA . -13.60 25.93 26.90
H62 NAG JA . -13.34 24.41 27.74
H81 NAG JA . -20.24 28.45 32.34
H82 NAG JA . -21.01 27.05 32.48
H83 NAG JA . -19.63 27.27 33.23
HN2 NAG JA . -17.61 27.16 32.06
HO3 NAG JA . -17.37 24.61 32.21
HO6 NAG JA . -14.66 23.68 26.28
C1 BMA JA . -13.44 23.85 30.87
C2 BMA JA . -12.68 22.53 31.16
C3 BMA JA . -11.49 22.78 32.10
C4 BMA JA . -10.56 23.89 31.56
C5 BMA JA . -11.35 25.17 31.25
C6 BMA JA . -10.53 26.29 30.61
O2 BMA JA . -12.17 21.93 29.94
O3 BMA JA . -10.75 21.55 32.29
O4 BMA JA . -9.58 24.17 32.58
O5 BMA JA . -12.49 24.83 30.35
O6 BMA JA . -10.19 25.98 29.26
H1 BMA JA . -13.86 24.23 31.79
H2 BMA JA . -13.37 21.82 31.64
H3 BMA JA . -11.88 23.11 33.06
H4 BMA JA . -10.05 23.53 30.66
H5 BMA JA . -11.76 25.54 32.18
H61 BMA JA . -11.10 27.21 30.63
H62 BMA JA . -9.62 26.47 31.18
HO2 BMA JA . -11.62 21.20 30.18
HO3 BMA JA . -11.20 20.98 32.88
HO4 BMA JA . -9.21 23.34 32.84
HO6 BMA JA . -9.67 26.68 28.90
C1 NAG KA . -23.73 0.21 26.62
C2 NAG KA . -23.60 -1.10 25.81
C3 NAG KA . -23.56 -2.26 26.83
C4 NAG KA . -22.36 -2.07 27.75
C5 NAG KA . -22.42 -0.73 28.48
C6 NAG KA . -21.15 -0.48 29.30
C7 NAG KA . -24.48 -1.77 23.63
C8 NAG KA . -25.67 -1.73 22.68
N2 NAG KA . -24.69 -1.26 24.85
O3 NAG KA . -23.42 -3.53 26.17
O4 NAG KA . -22.39 -3.15 28.74
O5 NAG KA . -22.57 0.34 27.49
O6 NAG KA . -21.07 0.90 29.65
O7 NAG KA . -23.39 -2.19 23.28
H1 NAG KA . -24.64 0.22 27.21
H2 NAG KA . -22.65 -1.07 25.29
H3 NAG KA . -24.47 -2.26 27.42
H4 NAG KA . -21.45 -2.13 27.17
H5 NAG KA . -23.28 -0.71 29.15
H61 NAG KA . -21.16 -1.10 30.19
H62 NAG KA . -20.27 -0.75 28.72
H81 NAG KA . -25.39 -2.13 21.71
H82 NAG KA . -26.49 -2.30 23.09
H83 NAG KA . -25.99 -0.70 22.54
HN2 NAG KA . -25.62 -1.08 25.17
HO3 NAG KA . -22.84 -4.08 26.69
HO6 NAG KA . -21.33 1.41 28.89
C1 NAG KA . -21.15 -3.90 28.89
C2 NAG KA . -21.25 -4.82 30.12
C3 NAG KA . -19.98 -5.66 30.24
C4 NAG KA . -19.77 -6.45 28.94
C5 NAG KA . -19.74 -5.52 27.72
C6 NAG KA . -19.63 -6.27 26.39
C7 NAG KA . -22.69 -3.83 31.83
C8 NAG KA . -22.76 -3.05 33.14
N2 NAG KA . -21.47 -4.04 31.32
O3 NAG KA . -20.11 -6.58 31.37
O4 NAG KA . -18.47 -7.14 28.99
O5 NAG KA . -20.98 -4.73 27.70
O6 NAG KA . -19.56 -5.33 25.32
O7 NAG KA . -23.70 -4.23 31.27
H1 NAG KA . -20.32 -3.21 28.99
H2 NAG KA . -22.09 -5.49 29.97
H3 NAG KA . -19.12 -5.02 30.41
H4 NAG KA . -20.58 -7.17 28.81
H5 NAG KA . -18.89 -4.84 27.81
H61 NAG KA . -18.74 -6.90 26.38
H62 NAG KA . -20.50 -6.91 26.26
H81 NAG KA . -21.94 -3.32 33.78
H82 NAG KA . -22.72 -2.00 32.93
H83 NAG KA . -23.68 -3.27 33.65
HN2 NAG KA . -20.67 -3.70 31.85
HO3 NAG KA . -19.42 -7.23 31.33
HO6 NAG KA . -18.65 -5.08 25.18
C1 BMA KA . -18.52 -8.58 29.26
C2 BMA KA . -17.18 -9.18 28.84
C3 BMA KA . -17.21 -10.69 29.12
C4 BMA KA . -17.52 -10.96 30.60
C5 BMA KA . -18.81 -10.25 31.06
C6 BMA KA . -19.04 -10.29 32.57
O2 BMA KA . -16.09 -8.58 29.58
O3 BMA KA . -15.94 -11.36 28.76
O4 BMA KA . -17.69 -12.39 30.75
O5 BMA KA . -18.76 -8.82 30.67
O6 BMA KA . -17.95 -9.60 33.23
H1 BMA KA . -19.32 -9.02 28.67
H2 BMA KA . -17.03 -8.99 27.78
H3 BMA KA . -18.02 -11.12 28.52
H4 BMA KA . -16.68 -10.64 31.21
H5 BMA KA . -19.66 -10.71 30.55
H61 BMA KA . -19.98 -9.79 32.80
H62 BMA KA . -19.10 -11.32 32.91
HO2 BMA KA . -15.55 -8.09 28.95
HO4 BMA KA . -16.90 -12.82 30.46
C1 MAN KA . -15.66 -11.41 27.32
C2 MAN KA . -14.65 -12.52 27.00
C3 MAN KA . -13.23 -12.14 27.48
C4 MAN KA . -12.80 -10.74 27.02
C5 MAN KA . -13.84 -9.72 27.47
C6 MAN KA . -13.55 -8.27 27.06
O2 MAN KA . -14.59 -12.73 25.56
O3 MAN KA . -12.33 -13.13 26.93
O4 MAN KA . -11.51 -10.45 27.61
O5 MAN KA . -15.14 -10.12 26.87
O6 MAN KA . -14.58 -7.43 27.61
H1 MAN KA . -16.59 -11.62 26.79
H2 MAN KA . -14.96 -13.45 27.47
H3 MAN KA . -13.20 -12.20 28.56
H4 MAN KA . -12.70 -10.72 25.93
H5 MAN KA . -13.92 -9.76 28.55
H61 MAN KA . -13.54 -8.17 25.98
H62 MAN KA . -12.59 -7.94 27.44
HO2 MAN KA . -15.36 -13.06 25.23
HO3 MAN KA . -12.70 -13.40 26.09
HO4 MAN KA . -10.94 -11.19 27.45
HO6 MAN KA . -14.80 -6.76 26.95
C1 MAN KA . -18.12 -9.48 34.67
C2 MAN KA . -17.02 -8.58 35.25
C3 MAN KA . -15.65 -9.25 35.08
C4 MAN KA . -15.61 -10.66 35.69
C5 MAN KA . -16.76 -11.52 35.13
C6 MAN KA . -16.88 -12.89 35.81
O2 MAN KA . -17.24 -8.34 36.65
O3 MAN KA . -14.64 -8.43 35.74
O4 MAN KA . -14.35 -11.27 35.35
O5 MAN KA . -18.05 -10.81 35.28
O6 MAN KA . -18.15 -13.44 35.49
H1 MAN KA . -19.09 -9.04 34.88
H2 MAN KA . -17.02 -7.63 34.71
H3 MAN KA . -15.40 -9.31 34.03
H4 MAN KA . -15.70 -10.59 36.77
H5 MAN KA . -16.58 -11.69 34.07
H61 MAN KA . -16.09 -13.55 35.48
H62 MAN KA . -16.80 -12.78 36.88
HO2 MAN KA . -16.45 -7.96 37.00
HO3 MAN KA . -14.42 -7.69 35.20
HO4 MAN KA . -13.66 -10.67 35.61
HO6 MAN KA . -18.77 -12.72 35.50
C1 NAG LA . -31.63 -33.19 19.14
C2 NAG LA . -31.98 -33.86 20.47
C3 NAG LA . -30.77 -34.70 20.92
C4 NAG LA . -30.40 -35.71 19.83
C5 NAG LA . -30.19 -35.01 18.48
C6 NAG LA . -29.90 -35.98 17.33
C7 NAG LA . -31.69 -31.91 21.95
C8 NAG LA . -32.34 -31.04 23.02
N2 NAG LA . -32.43 -32.92 21.49
O3 NAG LA . -31.09 -35.37 22.16
O4 NAG LA . -29.11 -36.36 20.16
O5 NAG LA . -31.39 -34.23 18.14
O6 NAG LA . -31.10 -36.70 17.04
O7 NAG LA . -30.58 -31.66 21.50
H1 NAG LA . -30.72 -32.59 19.24
H2 NAG LA . -32.82 -34.53 20.29
H3 NAG LA . -29.91 -34.05 21.10
H4 NAG LA . -31.18 -36.46 19.73
H5 NAG LA . -29.34 -34.34 18.57
H61 NAG LA . -29.59 -35.43 16.45
H62 NAG LA . -29.11 -36.68 17.60
H81 NAG LA . -31.74 -30.86 23.76
H82 NAG LA . -32.64 -30.20 22.68
H83 NAG LA . -33.12 -31.47 23.42
HN2 NAG LA . -33.29 -33.13 21.94
HO3 NAG LA . -30.45 -36.05 22.31
HO6 NAG LA . -31.78 -36.08 16.84
C1 NAG LA . -29.23 -37.71 20.70
C2 NAG LA . -27.88 -38.45 20.63
C3 NAG LA . -28.05 -39.83 21.31
C4 NAG LA . -28.58 -39.70 22.74
C5 NAG LA . -29.87 -38.87 22.79
C6 NAG LA . -30.38 -38.58 24.20
C7 NAG LA . -26.37 -38.03 18.74
C8 NAG LA . -26.12 -38.24 17.25
N2 NAG LA . -27.46 -38.61 19.24
O3 NAG LA . -26.79 -40.56 21.36
O4 NAG LA . -28.90 -41.04 23.23
O5 NAG LA . -29.63 -37.60 22.10
O6 NAG LA . -29.43 -37.77 24.90
O7 NAG LA . -25.62 -37.34 19.42
H1 NAG LA . -29.98 -38.26 20.14
H2 NAG LA . -27.14 -37.88 21.20
H3 NAG LA . -28.75 -40.42 20.73
H4 NAG LA . -27.82 -39.23 23.37
H5 NAG LA . -30.64 -39.42 22.25
H61 NAG LA . -31.33 -38.05 24.14
H62 NAG LA . -30.54 -39.49 24.74
H81 NAG LA . -27.01 -38.16 16.72
H82 NAG LA . -25.70 -39.20 17.09
H83 NAG LA . -25.43 -37.52 16.87
HN2 NAG LA . -28.00 -39.20 18.64
HO3 NAG LA . -26.84 -41.23 22.02
HO6 NAG LA . -29.78 -37.54 25.75
C1 BMA LA . -28.10 -41.52 24.36
C2 BMA LA . -28.90 -42.60 25.12
C3 BMA LA . -28.04 -43.16 26.26
C4 BMA LA . -26.70 -43.71 25.75
C5 BMA LA . -25.94 -42.66 24.92
C6 BMA LA . -24.71 -43.25 24.23
O2 BMA LA . -29.28 -43.67 24.23
O3 BMA LA . -28.78 -44.21 26.93
O4 BMA LA . -25.91 -44.05 26.90
O5 BMA LA . -26.83 -42.08 23.87
O6 BMA LA . -23.90 -42.20 23.68
H1 BMA LA . -27.90 -40.69 25.02
H2 BMA LA . -29.80 -42.15 25.53
H3 BMA LA . -27.85 -42.36 26.97
H4 BMA LA . -26.86 -44.60 25.14
H5 BMA LA . -25.62 -41.86 25.57
H61 BMA LA . -25.00 -43.90 23.42
H62 BMA LA . -24.11 -43.81 24.93
HO2 BMA LA . -29.65 -44.37 24.74
HO3 BMA LA . -29.45 -43.83 27.48
HO4 BMA LA . -26.46 -44.61 27.46
HO6 BMA LA . -23.21 -42.57 23.20
C1 NAG MA . -46.74 -4.96 18.27
C2 NAG MA . -46.36 -6.46 18.16
C3 NAG MA . -47.40 -7.24 17.34
C4 NAG MA . -48.86 -6.88 17.58
C5 NAG MA . -49.07 -5.36 17.66
C6 NAG MA . -50.46 -4.84 18.06
C7 NAG MA . -44.31 -7.64 17.40
C8 NAG MA . -43.02 -7.51 16.58
N2 NAG MA . -45.06 -6.56 17.50
O3 NAG MA . -47.27 -8.65 17.62
O4 NAG MA . -49.58 -7.47 16.42
O5 NAG MA . -48.14 -4.85 18.69
O6 NAG MA . -50.97 -5.55 19.21
O7 NAG MA . -44.65 -8.71 17.89
H1 NAG MA . -46.63 -4.51 17.29
H2 NAG MA . -46.29 -6.89 19.17
H3 NAG MA . -47.17 -7.08 16.28
H4 NAG MA . -49.17 -7.35 18.51
H5 NAG MA . -48.81 -4.93 16.71
H61 NAG MA . -51.16 -4.91 17.24
H62 NAG MA . -50.39 -3.78 18.33
H81 NAG MA . -43.17 -7.89 15.59
H82 NAG MA . -42.72 -6.48 16.50
H83 NAG MA . -42.23 -8.06 17.05
HN2 NAG MA . -44.68 -5.71 17.13
HO3 NAG MA . -46.33 -8.87 17.66
HO6 NAG MA . -50.48 -5.31 19.99
C1 NAG MA . -50.97 -7.96 16.50
C2 NAG MA . -51.32 -8.66 17.85
C3 NAG MA . -52.82 -8.96 17.95
C4 NAG MA . -53.64 -7.72 17.58
C5 NAG MA . -53.31 -7.18 16.19
C6 NAG MA . -54.09 -5.92 15.83
C7 NAG MA . -49.72 -10.11 19.03
C8 NAG MA . -48.91 -11.42 18.96
N2 NAG MA . -50.53 -9.88 18.01
O3 NAG MA . -53.15 -9.39 19.29
O4 NAG MA . -55.10 -7.86 17.78
O5 NAG MA . -51.88 -6.86 16.19
O6 NAG MA . -53.64 -5.42 14.56
O7 NAG MA . -49.61 -9.33 19.97
H1 NAG MA . -51.09 -8.72 15.72
H2 NAG MA . -51.10 -7.97 18.68
H3 NAG MA . -53.04 -9.78 17.26
H4 NAG MA . -53.32 -6.95 18.28
H5 NAG MA . -53.49 -7.94 15.43
H61 NAG MA . -55.16 -6.14 15.76
H62 NAG MA . -53.95 -5.16 16.58
H81 NAG MA . -48.19 -11.44 19.76
H82 NAG MA . -48.39 -11.50 18.02
H83 NAG MA . -49.56 -12.26 19.07
HN2 NAG MA . -50.61 -10.58 17.29
HO3 NAG MA . -54.08 -9.62 19.30
HO6 NAG MA . -52.69 -5.41 14.59
C1 BMA MA . -55.95 -9.02 17.45
C2 BMA MA . -55.96 -9.44 15.97
C3 BMA MA . -57.05 -10.52 15.80
C4 BMA MA . -56.85 -11.71 16.75
C5 BMA MA . -56.66 -11.27 18.21
C6 BMA MA . -56.18 -12.41 19.11
O2 BMA MA . -54.71 -10.02 15.57
O3 BMA MA . -57.06 -10.96 14.42
O4 BMA MA . -58.01 -12.56 16.65
O5 BMA MA . -55.66 -10.18 18.29
O6 BMA MA . -57.16 -13.46 19.15
H1 BMA MA . -56.97 -8.71 17.69
H2 BMA MA . -56.20 -8.58 15.34
H3 BMA MA . -58.02 -10.07 16.00
H4 BMA MA . -55.97 -12.28 16.43
H5 BMA MA . -57.61 -10.90 18.59
H61 BMA MA . -55.24 -12.80 18.75
H62 BMA MA . -56.02 -12.03 20.12
HO2 BMA MA . -54.84 -10.43 14.73
HO3 BMA MA . -57.72 -11.64 14.34
HO4 BMA MA . -57.97 -13.16 17.38
HO6 BMA MA . -56.93 -14.08 19.82
C1 NAG NA . -25.08 -23.38 33.45
C2 NAG NA . -24.92 -23.57 34.97
C3 NAG NA . -23.45 -23.92 35.27
C4 NAG NA . -22.98 -25.13 34.45
C5 NAG NA . -23.21 -24.93 32.95
C6 NAG NA . -22.97 -26.18 32.10
C7 NAG NA . -26.55 -22.10 36.05
C8 NAG NA . -26.77 -20.81 36.85
N2 NAG NA . -25.30 -22.36 35.70
O3 NAG NA . -23.27 -24.22 36.67
O4 NAG NA . -21.54 -25.25 34.74
O5 NAG NA . -24.63 -24.57 32.75
O6 NAG NA . -21.56 -26.41 31.94
O7 NAG NA . -27.47 -22.84 35.73
H1 NAG NA . -24.50 -22.52 33.11
H2 NAG NA . -25.54 -24.40 35.29
H3 NAG NA . -22.84 -23.06 35.01
H4 NAG NA . -23.51 -26.01 34.79
H5 NAG NA . -22.59 -24.12 32.58
H61 NAG NA . -23.40 -26.05 31.11
H62 NAG NA . -23.42 -27.05 32.56
H81 NAG NA . -26.27 -20.00 36.42
H82 NAG NA . -27.78 -20.57 36.89
H83 NAG NA . -26.42 -20.91 37.83
HN2 NAG NA . -24.58 -21.72 35.96
HO3 NAG NA . -22.43 -24.67 36.77
HO6 NAG NA . -21.42 -27.06 31.26
C1 NAG NA . -21.12 -26.59 35.16
C2 NAG NA . -19.58 -26.68 35.18
C3 NAG NA . -19.18 -28.10 35.59
C4 NAG NA . -19.77 -28.42 36.98
C5 NAG NA . -21.31 -28.24 37.01
C6 NAG NA . -21.93 -28.35 38.41
C7 NAG NA . -18.59 -25.08 33.60
C8 NAG NA . -18.18 -24.82 32.14
N2 NAG NA . -19.02 -26.30 33.88
O3 NAG NA . -17.73 -28.24 35.67
O4 NAG NA . -19.44 -29.79 37.31
O5 NAG NA . -21.64 -26.90 36.49
O6 NAG NA . -21.58 -29.59 39.04
O7 NAG NA . -18.53 -24.21 34.45
H1 NAG NA . -21.52 -27.33 34.46
H2 NAG NA . -19.21 -25.99 35.93
H3 NAG NA . -19.56 -28.81 34.86
H4 NAG NA . -19.32 -27.77 37.73
H5 NAG NA . -21.77 -28.98 36.36
H61 NAG NA . -21.59 -27.53 39.03
H62 NAG NA . -22.99 -28.29 38.34
H81 NAG NA . -17.77 -25.67 31.71
H82 NAG NA . -19.00 -24.52 31.60
H83 NAG NA . -17.48 -24.06 32.09
HN2 NAG NA . -19.07 -26.97 33.13
HO3 NAG NA . -17.54 -29.08 36.07
HO4 NAG NA . -20.00 -30.04 38.04
HO6 NAG NA . -22.06 -29.65 39.86
C1 NAG OA . -37.91 -7.95 33.92
C2 NAG OA . -37.06 -8.75 34.93
C3 NAG OA . -37.70 -10.12 35.20
C4 NAG OA . -39.18 -10.00 35.56
C5 NAG OA . -39.95 -9.14 34.56
C6 NAG OA . -41.43 -8.89 34.86
C7 NAG OA . -34.73 -8.09 34.70
C8 NAG OA . -33.32 -8.56 34.34
N2 NAG OA . -35.71 -8.93 34.43
O3 NAG OA . -37.01 -10.77 36.29
O4 NAG OA . -39.66 -11.38 35.54
O5 NAG OA . -39.27 -7.84 34.44
O6 NAG OA . -41.61 -8.39 36.21
O7 NAG OA . -34.96 -6.99 35.18
H1 NAG OA . -37.94 -8.43 32.96
H2 NAG OA . -37.03 -8.20 35.87
H3 NAG OA . -37.61 -10.73 34.30
H4 NAG OA . -39.26 -9.59 36.57
H5 NAG OA . -39.91 -9.63 33.59
H61 NAG OA . -42.01 -9.79 34.73
H62 NAG OA . -41.82 -8.14 34.16
H81 NAG OA . -32.61 -8.13 35.02
H82 NAG OA . -33.26 -9.64 34.41
H83 NAG OA . -33.08 -8.25 33.34
HN2 NAG OA . -35.52 -9.76 33.89
HO3 NAG OA . -37.44 -11.59 36.47
HO6 NAG OA . -41.46 -9.07 36.84
C1 NAG OA . -40.79 -11.76 36.39
C2 NAG OA . -40.99 -13.28 36.27
C3 NAG OA . -42.10 -13.75 37.23
C4 NAG OA . -41.81 -13.29 38.67
C5 NAG OA . -41.59 -11.78 38.74
C6 NAG OA . -41.18 -11.29 40.14
C7 NAG OA . -40.48 -14.30 34.08
C8 NAG OA . -40.89 -14.37 32.60
N2 NAG OA . -41.31 -13.64 34.88
O3 NAG OA . -42.20 -15.20 37.19
O4 NAG OA . -42.93 -13.64 39.57
O5 NAG OA . -40.51 -11.43 37.79
O6 NAG OA . -40.89 -9.88 40.11
O7 NAG OA . -39.44 -14.82 34.47
H1 NAG OA . -41.69 -11.25 36.06
H2 NAG OA . -40.06 -13.77 36.56
H3 NAG OA . -43.04 -13.33 36.91
H4 NAG OA . -40.89 -13.78 39.02
H5 NAG OA . -42.50 -11.26 38.44
H61 NAG OA . -41.97 -11.47 40.86
H62 NAG OA . -40.28 -11.81 40.47
H81 NAG OA . -41.90 -14.12 32.45
H82 NAG OA . -40.31 -13.72 32.06
H83 NAG OA . -40.74 -15.32 32.24
HN2 NAG OA . -42.17 -13.27 34.50
HO3 NAG OA . -42.49 -15.46 36.34
HO6 NAG OA . -40.53 -9.63 40.95
C1 BMA OA . -42.96 -14.97 40.23
C2 BMA OA . -41.69 -15.21 41.08
C3 BMA OA . -41.83 -16.48 41.93
C4 BMA OA . -43.11 -16.48 42.79
C5 BMA OA . -44.35 -16.28 41.89
C6 BMA OA . -45.65 -16.12 42.69
O2 BMA OA . -41.45 -14.08 41.96
O3 BMA OA . -40.67 -16.60 42.80
O4 BMA OA . -43.18 -17.77 43.45
O5 BMA OA . -44.17 -15.04 41.09
O6 BMA OA . -45.91 -17.31 43.44
H1 BMA OA . -43.05 -15.74 39.47
H2 BMA OA . -40.83 -15.34 40.44
H3 BMA OA . -41.84 -17.34 41.27
H4 BMA OA . -43.07 -15.71 43.54
H5 BMA OA . -44.44 -17.11 41.21
H61 BMA OA . -45.58 -15.27 43.36
H62 BMA OA . -46.47 -15.95 42.00
HO2 BMA OA . -40.79 -14.34 42.58
HO3 BMA OA . -40.82 -17.36 43.36
HO4 BMA OA . -44.07 -17.89 43.72
HO6 BMA OA . -46.76 -17.24 43.82
C1 NAG PA . -48.43 7.76 31.75
C2 NAG PA . -48.84 7.73 30.26
C3 NAG PA . -50.23 8.39 30.20
C4 NAG PA . -51.20 7.51 31.00
C5 NAG PA . -50.76 7.36 32.47
C6 NAG PA . -51.63 6.36 33.21
C7 NAG PA . -46.95 7.79 28.73
C8 NAG PA . -46.05 8.65 27.86
N2 NAG PA . -47.90 8.44 29.41
O3 NAG PA . -50.66 8.54 28.84
O4 NAG PA . -52.55 8.10 31.04
O5 NAG PA . -49.34 6.93 32.53
O6 NAG PA . -51.07 6.08 34.49
O7 NAG PA . -46.79 6.58 28.82
H1 NAG PA . -48.49 8.79 32.12
H2 NAG PA . -48.93 6.70 29.93
H3 NAG PA . -50.17 9.37 30.66
H4 NAG PA . -51.24 6.51 30.56
H5 NAG PA . -50.85 8.32 32.95
H61 NAG PA . -52.64 6.75 33.33
H62 NAG PA . -51.71 5.43 32.65
H81 NAG PA . -45.16 8.89 28.42
H82 NAG PA . -45.79 8.12 26.97
H83 NAG PA . -46.55 9.58 27.61
HN2 NAG PA . -47.93 9.44 29.37
HO3 NAG PA . -51.33 9.23 28.82
HO6 NAG PA . -50.15 5.89 34.36
C1 NAG PA . -53.49 8.22 29.91
C2 NAG PA . -53.96 6.87 29.31
C3 NAG PA . -55.05 7.13 28.24
C4 NAG PA . -56.21 7.93 28.79
C5 NAG PA . -55.71 9.23 29.43
C6 NAG PA . -56.83 9.99 30.15
C7 NAG PA . -52.59 4.85 29.04
C8 NAG PA . -51.37 4.23 28.35
N2 NAG PA . -52.86 6.12 28.70
O3 NAG PA . -55.54 5.87 27.71
O4 NAG PA . -57.09 8.36 27.68
O5 NAG PA . -54.66 8.92 30.41
O6 NAG PA . -56.25 11.10 30.85
O7 NAG PA . -53.23 4.25 29.90
H1 NAG PA . -53.03 8.84 29.13
H2 NAG PA . -54.41 6.30 30.12
H3 NAG PA . -54.60 7.67 27.42
H4 NAG PA . -56.76 7.36 29.53
H5 NAG PA . -55.28 9.87 28.66
H61 NAG PA . -57.56 10.36 29.43
H62 NAG PA . -57.33 9.34 30.86
H81 NAG PA . -50.98 3.41 28.96
H82 NAG PA . -51.65 3.85 27.37
H83 NAG PA . -50.58 4.97 28.25
HN2 NAG PA . -52.42 6.48 27.88
HO3 NAG PA . -56.19 6.05 27.04
HO6 NAG PA . -55.53 10.77 31.36
C1 BMA PA . -58.27 7.54 27.44
C2 BMA PA . -59.40 8.45 26.95
C3 BMA PA . -60.62 7.64 26.48
C4 BMA PA . -60.22 6.56 25.45
C5 BMA PA . -59.08 5.68 25.98
C6 BMA PA . -58.57 4.64 24.98
O2 BMA PA . -58.92 9.24 25.85
O3 BMA PA . -61.59 8.56 25.92
O4 BMA PA . -61.38 5.74 25.21
O5 BMA PA . -57.94 6.53 26.42
O6 BMA PA . -57.85 5.26 23.90
H1 BMA PA . -58.57 7.04 28.36
H2 BMA PA . -59.70 9.11 27.76
H3 BMA PA . -61.06 7.15 27.34
H4 BMA PA . -59.91 7.04 24.52
H5 BMA PA . -59.45 5.14 26.85
H61 BMA PA . -57.89 3.95 25.50
H62 BMA PA . -59.38 4.04 24.59
HO2 BMA PA . -58.03 9.50 26.05
HO3 BMA PA . -61.10 9.23 25.46
HO4 BMA PA . -62.11 6.33 24.99
HO6 BMA PA . -57.59 4.60 23.30
C1 NAG QA . -43.23 -30.07 18.31
C2 NAG QA . -44.37 -30.84 19.03
C3 NAG QA . -45.71 -30.41 18.40
C4 NAG QA . -45.87 -28.89 18.50
C5 NAG QA . -44.70 -28.16 17.85
C6 NAG QA . -44.76 -26.64 18.03
C7 NAG QA . -44.00 -33.05 17.97
C8 NAG QA . -43.78 -34.55 18.19
N2 NAG QA . -44.16 -32.29 19.05
O3 NAG QA . -46.82 -31.04 19.11
O4 NAG QA . -47.10 -28.54 17.78
O5 NAG QA . -43.45 -28.63 18.46
O6 NAG QA . -43.56 -26.07 17.50
O7 NAG QA . -44.01 -32.56 16.85
H1 NAG QA . -43.20 -30.31 17.25
H2 NAG QA . -44.36 -30.51 20.07
H3 NAG QA . -45.75 -30.71 17.36
H4 NAG QA . -45.94 -28.59 19.54
H5 NAG QA . -44.69 -28.39 16.79
H61 NAG QA . -45.62 -26.23 17.52
H62 NAG QA . -44.84 -26.38 19.09
H81 NAG QA . -43.82 -35.06 17.25
H82 NAG QA . -44.56 -34.94 18.83
H83 NAG QA . -42.82 -34.72 18.65
HN2 NAG QA . -44.20 -32.74 19.94
HO3 NAG QA . -47.58 -30.48 19.02
HO6 NAG QA . -42.85 -26.63 17.75
C1 NAG QA . -48.13 -27.93 18.62
C2 NAG QA . -49.18 -27.26 17.72
C3 NAG QA . -50.43 -26.82 18.52
C4 NAG QA . -50.93 -27.92 19.46
C5 NAG QA . -49.80 -28.46 20.35
C6 NAG QA . -50.21 -29.57 21.33
C7 NAG QA . -48.09 -26.12 15.83
C8 NAG QA . -47.40 -24.85 15.36
N2 NAG QA . -48.59 -26.09 17.06
O3 NAG QA . -51.49 -26.43 17.62
O4 NAG QA . -51.98 -27.35 20.29
O5 NAG QA . -48.73 -28.95 19.47
O6 NAG QA . -50.76 -30.69 20.62
O7 NAG QA . -48.15 -27.12 15.12
H1 NAG QA . -47.67 -27.16 19.25
H2 NAG QA . -49.51 -27.99 16.97
H3 NAG QA . -50.15 -25.96 19.12
H4 NAG QA . -51.36 -28.73 18.87
H5 NAG QA . -49.40 -27.64 20.94
H61 NAG QA . -49.34 -29.91 21.90
H62 NAG QA . -50.94 -29.20 22.04
H81 NAG QA . -47.76 -24.12 15.74
H82 NAG QA . -46.52 -24.85 15.56
H83 NAG QA . -47.42 -24.66 14.44
HN2 NAG QA . -48.54 -25.24 17.58
HO3 NAG QA . -52.29 -26.29 18.12
HO4 NAG QA . -51.67 -26.70 20.81
HO6 NAG QA . -51.02 -31.35 21.26
C1 NAG RA . -26.00 -38.31 6.06
C2 NAG RA . -27.37 -38.36 5.37
C3 NAG RA . -28.01 -39.73 5.59
C4 NAG RA . -27.05 -40.85 5.17
C5 NAG RA . -25.68 -40.72 5.84
C6 NAG RA . -24.65 -41.74 5.33
C7 NAG RA . -29.03 -36.55 5.16
C8 NAG RA . -29.76 -35.43 5.90
N2 NAG RA . -28.24 -37.29 5.90
O3 NAG RA . -29.26 -39.85 4.85
O4 NAG RA . -27.67 -42.12 5.59
O5 NAG RA . -25.13 -39.38 5.60
O6 NAG RA . -23.37 -41.34 5.82
O7 NAG RA . -29.16 -36.74 3.95
H1 NAG RA . -26.12 -38.42 7.14
H2 NAG RA . -27.23 -38.20 4.30
H3 NAG RA . -28.23 -39.85 6.65
H4 NAG RA . -26.92 -40.84 4.09
H5 NAG RA . -25.79 -40.86 6.91
H61 NAG RA . -24.63 -41.76 4.26
H62 NAG RA . -24.87 -42.73 5.70
H81 NAG RA . -30.41 -34.89 5.23
H82 NAG RA . -30.34 -35.86 6.70
H83 NAG RA . -29.03 -34.74 6.32
HN2 NAG RA . -28.17 -37.10 6.89
HO3 NAG RA . -29.40 -40.76 4.61
HO6 NAG RA . -23.31 -40.40 5.73
C1 NAG RA . -28.12 -43.01 4.51
C2 NAG RA . -28.64 -44.33 5.10
C3 NAG RA . -29.28 -45.24 4.02
C4 NAG RA . -30.36 -44.44 3.26
C5 NAG RA . -29.77 -43.15 2.67
C6 NAG RA . -30.75 -42.28 1.89
C7 NAG RA . -26.43 -45.35 5.59
C8 NAG RA . -25.60 -46.14 6.63
N2 NAG RA . -27.67 -45.03 5.95
O3 NAG RA . -29.84 -46.42 4.64
O4 NAG RA . -30.90 -45.25 2.15
O5 NAG RA . -29.21 -42.35 3.78
O6 NAG RA . -31.81 -41.83 2.74
O7 NAG RA . -25.95 -45.04 4.51
H1 NAG RA . -27.29 -43.18 3.83
H2 NAG RA . -29.44 -44.05 5.78
H3 NAG RA . -28.51 -45.56 3.32
H4 NAG RA . -31.16 -44.18 3.95
H5 NAG RA . -28.95 -43.43 2.00
H61 NAG RA . -30.22 -41.40 1.51
H62 NAG RA . -31.16 -42.81 1.05
H81 NAG RA . -26.12 -47.01 6.93
H82 NAG RA . -24.66 -46.43 6.23
H83 NAG RA . -25.44 -45.54 7.49
HN2 NAG RA . -28.01 -45.35 6.83
HO3 NAG RA . -30.61 -46.70 4.15
HO6 NAG RA . -32.35 -41.22 2.25
C1 BMA RA . -32.25 -45.77 2.39
C2 BMA RA . -32.85 -46.27 1.06
C3 BMA RA . -34.19 -47.01 1.30
C4 BMA RA . -34.06 -48.12 2.36
C5 BMA RA . -33.47 -47.53 3.65
C6 BMA RA . -33.23 -48.56 4.77
O2 BMA RA . -31.92 -47.17 0.42
O3 BMA RA . -34.65 -47.56 0.04
O4 BMA RA . -35.38 -48.65 2.62
O5 BMA RA . -32.18 -46.90 3.33
O6 BMA RA . -32.68 -47.88 5.91
H1 BMA RA . -32.88 -44.99 2.80
H2 BMA RA . -33.02 -45.42 0.40
H3 BMA RA . -34.92 -46.29 1.64
H4 BMA RA . -33.42 -48.92 1.99
H5 BMA RA . -34.15 -46.77 4.03
H61 BMA RA . -34.16 -49.03 5.06
H62 BMA RA . -32.54 -49.32 4.43
HO2 BMA RA . -31.05 -46.79 0.48
HO3 BMA RA . -33.90 -47.85 -0.43
HO4 BMA RA . -35.78 -48.82 1.77
HO6 BMA RA . -32.51 -48.52 6.59
C1 NAG SA . -34.02 -17.08 -1.03
C2 NAG SA . -34.93 -16.27 -1.99
C3 NAG SA . -35.69 -15.25 -1.11
C4 NAG SA . -36.57 -15.97 -0.08
C5 NAG SA . -35.69 -16.90 0.79
C6 NAG SA . -36.47 -17.79 1.74
C7 NAG SA . -33.77 -16.18 -4.14
C8 NAG SA . -33.03 -15.31 -5.16
N2 NAG SA . -34.15 -15.59 -3.01
O3 NAG SA . -36.52 -14.40 -1.93
O4 NAG SA . -37.18 -14.90 0.75
O5 NAG SA . -34.87 -17.79 -0.08
O6 NAG SA . -37.51 -18.50 1.06
O7 NAG SA . -34.00 -17.37 -4.34
H1 NAG SA . -33.35 -16.42 -0.49
H2 NAG SA . -35.64 -16.94 -2.47
H3 NAG SA . -34.98 -14.63 -0.60
H4 NAG SA . -37.33 -16.55 -0.60
H5 NAG SA . -35.02 -16.29 1.36
H61 NAG SA . -35.79 -18.50 2.21
H62 NAG SA . -36.91 -17.19 2.54
H81 NAG SA . -32.63 -14.43 -4.68
H82 NAG SA . -33.71 -15.00 -5.94
H83 NAG SA . -32.23 -15.86 -5.59
HN2 NAG SA . -33.96 -14.61 -2.89
HO3 NAG SA . -36.85 -13.69 -1.40
HO6 NAG SA . -38.29 -18.50 1.61
C1 NAG SA . -38.62 -14.91 1.05
C2 NAG SA . -39.51 -14.90 -0.21
C3 NAG SA . -41.01 -15.06 0.16
C4 NAG SA . -41.28 -16.19 1.17
C5 NAG SA . -40.35 -16.10 2.39
C6 NAG SA . -40.48 -17.29 3.35
C7 NAG SA . -39.58 -13.47 -2.20
C8 NAG SA . -39.32 -12.08 -2.78
N2 NAG SA . -39.33 -13.63 -0.91
O3 NAG SA . -41.79 -15.34 -1.04
O4 NAG SA . -42.70 -16.22 1.65
O5 NAG SA . -38.95 -16.04 1.91
O6 NAG SA . -39.90 -18.47 2.76
O7 NAG SA . -40.03 -14.39 -2.87
H1 NAG SA . -38.83 -14.00 1.61
H2 NAG SA . -39.24 -15.73 -0.86
H3 NAG SA . -41.33 -14.10 0.56
H4 NAG SA . -41.07 -17.14 0.69
H5 NAG SA . -40.58 -15.18 2.94
H61 NAG SA . -39.95 -17.07 4.27
H62 NAG SA . -41.52 -17.48 3.59
H81 NAG SA . -39.30 -12.11 -3.83
H82 NAG SA . -40.07 -11.40 -2.46
H83 NAG SA . -38.38 -11.71 -2.44
HN2 NAG SA . -39.11 -12.81 -0.36
HO3 NAG SA . -41.35 -14.95 -1.79
HO6 NAG SA . -40.20 -19.22 3.25
C1 BMA SA . -43.52 -15.01 1.59
C2 BMA SA . -44.96 -15.34 1.99
C3 BMA SA . -45.80 -14.06 1.99
C4 BMA SA . -45.16 -12.88 2.76
C5 BMA SA . -43.70 -12.68 2.36
C6 BMA SA . -42.98 -11.64 3.24
O2 BMA SA . -44.98 -15.93 3.30
O3 BMA SA . -47.09 -14.35 2.58
O4 BMA SA . -45.91 -11.70 2.46
O5 BMA SA . -43.00 -13.98 2.49
O6 BMA SA . -41.61 -11.49 2.80
H1 BMA SA . -43.53 -14.64 0.57
H2 BMA SA . -45.38 -16.06 1.28
H3 BMA SA . -45.96 -13.76 0.95
H4 BMA SA . -45.22 -13.08 3.83
H5 BMA SA . -43.64 -12.36 1.33
H61 BMA SA . -43.47 -10.68 3.17
H62 BMA SA . -42.99 -11.95 4.28
HO2 BMA SA . -44.32 -16.63 3.32
HO3 BMA SA . -46.93 -15.00 3.26
HO4 BMA SA . -46.83 -11.89 2.59
HO6 BMA SA . -41.20 -10.82 3.34
C1 NAG TA . 41.86 12.13 19.14
C2 NAG TA . 42.09 13.14 18.00
C3 NAG TA . 43.57 13.58 18.04
C4 NAG TA . 43.90 14.19 19.42
C5 NAG TA . 43.58 13.21 20.56
C6 NAG TA . 43.70 13.81 21.97
C7 NAG TA . 40.74 12.87 15.96
C8 NAG TA . 40.69 12.26 14.56
N2 NAG TA . 41.78 12.54 16.69
O3 NAG TA . 43.83 14.56 17.01
O4 NAG TA . 45.31 14.52 19.45
O5 NAG TA . 42.18 12.76 20.41
O6 NAG TA . 45.05 14.29 22.19
O7 NAG TA . 39.86 13.60 16.37
H1 NAG TA . 42.48 11.25 19.00
H2 NAG TA . 41.45 14.01 18.15
H3 NAG TA . 44.19 12.71 17.87
H4 NAG TA . 43.32 15.11 19.56
H5 NAG TA . 44.24 12.35 20.49
H61 NAG TA . 43.02 14.64 22.09
H62 NAG TA . 43.47 13.07 22.72
H81 NAG TA . 40.36 11.24 14.60
H82 NAG TA . 40.01 12.83 13.93
H83 NAG TA . 41.67 12.29 14.10
HN2 NAG TA . 42.45 11.92 16.32
HO3 NAG TA . 44.71 14.90 17.15
HO4 NAG TA . 45.56 14.66 20.35
HO6 NAG TA . 45.11 14.60 23.07
C1 NAG UA . 22.28 -13.71 37.40
C2 NAG UA . 21.84 -12.42 38.13
C3 NAG UA . 21.97 -12.61 39.64
C4 NAG UA . 21.19 -13.86 40.11
C5 NAG UA . 21.60 -15.11 39.31
C6 NAG UA . 20.76 -16.35 39.64
C7 NAG UA . 22.35 -10.59 36.59
C8 NAG UA . 23.32 -9.47 36.22
N2 NAG UA . 22.65 -11.28 37.69
O3 NAG UA . 21.47 -11.46 40.36
O4 NAG UA . 21.48 -14.06 41.50
O5 NAG UA . 21.48 -14.84 37.86
O6 NAG UA . 19.42 -16.14 39.19
O7 NAG UA . 21.36 -10.86 35.92
H1 NAG UA . 23.34 -13.90 37.62
H2 NAG UA . 20.80 -12.23 37.89
H3 NAG UA . 23.02 -12.75 39.90
H4 NAG UA . 20.12 -13.68 39.98
H5 NAG UA . 22.64 -15.34 39.53
H61 NAG UA . 20.77 -16.55 40.70
H62 NAG UA . 21.18 -17.21 39.11
H81 NAG UA . 24.15 -9.87 35.69
H82 NAG UA . 22.83 -8.76 35.59
H83 NAG UA . 23.68 -8.97 37.09
HN2 NAG UA . 23.51 -11.08 38.16
HO3 NAG UA . 21.91 -10.68 40.08
HO4 NAG UA . 21.31 -13.24 41.95
HO6 NAG UA . 19.45 -15.88 38.28
C1 NAG VA . 34.81 -22.92 5.46
C2 NAG VA . 34.51 -22.33 4.07
C3 NAG VA . 35.80 -22.16 3.27
C4 NAG VA . 36.82 -21.32 4.05
C5 NAG VA . 37.09 -21.90 5.45
C6 NAG VA . 37.98 -21.00 6.31
C7 NAG VA . 32.31 -22.96 3.17
C8 NAG VA . 31.51 -24.02 2.39
N2 NAG VA . 33.61 -23.22 3.34
O3 NAG VA . 35.53 -21.49 2.01
O4 NAG VA . 38.06 -21.34 3.32
O5 NAG VA . 35.80 -22.10 6.16
O6 NAG VA . 37.32 -19.77 6.61
O7 NAG VA . 31.80 -21.92 3.57
H1 NAG VA . 35.18 -23.94 5.37
H2 NAG VA . 34.05 -21.36 4.21
H3 NAG VA . 36.23 -23.13 3.07
H4 NAG VA . 36.46 -20.30 4.14
H5 NAG VA . 37.56 -22.87 5.35
H61 NAG VA . 38.22 -21.50 7.24
H62 NAG VA . 38.91 -20.80 5.80
H81 NAG VA . 31.92 -25.01 2.57
H82 NAG VA . 31.56 -23.79 1.33
H83 NAG VA . 30.48 -24.01 2.72
HN2 NAG VA . 33.97 -24.10 3.03
HO3 NAG VA . 34.95 -21.98 1.51
HO4 NAG VA . 37.85 -21.13 2.41
HO6 NAG VA . 37.88 -19.24 7.16
C1 NAG WA . 25.92 -36.86 -5.36
C2 NAG WA . 25.51 -38.33 -5.10
C3 NAG WA . 26.73 -39.13 -4.64
C4 NAG WA . 27.86 -39.02 -5.67
C5 NAG WA . 28.22 -37.56 -5.96
C6 NAG WA . 29.22 -37.44 -7.12
C7 NAG WA . 23.24 -38.88 -4.36
C8 NAG WA . 22.24 -38.87 -3.19
N2 NAG WA . 24.45 -38.41 -4.08
O3 NAG WA . 26.40 -40.53 -4.44
O4 NAG WA . 29.03 -39.67 -5.11
O5 NAG WA . 27.00 -36.81 -6.33
O6 NAG WA . 29.29 -36.08 -7.55
O7 NAG WA . 22.90 -39.23 -5.48
H1 NAG WA . 26.27 -36.42 -4.42
H2 NAG WA . 25.17 -38.79 -6.03
H3 NAG WA . 27.07 -38.73 -3.67
H4 NAG WA . 27.57 -39.53 -6.58
H5 NAG WA . 28.65 -37.10 -5.08
H61 NAG WA . 30.21 -37.76 -6.82
H62 NAG WA . 28.89 -38.06 -7.96
H81 NAG WA . 22.67 -39.40 -2.35
H82 NAG WA . 22.05 -37.85 -2.91
H83 NAG WA . 21.32 -39.35 -3.47
HN2 NAG WA . 24.67 -38.14 -3.15
HO3 NAG WA . 25.71 -40.61 -3.80
HO4 NAG WA . 28.76 -40.54 -4.82
HO6 NAG WA . 28.40 -35.74 -7.53
C1 NAG XA . 19.10 32.32 34.84
C2 NAG XA . 17.93 33.31 34.71
C3 NAG XA . 17.26 33.41 36.09
C4 NAG XA . 16.72 32.02 36.47
C5 NAG XA . 17.84 30.96 36.52
C6 NAG XA . 17.26 29.55 36.69
C7 NAG XA . 18.51 34.94 32.99
C8 NAG XA . 19.19 36.28 32.67
N2 NAG XA . 18.40 34.62 34.27
O3 NAG XA . 16.15 34.36 36.09
O4 NAG XA . 16.14 32.16 37.78
O5 NAG XA . 18.62 31.01 35.25
O6 NAG XA . 18.34 28.62 36.80
O7 NAG XA . 18.11 34.20 32.09
H1 NAG XA . 19.83 32.68 35.57
H2 NAG XA . 17.21 32.92 33.99
H3 NAG XA . 17.99 33.74 36.83
H4 NAG XA . 15.95 31.72 35.77
H5 NAG XA . 18.52 31.18 37.34
H61 NAG XA . 16.64 29.30 35.83
H62 NAG XA . 16.64 29.49 37.57
H81 NAG XA . 18.49 37.02 32.54
H82 NAG XA . 19.80 36.57 33.43
H83 NAG XA . 19.76 36.24 31.83
HN2 NAG XA . 18.79 35.25 34.96
HO3 NAG XA . 16.45 35.18 35.77
HO4 NAG XA . 15.64 32.94 37.77
HO6 NAG XA . 18.00 27.76 36.97
C1 NAG YA . 19.88 17.85 34.01
C2 NAG YA . 19.77 16.52 33.24
C3 NAG YA . 19.86 15.36 34.25
C4 NAG YA . 21.21 15.43 34.97
C5 NAG YA . 21.40 16.77 35.69
C6 NAG YA . 22.80 16.96 36.25
C7 NAG YA . 18.48 16.70 31.17
C8 NAG YA . 17.11 16.61 30.49
N2 NAG YA . 18.52 16.44 32.47
O3 NAG YA . 19.75 14.08 33.57
O4 NAG YA . 21.26 14.34 35.92
O5 NAG YA . 21.12 17.90 34.76
O6 NAG YA . 23.75 17.05 35.17
O7 NAG YA . 19.48 17.03 30.54
H1 NAG YA . 19.03 17.98 34.69
H2 NAG YA . 20.61 16.44 32.57
H3 NAG YA . 19.05 15.45 34.97
H4 NAG YA . 22.00 15.29 34.24
H5 NAG YA . 20.68 16.84 36.51
H61 NAG YA . 22.85 17.88 36.82
H62 NAG YA . 23.08 16.15 36.90
H81 NAG YA . 17.08 15.96 29.81
H82 NAG YA . 16.45 16.37 31.08
H83 NAG YA . 16.82 17.40 30.07
HN2 NAG YA . 17.68 16.20 32.95
HO3 NAG YA . 20.01 13.40 34.19
HO4 NAG YA . 20.60 14.45 36.60
HO6 NAG YA . 24.59 17.17 35.54
C1 NAG ZA . 14.50 31.11 -32.70
C2 NAG ZA . 13.93 31.98 -31.56
C3 NAG ZA . 13.57 33.38 -32.11
C4 NAG ZA . 14.75 34.02 -32.85
C5 NAG ZA . 15.38 33.07 -33.90
C6 NAG ZA . 16.70 33.58 -34.50
C7 NAG ZA . 12.56 31.16 -29.70
C8 NAG ZA . 11.41 30.23 -29.30
N2 NAG ZA . 12.74 31.34 -30.99
O3 NAG ZA . 13.16 34.23 -31.01
O4 NAG ZA . 14.28 35.20 -33.53
O5 NAG ZA . 15.67 31.77 -33.27
O6 NAG ZA . 16.52 34.85 -35.12
O7 NAG ZA . 13.30 31.68 -28.86
H1 NAG ZA . 13.76 30.98 -33.48
H2 NAG ZA . 14.68 32.09 -30.80
H3 NAG ZA . 12.73 33.27 -32.80
H4 NAG ZA . 15.52 34.31 -32.13
H5 NAG ZA . 14.66 32.91 -34.69
H61 NAG ZA . 17.45 33.66 -33.74
H62 NAG ZA . 17.06 32.88 -35.24
H81 NAG ZA . 10.48 30.66 -29.55
H82 NAG ZA . 11.50 29.31 -29.81
H83 NAG ZA . 11.42 30.03 -28.26
HN2 NAG ZA . 12.07 30.96 -31.64
HO3 NAG ZA . 12.48 33.80 -30.52
HO4 NAG ZA . 14.94 35.45 -34.14
HO6 NAG ZA . 17.33 35.09 -35.55
C1 NAG AB . 19.27 -4.59 -41.39
C2 NAG AB . 20.69 -4.57 -40.75
C3 NAG AB . 21.72 -5.17 -41.72
C4 NAG AB . 21.32 -6.60 -42.10
C5 NAG AB . 19.91 -6.66 -42.71
C6 NAG AB . 19.42 -8.10 -42.90
C7 NAG AB . 20.91 -2.70 -39.18
C8 NAG AB . 21.44 -1.28 -38.97
N2 NAG AB . 21.09 -3.21 -40.40
O3 NAG AB . 23.03 -5.22 -41.08
O4 NAG AB . 22.27 -7.05 -43.09
O5 NAG AB . 18.93 -5.94 -41.84
O6 NAG AB . 19.28 -8.74 -41.61
O7 NAG AB . 20.38 -3.35 -38.28
H1 NAG AB . 19.25 -3.91 -42.23
H2 NAG AB . 20.66 -5.18 -39.85
H3 NAG AB . 21.79 -4.55 -42.60
H4 NAG AB . 21.38 -7.24 -41.22
H5 NAG AB . 19.93 -6.16 -43.68
H61 NAG AB . 18.47 -8.10 -43.41
H62 NAG AB . 20.14 -8.66 -43.50
H81 NAG AB . 22.27 -1.08 -39.58
H82 NAG AB . 20.67 -0.57 -39.18
H83 NAG AB . 21.73 -1.14 -37.96
HN2 NAG AB . 21.44 -2.61 -41.12
HO3 NAG AB . 23.27 -4.36 -40.77
HO4 NAG AB . 23.14 -6.88 -42.74
HO6 NAG AB . 19.16 -9.67 -41.75
C1 NAG BB . -14.04 6.72 -38.81
C2 NAG BB . -14.96 7.25 -37.69
C3 NAG BB . -15.67 8.51 -38.19
C4 NAG BB . -14.65 9.57 -38.61
C5 NAG BB . -13.71 9.04 -39.70
C6 NAG BB . -12.59 10.03 -40.07
C7 NAG BB . -15.97 5.68 -36.10
C8 NAG BB . -17.15 4.71 -35.80
N2 NAG BB . -15.95 6.25 -37.30
O3 NAG BB . -16.51 9.06 -37.14
O4 NAG BB . -15.40 10.68 -39.14
O5 NAG BB . -13.11 7.76 -39.24
O6 NAG BB . -11.72 10.29 -38.95
O7 NAG BB . -15.12 5.93 -35.25
H1 NAG BB . -14.64 6.40 -39.67
H2 NAG BB . -14.34 7.52 -36.84
H3 NAG BB . -16.30 8.25 -39.04
H4 NAG BB . -14.09 9.89 -37.74
H5 NAG BB . -14.28 8.83 -40.59
H61 NAG BB . -12.00 9.62 -40.88
H62 NAG BB . -13.02 10.97 -40.41
H81 NAG BB . -16.77 3.78 -35.44
H82 NAG BB . -17.71 4.54 -36.70
H83 NAG BB . -17.80 5.15 -35.06
HN2 NAG BB . -16.63 5.97 -37.98
HO3 NAG BB . -17.08 8.37 -36.80
HO4 NAG BB . -16.09 10.87 -38.50
HO6 NAG BB . -11.07 10.93 -39.21
C1 NAG CB . -29.16 -5.91 -34.65
C2 NAG CB . -29.67 -7.27 -35.22
C3 NAG CB . -29.84 -7.13 -36.73
C4 NAG CB . -30.79 -5.96 -37.06
C5 NAG CB . -30.37 -4.65 -36.41
C6 NAG CB . -31.44 -3.57 -36.57
C7 NAG CB . -28.93 -9.35 -34.10
C8 NAG CB . -27.76 -10.32 -33.91
N2 NAG CB . -28.70 -8.35 -34.94
O3 NAG CB . -30.42 -8.33 -37.30
O4 NAG CB . -30.75 -5.80 -38.49
O5 NAG CB . -30.12 -4.86 -34.96
O6 NAG CB . -31.12 -2.47 -35.71
O7 NAG CB . -29.97 -9.48 -33.49
H1 NAG CB . -28.20 -5.68 -35.10
H2 NAG CB . -30.64 -7.52 -34.79
H3 NAG CB . -28.88 -6.95 -37.18
H4 NAG CB . -31.80 -6.21 -36.77
H5 NAG CB . -29.45 -4.29 -36.87
H61 NAG CB . -31.51 -3.23 -37.59
H62 NAG CB . -32.41 -3.97 -36.27
H81 NAG CB . -27.46 -10.71 -34.87
H82 NAG CB . -28.04 -11.13 -33.27
H83 NAG CB . -26.92 -9.79 -33.48
HN2 NAG CB . -27.82 -8.30 -35.40
HO3 NAG CB . -29.91 -9.07 -37.03
HO4 NAG CB . -30.88 -6.65 -38.88
HO6 NAG CB . -30.82 -2.85 -34.89
C1 NAG DB . 42.46 24.57 -14.18
C2 NAG DB . 43.23 24.50 -12.85
C3 NAG DB . 44.42 23.54 -13.02
C4 NAG DB . 43.94 22.15 -13.43
C5 NAG DB . 43.11 22.20 -14.73
C6 NAG DB . 42.47 20.84 -15.03
C7 NAG DB . 42.99 26.59 -11.59
C8 NAG DB . 43.58 27.95 -11.25
N2 NAG DB . 43.69 25.82 -12.41
O3 NAG DB . 45.17 23.43 -11.77
O4 NAG DB . 45.12 21.34 -13.65
O5 NAG DB . 42.04 23.23 -14.59
O6 NAG DB . 41.60 20.94 -16.17
O7 NAG DB . 41.91 26.21 -11.12
H1 NAG DB . 43.09 25.00 -14.95
H2 NAG DB . 42.57 24.08 -12.09
H3 NAG DB . 45.10 23.94 -13.78
H4 NAG DB . 43.35 21.72 -12.63
H5 NAG DB . 43.75 22.49 -15.56
H61 NAG DB . 43.25 20.10 -15.24
H62 NAG DB . 41.89 20.51 -14.18
H81 NAG DB . 44.61 27.87 -11.06
H82 NAG DB . 43.44 28.61 -12.05
H83 NAG DB . 43.12 28.36 -10.40
HN2 NAG DB . 44.52 26.21 -12.83
HO3 NAG DB . 45.40 24.27 -11.46
HO4 NAG DB . 45.68 21.49 -12.90
HO6 NAG DB . 41.22 20.10 -16.33
C1 NAG EB . 33.82 16.25 -21.93
C2 NAG EB . 32.44 15.70 -22.37
C3 NAG EB . 32.58 14.91 -23.69
C4 NAG EB . 33.22 15.80 -24.77
C5 NAG EB . 34.61 16.32 -24.32
C6 NAG EB . 35.25 17.29 -25.31
C7 NAG EB . 31.01 15.23 -20.41
C8 NAG EB . 30.73 14.25 -19.26
N2 NAG EB . 31.90 14.82 -21.32
O3 NAG EB . 31.27 14.49 -24.17
O4 NAG EB . 33.39 15.00 -25.96
O5 NAG EB . 34.46 16.99 -23.01
O6 NAG EB . 34.48 18.51 -25.38
O7 NAG EB . 30.48 16.34 -20.47
H1 NAG EB . 34.46 15.43 -21.61
H2 NAG EB . 31.76 16.53 -22.52
H3 NAG EB . 33.19 14.04 -23.53
H4 NAG EB . 32.57 16.65 -24.99
H5 NAG EB . 35.26 15.47 -24.20
H61 NAG EB . 36.25 17.53 -24.97
H62 NAG EB . 35.32 16.85 -26.30
H81 NAG EB . 31.52 14.05 -18.74
H82 NAG EB . 30.06 14.60 -18.64
H83 NAG EB . 30.38 13.41 -19.59
HN2 NAG EB . 32.27 13.89 -21.24
HO3 NAG EB . 31.38 14.17 -25.06
HO4 NAG EB . 33.97 14.27 -25.80
HO6 NAG EB . 35.04 19.21 -25.50
C1 NAG FB . -13.19 40.60 21.72
C2 NAG FB . -11.68 40.46 22.02
C3 NAG FB . -11.31 41.37 23.20
C4 NAG FB . -11.68 42.82 22.90
C5 NAG FB . -13.19 42.95 22.59
C6 NAG FB . -13.58 44.36 22.14
C7 NAG FB . -10.59 38.31 21.52
C8 NAG FB . -10.57 36.81 21.83
N2 NAG FB . -11.37 39.06 22.29
O3 NAG FB . -9.88 41.32 23.47
O4 NAG FB . -11.37 43.61 24.07
O5 NAG FB . -13.55 42.01 21.51
O6 NAG FB . -13.35 45.32 23.19
O7 NAG FB . -9.95 38.78 20.59
H1 NAG FB . -13.76 40.22 22.56
H2 NAG FB . -11.12 40.79 21.14
H3 NAG FB . -11.84 41.03 24.08
H4 NAG FB . -11.11 43.19 22.06
H5 NAG FB . -13.76 42.68 23.47
H61 NAG FB . -14.64 44.38 21.88
H62 NAG FB . -13.01 44.65 21.27
H81 NAG FB . -9.87 36.30 21.17
H82 NAG FB . -11.55 36.39 21.70
H83 NAG FB . -10.25 36.66 22.85
HN2 NAG FB . -11.83 38.62 23.08
HO3 NAG FB . -9.70 41.99 24.11
HO4 NAG FB . -11.88 44.41 24.01
HO6 NAG FB . -13.70 46.16 22.92
C1 NAG GB . -39.92 21.84 3.91
C2 NAG GB . -39.50 22.71 2.70
C3 NAG GB . -40.73 23.27 1.98
C4 NAG GB . -41.69 22.14 1.59
C5 NAG GB . -42.12 21.35 2.84
C6 NAG GB . -43.08 20.19 2.55
C7 NAG GB . -37.31 23.69 3.23
C8 NAG GB . -36.55 24.93 3.68
N2 NAG GB . -38.63 23.80 3.13
O3 NAG GB . -40.35 24.00 0.79
O4 NAG GB . -42.84 22.74 0.97
O5 NAG GB . -40.90 20.84 3.50
O6 NAG GB . -42.46 19.22 1.72
O7 NAG GB . -36.74 22.62 2.98
H1 NAG GB . -40.35 22.48 4.68
H2 NAG GB . -38.96 22.08 2.00
H3 NAG GB . -41.24 23.96 2.66
H4 NAG GB . -41.21 21.47 0.88
H5 NAG GB . -42.62 22.04 3.52
H61 NAG GB . -43.38 19.73 3.48
H62 NAG GB . -43.97 20.55 2.07
H81 NAG GB . -37.11 25.82 3.44
H82 NAG GB . -35.60 24.97 3.18
H83 NAG GB . -36.39 24.90 4.73
HN2 NAG GB . -39.06 24.65 3.46
HO3 NAG GB . -39.72 24.69 1.04
HO4 NAG GB . -42.52 23.36 0.33
HO6 NAG GB . -43.09 18.58 1.44
C1 NAG HB . -25.78 5.81 32.47
C2 NAG HB . -24.35 5.34 32.86
C3 NAG HB . -24.07 5.73 34.33
C4 NAG HB . -24.24 7.25 34.51
C5 NAG HB . -25.64 7.69 34.12
C6 NAG HB . -25.81 9.21 34.17
C7 NAG HB . -23.67 3.36 31.60
C8 NAG HB . -23.69 1.83 31.52
N2 NAG HB . -24.22 3.90 32.69
O3 NAG HB . -22.72 5.36 34.70
O4 NAG HB . -24.02 7.56 35.90
O5 NAG HB . -25.92 7.25 32.73
O6 NAG HB . -25.02 9.82 33.13
O7 NAG HB . -23.20 4.04 30.70
H1 NAG HB . -26.51 5.27 33.07
H2 NAG HB . -23.63 5.86 32.23
H3 NAG HB . -24.77 5.21 34.97
H4 NAG HB . -23.50 7.77 33.91
H5 NAG HB . -26.38 7.23 34.78
H61 NAG HB . -26.87 9.47 34.01
H62 NAG HB . -25.52 9.61 35.13
H81 NAG HB . -22.78 1.43 31.93
H82 NAG HB . -23.79 1.51 30.51
H83 NAG HB . -24.52 1.42 32.09
HN2 NAG HB . -24.66 3.29 33.36
HO3 NAG HB . -22.59 4.42 34.58
HO4 NAG HB . -23.22 7.14 36.17
HO6 NAG HB . -25.23 9.37 32.31
C1 NAG IB . -26.26 -14.26 34.73
C2 NAG IB . -27.57 -15.07 34.58
C3 NAG IB . -28.67 -14.45 35.46
C4 NAG IB . -28.18 -14.39 36.90
C5 NAG IB . -26.92 -13.51 37.02
C6 NAG IB . -26.38 -13.45 38.45
C7 NAG IB . -27.73 -16.10 32.35
C8 NAG IB . -28.39 -16.06 30.98
N2 NAG IB . -28.02 -15.11 33.18
O3 NAG IB . -29.88 -15.25 35.43
O4 NAG IB . -29.25 -13.81 37.69
O5 NAG IB . -25.88 -14.10 36.14
O6 NAG IB . -25.19 -12.67 38.46
O7 NAG IB . -26.96 -17.01 32.67
H1 NAG IB . -26.37 -13.28 34.28
H2 NAG IB . -27.40 -16.08 34.93
H3 NAG IB . -28.90 -13.45 35.11
H4 NAG IB . -27.97 -15.38 37.28
H5 NAG IB . -27.15 -12.50 36.67
H61 NAG IB . -27.10 -13.00 39.11
H62 NAG IB . -26.16 -14.45 38.81
H81 NAG IB . -29.45 -15.87 31.09
H82 NAG IB . -27.95 -15.26 30.38
H83 NAG IB . -28.27 -17.01 30.46
HN2 NAG IB . -28.57 -14.34 32.84
HO3 NAG IB . -30.26 -15.23 34.58
HO4 NAG IB . -30.04 -14.27 37.45
HO6 NAG IB . -24.61 -13.02 37.81
C1 NAG JB . -6.18 49.61 -10.58
C2 NAG JB . -5.25 49.62 -11.81
C3 NAG JB . -6.09 49.79 -13.08
C4 NAG JB . -7.07 48.63 -13.16
C5 NAG JB . -8.01 48.57 -11.94
C6 NAG JB . -8.89 47.33 -11.92
C7 NAG JB . -3.08 50.48 -11.05
C8 NAG JB . -2.17 51.70 -10.91
N2 NAG JB . -4.24 50.67 -11.69
O3 NAG JB . -5.25 49.79 -14.28
O4 NAG JB . -7.86 48.82 -14.35
O5 NAG JB . -7.18 48.55 -10.72
O6 NAG JB . -9.59 47.25 -10.66
O7 NAG JB . -2.79 49.38 -10.59
H1 NAG JB . -6.67 50.57 -10.46
H2 NAG JB . -4.74 48.65 -11.86
H3 NAG JB . -6.63 50.73 -13.03
H4 NAG JB . -6.53 47.69 -13.26
H5 NAG JB . -8.63 49.46 -11.91
H61 NAG JB . -9.62 47.36 -12.73
H62 NAG JB . -8.29 46.44 -12.05
H81 NAG JB . -1.46 51.58 -10.15
H82 NAG JB . -1.66 51.87 -11.80
H83 NAG JB . -2.72 52.54 -10.68
HN2 NAG JB . -4.49 51.61 -11.97
HO3 NAG JB . -4.54 50.41 -14.17
HO4 NAG JB . -7.26 49.05 -15.04
HO6 NAG JB . -10.16 46.48 -10.67
C1 NAG KB . -15.55 40.62 -5.26
C2 NAG KB . -16.13 39.46 -4.42
C3 NAG KB . -17.65 39.57 -4.35
C4 NAG KB . -18.05 40.95 -3.81
C5 NAG KB . -17.49 42.09 -4.70
C6 NAG KB . -17.77 43.49 -4.14
C7 NAG KB . -14.63 37.52 -4.62
C8 NAG KB . -14.31 36.22 -5.37
N2 NAG KB . -15.73 38.17 -5.00
O3 NAG KB . -18.20 38.56 -3.47
O4 NAG KB . -19.50 41.01 -3.80
O5 NAG KB . -16.02 41.91 -4.80
O6 NAG KB . -16.87 43.77 -3.05
O7 NAG KB . -13.90 37.94 -3.72
H1 NAG KB . -15.81 40.49 -6.31
H2 NAG KB . -15.72 39.54 -3.41
H3 NAG KB . -18.07 39.43 -5.35
H4 NAG KB . -17.68 41.07 -2.81
H5 NAG KB . -17.92 42.01 -5.70
H61 NAG KB . -17.60 44.22 -4.92
H62 NAG KB . -18.79 43.58 -3.79
H81 NAG KB . -15.00 35.95 -5.95
H82 NAG KB . -13.54 36.29 -5.91
H83 NAG KB . -14.15 35.49 -4.79
HN2 NAG KB . -16.28 37.79 -5.74
HO3 NAG KB . -19.08 38.80 -3.25
HO4 NAG KB . -19.85 40.99 -4.67
HO6 NAG KB . -15.99 43.57 -3.36
#